data_3A9Q
#
_entry.id   3A9Q
#
_cell.length_a   223.503
_cell.length_b   221.816
_cell.length_c   122.725
_cell.angle_alpha   90.00
_cell.angle_beta   90.00
_cell.angle_gamma   90.00
#
_symmetry.space_group_name_H-M   'P 21 21 2'
#
loop_
_entity.id
_entity.type
_entity.pdbx_description
1 polymer 'Ferritin-4, chloroplastic'
2 non-polymer 'CALCIUM ION'
3 non-polymer 'ACETIC ACID'
4 water water
#
_entity_poly.entity_id   1
_entity_poly.type   'polypeptide(L)'
_entity_poly.pdbx_seq_one_letter_code
;AKGSTNHRALTGVIFEPFEEVKKELDLVPTVPQASLARQKYVDESESAVNEQINVEYNVSYVYHAMFAYFDRDNVALRGL
AKFFKESSEEEREHAEKLMEYQNKRGGKVKLQSIVMPLSDFDHADKGDALHAMELALSLEKLTNEKLLNLHSVATKNGDV
QLADFVETEYLGAQVEAIKRISEYVAQLRRVGKGHGVWHFDQMLLHEGGDAA
;
_entity_poly.pdbx_strand_id   A,B,C,D,E,F,G,H,I,J,K,L,M,N,O,P,Q,R,S,T,U,V,W,X
#
# COMPACT_ATOMS: atom_id res chain seq x y z
N ILE A 14 -58.39 25.37 -4.03
CA ILE A 14 -58.78 25.06 -5.40
C ILE A 14 -58.77 23.55 -5.66
N PHE A 15 -57.80 22.85 -5.08
CA PHE A 15 -57.63 21.42 -5.32
C PHE A 15 -57.90 20.60 -4.05
N GLU A 16 -58.83 19.65 -4.16
CA GLU A 16 -59.18 18.78 -3.04
C GLU A 16 -59.00 17.32 -3.43
N PRO A 17 -57.84 16.75 -3.12
CA PRO A 17 -57.44 15.39 -3.48
C PRO A 17 -58.48 14.33 -3.10
N PHE A 18 -58.97 14.36 -1.86
CA PHE A 18 -59.91 13.33 -1.39
C PHE A 18 -61.31 13.46 -1.98
N GLU A 19 -61.69 14.67 -2.36
CA GLU A 19 -62.97 14.89 -3.03
C GLU A 19 -62.85 14.48 -4.50
N GLU A 20 -61.76 14.89 -5.13
CA GLU A 20 -61.55 14.64 -6.55
C GLU A 20 -61.16 13.18 -6.81
N VAL A 21 -60.93 12.44 -5.74
CA VAL A 21 -60.39 11.08 -5.84
C VAL A 21 -61.42 9.99 -5.62
N LYS A 22 -62.57 10.33 -5.03
CA LYS A 22 -63.59 9.32 -4.73
C LYS A 22 -64.39 8.93 -5.96
N LYS A 23 -64.36 9.78 -6.98
CA LYS A 23 -64.90 9.46 -8.30
C LYS A 23 -63.94 8.52 -9.03
N GLU A 24 -62.80 8.27 -8.40
CA GLU A 24 -61.72 7.47 -8.98
C GLU A 24 -61.49 6.17 -8.21
N LEU A 25 -61.93 6.13 -6.96
CA LEU A 25 -61.67 4.99 -6.08
C LEU A 25 -62.62 3.82 -6.35
N ASP A 26 -63.78 4.11 -6.92
CA ASP A 26 -64.73 3.05 -7.27
C ASP A 26 -64.56 2.61 -8.74
N LEU A 27 -63.63 3.25 -9.44
CA LEU A 27 -63.28 2.86 -10.80
C LEU A 27 -62.18 1.79 -10.81
N VAL A 28 -61.35 1.79 -9.78
CA VAL A 28 -60.26 0.82 -9.66
C VAL A 28 -60.77 -0.59 -9.91
N PRO A 29 -60.25 -1.24 -10.97
CA PRO A 29 -60.70 -2.60 -11.35
C PRO A 29 -60.82 -3.57 -10.17
N THR A 30 -61.79 -4.47 -10.26
CA THR A 30 -62.00 -5.50 -9.25
C THR A 30 -61.72 -6.88 -9.83
N VAL A 31 -62.05 -7.04 -11.11
CA VAL A 31 -61.78 -8.29 -11.85
C VAL A 31 -60.28 -8.57 -11.96
N PRO A 32 -59.88 -9.81 -11.67
CA PRO A 32 -58.47 -10.21 -11.57
C PRO A 32 -57.64 -9.98 -12.85
N GLN A 33 -58.25 -10.10 -14.03
CA GLN A 33 -57.51 -10.07 -15.29
C GLN A 33 -57.31 -8.66 -15.83
N ALA A 34 -57.99 -7.69 -15.24
CA ALA A 34 -57.91 -6.31 -15.70
C ALA A 34 -56.68 -5.61 -15.12
N SER A 35 -56.04 -4.77 -15.93
CA SER A 35 -54.96 -3.93 -15.46
C SER A 35 -55.45 -2.88 -14.47
N LEU A 36 -54.71 -2.70 -13.37
CA LEU A 36 -55.00 -1.61 -12.43
C LEU A 36 -54.33 -0.31 -12.87
N ALA A 37 -53.26 -0.41 -13.64
CA ALA A 37 -52.46 0.74 -14.05
C ALA A 37 -53.06 1.49 -15.24
N ARG A 38 -53.70 0.74 -16.12
CA ARG A 38 -54.07 1.31 -17.42
C ARG A 38 -54.86 2.62 -17.28
N GLN A 39 -54.42 3.65 -17.99
CA GLN A 39 -55.07 4.96 -17.92
C GLN A 39 -54.85 5.72 -19.22
N LYS A 40 -55.95 6.15 -19.87
CA LYS A 40 -55.86 6.90 -21.11
C LYS A 40 -54.96 6.22 -22.13
N TYR A 41 -55.19 4.93 -22.34
CA TYR A 41 -54.37 4.13 -23.22
C TYR A 41 -55.32 3.29 -24.04
N VAL A 42 -55.55 3.70 -25.29
CA VAL A 42 -56.64 3.12 -26.07
C VAL A 42 -56.22 1.85 -26.79
N ASP A 43 -57.21 1.04 -27.16
CA ASP A 43 -56.95 -0.24 -27.82
C ASP A 43 -56.06 -0.10 -29.05
N GLU A 44 -56.26 0.95 -29.84
CA GLU A 44 -55.43 1.10 -31.04
C GLU A 44 -53.96 1.31 -30.68
N SER A 45 -53.70 2.06 -29.61
CA SER A 45 -52.33 2.28 -29.14
C SER A 45 -51.72 0.96 -28.66
N GLU A 46 -52.46 0.25 -27.82
CA GLU A 46 -52.06 -1.09 -27.39
C GLU A 46 -51.73 -2.00 -28.56
N SER A 47 -52.64 -2.06 -29.53
CA SER A 47 -52.38 -2.89 -30.72
C SER A 47 -51.13 -2.43 -31.48
N ALA A 48 -50.95 -1.12 -31.64
CA ALA A 48 -49.81 -0.60 -32.38
C ALA A 48 -48.49 -0.96 -31.70
N VAL A 49 -48.50 -0.92 -30.37
CA VAL A 49 -47.30 -1.33 -29.63
C VAL A 49 -47.01 -2.82 -29.87
N ASN A 50 -48.06 -3.65 -29.88
CA ASN A 50 -47.88 -5.07 -30.17
C ASN A 50 -47.34 -5.29 -31.58
N GLU A 51 -47.82 -4.49 -32.53
CA GLU A 51 -47.32 -4.60 -33.89
CA GLU A 51 -47.33 -4.54 -33.90
C GLU A 51 -45.83 -4.28 -33.94
N GLN A 52 -45.41 -3.21 -33.26
CA GLN A 52 -44.01 -2.83 -33.28
C GLN A 52 -43.14 -3.87 -32.57
N ILE A 53 -43.66 -4.50 -31.52
CA ILE A 53 -42.91 -5.59 -30.90
C ILE A 53 -42.60 -6.66 -31.94
N ASN A 54 -43.60 -7.00 -32.75
CA ASN A 54 -43.43 -7.99 -33.80
C ASN A 54 -42.44 -7.54 -34.87
N VAL A 55 -42.43 -6.24 -35.16
CA VAL A 55 -41.48 -5.70 -36.13
C VAL A 55 -40.04 -5.89 -35.65
N GLU A 56 -39.76 -5.45 -34.43
CA GLU A 56 -38.41 -5.58 -33.86
C GLU A 56 -37.99 -7.05 -33.76
N TYR A 57 -38.92 -7.89 -33.32
CA TYR A 57 -38.61 -9.31 -33.16
C TYR A 57 -38.28 -9.95 -34.51
N ASN A 58 -39.03 -9.57 -35.54
CA ASN A 58 -38.74 -10.02 -36.90
C ASN A 58 -37.35 -9.57 -37.39
N VAL A 59 -36.99 -8.32 -37.13
CA VAL A 59 -35.68 -7.84 -37.56
C VAL A 59 -34.58 -8.59 -36.81
N SER A 60 -34.80 -8.83 -35.51
CA SER A 60 -33.86 -9.62 -34.73
C SER A 60 -33.60 -10.96 -35.40
N TYR A 61 -34.68 -11.60 -35.85
CA TYR A 61 -34.59 -12.93 -36.42
C TYR A 61 -33.88 -12.88 -37.77
N VAL A 62 -34.19 -11.87 -38.58
CA VAL A 62 -33.49 -11.66 -39.84
C VAL A 62 -31.98 -11.47 -39.63
N TYR A 63 -31.60 -10.62 -38.68
CA TYR A 63 -30.17 -10.45 -38.39
C TYR A 63 -29.54 -11.75 -37.94
N HIS A 64 -30.29 -12.57 -37.19
CA HIS A 64 -29.74 -13.85 -36.77
C HIS A 64 -29.48 -14.74 -37.99
N ALA A 65 -30.37 -14.69 -38.98
CA ALA A 65 -30.16 -15.44 -40.21
C ALA A 65 -28.94 -14.92 -40.97
N MET A 66 -28.71 -13.61 -40.92
CA MET A 66 -27.54 -13.06 -41.59
C MET A 66 -26.27 -13.46 -40.86
N PHE A 67 -26.30 -13.49 -39.53
CA PHE A 67 -25.18 -14.04 -38.78
C PHE A 67 -24.87 -15.49 -39.23
N ALA A 68 -25.90 -16.31 -39.33
CA ALA A 68 -25.73 -17.72 -39.66
C ALA A 68 -25.08 -17.91 -41.02
N TYR A 69 -25.41 -17.02 -41.96
CA TYR A 69 -24.82 -17.08 -43.28
C TYR A 69 -23.34 -16.67 -43.25
N PHE A 70 -23.03 -15.55 -42.60
CA PHE A 70 -21.66 -15.07 -42.60
C PHE A 70 -20.73 -15.88 -41.71
N ASP A 71 -21.31 -16.67 -40.80
CA ASP A 71 -20.58 -17.59 -39.94
C ASP A 71 -20.22 -18.89 -40.67
N ARG A 72 -20.66 -19.05 -41.92
CA ARG A 72 -20.32 -20.27 -42.68
C ARG A 72 -18.82 -20.33 -42.96
N ASP A 73 -18.26 -21.54 -42.98
CA ASP A 73 -16.81 -21.68 -43.15
C ASP A 73 -16.34 -21.16 -44.52
N ASN A 74 -17.21 -21.27 -45.52
CA ASN A 74 -16.82 -20.91 -46.89
C ASN A 74 -17.09 -19.44 -47.21
N VAL A 75 -17.80 -18.77 -46.31
CA VAL A 75 -18.05 -17.34 -46.42
C VAL A 75 -17.01 -16.60 -45.58
N ALA A 76 -16.89 -16.99 -44.32
CA ALA A 76 -15.74 -16.60 -43.51
C ALA A 76 -15.52 -15.09 -43.43
N LEU A 77 -16.59 -14.34 -43.20
CA LEU A 77 -16.46 -12.92 -42.89
C LEU A 77 -16.82 -12.75 -41.42
N ARG A 78 -15.80 -12.86 -40.57
CA ARG A 78 -16.03 -12.90 -39.13
C ARG A 78 -16.52 -11.58 -38.56
N GLY A 79 -16.11 -10.48 -39.19
CA GLY A 79 -16.57 -9.16 -38.76
C GLY A 79 -18.06 -8.96 -39.01
N LEU A 80 -18.50 -9.27 -40.22
CA LEU A 80 -19.93 -9.21 -40.53
CA LEU A 80 -19.93 -9.22 -40.54
C LEU A 80 -20.73 -10.19 -39.65
N ALA A 81 -20.20 -11.39 -39.46
CA ALA A 81 -20.89 -12.36 -38.63
C ALA A 81 -21.11 -11.79 -37.24
N LYS A 82 -20.06 -11.21 -36.66
CA LYS A 82 -20.14 -10.64 -35.31
C LYS A 82 -21.13 -9.48 -35.25
N PHE A 83 -21.06 -8.62 -36.27
CA PHE A 83 -21.96 -7.48 -36.34
C PHE A 83 -23.43 -7.90 -36.42
N PHE A 84 -23.75 -8.89 -37.25
CA PHE A 84 -25.13 -9.34 -37.34
C PHE A 84 -25.59 -10.08 -36.08
N LYS A 85 -24.68 -10.84 -35.46
CA LYS A 85 -25.01 -11.53 -34.21
C LYS A 85 -25.35 -10.51 -33.13
N GLU A 86 -24.51 -9.48 -33.00
CA GLU A 86 -24.74 -8.43 -32.01
C GLU A 86 -25.98 -7.60 -32.35
N SER A 87 -26.19 -7.34 -33.63
CA SER A 87 -27.39 -6.63 -34.06
C SER A 87 -28.66 -7.41 -33.72
N SER A 88 -28.64 -8.72 -33.93
CA SER A 88 -29.79 -9.55 -33.60
C SER A 88 -30.14 -9.46 -32.13
N GLU A 89 -29.12 -9.51 -31.29
CA GLU A 89 -29.32 -9.40 -29.85
C GLU A 89 -29.89 -8.04 -29.47
N GLU A 90 -29.35 -6.98 -30.05
CA GLU A 90 -29.82 -5.63 -29.76
CA GLU A 90 -29.82 -5.65 -29.73
C GLU A 90 -31.28 -5.46 -30.16
N GLU A 91 -31.65 -6.05 -31.31
CA GLU A 91 -33.03 -5.96 -31.80
C GLU A 91 -34.01 -6.65 -30.88
N ARG A 92 -33.60 -7.78 -30.33
CA ARG A 92 -34.44 -8.47 -29.39
C ARG A 92 -34.65 -7.59 -28.15
N GLU A 93 -33.61 -6.87 -27.75
CA GLU A 93 -33.73 -5.90 -26.65
C GLU A 93 -34.71 -4.80 -26.99
N HIS A 94 -34.71 -4.34 -28.24
CA HIS A 94 -35.69 -3.36 -28.69
C HIS A 94 -37.11 -3.89 -28.55
N ALA A 95 -37.31 -5.14 -28.94
CA ALA A 95 -38.62 -5.78 -28.77
C ALA A 95 -38.99 -5.84 -27.29
N GLU A 96 -38.05 -6.29 -26.48
CA GLU A 96 -38.33 -6.48 -25.06
C GLU A 96 -38.66 -5.17 -24.33
N LYS A 97 -38.00 -4.09 -24.73
CA LYS A 97 -38.30 -2.78 -24.12
C LYS A 97 -39.74 -2.37 -24.42
N LEU A 98 -40.22 -2.69 -25.62
CA LEU A 98 -41.61 -2.41 -25.96
C LEU A 98 -42.58 -3.32 -25.19
N MET A 99 -42.20 -4.58 -24.99
CA MET A 99 -43.01 -5.48 -24.18
C MET A 99 -43.13 -4.91 -22.78
N GLU A 100 -42.00 -4.48 -22.22
CA GLU A 100 -42.01 -3.88 -20.90
C GLU A 100 -42.86 -2.61 -20.87
N TYR A 101 -42.75 -1.79 -21.91
CA TYR A 101 -43.54 -0.57 -21.97
C TYR A 101 -45.04 -0.89 -22.00
N GLN A 102 -45.42 -1.87 -22.81
CA GLN A 102 -46.81 -2.30 -22.90
C GLN A 102 -47.33 -2.58 -21.49
N ASN A 103 -46.57 -3.33 -20.71
CA ASN A 103 -46.96 -3.62 -19.33
C ASN A 103 -46.94 -2.40 -18.40
N LYS A 104 -46.01 -1.47 -18.61
CA LYS A 104 -46.04 -0.23 -17.83
C LYS A 104 -47.38 0.51 -18.01
N ARG A 105 -47.88 0.51 -19.24
CA ARG A 105 -49.14 1.22 -19.57
C ARG A 105 -50.38 0.38 -19.30
N GLY A 106 -50.20 -0.86 -18.87
CA GLY A 106 -51.33 -1.72 -18.59
C GLY A 106 -52.00 -2.29 -19.83
N GLY A 107 -51.28 -2.33 -20.94
CA GLY A 107 -51.73 -3.05 -22.11
C GLY A 107 -51.30 -4.50 -21.98
N LYS A 108 -51.89 -5.38 -22.78
CA LYS A 108 -51.51 -6.79 -22.73
C LYS A 108 -50.65 -7.16 -23.92
N VAL A 109 -49.44 -7.61 -23.66
CA VAL A 109 -48.53 -8.04 -24.73
C VAL A 109 -49.12 -9.24 -25.45
N LYS A 110 -49.12 -9.20 -26.77
CA LYS A 110 -49.49 -10.36 -27.57
C LYS A 110 -48.42 -10.60 -28.62
N LEU A 111 -47.56 -11.58 -28.38
CA LEU A 111 -46.53 -11.94 -29.36
C LEU A 111 -47.19 -12.61 -30.55
N GLN A 112 -46.73 -12.25 -31.74
N GLN A 112 -46.78 -12.26 -31.75
CA GLN A 112 -47.29 -12.74 -33.00
CA GLN A 112 -47.36 -12.86 -32.94
C GLN A 112 -46.28 -13.63 -33.71
C GLN A 112 -46.32 -13.75 -33.61
N SER A 113 -46.72 -14.38 -34.71
CA SER A 113 -45.83 -15.30 -35.41
C SER A 113 -44.67 -14.55 -36.05
N ILE A 114 -43.59 -15.27 -36.28
CA ILE A 114 -42.45 -14.70 -36.97
C ILE A 114 -42.22 -15.54 -38.22
N VAL A 115 -42.19 -14.89 -39.39
CA VAL A 115 -42.08 -15.62 -40.65
C VAL A 115 -40.66 -16.10 -40.86
N MET A 116 -40.52 -17.16 -41.64
CA MET A 116 -39.20 -17.66 -42.01
CA MET A 116 -39.21 -17.67 -42.02
C MET A 116 -38.41 -16.61 -42.78
N PRO A 117 -37.17 -16.35 -42.37
CA PRO A 117 -36.35 -15.40 -43.11
C PRO A 117 -35.61 -16.08 -44.27
N LEU A 118 -35.03 -15.28 -45.15
CA LEU A 118 -34.13 -15.81 -46.16
C LEU A 118 -32.95 -16.43 -45.44
N SER A 119 -32.27 -17.37 -46.09
CA SER A 119 -31.12 -18.02 -45.49
C SER A 119 -29.80 -17.65 -46.18
N ASP A 120 -29.85 -17.36 -47.47
N ASP A 120 -29.88 -17.38 -47.48
CA ASP A 120 -28.62 -17.09 -48.22
CA ASP A 120 -28.70 -17.05 -48.28
C ASP A 120 -28.55 -15.64 -48.71
C ASP A 120 -28.63 -15.55 -48.51
N PHE A 121 -27.41 -15.00 -48.47
CA PHE A 121 -27.22 -13.58 -48.73
C PHE A 121 -26.11 -13.31 -49.74
N ASP A 122 -25.87 -14.29 -50.61
CA ASP A 122 -24.90 -14.08 -51.68
C ASP A 122 -25.51 -13.18 -52.74
N HIS A 123 -24.67 -12.43 -53.43
CA HIS A 123 -25.13 -11.60 -54.53
C HIS A 123 -24.03 -11.53 -55.58
N ALA A 124 -24.37 -11.94 -56.80
CA ALA A 124 -23.39 -12.02 -57.88
C ALA A 124 -22.69 -10.68 -58.16
N ASP A 125 -23.48 -9.64 -58.43
CA ASP A 125 -22.91 -8.34 -58.83
C ASP A 125 -22.33 -7.58 -57.64
N LYS A 126 -23.10 -7.50 -56.56
CA LYS A 126 -22.72 -6.69 -55.43
C LYS A 126 -21.65 -7.34 -54.55
N GLY A 127 -21.67 -8.67 -54.49
CA GLY A 127 -20.90 -9.37 -53.48
C GLY A 127 -21.73 -9.49 -52.22
N ASP A 128 -21.47 -10.53 -51.44
CA ASP A 128 -22.30 -10.84 -50.27
C ASP A 128 -22.26 -9.75 -49.21
N ALA A 129 -21.09 -9.21 -48.93
CA ALA A 129 -20.95 -8.20 -47.88
C ALA A 129 -21.79 -6.95 -48.18
N LEU A 130 -21.62 -6.38 -49.37
CA LEU A 130 -22.36 -5.19 -49.75
C LEU A 130 -23.86 -5.45 -49.81
N HIS A 131 -24.25 -6.56 -50.40
CA HIS A 131 -25.66 -6.90 -50.49
C HIS A 131 -26.28 -6.96 -49.09
N ALA A 132 -25.59 -7.60 -48.16
CA ALA A 132 -26.12 -7.75 -46.81
C ALA A 132 -26.27 -6.39 -46.11
N MET A 133 -25.28 -5.52 -46.28
CA MET A 133 -25.34 -4.21 -45.63
C MET A 133 -26.42 -3.34 -46.25
N GLU A 134 -26.63 -3.47 -47.57
CA GLU A 134 -27.71 -2.73 -48.23
C GLU A 134 -29.05 -3.25 -47.75
N LEU A 135 -29.15 -4.56 -47.59
CA LEU A 135 -30.36 -5.16 -47.02
CA LEU A 135 -30.34 -5.16 -47.03
C LEU A 135 -30.60 -4.65 -45.60
N ALA A 136 -29.57 -4.69 -44.77
CA ALA A 136 -29.67 -4.18 -43.41
C ALA A 136 -30.09 -2.70 -43.40
N LEU A 137 -29.52 -1.90 -44.29
CA LEU A 137 -29.91 -0.48 -44.35
C LEU A 137 -31.41 -0.37 -44.65
N SER A 138 -31.87 -1.16 -45.62
CA SER A 138 -33.27 -1.15 -46.02
C SER A 138 -34.19 -1.59 -44.88
N LEU A 139 -33.77 -2.61 -44.15
CA LEU A 139 -34.53 -3.09 -42.99
C LEU A 139 -34.65 -2.02 -41.91
N GLU A 140 -33.55 -1.30 -41.67
CA GLU A 140 -33.57 -0.24 -40.66
C GLU A 140 -34.45 0.94 -41.10
N LYS A 141 -34.45 1.26 -42.39
CA LYS A 141 -35.36 2.28 -42.92
C LYS A 141 -36.81 1.81 -42.81
N LEU A 142 -37.05 0.54 -43.07
CA LEU A 142 -38.39 -0.03 -42.87
CA LEU A 142 -38.39 -0.02 -42.88
C LEU A 142 -38.82 0.10 -41.42
N THR A 143 -37.93 -0.26 -40.50
CA THR A 143 -38.26 -0.18 -39.09
C THR A 143 -38.54 1.26 -38.70
N ASN A 144 -37.80 2.20 -39.31
CA ASN A 144 -38.02 3.61 -39.04
C ASN A 144 -39.43 4.02 -39.46
N GLU A 145 -39.82 3.61 -40.66
CA GLU A 145 -41.17 3.90 -41.14
C GLU A 145 -42.21 3.34 -40.17
N LYS A 146 -41.95 2.14 -39.65
CA LYS A 146 -42.88 1.49 -38.72
C LYS A 146 -42.95 2.23 -37.39
N LEU A 147 -41.79 2.68 -36.91
CA LEU A 147 -41.77 3.43 -35.65
C LEU A 147 -42.50 4.76 -35.80
N LEU A 148 -42.33 5.39 -36.95
CA LEU A 148 -43.02 6.66 -37.19
C LEU A 148 -44.53 6.46 -37.32
N ASN A 149 -44.94 5.31 -37.85
CA ASN A 149 -46.35 4.93 -37.90
C ASN A 149 -46.90 4.72 -36.49
N LEU A 150 -46.12 4.05 -35.64
CA LEU A 150 -46.48 3.90 -34.24
C LEU A 150 -46.64 5.28 -33.59
N HIS A 151 -45.71 6.17 -33.86
CA HIS A 151 -45.77 7.53 -33.33
C HIS A 151 -47.06 8.24 -33.79
N SER A 152 -47.43 8.05 -35.07
CA SER A 152 -48.62 8.69 -35.62
CA SER A 152 -48.63 8.67 -35.63
C SER A 152 -49.90 8.16 -34.95
N VAL A 153 -49.91 6.88 -34.60
CA VAL A 153 -51.04 6.33 -33.86
C VAL A 153 -51.15 7.03 -32.52
N ALA A 154 -50.01 7.21 -31.87
CA ALA A 154 -49.98 7.86 -30.57
C ALA A 154 -50.51 9.30 -30.63
N THR A 155 -50.00 10.08 -31.58
CA THR A 155 -50.45 11.47 -31.64
C THR A 155 -51.92 11.58 -32.08
N LYS A 156 -52.33 10.72 -33.02
CA LYS A 156 -53.73 10.71 -33.46
C LYS A 156 -54.65 10.48 -32.27
N ASN A 157 -54.21 9.64 -31.34
CA ASN A 157 -55.04 9.28 -30.19
C ASN A 157 -54.81 10.20 -29.00
N GLY A 158 -53.95 11.19 -29.18
CA GLY A 158 -53.61 12.10 -28.11
C GLY A 158 -52.82 11.47 -26.98
N ASP A 159 -52.12 10.37 -27.26
CA ASP A 159 -51.33 9.72 -26.21
C ASP A 159 -49.96 10.34 -26.09
N VAL A 160 -49.87 11.31 -25.20
CA VAL A 160 -48.68 12.14 -25.07
C VAL A 160 -47.46 11.32 -24.62
N GLN A 161 -47.66 10.42 -23.66
CA GLN A 161 -46.53 9.71 -23.09
C GLN A 161 -46.03 8.62 -24.04
N LEU A 162 -46.94 7.98 -24.77
CA LEU A 162 -46.51 6.99 -25.75
C LEU A 162 -45.63 7.64 -26.81
N ALA A 163 -46.05 8.82 -27.27
CA ALA A 163 -45.31 9.52 -28.31
C ALA A 163 -43.93 9.89 -27.79
N ASP A 164 -43.87 10.35 -26.54
CA ASP A 164 -42.58 10.71 -25.93
C ASP A 164 -41.67 9.48 -25.82
N PHE A 165 -42.25 8.36 -25.40
CA PHE A 165 -41.50 7.11 -25.26
C PHE A 165 -40.88 6.71 -26.61
N VAL A 166 -41.69 6.72 -27.66
CA VAL A 166 -41.18 6.38 -28.98
C VAL A 166 -40.02 7.29 -29.43
N GLU A 167 -40.21 8.61 -29.32
CA GLU A 167 -39.15 9.55 -29.68
C GLU A 167 -37.87 9.30 -28.89
N THR A 168 -38.03 9.23 -27.58
CA THR A 168 -36.89 9.17 -26.67
C THR A 168 -36.14 7.86 -26.77
N GLU A 169 -36.88 6.75 -26.77
CA GLU A 169 -36.24 5.44 -26.72
C GLU A 169 -35.88 4.85 -28.07
N TYR A 170 -36.56 5.28 -29.14
CA TYR A 170 -36.40 4.65 -30.44
C TYR A 170 -35.98 5.54 -31.61
N LEU A 171 -36.58 6.72 -31.75
CA LEU A 171 -36.40 7.45 -33.02
C LEU A 171 -34.99 8.00 -33.22
N GLY A 172 -34.39 8.50 -32.15
CA GLY A 172 -33.03 8.99 -32.23
C GLY A 172 -32.03 7.88 -32.52
N ALA A 173 -32.17 6.77 -31.80
CA ALA A 173 -31.32 5.61 -32.01
C ALA A 173 -31.47 5.08 -33.42
N GLN A 174 -32.70 5.07 -33.93
CA GLN A 174 -32.94 4.61 -35.29
C GLN A 174 -32.18 5.48 -36.30
N VAL A 175 -32.18 6.79 -36.09
CA VAL A 175 -31.41 7.68 -36.96
C VAL A 175 -29.90 7.36 -36.92
N GLU A 176 -29.38 7.12 -35.72
CA GLU A 176 -27.96 6.74 -35.58
C GLU A 176 -27.68 5.42 -36.30
N ALA A 177 -28.55 4.44 -36.12
CA ALA A 177 -28.34 3.13 -36.73
C ALA A 177 -28.33 3.23 -38.25
N ILE A 178 -29.24 4.05 -38.79
CA ILE A 178 -29.30 4.23 -40.23
C ILE A 178 -28.01 4.89 -40.76
N LYS A 179 -27.52 5.93 -40.07
CA LYS A 179 -26.26 6.54 -40.49
C LYS A 179 -25.11 5.56 -40.43
N ARG A 180 -25.05 4.79 -39.34
CA ARG A 180 -23.97 3.81 -39.14
C ARG A 180 -23.93 2.81 -40.27
N ILE A 181 -25.08 2.24 -40.63
CA ILE A 181 -25.08 1.26 -41.70
C ILE A 181 -24.85 1.90 -43.06
N SER A 182 -25.35 3.11 -43.25
CA SER A 182 -25.08 3.84 -44.49
C SER A 182 -23.58 3.98 -44.68
N GLU A 183 -22.87 4.27 -43.59
CA GLU A 183 -21.41 4.41 -43.67
C GLU A 183 -20.76 3.09 -44.08
N TYR A 184 -21.26 1.98 -43.53
CA TYR A 184 -20.75 0.66 -43.92
C TYR A 184 -20.95 0.42 -45.43
N VAL A 185 -22.14 0.70 -45.94
CA VAL A 185 -22.39 0.56 -47.37
C VAL A 185 -21.41 1.39 -48.19
N ALA A 186 -21.20 2.64 -47.78
CA ALA A 186 -20.30 3.53 -48.52
C ALA A 186 -18.88 2.98 -48.52
N GLN A 187 -18.41 2.52 -47.37
CA GLN A 187 -17.06 1.98 -47.30
C GLN A 187 -16.89 0.72 -48.15
N LEU A 188 -17.89 -0.16 -48.10
CA LEU A 188 -17.83 -1.38 -48.90
C LEU A 188 -17.78 -1.06 -50.39
N ARG A 189 -18.55 -0.05 -50.80
CA ARG A 189 -18.52 0.37 -52.20
C ARG A 189 -17.13 0.92 -52.54
N ARG A 190 -16.55 1.68 -51.62
CA ARG A 190 -15.24 2.29 -51.89
C ARG A 190 -14.11 1.26 -51.99
N VAL A 191 -14.08 0.27 -51.09
CA VAL A 191 -12.96 -0.67 -51.04
C VAL A 191 -13.02 -1.75 -52.13
N GLY A 192 -14.22 -2.08 -52.60
CA GLY A 192 -14.36 -3.07 -53.64
C GLY A 192 -14.26 -4.52 -53.18
N LYS A 193 -14.68 -5.43 -54.05
CA LYS A 193 -14.75 -6.86 -53.71
C LYS A 193 -13.36 -7.46 -53.51
N GLY A 194 -13.30 -8.56 -52.77
CA GLY A 194 -12.06 -9.28 -52.58
C GLY A 194 -11.26 -8.76 -51.40
N HIS A 195 -10.00 -8.40 -51.65
CA HIS A 195 -9.13 -7.89 -50.61
C HIS A 195 -9.80 -6.74 -49.83
N GLY A 196 -10.40 -5.80 -50.54
CA GLY A 196 -11.06 -4.67 -49.89
C GLY A 196 -12.12 -5.09 -48.88
N VAL A 197 -13.04 -5.93 -49.34
CA VAL A 197 -14.10 -6.42 -48.46
C VAL A 197 -13.52 -7.15 -47.25
N TRP A 198 -12.55 -8.01 -47.47
CA TRP A 198 -11.94 -8.75 -46.35
C TRP A 198 -11.36 -7.78 -45.32
N HIS A 199 -10.72 -6.72 -45.82
CA HIS A 199 -10.08 -5.72 -44.97
C HIS A 199 -11.13 -4.91 -44.21
N PHE A 200 -12.19 -4.52 -44.91
CA PHE A 200 -13.30 -3.82 -44.26
C PHE A 200 -13.84 -4.69 -43.12
N ASP A 201 -13.99 -5.98 -43.42
CA ASP A 201 -14.50 -6.93 -42.45
C ASP A 201 -13.58 -7.04 -41.22
N GLN A 202 -12.27 -7.04 -41.47
CA GLN A 202 -11.30 -7.04 -40.38
C GLN A 202 -11.49 -5.82 -39.48
N MET A 203 -11.73 -4.68 -40.12
CA MET A 203 -11.96 -3.42 -39.42
C MET A 203 -13.20 -3.57 -38.55
N LEU A 204 -14.26 -4.09 -39.14
CA LEU A 204 -15.53 -4.24 -38.46
C LEU A 204 -15.40 -5.22 -37.30
N LEU A 205 -14.59 -6.27 -37.51
CA LEU A 205 -14.36 -7.29 -36.48
C LEU A 205 -13.72 -6.69 -35.23
N HIS A 206 -12.87 -5.68 -35.41
CA HIS A 206 -12.16 -5.08 -34.29
C HIS A 206 -12.71 -3.70 -33.91
N GLU A 207 -13.82 -3.33 -34.54
CA GLU A 207 -14.43 -2.02 -34.32
C GLU A 207 -14.82 -1.81 -32.86
N ILE B 14 9.74 -42.25 47.22
CA ILE B 14 10.91 -42.54 46.40
C ILE B 14 10.46 -43.05 45.03
N PHE B 15 11.32 -42.94 44.03
CA PHE B 15 11.00 -43.37 42.68
C PHE B 15 12.27 -43.67 41.90
N GLU B 16 12.40 -44.92 41.45
CA GLU B 16 13.55 -45.33 40.63
C GLU B 16 13.06 -45.84 39.27
N PRO B 17 13.02 -44.94 38.28
CA PRO B 17 12.48 -45.21 36.94
C PRO B 17 13.07 -46.46 36.30
N PHE B 18 14.38 -46.63 36.38
CA PHE B 18 15.05 -47.78 35.74
C PHE B 18 14.81 -49.09 36.48
N GLU B 19 14.48 -49.01 37.76
CA GLU B 19 14.18 -50.21 38.53
C GLU B 19 12.74 -50.65 38.32
N GLU B 20 11.86 -49.68 38.08
CA GLU B 20 10.43 -49.96 37.98
C GLU B 20 9.98 -50.26 36.55
N VAL B 21 10.85 -50.01 35.58
CA VAL B 21 10.56 -50.37 34.18
C VAL B 21 10.95 -51.82 33.90
N LYS B 22 11.45 -52.52 34.91
CA LYS B 22 11.82 -53.91 34.77
C LYS B 22 10.61 -54.75 34.37
N LYS B 23 9.49 -54.52 35.05
CA LYS B 23 8.22 -55.15 34.72
C LYS B 23 7.73 -54.66 33.36
N GLU B 24 8.02 -53.39 33.08
CA GLU B 24 7.49 -52.71 31.90
C GLU B 24 8.22 -53.10 30.61
N LEU B 25 9.54 -53.16 30.68
CA LEU B 25 10.38 -53.36 29.49
C LEU B 25 10.38 -54.79 28.99
N ASP B 26 10.19 -55.74 29.89
CA ASP B 26 10.17 -57.15 29.53
C ASP B 26 8.81 -57.54 28.95
N LEU B 27 7.85 -56.63 29.08
CA LEU B 27 6.45 -56.91 28.73
C LEU B 27 6.09 -56.43 27.33
N VAL B 28 6.99 -55.66 26.71
CA VAL B 28 6.76 -55.11 25.37
C VAL B 28 6.61 -56.22 24.34
N PRO B 29 5.50 -56.21 23.57
CA PRO B 29 5.19 -57.23 22.57
C PRO B 29 6.36 -57.56 21.63
N THR B 30 6.39 -58.80 21.17
CA THR B 30 7.42 -59.27 20.24
C THR B 30 6.81 -59.70 18.90
N VAL B 31 5.55 -60.11 18.94
CA VAL B 31 4.80 -60.50 17.74
C VAL B 31 4.30 -59.29 16.98
N PRO B 32 4.55 -59.23 15.66
CA PRO B 32 4.24 -58.08 14.81
C PRO B 32 2.77 -57.67 14.86
N GLN B 33 1.89 -58.62 15.13
CA GLN B 33 0.45 -58.37 15.11
C GLN B 33 -0.10 -57.78 16.40
N ALA B 34 0.71 -57.83 17.47
CA ALA B 34 0.29 -57.28 18.76
C ALA B 34 0.53 -55.78 18.84
N SER B 35 -0.38 -55.08 19.49
CA SER B 35 -0.22 -53.66 19.71
C SER B 35 0.88 -53.42 20.73
N LEU B 36 1.72 -52.43 20.45
CA LEU B 36 2.76 -52.02 21.37
C LEU B 36 2.20 -51.05 22.42
N ALA B 37 1.19 -50.28 22.03
CA ALA B 37 0.64 -49.23 22.88
C ALA B 37 -0.32 -49.75 23.93
N ARG B 38 -1.01 -50.85 23.63
CA ARG B 38 -2.14 -51.24 24.46
C ARG B 38 -1.74 -51.39 25.94
N GLN B 39 -2.47 -50.72 26.82
CA GLN B 39 -2.19 -50.78 28.26
C GLN B 39 -3.48 -50.57 29.04
N LYS B 40 -3.82 -51.54 29.89
CA LYS B 40 -5.03 -51.45 30.70
C LYS B 40 -6.25 -51.07 29.85
N TYR B 41 -6.45 -51.83 28.78
CA TYR B 41 -7.56 -51.64 27.85
C TYR B 41 -8.10 -53.03 27.58
N VAL B 42 -9.21 -53.37 28.23
CA VAL B 42 -9.69 -54.74 28.23
C VAL B 42 -10.53 -55.04 27.01
N ASP B 43 -10.72 -56.32 26.71
CA ASP B 43 -11.48 -56.74 25.55
C ASP B 43 -12.88 -56.13 25.53
N GLU B 44 -13.54 -56.06 26.68
CA GLU B 44 -14.89 -55.53 26.70
C GLU B 44 -14.95 -54.06 26.26
N SER B 45 -13.98 -53.27 26.70
CA SER B 45 -13.89 -51.87 26.30
C SER B 45 -13.65 -51.75 24.78
N GLU B 46 -12.71 -52.54 24.28
CA GLU B 46 -12.47 -52.60 22.83
C GLU B 46 -13.73 -52.97 22.05
N SER B 47 -14.46 -53.98 22.53
CA SER B 47 -15.67 -54.38 21.85
C SER B 47 -16.72 -53.28 21.92
N ALA B 48 -16.79 -52.59 23.06
CA ALA B 48 -17.80 -51.53 23.22
C ALA B 48 -17.49 -50.33 22.34
N VAL B 49 -16.21 -50.05 22.13
CA VAL B 49 -15.82 -48.96 21.24
C VAL B 49 -16.18 -49.35 19.78
N ASN B 50 -15.95 -50.61 19.43
CA ASN B 50 -16.34 -51.10 18.10
C ASN B 50 -17.85 -51.02 17.90
N GLU B 51 -18.61 -51.33 18.94
CA GLU B 51 -20.06 -51.21 18.87
C GLU B 51 -20.47 -49.76 18.63
N GLN B 52 -19.82 -48.81 19.31
CA GLN B 52 -20.22 -47.43 19.15
C GLN B 52 -19.82 -46.89 17.76
N ILE B 53 -18.69 -47.35 17.24
CA ILE B 53 -18.35 -47.04 15.85
C ILE B 53 -19.50 -47.44 14.94
N ASN B 54 -20.03 -48.65 15.12
CA ASN B 54 -21.16 -49.11 14.30
C ASN B 54 -22.43 -48.30 14.53
N VAL B 55 -22.68 -47.93 15.79
CA VAL B 55 -23.82 -47.09 16.12
C VAL B 55 -23.77 -45.77 15.34
N GLU B 56 -22.62 -45.10 15.37
CA GLU B 56 -22.46 -43.82 14.71
C GLU B 56 -22.54 -43.98 13.19
N TYR B 57 -21.91 -45.01 12.67
CA TYR B 57 -21.94 -45.23 11.24
C TYR B 57 -23.36 -45.50 10.75
N ASN B 58 -24.13 -46.26 11.54
CA ASN B 58 -25.54 -46.50 11.22
C ASN B 58 -26.35 -45.20 11.15
N VAL B 59 -26.12 -44.30 12.10
CA VAL B 59 -26.83 -43.04 12.10
C VAL B 59 -26.42 -42.22 10.88
N SER B 60 -25.14 -42.26 10.56
CA SER B 60 -24.67 -41.61 9.33
C SER B 60 -25.45 -42.10 8.11
N TYR B 61 -25.67 -43.40 8.04
CA TYR B 61 -26.34 -44.02 6.89
C TYR B 61 -27.82 -43.64 6.86
N VAL B 62 -28.47 -43.65 8.03
CA VAL B 62 -29.87 -43.25 8.11
C VAL B 62 -30.06 -41.79 7.66
N TYR B 63 -29.16 -40.91 8.12
CA TYR B 63 -29.24 -39.51 7.69
C TYR B 63 -29.00 -39.39 6.18
N HIS B 64 -28.17 -40.26 5.61
CA HIS B 64 -27.96 -40.21 4.17
C HIS B 64 -29.25 -40.61 3.46
N ALA B 65 -29.95 -41.61 4.00
CA ALA B 65 -31.24 -41.99 3.47
C ALA B 65 -32.23 -40.84 3.56
N MET B 66 -32.19 -40.09 4.66
CA MET B 66 -33.11 -38.97 4.81
C MET B 66 -32.77 -37.89 3.80
N PHE B 67 -31.48 -37.62 3.63
CA PHE B 67 -31.06 -36.70 2.58
C PHE B 67 -31.62 -37.12 1.22
N ALA B 68 -31.47 -38.40 0.89
CA ALA B 68 -31.92 -38.90 -0.42
C ALA B 68 -33.42 -38.75 -0.63
N TYR B 69 -34.18 -38.85 0.44
CA TYR B 69 -35.62 -38.65 0.39
C TYR B 69 -35.99 -37.18 0.15
N PHE B 70 -35.42 -36.29 0.95
CA PHE B 70 -35.77 -34.88 0.83
C PHE B 70 -35.20 -34.20 -0.41
N ASP B 71 -34.23 -34.84 -1.04
CA ASP B 71 -33.64 -34.36 -2.29
C ASP B 71 -34.48 -34.77 -3.52
N ARG B 72 -35.52 -35.56 -3.31
CA ARG B 72 -36.41 -35.95 -4.42
C ARG B 72 -37.06 -34.71 -5.00
N ASP B 73 -37.26 -34.69 -6.32
CA ASP B 73 -37.86 -33.52 -6.98
C ASP B 73 -39.29 -33.22 -6.53
N ASN B 74 -40.05 -34.26 -6.20
CA ASN B 74 -41.44 -34.09 -5.81
C ASN B 74 -41.59 -33.79 -4.31
N VAL B 75 -40.49 -33.93 -3.58
CA VAL B 75 -40.48 -33.57 -2.15
C VAL B 75 -39.96 -32.15 -2.01
N ALA B 76 -38.77 -31.90 -2.56
CA ALA B 76 -38.26 -30.54 -2.76
C ALA B 76 -38.21 -29.72 -1.47
N LEU B 77 -37.66 -30.32 -0.42
CA LEU B 77 -37.35 -29.57 0.79
C LEU B 77 -35.84 -29.49 0.88
N ARG B 78 -35.27 -28.46 0.24
CA ARG B 78 -33.84 -28.32 0.10
C ARG B 78 -33.11 -28.06 1.42
N GLY B 79 -33.78 -27.38 2.35
CA GLY B 79 -33.19 -27.11 3.65
C GLY B 79 -33.00 -28.37 4.47
N LEU B 80 -34.01 -29.23 4.45
N LEU B 80 -34.02 -29.24 4.49
CA LEU B 80 -33.96 -30.50 5.15
CA LEU B 80 -33.91 -30.51 5.18
C LEU B 80 -33.00 -31.47 4.46
C LEU B 80 -32.91 -31.41 4.46
N ALA B 81 -32.97 -31.43 3.13
CA ALA B 81 -32.03 -32.25 2.37
C ALA B 81 -30.61 -31.86 2.80
N LYS B 82 -30.34 -30.56 2.82
CA LYS B 82 -29.02 -30.07 3.19
C LYS B 82 -28.65 -30.44 4.63
N PHE B 83 -29.59 -30.26 5.54
CA PHE B 83 -29.36 -30.57 6.94
C PHE B 83 -29.01 -32.05 7.14
N PHE B 84 -29.77 -32.94 6.52
CA PHE B 84 -29.49 -34.37 6.67
C PHE B 84 -28.21 -34.82 5.96
N LYS B 85 -27.90 -34.18 4.83
CA LYS B 85 -26.66 -34.46 4.12
C LYS B 85 -25.47 -34.08 4.99
N GLU B 86 -25.49 -32.88 5.54
CA GLU B 86 -24.42 -32.44 6.44
C GLU B 86 -24.36 -33.28 7.72
N SER B 87 -25.53 -33.60 8.28
CA SER B 87 -25.57 -34.47 9.45
C SER B 87 -24.95 -35.84 9.17
N SER B 88 -25.25 -36.40 8.00
CA SER B 88 -24.67 -37.70 7.64
C SER B 88 -23.16 -37.61 7.64
N GLU B 89 -22.63 -36.52 7.11
CA GLU B 89 -21.17 -36.36 7.09
C GLU B 89 -20.58 -36.24 8.49
N GLU B 90 -21.22 -35.44 9.35
CA GLU B 90 -20.74 -35.27 10.70
CA GLU B 90 -20.74 -35.27 10.71
C GLU B 90 -20.79 -36.58 11.48
N GLU B 91 -21.80 -37.39 11.23
CA GLU B 91 -21.91 -38.67 11.93
C GLU B 91 -20.78 -39.60 11.52
N ARG B 92 -20.40 -39.57 10.25
CA ARG B 92 -19.28 -40.39 9.79
C ARG B 92 -18.00 -39.94 10.51
N GLU B 93 -17.88 -38.63 10.74
CA GLU B 93 -16.75 -38.12 11.51
C GLU B 93 -16.78 -38.65 12.94
N HIS B 94 -17.97 -38.72 13.53
CA HIS B 94 -18.08 -39.28 14.89
C HIS B 94 -17.59 -40.72 14.92
N ALA B 95 -17.99 -41.49 13.92
CA ALA B 95 -17.53 -42.87 13.78
C ALA B 95 -16.01 -42.91 13.63
N GLU B 96 -15.49 -42.06 12.76
CA GLU B 96 -14.05 -42.07 12.50
C GLU B 96 -13.22 -41.68 13.72
N LYS B 97 -13.72 -40.75 14.52
CA LYS B 97 -13.01 -40.34 15.73
C LYS B 97 -12.86 -41.53 16.68
N LEU B 98 -13.88 -42.38 16.74
CA LEU B 98 -13.82 -43.57 17.60
C LEU B 98 -12.86 -44.61 17.03
N MET B 99 -12.79 -44.72 15.70
CA MET B 99 -11.82 -45.62 15.06
C MET B 99 -10.41 -45.17 15.39
N GLU B 100 -10.16 -43.87 15.31
CA GLU B 100 -8.86 -43.33 15.67
C GLU B 100 -8.56 -43.60 17.13
N TYR B 101 -9.57 -43.42 17.98
CA TYR B 101 -9.41 -43.66 19.41
C TYR B 101 -9.05 -45.11 19.70
N GLN B 102 -9.77 -46.04 19.06
CA GLN B 102 -9.51 -47.47 19.18
C GLN B 102 -8.02 -47.73 18.92
N ASN B 103 -7.50 -47.15 17.84
CA ASN B 103 -6.09 -47.33 17.52
C ASN B 103 -5.14 -46.62 18.50
N LYS B 104 -5.55 -45.46 19.01
CA LYS B 104 -4.72 -44.80 20.03
C LYS B 104 -4.53 -45.71 21.26
N ARG B 105 -5.56 -46.48 21.59
CA ARG B 105 -5.51 -47.36 22.78
C ARG B 105 -4.97 -48.74 22.47
N GLY B 106 -4.66 -48.99 21.20
CA GLY B 106 -4.10 -50.26 20.80
C GLY B 106 -5.15 -51.35 20.70
N GLY B 107 -6.42 -50.95 20.60
CA GLY B 107 -7.47 -51.89 20.26
C GLY B 107 -7.53 -52.14 18.76
N LYS B 108 -8.19 -53.20 18.34
CA LYS B 108 -8.34 -53.46 16.92
C LYS B 108 -9.73 -53.08 16.41
N VAL B 109 -9.76 -52.13 15.48
CA VAL B 109 -11.03 -51.71 14.90
C VAL B 109 -11.65 -52.87 14.13
N LYS B 110 -12.94 -53.12 14.36
CA LYS B 110 -13.66 -54.09 13.53
C LYS B 110 -14.96 -53.49 13.06
N LEU B 111 -14.99 -53.08 11.79
CA LEU B 111 -16.20 -52.51 11.23
C LEU B 111 -17.24 -53.62 11.07
N GLN B 112 -18.47 -53.34 11.49
CA GLN B 112 -19.55 -54.34 11.45
C GLN B 112 -20.52 -53.98 10.33
N SER B 113 -21.45 -54.88 10.03
CA SER B 113 -22.40 -54.61 8.96
C SER B 113 -23.32 -53.44 9.31
N ILE B 114 -23.89 -52.85 8.29
CA ILE B 114 -24.87 -51.77 8.46
C ILE B 114 -26.15 -52.21 7.79
N VAL B 115 -27.27 -52.10 8.49
CA VAL B 115 -28.53 -52.61 7.94
C VAL B 115 -29.14 -51.61 6.96
N MET B 116 -29.97 -52.13 6.04
CA MET B 116 -30.72 -51.28 5.13
CA MET B 116 -30.70 -51.28 5.12
C MET B 116 -31.65 -50.35 5.90
N PRO B 117 -31.50 -49.03 5.70
CA PRO B 117 -32.38 -48.12 6.45
C PRO B 117 -33.72 -47.94 5.73
N LEU B 118 -34.68 -47.29 6.38
CA LEU B 118 -35.89 -46.84 5.68
C LEU B 118 -35.53 -45.92 4.52
N SER B 119 -36.33 -45.98 3.44
CA SER B 119 -36.09 -45.10 2.29
C SER B 119 -37.15 -44.00 2.16
N ASP B 120 -38.41 -44.31 2.48
N ASP B 120 -38.41 -44.31 2.50
CA ASP B 120 -39.49 -43.34 2.42
CA ASP B 120 -39.51 -43.36 2.39
C ASP B 120 -39.71 -42.72 3.79
C ASP B 120 -39.87 -42.75 3.75
N PHE B 121 -40.00 -41.42 3.80
CA PHE B 121 -40.26 -40.73 5.06
C PHE B 121 -41.57 -39.96 5.06
N ASP B 122 -42.46 -40.30 4.15
CA ASP B 122 -43.75 -39.63 4.13
CA ASP B 122 -43.77 -39.66 4.10
C ASP B 122 -44.60 -40.10 5.29
N HIS B 123 -45.54 -39.25 5.71
CA HIS B 123 -46.43 -39.54 6.83
C HIS B 123 -47.70 -38.74 6.64
N ALA B 124 -48.83 -39.43 6.54
CA ALA B 124 -50.10 -38.79 6.24
C ALA B 124 -50.48 -37.73 7.27
N ASP B 125 -50.39 -38.08 8.55
CA ASP B 125 -50.81 -37.19 9.63
CA ASP B 125 -50.80 -37.18 9.63
C ASP B 125 -49.77 -36.09 9.91
N LYS B 126 -48.55 -36.50 10.22
CA LYS B 126 -47.49 -35.57 10.62
C LYS B 126 -46.92 -34.76 9.46
N GLY B 127 -46.90 -35.36 8.28
CA GLY B 127 -46.21 -34.75 7.15
C GLY B 127 -44.76 -35.19 7.19
N ASP B 128 -44.10 -35.19 6.05
CA ASP B 128 -42.76 -35.77 5.97
C ASP B 128 -41.70 -35.06 6.81
N ALA B 129 -41.70 -33.73 6.80
CA ALA B 129 -40.69 -32.97 7.50
C ALA B 129 -40.74 -33.28 8.99
N LEU B 130 -41.93 -33.15 9.58
CA LEU B 130 -42.11 -33.45 11.00
C LEU B 130 -41.77 -34.90 11.33
N HIS B 131 -42.26 -35.83 10.51
CA HIS B 131 -41.97 -37.25 10.75
C HIS B 131 -40.47 -37.54 10.77
N ALA B 132 -39.75 -37.04 9.77
CA ALA B 132 -38.31 -37.28 9.71
C ALA B 132 -37.57 -36.66 10.89
N MET B 133 -38.00 -35.48 11.31
N MET B 133 -37.98 -35.47 11.30
CA MET B 133 -37.33 -34.80 12.42
CA MET B 133 -37.32 -34.80 12.42
C MET B 133 -37.58 -35.53 13.73
C MET B 133 -37.58 -35.54 13.74
N GLU B 134 -38.79 -36.07 13.89
CA GLU B 134 -39.10 -36.89 15.06
C GLU B 134 -38.31 -38.20 15.04
N LEU B 135 -38.18 -38.81 13.86
CA LEU B 135 -37.32 -39.97 13.72
C LEU B 135 -35.86 -39.65 14.06
N ALA B 136 -35.36 -38.52 13.55
CA ALA B 136 -34.01 -38.07 13.90
C ALA B 136 -33.85 -37.90 15.41
N LEU B 137 -34.85 -37.30 16.05
CA LEU B 137 -34.76 -37.10 17.50
C LEU B 137 -34.64 -38.46 18.20
N SER B 138 -35.48 -39.42 17.80
CA SER B 138 -35.45 -40.75 18.41
C SER B 138 -34.10 -41.41 18.21
N LEU B 139 -33.52 -41.22 17.03
CA LEU B 139 -32.25 -41.84 16.72
C LEU B 139 -31.15 -41.23 17.56
N GLU B 140 -31.24 -39.93 17.82
CA GLU B 140 -30.22 -39.28 18.63
C GLU B 140 -30.36 -39.67 20.10
N LYS B 141 -31.59 -39.83 20.58
CA LYS B 141 -31.77 -40.35 21.92
C LYS B 141 -31.22 -41.78 22.06
N LEU B 142 -31.41 -42.61 21.03
N LEU B 142 -31.42 -42.59 21.03
CA LEU B 142 -30.88 -43.96 21.09
CA LEU B 142 -30.89 -43.95 21.06
C LEU B 142 -29.35 -43.94 21.09
C LEU B 142 -29.37 -43.92 21.11
N THR B 143 -28.77 -43.05 20.30
CA THR B 143 -27.33 -42.87 20.30
C THR B 143 -26.83 -42.45 21.68
N ASN B 144 -27.56 -41.54 22.31
CA ASN B 144 -27.22 -41.10 23.66
C ASN B 144 -27.23 -42.28 24.62
N GLU B 145 -28.27 -43.11 24.54
CA GLU B 145 -28.35 -44.32 25.36
C GLU B 145 -27.09 -45.17 25.16
N LYS B 146 -26.69 -45.34 23.91
CA LYS B 146 -25.54 -46.19 23.59
C LYS B 146 -24.24 -45.59 24.09
N LEU B 147 -24.10 -44.27 23.95
CA LEU B 147 -22.89 -43.61 24.43
C LEU B 147 -22.78 -43.76 25.94
N LEU B 148 -23.90 -43.61 26.63
CA LEU B 148 -23.89 -43.75 28.09
C LEU B 148 -23.57 -45.19 28.49
N ASN B 149 -24.03 -46.16 27.70
CA ASN B 149 -23.64 -47.56 27.89
C ASN B 149 -22.13 -47.76 27.73
N LEU B 150 -21.56 -47.15 26.69
CA LEU B 150 -20.11 -47.16 26.50
C LEU B 150 -19.41 -46.57 27.71
N HIS B 151 -19.92 -45.46 28.20
CA HIS B 151 -19.30 -44.81 29.36
C HIS B 151 -19.36 -45.77 30.56
N SER B 152 -20.47 -46.49 30.69
CA SER B 152 -20.65 -47.45 31.78
CA SER B 152 -20.63 -47.43 31.79
C SER B 152 -19.65 -48.60 31.69
N VAL B 153 -19.42 -49.10 30.48
CA VAL B 153 -18.44 -50.16 30.28
C VAL B 153 -17.03 -49.69 30.63
N ALA B 154 -16.70 -48.47 30.20
CA ALA B 154 -15.41 -47.88 30.54
C ALA B 154 -15.23 -47.84 32.06
N THR B 155 -16.21 -47.26 32.75
CA THR B 155 -16.09 -47.07 34.19
CA THR B 155 -16.12 -47.07 34.19
C THR B 155 -15.98 -48.40 34.91
N LYS B 156 -16.85 -49.34 34.55
CA LYS B 156 -16.85 -50.66 35.16
C LYS B 156 -15.45 -51.27 35.15
N ASN B 157 -14.74 -51.09 34.05
CA ASN B 157 -13.42 -51.69 33.86
C ASN B 157 -12.29 -50.83 34.37
N GLY B 158 -12.63 -49.74 35.05
CA GLY B 158 -11.64 -48.83 35.58
C GLY B 158 -10.92 -48.04 34.50
N ASP B 159 -11.52 -47.98 33.30
CA ASP B 159 -10.88 -47.27 32.19
C ASP B 159 -11.29 -45.82 32.22
N VAL B 160 -10.60 -45.09 33.07
CA VAL B 160 -10.96 -43.71 33.33
CA VAL B 160 -10.95 -43.70 33.34
C VAL B 160 -10.66 -42.81 32.14
N GLN B 161 -9.63 -43.15 31.37
CA GLN B 161 -9.33 -42.34 30.19
C GLN B 161 -10.39 -42.47 29.09
N LEU B 162 -10.87 -43.69 28.85
CA LEU B 162 -11.97 -43.91 27.90
C LEU B 162 -13.23 -43.17 28.34
N ALA B 163 -13.57 -43.28 29.61
CA ALA B 163 -14.72 -42.56 30.17
C ALA B 163 -14.56 -41.06 29.94
N ASP B 164 -13.38 -40.53 30.19
CA ASP B 164 -13.15 -39.10 29.98
C ASP B 164 -13.29 -38.73 28.50
N PHE B 165 -12.75 -39.57 27.62
CA PHE B 165 -12.87 -39.35 26.18
C PHE B 165 -14.34 -39.29 25.78
N VAL B 166 -15.13 -40.24 26.26
CA VAL B 166 -16.55 -40.28 25.93
C VAL B 166 -17.29 -39.06 26.46
N GLU B 167 -17.04 -38.67 27.71
CA GLU B 167 -17.73 -37.48 28.20
C GLU B 167 -17.28 -36.20 27.51
N THR B 168 -15.97 -36.07 27.29
CA THR B 168 -15.41 -34.86 26.69
C THR B 168 -15.78 -34.69 25.21
N GLU B 169 -15.69 -35.77 24.44
CA GLU B 169 -15.89 -35.68 22.99
C GLU B 169 -17.31 -35.99 22.51
N TYR B 170 -18.08 -36.73 23.30
CA TYR B 170 -19.38 -37.19 22.85
C TYR B 170 -20.61 -36.73 23.66
N LEU B 171 -20.55 -36.80 24.99
CA LEU B 171 -21.78 -36.64 25.77
C LEU B 171 -22.36 -35.23 25.71
N GLY B 172 -21.51 -34.21 25.82
CA GLY B 172 -21.97 -32.84 25.75
C GLY B 172 -22.51 -32.50 24.37
N ALA B 173 -21.80 -32.92 23.34
CA ALA B 173 -22.27 -32.70 21.97
C ALA B 173 -23.60 -33.39 21.73
N GLN B 174 -23.78 -34.56 22.34
CA GLN B 174 -25.01 -35.30 22.15
C GLN B 174 -26.19 -34.55 22.78
N VAL B 175 -25.96 -33.98 23.96
CA VAL B 175 -27.01 -33.16 24.58
C VAL B 175 -27.37 -31.97 23.68
N GLU B 176 -26.37 -31.34 23.08
CA GLU B 176 -26.64 -30.23 22.15
C GLU B 176 -27.43 -30.67 20.93
N ALA B 177 -27.02 -31.78 20.32
CA ALA B 177 -27.71 -32.29 19.12
C ALA B 177 -29.17 -32.58 19.42
N ILE B 178 -29.43 -33.16 20.59
CA ILE B 178 -30.80 -33.49 20.97
C ILE B 178 -31.63 -32.22 21.18
N LYS B 179 -31.06 -31.20 21.82
CA LYS B 179 -31.81 -29.96 21.97
C LYS B 179 -32.09 -29.33 20.60
N ARG B 180 -31.09 -29.36 19.73
CA ARG B 180 -31.20 -28.75 18.40
C ARG B 180 -32.36 -29.38 17.63
N ILE B 181 -32.39 -30.71 17.59
CA ILE B 181 -33.44 -31.40 16.86
C ILE B 181 -34.80 -31.23 17.55
N SER B 182 -34.82 -31.25 18.88
CA SER B 182 -36.06 -30.99 19.60
C SER B 182 -36.66 -29.65 19.20
N GLU B 183 -35.80 -28.64 19.06
CA GLU B 183 -36.25 -27.32 18.63
C GLU B 183 -36.82 -27.35 17.21
N TYR B 184 -36.22 -28.15 16.34
CA TYR B 184 -36.78 -28.27 14.99
C TYR B 184 -38.16 -28.90 15.04
N VAL B 185 -38.31 -29.97 15.83
CA VAL B 185 -39.62 -30.60 15.97
C VAL B 185 -40.68 -29.60 16.45
N ALA B 186 -40.33 -28.83 17.47
CA ALA B 186 -41.25 -27.84 18.02
C ALA B 186 -41.65 -26.78 16.98
N GLN B 187 -40.68 -26.29 16.21
CA GLN B 187 -41.00 -25.31 15.16
C GLN B 187 -41.88 -25.88 14.06
N LEU B 188 -41.58 -27.10 13.63
CA LEU B 188 -42.38 -27.75 12.59
C LEU B 188 -43.82 -27.92 13.06
N ARG B 189 -44.00 -28.32 14.32
CA ARG B 189 -45.33 -28.42 14.89
C ARG B 189 -46.04 -27.06 14.92
N ARG B 190 -45.30 -26.01 15.27
CA ARG B 190 -45.92 -24.70 15.37
C ARG B 190 -46.35 -24.13 14.00
N VAL B 191 -45.50 -24.28 12.98
CA VAL B 191 -45.80 -23.65 11.69
C VAL B 191 -46.86 -24.40 10.89
N GLY B 192 -46.97 -25.71 11.13
CA GLY B 192 -47.98 -26.53 10.48
C GLY B 192 -47.60 -26.91 9.05
N LYS B 193 -48.32 -27.88 8.49
CA LYS B 193 -48.00 -28.36 7.14
C LYS B 193 -48.26 -27.32 6.06
N GLY B 194 -47.63 -27.50 4.90
CA GLY B 194 -47.88 -26.61 3.78
C GLY B 194 -46.90 -25.44 3.76
N HIS B 195 -47.46 -24.24 3.64
CA HIS B 195 -46.65 -23.02 3.59
C HIS B 195 -45.68 -22.97 4.80
N GLY B 196 -46.15 -23.34 5.99
CA GLY B 196 -45.31 -23.26 7.17
C GLY B 196 -44.07 -24.13 7.10
N VAL B 197 -44.26 -25.39 6.75
CA VAL B 197 -43.15 -26.33 6.59
C VAL B 197 -42.16 -25.84 5.55
N TRP B 198 -42.66 -25.36 4.42
CA TRP B 198 -41.79 -24.84 3.36
C TRP B 198 -40.96 -23.66 3.90
N HIS B 199 -41.59 -22.78 4.67
CA HIS B 199 -40.91 -21.61 5.22
C HIS B 199 -39.85 -22.07 6.21
N PHE B 200 -40.20 -23.01 7.07
CA PHE B 200 -39.22 -23.54 8.02
C PHE B 200 -38.06 -24.13 7.26
N ASP B 201 -38.37 -24.82 6.16
CA ASP B 201 -37.33 -25.41 5.34
C ASP B 201 -36.40 -24.33 4.76
N GLN B 202 -36.97 -23.22 4.29
CA GLN B 202 -36.17 -22.08 3.83
C GLN B 202 -35.26 -21.54 4.93
N MET B 203 -35.80 -21.44 6.14
CA MET B 203 -35.01 -21.00 7.28
C MET B 203 -33.81 -21.92 7.48
N LEU B 204 -34.09 -23.21 7.46
CA LEU B 204 -33.06 -24.23 7.68
C LEU B 204 -32.03 -24.20 6.56
N LEU B 205 -32.50 -23.94 5.34
CA LEU B 205 -31.63 -23.87 4.18
C LEU B 205 -30.57 -22.78 4.33
N HIS B 206 -30.93 -21.69 5.00
CA HIS B 206 -30.04 -20.56 5.13
C HIS B 206 -29.46 -20.39 6.55
N GLU B 207 -29.77 -21.34 7.45
CA GLU B 207 -29.36 -21.25 8.85
C GLU B 207 -27.85 -21.37 9.01
N ILE C 14 41.29 2.52 -50.82
CA ILE C 14 40.17 3.29 -50.28
C ILE C 14 38.81 2.66 -50.60
N PHE C 15 38.01 2.46 -49.56
CA PHE C 15 36.71 1.79 -49.68
C PHE C 15 35.63 2.67 -50.29
N GLU C 16 35.04 2.21 -51.39
CA GLU C 16 33.94 2.91 -52.03
C GLU C 16 32.74 1.98 -52.13
N PRO C 17 31.84 2.06 -51.14
CA PRO C 17 30.70 1.14 -51.06
C PRO C 17 29.93 1.04 -52.37
N PHE C 18 29.69 2.18 -53.04
CA PHE C 18 28.84 2.17 -54.22
C PHE C 18 29.54 1.56 -55.44
N GLU C 19 30.87 1.51 -55.39
CA GLU C 19 31.62 0.84 -56.45
C GLU C 19 31.72 -0.67 -56.19
N GLU C 20 32.06 -1.03 -54.96
CA GLU C 20 32.27 -2.43 -54.61
C GLU C 20 30.95 -3.19 -54.47
N VAL C 21 29.86 -2.45 -54.30
CA VAL C 21 28.56 -3.08 -54.10
C VAL C 21 28.01 -3.60 -55.42
N LYS C 22 28.53 -3.08 -56.53
CA LYS C 22 28.13 -3.50 -57.88
C LYS C 22 28.16 -5.02 -58.06
N LYS C 23 29.28 -5.63 -57.68
CA LYS C 23 29.44 -7.08 -57.77
C LYS C 23 28.25 -7.81 -57.14
N GLU C 24 27.84 -7.35 -55.97
CA GLU C 24 26.79 -8.02 -55.19
C GLU C 24 25.39 -7.60 -55.65
N LEU C 25 25.26 -6.35 -56.07
CA LEU C 25 23.96 -5.75 -56.38
C LEU C 25 23.27 -6.44 -57.56
N ASP C 26 24.06 -6.94 -58.51
CA ASP C 26 23.50 -7.62 -59.67
C ASP C 26 23.60 -9.14 -59.54
N LEU C 27 23.98 -9.58 -58.35
CA LEU C 27 23.94 -11.00 -58.02
C LEU C 27 22.64 -11.31 -57.29
N VAL C 28 21.92 -10.27 -56.88
CA VAL C 28 20.63 -10.47 -56.22
C VAL C 28 19.70 -11.32 -57.09
N PRO C 29 19.30 -12.50 -56.59
CA PRO C 29 18.44 -13.43 -57.33
C PRO C 29 17.12 -12.78 -57.75
N THR C 30 16.54 -13.24 -58.85
CA THR C 30 15.29 -12.67 -59.34
C THR C 30 14.13 -13.67 -59.23
N VAL C 31 14.43 -14.95 -59.42
CA VAL C 31 13.40 -15.99 -59.37
C VAL C 31 12.95 -16.22 -57.93
N PRO C 32 11.64 -16.32 -57.73
CA PRO C 32 11.01 -16.43 -56.40
C PRO C 32 11.51 -17.61 -55.58
N GLN C 33 11.98 -18.66 -56.24
CA GLN C 33 12.36 -19.90 -55.55
C GLN C 33 13.76 -19.83 -54.93
N ALA C 34 14.55 -18.84 -55.32
CA ALA C 34 15.94 -18.74 -54.90
C ALA C 34 16.11 -17.90 -53.62
N SER C 35 16.99 -18.36 -52.75
CA SER C 35 17.32 -17.61 -51.55
C SER C 35 18.00 -16.29 -51.88
N LEU C 36 17.57 -15.20 -51.25
CA LEU C 36 18.22 -13.91 -51.40
C LEU C 36 19.37 -13.77 -50.40
N ALA C 37 19.30 -14.53 -49.32
CA ALA C 37 20.27 -14.38 -48.24
C ALA C 37 21.55 -15.18 -48.50
N ARG C 38 21.41 -16.29 -49.20
CA ARG C 38 22.50 -17.27 -49.29
C ARG C 38 23.80 -16.65 -49.77
N GLN C 39 24.87 -16.86 -49.02
CA GLN C 39 26.19 -16.32 -49.35
C GLN C 39 27.28 -17.19 -48.76
N LYS C 40 28.18 -17.68 -49.62
CA LYS C 40 29.30 -18.51 -49.19
C LYS C 40 28.81 -19.67 -48.34
N TYR C 41 27.77 -20.34 -48.82
CA TYR C 41 27.18 -21.47 -48.12
C TYR C 41 27.04 -22.58 -49.15
N VAL C 42 27.98 -23.52 -49.15
CA VAL C 42 28.06 -24.50 -50.22
C VAL C 42 27.11 -25.68 -49.99
N ASP C 43 26.78 -26.39 -51.06
CA ASP C 43 25.86 -27.52 -50.99
C ASP C 43 26.22 -28.55 -49.92
N GLU C 44 27.51 -28.84 -49.78
CA GLU C 44 27.95 -29.80 -48.77
C GLU C 44 27.60 -29.34 -47.35
N SER C 45 27.70 -28.05 -47.08
CA SER C 45 27.34 -27.56 -45.74
C SER C 45 25.82 -27.66 -45.54
N GLU C 46 25.06 -27.24 -46.55
CA GLU C 46 23.60 -27.32 -46.50
C GLU C 46 23.18 -28.76 -46.23
N SER C 47 23.79 -29.70 -46.95
CA SER C 47 23.49 -31.12 -46.77
C SER C 47 23.83 -31.61 -45.37
N ALA C 48 25.00 -31.22 -44.86
CA ALA C 48 25.44 -31.64 -43.54
C ALA C 48 24.51 -31.10 -42.46
N VAL C 49 24.00 -29.89 -42.64
CA VAL C 49 23.04 -29.32 -41.68
C VAL C 49 21.74 -30.14 -41.70
N ASN C 50 21.25 -30.46 -42.88
CA ASN C 50 20.08 -31.34 -43.00
C ASN C 50 20.29 -32.69 -42.32
N GLU C 51 21.48 -33.27 -42.50
CA GLU C 51 21.79 -34.53 -41.84
CA GLU C 51 21.80 -34.53 -41.84
C GLU C 51 21.70 -34.39 -40.31
N GLN C 52 22.30 -33.33 -39.77
CA GLN C 52 22.26 -33.15 -38.32
C GLN C 52 20.83 -32.92 -37.81
N ILE C 53 20.02 -32.23 -38.61
CA ILE C 53 18.62 -32.03 -38.21
C ILE C 53 17.99 -33.40 -37.97
N ASN C 54 18.24 -34.33 -38.89
CA ASN C 54 17.70 -35.68 -38.79
C ASN C 54 18.28 -36.44 -37.60
N VAL C 55 19.55 -36.20 -37.30
CA VAL C 55 20.16 -36.81 -36.12
C VAL C 55 19.42 -36.38 -34.84
N GLU C 56 19.22 -35.07 -34.68
CA GLU C 56 18.56 -34.54 -33.49
C GLU C 56 17.12 -35.02 -33.38
N TYR C 57 16.40 -34.98 -34.49
CA TYR C 57 15.01 -35.41 -34.53
C TYR C 57 14.89 -36.89 -34.16
N ASN C 58 15.83 -37.70 -34.64
CA ASN C 58 15.84 -39.13 -34.31
C ASN C 58 16.06 -39.34 -32.83
N VAL C 59 17.00 -38.60 -32.24
CA VAL C 59 17.22 -38.72 -30.80
C VAL C 59 16.00 -38.27 -30.00
N SER C 60 15.31 -37.24 -30.48
CA SER C 60 14.08 -36.80 -29.84
C SER C 60 13.07 -37.95 -29.81
N TYR C 61 12.99 -38.67 -30.92
CA TYR C 61 12.00 -39.74 -31.08
C TYR C 61 12.35 -40.91 -30.16
N VAL C 62 13.64 -41.24 -30.09
CA VAL C 62 14.10 -42.29 -29.18
C VAL C 62 13.80 -41.94 -27.73
N TYR C 63 14.09 -40.70 -27.31
CA TYR C 63 13.73 -40.31 -25.95
C TYR C 63 12.22 -40.40 -25.71
N HIS C 64 11.43 -40.10 -26.74
CA HIS C 64 9.99 -40.19 -26.54
C HIS C 64 9.61 -41.67 -26.34
N ALA C 65 10.27 -42.57 -27.06
CA ALA C 65 10.04 -44.00 -26.86
C ALA C 65 10.42 -44.43 -25.45
N MET C 66 11.50 -43.86 -24.92
CA MET C 66 11.95 -44.20 -23.57
C MET C 66 10.98 -43.66 -22.53
N PHE C 67 10.49 -42.45 -22.74
CA PHE C 67 9.42 -41.92 -21.90
C PHE C 67 8.25 -42.89 -21.86
N ALA C 68 7.82 -43.35 -23.04
CA ALA C 68 6.62 -44.17 -23.14
C ALA C 68 6.80 -45.49 -22.41
N TYR C 69 8.03 -46.00 -22.38
CA TYR C 69 8.33 -47.21 -21.63
C TYR C 69 8.30 -46.98 -20.11
N PHE C 70 8.98 -45.94 -19.64
CA PHE C 70 9.03 -45.70 -18.20
C PHE C 70 7.72 -45.22 -17.60
N ASP C 71 6.81 -44.80 -18.47
CA ASP C 71 5.48 -44.34 -18.07
C ASP C 71 4.50 -45.52 -17.93
N ARG C 72 4.95 -46.72 -18.28
CA ARG C 72 4.10 -47.91 -18.10
C ARG C 72 3.78 -48.14 -16.63
N ASP C 73 2.55 -48.55 -16.35
CA ASP C 73 2.12 -48.76 -14.96
C ASP C 73 2.96 -49.80 -14.20
N ASN C 74 3.44 -50.80 -14.92
CA ASN C 74 4.21 -51.88 -14.28
C ASN C 74 5.70 -51.57 -14.19
N VAL C 75 6.13 -50.48 -14.82
CA VAL C 75 7.51 -50.01 -14.71
C VAL C 75 7.58 -48.93 -13.63
N ALA C 76 6.74 -47.92 -13.76
CA ALA C 76 6.45 -46.97 -12.68
C ALA C 76 7.70 -46.29 -12.15
N LEU C 77 8.51 -45.78 -13.06
CA LEU C 77 9.66 -44.97 -12.68
C LEU C 77 9.35 -43.57 -13.18
N ARG C 78 8.70 -42.78 -12.35
CA ARG C 78 8.15 -41.51 -12.78
C ARG C 78 9.22 -40.45 -13.05
N GLY C 79 10.32 -40.54 -12.33
CA GLY C 79 11.43 -39.61 -12.51
C GLY C 79 12.09 -39.82 -13.86
N LEU C 80 12.38 -41.07 -14.20
CA LEU C 80 12.95 -41.37 -15.49
C LEU C 80 11.98 -41.02 -16.62
N ALA C 81 10.70 -41.32 -16.43
CA ALA C 81 9.70 -40.94 -17.43
C ALA C 81 9.73 -39.44 -17.70
N LYS C 82 9.70 -38.65 -16.63
CA LYS C 82 9.72 -37.20 -16.75
C LYS C 82 11.01 -36.73 -17.43
N PHE C 83 12.12 -37.30 -17.02
CA PHE C 83 13.41 -36.95 -17.62
C PHE C 83 13.45 -37.20 -19.15
N PHE C 84 12.98 -38.37 -19.57
CA PHE C 84 13.00 -38.67 -21.00
C PHE C 84 11.98 -37.86 -21.79
N LYS C 85 10.85 -37.56 -21.16
CA LYS C 85 9.84 -36.77 -21.84
C LYS C 85 10.43 -35.39 -22.09
N GLU C 86 11.01 -34.81 -21.05
CA GLU C 86 11.63 -33.48 -21.16
C GLU C 86 12.82 -33.49 -22.13
N SER C 87 13.62 -34.55 -22.10
CA SER C 87 14.74 -34.67 -23.02
C SER C 87 14.24 -34.72 -24.47
N SER C 88 13.11 -35.40 -24.70
CA SER C 88 12.56 -35.50 -26.05
C SER C 88 12.20 -34.11 -26.58
N GLU C 89 11.55 -33.31 -25.76
CA GLU C 89 11.17 -31.96 -26.17
CA GLU C 89 11.18 -31.95 -26.16
C GLU C 89 12.41 -31.11 -26.47
N GLU C 90 13.42 -31.23 -25.62
CA GLU C 90 14.65 -30.45 -25.81
CA GLU C 90 14.64 -30.45 -25.81
C GLU C 90 15.35 -30.84 -27.10
N GLU C 91 15.38 -32.14 -27.41
CA GLU C 91 16.01 -32.63 -28.63
C GLU C 91 15.28 -32.11 -29.88
N ARG C 92 13.97 -32.02 -29.79
CA ARG C 92 13.20 -31.45 -30.91
C ARG C 92 13.60 -29.98 -31.09
N GLU C 93 13.85 -29.29 -29.99
CA GLU C 93 14.30 -27.88 -30.06
C GLU C 93 15.70 -27.81 -30.67
N HIS C 94 16.56 -28.78 -30.38
CA HIS C 94 17.86 -28.82 -31.03
C HIS C 94 17.69 -28.96 -32.55
N ALA C 95 16.79 -29.85 -32.95
CA ALA C 95 16.49 -30.01 -34.36
C ALA C 95 15.97 -28.71 -34.97
N GLU C 96 15.06 -28.06 -34.26
CA GLU C 96 14.41 -26.88 -34.80
C GLU C 96 15.37 -25.70 -34.93
N LYS C 97 16.32 -25.58 -33.98
CA LYS C 97 17.32 -24.52 -34.08
C LYS C 97 18.17 -24.67 -35.35
N LEU C 98 18.46 -25.91 -35.72
CA LEU C 98 19.21 -26.16 -36.95
C LEU C 98 18.36 -25.89 -38.18
N MET C 99 17.07 -26.21 -38.11
CA MET C 99 16.15 -25.84 -39.19
C MET C 99 16.15 -24.32 -39.39
N GLU C 100 16.05 -23.57 -38.29
CA GLU C 100 16.05 -22.12 -38.40
C GLU C 100 17.38 -21.60 -38.93
N TYR C 101 18.49 -22.21 -38.47
CA TYR C 101 19.82 -21.83 -38.94
C TYR C 101 19.96 -22.04 -40.45
N GLN C 102 19.55 -23.21 -40.92
CA GLN C 102 19.50 -23.51 -42.35
C GLN C 102 18.84 -22.36 -43.11
N ASN C 103 17.67 -21.93 -42.64
CA ASN C 103 16.98 -20.81 -43.30
C ASN C 103 17.70 -19.48 -43.15
N LYS C 104 18.37 -19.27 -42.01
CA LYS C 104 19.16 -18.04 -41.87
C LYS C 104 20.25 -17.97 -42.94
N ARG C 105 20.85 -19.11 -43.26
CA ARG C 105 21.94 -19.14 -44.25
C ARG C 105 21.43 -19.26 -45.68
N GLY C 106 20.13 -19.45 -45.83
CA GLY C 106 19.54 -19.54 -47.16
C GLY C 106 19.67 -20.93 -47.79
N GLY C 107 19.91 -21.94 -46.95
CA GLY C 107 19.81 -23.32 -47.39
C GLY C 107 18.37 -23.80 -47.30
N LYS C 108 18.06 -24.92 -47.94
CA LYS C 108 16.71 -25.44 -47.90
CA LYS C 108 16.71 -25.46 -47.92
C LYS C 108 16.62 -26.64 -46.97
N VAL C 109 15.75 -26.54 -45.98
CA VAL C 109 15.55 -27.61 -45.04
C VAL C 109 14.93 -28.80 -45.76
N LYS C 110 15.49 -29.99 -45.57
CA LYS C 110 14.85 -31.20 -46.07
C LYS C 110 14.72 -32.23 -44.97
N LEU C 111 13.54 -32.32 -44.37
CA LEU C 111 13.29 -33.32 -43.32
C LEU C 111 13.34 -34.70 -43.94
N GLN C 112 13.99 -35.63 -43.25
N GLN C 112 14.01 -35.64 -43.27
CA GLN C 112 14.17 -37.00 -43.74
CA GLN C 112 14.13 -37.00 -43.79
C GLN C 112 13.29 -37.95 -42.93
C GLN C 112 13.37 -37.96 -42.89
N SER C 113 13.26 -39.21 -43.32
CA SER C 113 12.48 -40.21 -42.58
C SER C 113 13.06 -40.43 -41.18
N ILE C 114 12.22 -40.88 -40.27
CA ILE C 114 12.69 -41.22 -38.94
C ILE C 114 12.35 -42.68 -38.74
N VAL C 115 13.33 -43.47 -38.32
CA VAL C 115 13.13 -44.90 -38.23
C VAL C 115 12.43 -45.28 -36.93
N MET C 116 11.79 -46.44 -36.93
CA MET C 116 11.17 -46.95 -35.72
C MET C 116 12.22 -47.19 -34.63
N PRO C 117 12.00 -46.65 -33.43
CA PRO C 117 12.95 -46.86 -32.33
C PRO C 117 12.60 -48.15 -31.59
N LEU C 118 13.48 -48.63 -30.71
CA LEU C 118 13.11 -49.73 -29.83
C LEU C 118 11.97 -49.27 -28.93
N SER C 119 11.14 -50.21 -28.49
CA SER C 119 10.04 -49.83 -27.61
C SER C 119 10.26 -50.31 -26.17
N ASP C 120 10.95 -51.42 -26.00
N ASP C 120 10.96 -51.42 -26.02
CA ASP C 120 11.17 -51.95 -24.66
CA ASP C 120 11.23 -52.00 -24.70
C ASP C 120 12.61 -51.76 -24.19
C ASP C 120 12.63 -51.66 -24.23
N PHE C 121 12.76 -51.29 -22.95
CA PHE C 121 14.06 -50.96 -22.40
C PHE C 121 14.41 -51.72 -21.13
N ASP C 122 13.89 -52.94 -20.99
CA ASP C 122 14.27 -53.71 -19.81
CA ASP C 122 14.23 -53.79 -19.85
C ASP C 122 15.58 -54.45 -20.06
N HIS C 123 16.27 -54.75 -18.98
CA HIS C 123 17.55 -55.44 -19.06
C HIS C 123 17.71 -56.30 -17.83
N ALA C 124 17.91 -57.60 -18.04
CA ALA C 124 17.97 -58.55 -16.94
C ALA C 124 19.11 -58.28 -15.97
N ASP C 125 20.31 -58.11 -16.52
N ASP C 125 20.32 -58.10 -16.50
CA ASP C 125 21.51 -57.89 -15.71
CA ASP C 125 21.49 -57.89 -15.66
C ASP C 125 21.54 -56.50 -15.09
C ASP C 125 21.57 -56.49 -15.08
N LYS C 126 21.46 -55.47 -15.95
CA LYS C 126 21.64 -54.09 -15.50
C LYS C 126 20.45 -53.49 -14.76
N GLY C 127 19.25 -53.97 -15.07
CA GLY C 127 18.02 -53.32 -14.61
C GLY C 127 17.64 -52.26 -15.62
N ASP C 128 16.34 -51.98 -15.76
CA ASP C 128 15.86 -51.08 -16.80
C ASP C 128 16.43 -49.66 -16.72
N ALA C 129 16.49 -49.13 -15.50
CA ALA C 129 16.91 -47.74 -15.31
C ALA C 129 18.34 -47.53 -15.75
N LEU C 130 19.25 -48.39 -15.28
CA LEU C 130 20.65 -48.26 -15.63
C LEU C 130 20.86 -48.47 -17.12
N HIS C 131 20.21 -49.47 -17.69
CA HIS C 131 20.31 -49.75 -19.12
C HIS C 131 19.87 -48.55 -19.95
N ALA C 132 18.73 -47.97 -19.59
CA ALA C 132 18.21 -46.82 -20.33
C ALA C 132 19.17 -45.63 -20.24
N MET C 133 19.74 -45.41 -19.07
CA MET C 133 20.68 -44.30 -18.89
C MET C 133 22.00 -44.53 -19.61
N GLU C 134 22.46 -45.78 -19.62
CA GLU C 134 23.65 -46.09 -20.40
C GLU C 134 23.38 -45.90 -21.90
N LEU C 135 22.20 -46.29 -22.34
N LEU C 135 22.19 -46.30 -22.35
CA LEU C 135 21.80 -46.06 -23.73
CA LEU C 135 21.80 -46.06 -23.74
C LEU C 135 21.77 -44.57 -24.05
C LEU C 135 21.77 -44.57 -24.05
N ALA C 136 21.20 -43.78 -23.14
CA ALA C 136 21.10 -42.35 -23.35
C ALA C 136 22.49 -41.73 -23.44
N LEU C 137 23.37 -42.17 -22.55
CA LEU C 137 24.74 -41.70 -22.59
C LEU C 137 25.37 -42.00 -23.95
N SER C 138 25.19 -43.22 -24.45
CA SER C 138 25.79 -43.58 -25.72
CA SER C 138 25.79 -43.59 -25.72
C SER C 138 25.18 -42.80 -26.88
N LEU C 139 23.89 -42.51 -26.78
CA LEU C 139 23.19 -41.72 -27.79
C LEU C 139 23.73 -40.28 -27.80
N GLU C 140 23.95 -39.71 -26.62
CA GLU C 140 24.53 -38.37 -26.52
C GLU C 140 25.98 -38.33 -27.03
N LYS C 141 26.75 -39.38 -26.78
CA LYS C 141 28.11 -39.44 -27.32
C LYS C 141 28.10 -39.59 -28.85
N LEU C 142 27.15 -40.36 -29.36
CA LEU C 142 27.00 -40.50 -30.81
C LEU C 142 26.65 -39.14 -31.43
N THR C 143 25.73 -38.43 -30.78
CA THR C 143 25.32 -37.11 -31.26
C THR C 143 26.49 -36.14 -31.23
N ASN C 144 27.33 -36.26 -30.21
CA ASN C 144 28.54 -35.45 -30.14
C ASN C 144 29.46 -35.74 -31.33
N GLU C 145 29.65 -37.01 -31.65
N GLU C 145 29.64 -37.01 -31.65
CA GLU C 145 30.48 -37.35 -32.80
CA GLU C 145 30.45 -37.39 -32.80
C GLU C 145 29.87 -36.78 -34.07
C GLU C 145 29.87 -36.78 -34.06
N LYS C 146 28.55 -36.86 -34.20
CA LYS C 146 27.85 -36.30 -35.35
C LYS C 146 28.04 -34.78 -35.44
N LEU C 147 27.93 -34.09 -34.29
CA LEU C 147 28.10 -32.65 -34.28
C LEU C 147 29.51 -32.27 -34.68
N LEU C 148 30.49 -33.02 -34.19
CA LEU C 148 31.89 -32.74 -34.52
C LEU C 148 32.14 -33.00 -36.00
N ASN C 149 31.46 -34.01 -36.55
N ASN C 149 31.45 -33.98 -36.58
CA ASN C 149 31.50 -34.28 -37.98
CA ASN C 149 31.57 -34.22 -38.01
C ASN C 149 30.99 -33.06 -38.76
C ASN C 149 30.96 -33.07 -38.81
N LEU C 150 29.84 -32.53 -38.34
CA LEU C 150 29.26 -31.36 -38.98
C LEU C 150 30.26 -30.20 -38.93
N HIS C 151 30.88 -30.03 -37.78
CA HIS C 151 31.89 -28.99 -37.63
C HIS C 151 33.05 -29.23 -38.61
N SER C 152 33.41 -30.50 -38.79
CA SER C 152 34.49 -30.84 -39.69
CA SER C 152 34.49 -30.85 -39.69
C SER C 152 34.16 -30.50 -41.14
N VAL C 153 32.92 -30.76 -41.54
CA VAL C 153 32.47 -30.38 -42.87
C VAL C 153 32.60 -28.87 -43.05
N ALA C 154 32.18 -28.11 -42.04
CA ALA C 154 32.29 -26.65 -42.08
C ALA C 154 33.74 -26.20 -42.22
N THR C 155 34.63 -26.76 -41.41
CA THR C 155 36.03 -26.36 -41.46
CA THR C 155 36.02 -26.35 -41.47
C THR C 155 36.65 -26.77 -42.80
N LYS C 156 36.31 -27.95 -43.29
CA LYS C 156 36.85 -28.42 -44.55
C LYS C 156 36.42 -27.51 -45.71
N ASN C 157 35.19 -27.01 -45.65
CA ASN C 157 34.68 -26.13 -46.70
C ASN C 157 34.96 -24.65 -46.45
N GLY C 158 35.65 -24.35 -45.36
CA GLY C 158 35.97 -22.98 -45.02
C GLY C 158 34.78 -22.14 -44.56
N ASP C 159 33.74 -22.77 -44.03
CA ASP C 159 32.58 -21.99 -43.61
C ASP C 159 32.75 -21.54 -42.17
N VAL C 160 33.24 -20.32 -42.03
CA VAL C 160 33.61 -19.83 -40.71
C VAL C 160 32.39 -19.70 -39.79
N GLN C 161 31.29 -19.19 -40.32
CA GLN C 161 30.15 -18.91 -39.44
C GLN C 161 29.41 -20.20 -39.08
N LEU C 162 29.35 -21.15 -39.99
CA LEU C 162 28.75 -22.44 -39.65
C LEU C 162 29.55 -23.12 -38.53
N ALA C 163 30.87 -23.14 -38.64
CA ALA C 163 31.68 -23.72 -37.57
C ALA C 163 31.43 -23.04 -36.23
N ASP C 164 31.31 -21.72 -36.27
CA ASP C 164 31.07 -20.94 -35.07
C ASP C 164 29.70 -21.27 -34.49
N PHE C 165 28.70 -21.41 -35.36
CA PHE C 165 27.35 -21.72 -34.89
C PHE C 165 27.35 -23.09 -34.19
N VAL C 166 28.01 -24.07 -34.79
CA VAL C 166 28.04 -25.38 -34.17
C VAL C 166 28.70 -25.34 -32.79
N GLU C 167 29.85 -24.67 -32.70
CA GLU C 167 30.54 -24.58 -31.42
C GLU C 167 29.69 -23.87 -30.36
N THR C 168 29.13 -22.73 -30.75
CA THR C 168 28.43 -21.87 -29.80
C THR C 168 27.11 -22.46 -29.34
N GLU C 169 26.31 -22.96 -30.28
CA GLU C 169 24.99 -23.45 -29.94
C GLU C 169 24.92 -24.92 -29.52
N TYR C 170 25.91 -25.72 -29.91
CA TYR C 170 25.82 -27.16 -29.69
C TYR C 170 26.92 -27.83 -28.86
N LEU C 171 28.18 -27.52 -29.11
CA LEU C 171 29.26 -28.34 -28.56
C LEU C 171 29.41 -28.24 -27.05
N GLY C 172 29.30 -27.03 -26.51
CA GLY C 172 29.40 -26.85 -25.08
C GLY C 172 28.24 -27.53 -24.37
N ALA C 173 27.04 -27.30 -24.90
CA ALA C 173 25.85 -27.93 -24.36
C ALA C 173 25.98 -29.44 -24.43
N GLN C 174 26.57 -29.96 -25.50
CA GLN C 174 26.67 -31.42 -25.63
CA GLN C 174 26.69 -31.41 -25.63
C GLN C 174 27.59 -31.97 -24.54
N VAL C 175 28.68 -31.27 -24.27
CA VAL C 175 29.58 -31.66 -23.18
C VAL C 175 28.84 -31.69 -21.84
N GLU C 176 28.03 -30.67 -21.56
CA GLU C 176 27.25 -30.63 -20.34
C GLU C 176 26.26 -31.80 -20.26
N ALA C 177 25.58 -32.09 -21.36
CA ALA C 177 24.59 -33.17 -21.35
C ALA C 177 25.25 -34.51 -21.10
N ILE C 178 26.44 -34.69 -21.68
CA ILE C 178 27.19 -35.92 -21.46
C ILE C 178 27.62 -36.06 -20.01
N LYS C 179 28.10 -34.99 -19.37
CA LYS C 179 28.47 -35.10 -17.96
C LYS C 179 27.25 -35.43 -17.11
N ARG C 180 26.15 -34.76 -17.41
CA ARG C 180 24.91 -34.92 -16.63
C ARG C 180 24.45 -36.38 -16.63
N ILE C 181 24.38 -36.98 -17.81
CA ILE C 181 23.92 -38.36 -17.90
C ILE C 181 24.96 -39.34 -17.36
N SER C 182 26.23 -39.01 -17.54
CA SER C 182 27.27 -39.84 -16.92
C SER C 182 27.09 -39.92 -15.40
N GLU C 183 26.77 -38.79 -14.79
CA GLU C 183 26.51 -38.73 -13.35
C GLU C 183 25.31 -39.61 -12.96
N TYR C 184 24.30 -39.65 -13.81
CA TYR C 184 23.14 -40.49 -13.54
C TYR C 184 23.53 -41.97 -13.58
N VAL C 185 24.29 -42.36 -14.60
CA VAL C 185 24.78 -43.73 -14.70
C VAL C 185 25.58 -44.08 -13.44
N ALA C 186 26.47 -43.19 -13.03
CA ALA C 186 27.31 -43.43 -11.85
C ALA C 186 26.47 -43.63 -10.59
N GLN C 187 25.43 -42.82 -10.44
CA GLN C 187 24.60 -42.91 -9.25
C GLN C 187 23.79 -44.19 -9.25
N LEU C 188 23.22 -44.53 -10.40
CA LEU C 188 22.46 -45.77 -10.52
CA LEU C 188 22.48 -45.79 -10.58
C LEU C 188 23.35 -46.98 -10.19
N ARG C 189 24.59 -46.96 -10.66
CA ARG C 189 25.52 -48.02 -10.32
C ARG C 189 25.79 -48.08 -8.81
N ARG C 190 25.92 -46.91 -8.19
CA ARG C 190 26.20 -46.87 -6.75
C ARG C 190 25.03 -47.40 -5.89
N VAL C 191 23.81 -46.96 -6.22
CA VAL C 191 22.67 -47.31 -5.36
C VAL C 191 22.18 -48.75 -5.59
N GLY C 192 22.41 -49.28 -6.78
CA GLY C 192 22.01 -50.65 -7.08
C GLY C 192 20.52 -50.87 -7.29
N LYS C 193 20.15 -52.06 -7.73
CA LYS C 193 18.77 -52.34 -8.14
C LYS C 193 17.78 -52.36 -6.97
N GLY C 194 16.50 -52.14 -7.28
CA GLY C 194 15.45 -52.22 -6.27
C GLY C 194 15.20 -50.91 -5.54
N HIS C 195 15.33 -50.92 -4.23
CA HIS C 195 15.09 -49.73 -3.42
C HIS C 195 15.99 -48.57 -3.89
N GLY C 196 17.26 -48.86 -4.17
CA GLY C 196 18.18 -47.80 -4.59
C GLY C 196 17.72 -47.11 -5.88
N VAL C 197 17.38 -47.89 -6.89
CA VAL C 197 16.92 -47.33 -8.16
C VAL C 197 15.67 -46.49 -7.97
N TRP C 198 14.73 -46.99 -7.19
CA TRP C 198 13.50 -46.25 -6.93
C TRP C 198 13.82 -44.91 -6.25
N HIS C 199 14.81 -44.93 -5.37
CA HIS C 199 15.16 -43.73 -4.61
C HIS C 199 15.86 -42.73 -5.54
N PHE C 200 16.80 -43.23 -6.34
CA PHE C 200 17.40 -42.39 -7.37
C PHE C 200 16.30 -41.77 -8.25
N ASP C 201 15.33 -42.60 -8.62
CA ASP C 201 14.25 -42.12 -9.47
C ASP C 201 13.45 -40.99 -8.78
N GLN C 202 13.20 -41.13 -7.48
CA GLN C 202 12.53 -40.07 -6.72
C GLN C 202 13.35 -38.78 -6.72
N MET C 203 14.67 -38.91 -6.62
CA MET C 203 15.56 -37.76 -6.69
C MET C 203 15.39 -37.06 -8.04
N LEU C 204 15.43 -37.85 -9.10
CA LEU C 204 15.35 -37.31 -10.46
C LEU C 204 13.99 -36.67 -10.69
N LEU C 205 12.96 -37.31 -10.16
CA LEU C 205 11.60 -36.79 -10.24
C LEU C 205 11.52 -35.36 -9.68
N HIS C 206 12.26 -35.11 -8.60
CA HIS C 206 12.19 -33.82 -7.93
C HIS C 206 13.38 -32.90 -8.21
N GLU C 207 14.23 -33.32 -9.13
CA GLU C 207 15.48 -32.62 -9.42
C GLU C 207 15.26 -31.14 -9.77
N ILE D 14 -40.88 -5.36 49.09
CA ILE D 14 -41.18 -3.93 48.97
C ILE D 14 -41.74 -3.62 47.58
N PHE D 15 -41.71 -4.61 46.70
CA PHE D 15 -42.21 -4.45 45.32
C PHE D 15 -42.45 -5.80 44.68
N GLU D 16 -43.70 -6.05 44.27
CA GLU D 16 -44.04 -7.31 43.61
C GLU D 16 -44.56 -7.04 42.21
N PRO D 17 -43.69 -7.18 41.19
CA PRO D 17 -44.04 -6.86 39.82
C PRO D 17 -45.35 -7.50 39.36
N PHE D 18 -45.55 -8.78 39.66
CA PHE D 18 -46.70 -9.52 39.14
C PHE D 18 -48.01 -9.13 39.82
N GLU D 19 -47.92 -8.47 40.96
CA GLU D 19 -49.10 -7.95 41.64
C GLU D 19 -49.44 -6.56 41.12
N GLU D 20 -48.43 -5.70 41.05
CA GLU D 20 -48.63 -4.30 40.70
C GLU D 20 -48.83 -4.15 39.19
N VAL D 21 -48.63 -5.24 38.47
CA VAL D 21 -48.80 -5.24 37.03
C VAL D 21 -50.22 -5.63 36.64
N LYS D 22 -50.92 -6.31 37.55
CA LYS D 22 -52.29 -6.78 37.28
C LYS D 22 -53.18 -5.65 36.77
N LYS D 23 -53.18 -4.53 37.48
CA LYS D 23 -53.99 -3.39 37.10
C LYS D 23 -53.52 -2.77 35.80
N GLU D 24 -52.27 -3.03 35.44
CA GLU D 24 -51.68 -2.48 34.23
C GLU D 24 -51.97 -3.38 33.01
N LEU D 25 -51.97 -4.69 33.25
CA LEU D 25 -52.21 -5.67 32.19
C LEU D 25 -53.68 -5.65 31.78
N ASP D 26 -54.55 -5.33 32.72
CA ASP D 26 -55.99 -5.25 32.46
C ASP D 26 -56.38 -3.94 31.78
N LEU D 27 -55.40 -3.07 31.54
CA LEU D 27 -55.64 -1.82 30.82
C LEU D 27 -55.17 -1.88 29.37
N VAL D 28 -54.49 -2.96 29.00
CA VAL D 28 -54.01 -3.12 27.62
C VAL D 28 -55.21 -3.12 26.66
N PRO D 29 -55.27 -2.12 25.76
CA PRO D 29 -56.39 -1.95 24.83
C PRO D 29 -56.69 -3.23 24.05
N THR D 30 -57.95 -3.40 23.65
CA THR D 30 -58.37 -4.57 22.90
C THR D 30 -58.85 -4.18 21.50
N VAL D 31 -59.34 -2.95 21.37
CA VAL D 31 -59.81 -2.42 20.09
C VAL D 31 -58.61 -2.03 19.24
N PRO D 32 -58.61 -2.43 17.96
CA PRO D 32 -57.41 -2.25 17.12
C PRO D 32 -57.04 -0.80 16.81
N GLN D 33 -57.98 0.13 17.00
CA GLN D 33 -57.74 1.54 16.70
C GLN D 33 -57.11 2.31 17.85
N ALA D 34 -57.15 1.75 19.06
CA ALA D 34 -56.59 2.44 20.20
C ALA D 34 -55.09 2.19 20.29
N SER D 35 -54.35 3.21 20.72
CA SER D 35 -52.94 3.09 20.97
C SER D 35 -52.66 2.17 22.15
N LEU D 36 -51.72 1.26 21.98
CA LEU D 36 -51.26 0.37 23.04
C LEU D 36 -50.22 1.05 23.92
N ALA D 37 -49.47 1.99 23.34
CA ALA D 37 -48.37 2.65 24.06
C ALA D 37 -48.82 3.76 25.00
N ARG D 38 -49.91 4.42 24.65
CA ARG D 38 -50.31 5.65 25.32
C ARG D 38 -50.42 5.51 26.84
N GLN D 39 -49.70 6.39 27.56
CA GLN D 39 -49.71 6.37 29.01
C GLN D 39 -49.48 7.75 29.58
N LYS D 40 -50.39 8.21 30.43
CA LYS D 40 -50.27 9.52 31.06
C LYS D 40 -50.01 10.60 30.03
N TYR D 41 -50.77 10.54 28.93
CA TYR D 41 -50.68 11.50 27.86
C TYR D 41 -52.10 11.99 27.63
N VAL D 42 -52.43 13.18 28.12
CA VAL D 42 -53.82 13.60 28.07
C VAL D 42 -54.19 14.28 26.75
N ASP D 43 -55.49 14.33 26.46
CA ASP D 43 -55.96 14.84 25.17
C ASP D 43 -55.48 16.24 24.85
N GLU D 44 -55.41 17.11 25.86
CA GLU D 44 -54.98 18.49 25.64
CA GLU D 44 -54.98 18.48 25.63
C GLU D 44 -53.53 18.55 25.18
N SER D 45 -52.69 17.65 25.70
CA SER D 45 -51.29 17.58 25.29
C SER D 45 -51.19 17.10 23.85
N GLU D 46 -51.92 16.02 23.56
CA GLU D 46 -52.01 15.49 22.19
C GLU D 46 -52.40 16.58 21.19
N SER D 47 -53.45 17.33 21.54
CA SER D 47 -53.95 18.40 20.68
CA SER D 47 -53.94 18.40 20.66
C SER D 47 -52.90 19.49 20.49
N ALA D 48 -52.21 19.84 21.57
CA ALA D 48 -51.20 20.89 21.49
C ALA D 48 -50.04 20.45 20.60
N VAL D 49 -49.68 19.18 20.67
CA VAL D 49 -48.64 18.67 19.78
C VAL D 49 -49.07 18.80 18.32
N ASN D 50 -50.34 18.50 18.03
CA ASN D 50 -50.83 18.65 16.67
C ASN D 50 -50.79 20.11 16.22
N GLU D 51 -51.09 21.03 17.14
CA GLU D 51 -51.03 22.44 16.79
CA GLU D 51 -51.03 22.44 16.79
C GLU D 51 -49.61 22.86 16.42
N GLN D 52 -48.64 22.42 17.19
CA GLN D 52 -47.25 22.79 16.91
C GLN D 52 -46.76 22.16 15.61
N ILE D 53 -47.19 20.95 15.34
CA ILE D 53 -46.86 20.35 14.04
C ILE D 53 -47.28 21.29 12.92
N ASN D 54 -48.49 21.82 13.04
CA ASN D 54 -49.02 22.73 12.03
C ASN D 54 -48.27 24.05 11.98
N VAL D 55 -47.81 24.53 13.13
CA VAL D 55 -47.00 25.74 13.17
C VAL D 55 -45.72 25.55 12.36
N GLU D 56 -45.01 24.45 12.62
CA GLU D 56 -43.75 24.17 11.93
C GLU D 56 -43.97 23.99 10.43
N TYR D 57 -45.06 23.31 10.09
CA TYR D 57 -45.34 23.04 8.67
C TYR D 57 -45.64 24.34 7.94
N ASN D 58 -46.38 25.23 8.61
CA ASN D 58 -46.65 26.55 8.05
C ASN D 58 -45.37 27.35 7.82
N VAL D 59 -44.45 27.30 8.78
CA VAL D 59 -43.19 28.02 8.63
C VAL D 59 -42.37 27.43 7.48
N SER D 60 -42.37 26.11 7.38
CA SER D 60 -41.74 25.46 6.23
C SER D 60 -42.29 26.01 4.91
N TYR D 61 -43.60 26.15 4.82
CA TYR D 61 -44.25 26.60 3.58
C TYR D 61 -43.89 28.05 3.28
N VAL D 62 -43.91 28.89 4.32
CA VAL D 62 -43.54 30.29 4.15
C VAL D 62 -42.11 30.44 3.64
N TYR D 63 -41.18 29.69 4.23
CA TYR D 63 -39.80 29.76 3.78
C TYR D 63 -39.69 29.29 2.33
N HIS D 64 -40.49 28.29 1.96
CA HIS D 64 -40.50 27.84 0.58
C HIS D 64 -40.96 28.96 -0.37
N ALA D 65 -41.95 29.74 0.06
CA ALA D 65 -42.40 30.90 -0.72
C ALA D 65 -41.29 31.94 -0.82
N MET D 66 -40.55 32.14 0.27
CA MET D 66 -39.46 33.09 0.24
C MET D 66 -38.35 32.61 -0.70
N PHE D 67 -38.06 31.32 -0.67
CA PHE D 67 -37.13 30.73 -1.63
C PHE D 67 -37.59 31.05 -3.05
N ALA D 68 -38.87 30.81 -3.32
CA ALA D 68 -39.40 31.00 -4.67
C ALA D 68 -39.28 32.45 -5.13
N TYR D 69 -39.41 33.38 -4.20
CA TYR D 69 -39.23 34.79 -4.53
C TYR D 69 -37.77 35.12 -4.87
N PHE D 70 -36.84 34.72 -4.00
CA PHE D 70 -35.43 35.07 -4.21
C PHE D 70 -34.77 34.30 -5.35
N ASP D 71 -35.40 33.21 -5.78
CA ASP D 71 -34.95 32.42 -6.92
C ASP D 71 -35.39 33.05 -8.27
N ARG D 72 -36.17 34.12 -8.21
CA ARG D 72 -36.53 34.84 -9.45
C ARG D 72 -35.31 35.41 -10.16
N ASP D 73 -35.33 35.41 -11.49
CA ASP D 73 -34.19 35.88 -12.28
C ASP D 73 -33.91 37.37 -12.07
N ASN D 74 -34.96 38.15 -11.83
CA ASN D 74 -34.79 39.60 -11.64
C ASN D 74 -34.46 39.97 -10.20
N VAL D 75 -34.57 39.01 -9.29
CA VAL D 75 -34.17 39.23 -7.90
C VAL D 75 -32.72 38.78 -7.73
N ALA D 76 -32.47 37.53 -8.12
CA ALA D 76 -31.11 37.03 -8.29
C ALA D 76 -30.27 37.16 -7.03
N LEU D 77 -30.86 36.79 -5.90
CA LEU D 77 -30.09 36.73 -4.66
C LEU D 77 -29.93 35.26 -4.29
N ARG D 78 -28.86 34.65 -4.78
CA ARG D 78 -28.74 33.20 -4.73
C ARG D 78 -28.47 32.68 -3.33
N GLY D 79 -27.81 33.50 -2.50
CA GLY D 79 -27.54 33.13 -1.12
C GLY D 79 -28.82 33.07 -0.30
N LEU D 80 -29.64 34.10 -0.41
CA LEU D 80 -30.93 34.10 0.28
CA LEU D 80 -30.93 34.11 0.28
C LEU D 80 -31.83 32.97 -0.22
N ALA D 81 -31.85 32.75 -1.53
CA ALA D 81 -32.67 31.67 -2.08
C ALA D 81 -32.25 30.34 -1.48
N LYS D 82 -30.95 30.07 -1.48
CA LYS D 82 -30.43 28.84 -0.91
C LYS D 82 -30.73 28.74 0.59
N PHE D 83 -30.52 29.84 1.31
CA PHE D 83 -30.84 29.87 2.73
C PHE D 83 -32.30 29.52 3.01
N PHE D 84 -33.24 30.12 2.28
CA PHE D 84 -34.66 29.86 2.56
C PHE D 84 -35.08 28.48 2.10
N LYS D 85 -34.47 27.99 1.03
CA LYS D 85 -34.72 26.64 0.57
C LYS D 85 -34.29 25.63 1.66
N GLU D 86 -33.08 25.79 2.18
CA GLU D 86 -32.63 24.90 3.25
C GLU D 86 -33.45 25.07 4.51
N SER D 87 -33.83 26.32 4.83
CA SER D 87 -34.67 26.57 5.99
C SER D 87 -36.04 25.89 5.86
N SER D 88 -36.62 25.92 4.66
CA SER D 88 -37.89 25.22 4.46
C SER D 88 -37.76 23.73 4.74
N GLU D 89 -36.69 23.12 4.24
CA GLU D 89 -36.47 21.69 4.46
CA GLU D 89 -36.46 21.70 4.46
C GLU D 89 -36.30 21.39 5.94
N GLU D 90 -35.56 22.23 6.65
CA GLU D 90 -35.34 22.03 8.07
CA GLU D 90 -35.35 22.00 8.07
C GLU D 90 -36.66 22.14 8.84
N GLU D 91 -37.50 23.11 8.47
CA GLU D 91 -38.76 23.31 9.18
C GLU D 91 -39.66 22.09 9.02
N ARG D 92 -39.63 21.49 7.84
CA ARG D 92 -40.43 20.29 7.59
C ARG D 92 -39.92 19.14 8.46
N GLU D 93 -38.60 19.08 8.66
CA GLU D 93 -38.01 18.13 9.61
C GLU D 93 -38.49 18.39 11.04
N HIS D 94 -38.56 19.67 11.43
CA HIS D 94 -39.09 20.01 12.75
C HIS D 94 -40.52 19.51 12.90
N ALA D 95 -41.33 19.67 11.86
CA ALA D 95 -42.70 19.18 11.89
C ALA D 95 -42.72 17.66 11.99
N GLU D 96 -41.84 17.00 11.23
CA GLU D 96 -41.87 15.55 11.20
C GLU D 96 -41.43 14.93 12.53
N LYS D 97 -40.47 15.57 13.19
CA LYS D 97 -40.01 15.07 14.49
C LYS D 97 -41.14 15.14 15.52
N LEU D 98 -41.97 16.19 15.44
CA LEU D 98 -43.15 16.28 16.30
C LEU D 98 -44.19 15.22 15.94
N MET D 99 -44.37 14.97 14.64
CA MET D 99 -45.24 13.87 14.22
C MET D 99 -44.77 12.53 14.79
N GLU D 100 -43.47 12.29 14.71
CA GLU D 100 -42.93 11.05 15.25
C GLU D 100 -43.11 11.01 16.75
N TYR D 101 -42.87 12.13 17.43
CA TYR D 101 -43.09 12.18 18.88
C TYR D 101 -44.53 11.85 19.26
N GLN D 102 -45.48 12.43 18.53
CA GLN D 102 -46.91 12.14 18.74
C GLN D 102 -47.13 10.63 18.74
N ASN D 103 -46.59 9.95 17.73
CA ASN D 103 -46.75 8.50 17.67
C ASN D 103 -45.99 7.76 18.77
N LYS D 104 -44.85 8.30 19.18
CA LYS D 104 -44.14 7.68 20.30
C LYS D 104 -45.01 7.69 21.58
N ARG D 105 -45.73 8.77 21.80
CA ARG D 105 -46.59 8.88 22.98
C ARG D 105 -47.97 8.23 22.79
N GLY D 106 -48.26 7.76 21.59
CA GLY D 106 -49.55 7.13 21.36
C GLY D 106 -50.70 8.11 21.12
N GLY D 107 -50.37 9.35 20.77
CA GLY D 107 -51.36 10.30 20.30
C GLY D 107 -51.59 10.06 18.82
N LYS D 108 -52.66 10.63 18.27
CA LYS D 108 -52.91 10.51 16.84
C LYS D 108 -52.60 11.82 16.13
N VAL D 109 -51.65 11.77 15.19
CA VAL D 109 -51.33 12.94 14.37
C VAL D 109 -52.54 13.37 13.56
N LYS D 110 -52.79 14.67 13.53
CA LYS D 110 -53.85 15.23 12.70
C LYS D 110 -53.27 16.42 11.98
N LEU D 111 -52.87 16.22 10.73
CA LEU D 111 -52.39 17.32 9.93
C LEU D 111 -53.56 18.24 9.62
N GLN D 112 -53.32 19.55 9.68
N GLN D 112 -53.29 19.55 9.68
CA GLN D 112 -54.39 20.50 9.42
CA GLN D 112 -54.31 20.57 9.50
C GLN D 112 -54.10 21.26 8.13
C GLN D 112 -54.00 21.38 8.25
N SER D 113 -54.97 22.19 7.76
N SER D 113 -54.95 22.20 7.81
CA SER D 113 -54.78 22.96 6.54
CA SER D 113 -54.77 22.97 6.59
C SER D 113 -53.60 23.92 6.67
C SER D 113 -53.58 23.93 6.68
N ILE D 114 -53.01 24.27 5.53
CA ILE D 114 -51.94 25.25 5.50
C ILE D 114 -52.38 26.39 4.59
N VAL D 115 -52.41 27.60 5.13
CA VAL D 115 -52.94 28.74 4.39
C VAL D 115 -51.94 29.26 3.37
N MET D 116 -52.44 29.92 2.35
CA MET D 116 -51.58 30.49 1.33
C MET D 116 -50.67 31.54 1.95
N PRO D 117 -49.36 31.45 1.66
CA PRO D 117 -48.38 32.42 2.16
C PRO D 117 -48.33 33.62 1.21
N LEU D 118 -47.70 34.71 1.64
CA LEU D 118 -47.43 35.81 0.71
C LEU D 118 -46.52 35.27 -0.39
N SER D 119 -46.49 35.93 -1.54
CA SER D 119 -45.60 35.49 -2.60
C SER D 119 -44.50 36.49 -2.92
N ASP D 120 -44.78 37.77 -2.66
N ASP D 120 -44.76 37.77 -2.67
CA ASP D 120 -43.83 38.84 -2.92
CA ASP D 120 -43.77 38.79 -2.98
C ASP D 120 -43.15 39.27 -1.63
C ASP D 120 -43.18 39.43 -1.72
N PHE D 121 -41.86 39.55 -1.70
CA PHE D 121 -41.13 40.03 -0.53
C PHE D 121 -40.29 41.26 -0.82
N ASP D 122 -40.70 42.07 -1.79
CA ASP D 122 -39.99 43.32 -2.04
CA ASP D 122 -40.04 43.33 -2.07
C ASP D 122 -40.43 44.35 -1.02
N HIS D 123 -39.59 45.36 -0.83
CA HIS D 123 -39.87 46.43 0.12
C HIS D 123 -39.06 47.65 -0.31
N ALA D 124 -39.76 48.74 -0.60
CA ALA D 124 -39.14 49.95 -1.14
C ALA D 124 -38.07 50.54 -0.23
N ASP D 125 -38.44 50.75 1.03
N ASP D 125 -38.42 50.76 1.03
CA ASP D 125 -37.56 51.38 2.00
CA ASP D 125 -37.49 51.39 1.97
C ASP D 125 -36.43 50.45 2.46
C ASP D 125 -36.40 50.43 2.43
N LYS D 126 -36.81 49.26 2.91
CA LYS D 126 -35.84 48.32 3.49
C LYS D 126 -34.98 47.60 2.45
N GLY D 127 -35.53 47.36 1.27
CA GLY D 127 -34.92 46.48 0.31
C GLY D 127 -35.41 45.06 0.58
N ASP D 128 -35.48 44.21 -0.45
CA ASP D 128 -36.01 42.86 -0.31
C ASP D 128 -35.26 42.00 0.72
N ALA D 129 -33.93 42.02 0.68
CA ALA D 129 -33.16 41.15 1.57
C ALA D 129 -33.42 41.46 3.06
N LEU D 130 -33.32 42.72 3.43
CA LEU D 130 -33.53 43.09 4.83
C LEU D 130 -34.98 42.80 5.25
N HIS D 131 -35.93 43.15 4.39
CA HIS D 131 -37.33 42.89 4.68
C HIS D 131 -37.55 41.41 4.95
N ALA D 132 -37.01 40.59 4.07
CA ALA D 132 -37.19 39.14 4.20
C ALA D 132 -36.53 38.59 5.47
N MET D 133 -35.37 39.12 5.83
CA MET D 133 -34.69 38.62 7.02
CA MET D 133 -34.69 38.63 7.02
C MET D 133 -35.40 39.09 8.29
N GLU D 134 -35.96 40.30 8.25
CA GLU D 134 -36.72 40.78 9.40
C GLU D 134 -38.00 39.94 9.53
N LEU D 135 -38.58 39.57 8.40
N LEU D 135 -38.59 39.57 8.40
CA LEU D 135 -39.74 38.70 8.41
CA LEU D 135 -39.76 38.70 8.41
C LEU D 135 -39.41 37.33 8.99
C LEU D 135 -39.41 37.33 8.99
N ALA D 136 -38.29 36.76 8.56
CA ALA D 136 -37.85 35.48 9.09
C ALA D 136 -37.61 35.57 10.59
N LEU D 137 -37.00 36.67 11.03
CA LEU D 137 -36.75 36.85 12.47
C LEU D 137 -38.08 36.82 13.22
N SER D 138 -39.08 37.52 12.67
CA SER D 138 -40.40 37.60 13.29
C SER D 138 -41.06 36.23 13.34
N LEU D 139 -40.87 35.45 12.29
CA LEU D 139 -41.46 34.12 12.21
C LEU D 139 -40.82 33.19 13.21
N GLU D 140 -39.51 33.33 13.40
CA GLU D 140 -38.79 32.50 14.37
C GLU D 140 -39.16 32.86 15.81
N LYS D 141 -39.35 34.15 16.07
CA LYS D 141 -39.86 34.60 17.36
C LYS D 141 -41.30 34.12 17.60
N LEU D 142 -42.13 34.20 16.57
CA LEU D 142 -43.49 33.66 16.66
C LEU D 142 -43.47 32.16 16.94
N THR D 143 -42.59 31.44 16.26
CA THR D 143 -42.47 30.00 16.50
C THR D 143 -42.06 29.72 17.93
N ASN D 144 -41.13 30.53 18.43
CA ASN D 144 -40.68 30.43 19.82
C ASN D 144 -41.85 30.64 20.80
N GLU D 145 -42.70 31.64 20.53
CA GLU D 145 -43.90 31.84 21.34
CA GLU D 145 -43.89 31.85 21.33
C GLU D 145 -44.77 30.59 21.34
N LYS D 146 -44.98 30.00 20.16
CA LYS D 146 -45.79 28.79 20.00
C LYS D 146 -45.20 27.57 20.71
N LEU D 147 -43.88 27.39 20.58
CA LEU D 147 -43.21 26.32 21.33
C LEU D 147 -43.37 26.50 22.82
N LEU D 148 -43.26 27.74 23.29
CA LEU D 148 -43.45 27.99 24.71
C LEU D 148 -44.91 27.77 25.14
N ASN D 149 -45.85 27.98 24.23
CA ASN D 149 -47.25 27.61 24.48
C ASN D 149 -47.37 26.10 24.69
N LEU D 150 -46.74 25.34 23.79
CA LEU D 150 -46.77 23.88 23.88
C LEU D 150 -46.19 23.47 25.23
N HIS D 151 -45.07 24.10 25.60
CA HIS D 151 -44.46 23.84 26.90
C HIS D 151 -45.43 24.20 28.04
N SER D 152 -46.17 25.29 27.89
CA SER D 152 -47.13 25.69 28.93
C SER D 152 -48.25 24.66 29.11
N VAL D 153 -48.75 24.13 27.99
CA VAL D 153 -49.76 23.08 28.03
C VAL D 153 -49.19 21.82 28.71
N ALA D 154 -47.97 21.42 28.32
CA ALA D 154 -47.32 20.27 28.96
C ALA D 154 -47.22 20.48 30.46
N THR D 155 -46.74 21.65 30.87
CA THR D 155 -46.56 21.94 32.28
C THR D 155 -47.90 22.00 33.04
N LYS D 156 -48.90 22.63 32.43
CA LYS D 156 -50.20 22.75 33.08
C LYS D 156 -50.78 21.36 33.31
N ASN D 157 -50.47 20.44 32.40
CA ASN D 157 -50.98 19.08 32.50
C ASN D 157 -50.00 18.10 33.13
N GLY D 158 -48.94 18.65 33.71
CA GLY D 158 -47.95 17.85 34.42
C GLY D 158 -47.32 16.77 33.58
N ASP D 159 -47.16 17.00 32.27
CA ASP D 159 -46.54 16.00 31.41
C ASP D 159 -45.04 16.21 31.40
N VAL D 160 -44.37 15.47 32.28
CA VAL D 160 -42.94 15.62 32.50
C VAL D 160 -42.13 15.35 31.23
N GLN D 161 -42.44 14.25 30.53
CA GLN D 161 -41.60 13.86 29.40
C GLN D 161 -41.83 14.76 28.17
N LEU D 162 -43.07 15.23 27.99
CA LEU D 162 -43.36 16.13 26.90
C LEU D 162 -42.62 17.45 27.10
N ALA D 163 -42.64 17.97 28.33
CA ALA D 163 -41.95 19.22 28.60
C ALA D 163 -40.46 19.07 28.35
N ASP D 164 -39.89 17.94 28.77
CA ASP D 164 -38.47 17.69 28.56
C ASP D 164 -38.14 17.58 27.06
N PHE D 165 -39.00 16.90 26.32
CA PHE D 165 -38.83 16.78 24.88
C PHE D 165 -38.82 18.15 24.20
N VAL D 166 -39.75 19.01 24.56
CA VAL D 166 -39.84 20.34 23.94
C VAL D 166 -38.58 21.14 24.28
N GLU D 167 -38.18 21.11 25.56
CA GLU D 167 -36.98 21.82 25.97
C GLU D 167 -35.76 21.33 25.19
N THR D 168 -35.59 20.02 25.14
CA THR D 168 -34.35 19.42 24.66
C THR D 168 -34.24 19.51 23.15
N GLU D 169 -35.33 19.22 22.45
CA GLU D 169 -35.29 19.16 21.00
C GLU D 169 -35.62 20.47 20.32
N TYR D 170 -36.35 21.36 21.00
CA TYR D 170 -36.82 22.58 20.36
C TYR D 170 -36.36 23.92 20.93
N LEU D 171 -36.41 24.10 22.25
CA LEU D 171 -36.23 25.46 22.77
C LEU D 171 -34.83 26.01 22.63
N GLY D 172 -33.83 25.18 22.90
CA GLY D 172 -32.44 25.60 22.75
C GLY D 172 -32.14 25.93 21.30
N ALA D 173 -32.58 25.04 20.41
CA ALA D 173 -32.38 25.26 18.98
C ALA D 173 -33.08 26.54 18.50
N GLN D 174 -34.24 26.84 19.08
CA GLN D 174 -34.99 28.02 18.66
C GLN D 174 -34.24 29.30 19.09
N VAL D 175 -33.67 29.29 20.29
CA VAL D 175 -32.86 30.43 20.74
C VAL D 175 -31.69 30.65 19.77
N GLU D 176 -31.05 29.56 19.37
CA GLU D 176 -29.96 29.69 18.39
C GLU D 176 -30.41 30.19 17.02
N ALA D 177 -31.55 29.70 16.54
CA ALA D 177 -32.07 30.16 15.25
C ALA D 177 -32.35 31.66 15.30
N ILE D 178 -32.92 32.11 16.41
CA ILE D 178 -33.22 33.51 16.59
C ILE D 178 -31.96 34.39 16.63
N LYS D 179 -30.90 33.92 17.30
CA LYS D 179 -29.67 34.70 17.30
C LYS D 179 -29.06 34.73 15.89
N ARG D 180 -29.10 33.59 15.20
CA ARG D 180 -28.53 33.51 13.86
C ARG D 180 -29.17 34.50 12.89
N ILE D 181 -30.49 34.55 12.89
CA ILE D 181 -31.21 35.47 12.00
CA ILE D 181 -31.19 35.46 12.00
C ILE D 181 -31.06 36.92 12.44
N SER D 182 -31.02 37.15 13.75
CA SER D 182 -30.80 38.50 14.25
C SER D 182 -29.46 39.04 13.71
N GLU D 183 -28.42 38.21 13.75
CA GLU D 183 -27.12 38.60 13.19
C GLU D 183 -27.20 38.94 11.71
N TYR D 184 -28.01 38.19 10.96
CA TYR D 184 -28.20 38.47 9.54
C TYR D 184 -28.85 39.85 9.34
N VAL D 185 -29.88 40.14 10.15
CA VAL D 185 -30.52 41.44 10.07
C VAL D 185 -29.53 42.56 10.36
N ALA D 186 -28.74 42.37 11.41
CA ALA D 186 -27.76 43.37 11.80
C ALA D 186 -26.76 43.60 10.68
N GLN D 187 -26.31 42.53 10.04
CA GLN D 187 -25.31 42.66 8.98
C GLN D 187 -25.91 43.36 7.75
N LEU D 188 -27.14 43.03 7.41
CA LEU D 188 -27.82 43.66 6.28
C LEU D 188 -27.99 45.17 6.53
N ARG D 189 -28.34 45.53 7.76
CA ARG D 189 -28.46 46.94 8.10
C ARG D 189 -27.10 47.62 8.01
N ARG D 190 -26.03 46.91 8.33
CA ARG D 190 -24.70 47.51 8.30
C ARG D 190 -24.19 47.76 6.87
N VAL D 191 -24.37 46.78 5.99
CA VAL D 191 -23.80 46.85 4.64
C VAL D 191 -24.59 47.76 3.68
N GLY D 192 -25.87 47.96 3.95
CA GLY D 192 -26.68 48.84 3.14
C GLY D 192 -27.13 48.22 1.84
N LYS D 193 -28.12 48.84 1.21
CA LYS D 193 -28.66 48.33 -0.04
C LYS D 193 -27.64 48.36 -1.18
N GLY D 194 -27.85 47.49 -2.16
CA GLY D 194 -27.04 47.51 -3.37
C GLY D 194 -25.84 46.58 -3.30
N HIS D 195 -24.65 47.14 -3.50
CA HIS D 195 -23.43 46.34 -3.49
C HIS D 195 -23.31 45.58 -2.16
N GLY D 196 -23.63 46.25 -1.05
CA GLY D 196 -23.54 45.62 0.25
C GLY D 196 -24.42 44.40 0.40
N VAL D 197 -25.70 44.52 0.02
CA VAL D 197 -26.62 43.40 0.08
C VAL D 197 -26.15 42.24 -0.79
N TRP D 198 -25.71 42.55 -2.01
CA TRP D 198 -25.22 41.52 -2.91
C TRP D 198 -24.05 40.79 -2.30
N HIS D 199 -23.18 41.53 -1.62
CA HIS D 199 -21.99 40.93 -1.01
C HIS D 199 -22.38 40.06 0.19
N PHE D 200 -23.28 40.57 1.03
CA PHE D 200 -23.82 39.77 2.12
C PHE D 200 -24.41 38.47 1.58
N ASP D 201 -25.13 38.58 0.47
CA ASP D 201 -25.74 37.41 -0.15
C ASP D 201 -24.68 36.41 -0.62
N GLN D 202 -23.59 36.91 -1.21
CA GLN D 202 -22.47 36.04 -1.59
C GLN D 202 -21.91 35.30 -0.36
N MET D 203 -21.78 36.02 0.74
CA MET D 203 -21.29 35.42 1.98
C MET D 203 -22.21 34.27 2.39
N LEU D 204 -23.50 34.55 2.41
CA LEU D 204 -24.49 33.57 2.83
C LEU D 204 -24.49 32.39 1.87
N LEU D 205 -24.30 32.67 0.58
CA LEU D 205 -24.26 31.64 -0.44
C LEU D 205 -23.15 30.63 -0.17
N HIS D 206 -22.03 31.10 0.37
CA HIS D 206 -20.89 30.24 0.67
C HIS D 206 -20.68 30.00 2.17
N GLU D 207 -21.70 30.28 2.98
CA GLU D 207 -21.59 30.04 4.42
C GLU D 207 -21.74 28.56 4.76
N THR E 30 -46.03 -35.16 22.95
CA THR E 30 -47.25 -34.78 22.25
C THR E 30 -47.93 -33.56 22.88
N VAL E 31 -47.79 -33.40 24.19
CA VAL E 31 -48.35 -32.25 24.91
C VAL E 31 -47.35 -31.08 24.91
N PRO E 32 -47.82 -29.89 24.53
CA PRO E 32 -46.96 -28.74 24.21
C PRO E 32 -46.07 -28.25 25.36
N GLN E 33 -46.46 -28.52 26.60
CA GLN E 33 -45.71 -28.02 27.76
C GLN E 33 -44.56 -28.93 28.18
N ALA E 34 -44.58 -30.17 27.68
CA ALA E 34 -43.49 -31.12 27.99
C ALA E 34 -42.26 -30.87 27.12
N SER E 35 -41.08 -31.15 27.67
CA SER E 35 -39.84 -31.08 26.91
C SER E 35 -39.70 -32.26 25.95
N LEU E 36 -39.24 -31.99 24.73
CA LEU E 36 -38.93 -33.05 23.77
C LEU E 36 -37.53 -33.62 24.00
N ALA E 37 -36.63 -32.78 24.51
CA ALA E 37 -35.23 -33.17 24.63
C ALA E 37 -34.96 -33.99 25.88
N ARG E 38 -35.76 -33.78 26.92
CA ARG E 38 -35.46 -34.37 28.21
C ARG E 38 -35.23 -35.88 28.10
N GLN E 39 -34.08 -36.33 28.57
CA GLN E 39 -33.72 -37.75 28.57
C GLN E 39 -32.82 -38.07 29.75
N LYS E 40 -33.27 -39.01 30.59
CA LYS E 40 -32.49 -39.48 31.74
C LYS E 40 -32.01 -38.30 32.57
N TYR E 41 -32.95 -37.41 32.89
CA TYR E 41 -32.65 -36.21 33.66
C TYR E 41 -33.75 -36.13 34.70
N VAL E 42 -33.45 -36.57 35.91
CA VAL E 42 -34.49 -36.75 36.93
C VAL E 42 -34.83 -35.47 37.67
N ASP E 43 -35.99 -35.46 38.32
CA ASP E 43 -36.45 -34.27 39.05
C ASP E 43 -35.43 -33.76 40.04
N GLU E 44 -34.73 -34.69 40.71
CA GLU E 44 -33.73 -34.33 41.70
C GLU E 44 -32.59 -33.50 41.10
N SER E 45 -32.18 -33.87 39.89
CA SER E 45 -31.11 -33.17 39.19
C SER E 45 -31.60 -31.81 38.76
N GLU E 46 -32.80 -31.78 38.17
CA GLU E 46 -33.42 -30.54 37.74
C GLU E 46 -33.50 -29.55 38.89
N SER E 47 -33.97 -30.03 40.05
CA SER E 47 -34.10 -29.18 41.23
C SER E 47 -32.77 -28.64 41.72
N ALA E 48 -31.77 -29.50 41.74
CA ALA E 48 -30.44 -29.11 42.18
C ALA E 48 -29.84 -28.05 41.25
N VAL E 49 -30.08 -28.19 39.96
CA VAL E 49 -29.65 -27.17 39.02
C VAL E 49 -30.33 -25.82 39.33
N ASN E 50 -31.64 -25.84 39.54
CA ASN E 50 -32.33 -24.62 39.95
C ASN E 50 -31.76 -24.03 41.25
N GLU E 51 -31.44 -24.88 42.21
CA GLU E 51 -30.84 -24.41 43.46
CA GLU E 51 -30.84 -24.43 43.46
C GLU E 51 -29.51 -23.70 43.21
N GLN E 52 -28.67 -24.28 42.36
CA GLN E 52 -27.36 -23.68 42.09
C GLN E 52 -27.49 -22.37 41.32
N ILE E 53 -28.49 -22.29 40.43
CA ILE E 53 -28.78 -21.03 39.73
C ILE E 53 -29.02 -19.94 40.75
N ASN E 54 -29.78 -20.26 41.78
CA ASN E 54 -30.10 -19.29 42.82
C ASN E 54 -28.85 -18.94 43.63
N VAL E 55 -27.98 -19.93 43.85
CA VAL E 55 -26.72 -19.67 44.56
C VAL E 55 -25.89 -18.63 43.80
N GLU E 56 -25.66 -18.89 42.51
CA GLU E 56 -24.86 -17.99 41.68
C GLU E 56 -25.47 -16.60 41.58
N TYR E 57 -26.80 -16.53 41.45
CA TYR E 57 -27.48 -15.24 41.34
C TYR E 57 -27.34 -14.44 42.65
N ASN E 58 -27.47 -15.13 43.77
CA ASN E 58 -27.25 -14.50 45.09
C ASN E 58 -25.84 -13.93 45.20
N VAL E 59 -24.85 -14.70 44.78
CA VAL E 59 -23.47 -14.20 44.86
C VAL E 59 -23.29 -13.00 43.94
N SER E 60 -23.90 -13.04 42.76
CA SER E 60 -23.85 -11.88 41.87
C SER E 60 -24.38 -10.64 42.58
N TYR E 61 -25.50 -10.83 43.28
CA TYR E 61 -26.17 -9.72 43.95
C TYR E 61 -25.32 -9.20 45.10
N VAL E 62 -24.70 -10.10 45.85
CA VAL E 62 -23.82 -9.68 46.93
C VAL E 62 -22.64 -8.86 46.40
N TYR E 63 -22.01 -9.33 45.32
CA TYR E 63 -20.91 -8.56 44.75
C TYR E 63 -21.37 -7.20 44.24
N HIS E 64 -22.59 -7.13 43.73
CA HIS E 64 -23.09 -5.84 43.28
C HIS E 64 -23.19 -4.88 44.46
N ALA E 65 -23.62 -5.40 45.60
CA ALA E 65 -23.71 -4.60 46.82
C ALA E 65 -22.31 -4.14 47.23
N MET E 66 -21.33 -5.01 47.10
CA MET E 66 -19.94 -4.67 47.42
CA MET E 66 -19.97 -4.64 47.47
C MET E 66 -19.44 -3.56 46.52
N PHE E 67 -19.75 -3.67 45.23
CA PHE E 67 -19.40 -2.60 44.30
C PHE E 67 -20.00 -1.29 44.79
N ALA E 68 -21.27 -1.34 45.19
CA ALA E 68 -22.00 -0.12 45.55
C ALA E 68 -21.36 0.55 46.75
N TYR E 69 -20.80 -0.25 47.64
CA TYR E 69 -20.13 0.28 48.82
C TYR E 69 -18.81 0.93 48.45
N PHE E 70 -17.99 0.22 47.67
CA PHE E 70 -16.66 0.75 47.36
C PHE E 70 -16.70 1.91 46.37
N ASP E 71 -17.83 2.07 45.68
CA ASP E 71 -18.05 3.18 44.76
C ASP E 71 -18.49 4.47 45.49
N ARG E 72 -18.70 4.40 46.79
CA ARG E 72 -19.04 5.58 47.60
C ARG E 72 -17.90 6.60 47.56
N ASP E 73 -18.24 7.90 47.52
CA ASP E 73 -17.20 8.95 47.41
C ASP E 73 -16.22 8.97 48.58
N ASN E 74 -16.72 8.60 49.75
CA ASN E 74 -15.90 8.63 50.96
C ASN E 74 -15.13 7.34 51.20
N VAL E 75 -15.47 6.30 50.44
CA VAL E 75 -14.67 5.07 50.46
C VAL E 75 -13.59 5.17 49.38
N ALA E 76 -14.01 5.42 48.14
CA ALA E 76 -13.08 5.83 47.08
C ALA E 76 -11.98 4.81 46.82
N LEU E 77 -12.34 3.54 46.78
CA LEU E 77 -11.39 2.52 46.36
C LEU E 77 -11.85 2.02 45.00
N ARG E 78 -11.38 2.68 43.95
CA ARG E 78 -11.90 2.45 42.60
C ARG E 78 -11.54 1.07 42.07
N GLY E 79 -10.39 0.55 42.50
CA GLY E 79 -9.96 -0.77 42.07
C GLY E 79 -10.88 -1.86 42.60
N LEU E 80 -11.19 -1.79 43.88
CA LEU E 80 -12.12 -2.73 44.51
CA LEU E 80 -12.10 -2.76 44.47
C LEU E 80 -13.50 -2.59 43.89
N ALA E 81 -13.93 -1.36 43.68
CA ALA E 81 -15.24 -1.12 43.08
C ALA E 81 -15.33 -1.81 41.72
N LYS E 82 -14.33 -1.58 40.87
CA LYS E 82 -14.27 -2.20 39.55
C LYS E 82 -14.28 -3.73 39.66
N PHE E 83 -13.44 -4.27 40.54
CA PHE E 83 -13.37 -5.72 40.75
C PHE E 83 -14.72 -6.33 41.12
N PHE E 84 -15.42 -5.73 42.08
CA PHE E 84 -16.70 -6.30 42.48
C PHE E 84 -17.76 -6.09 41.41
N LYS E 85 -17.65 -4.98 40.67
CA LYS E 85 -18.61 -4.74 39.59
C LYS E 85 -18.48 -5.86 38.58
N GLU E 86 -17.24 -6.13 38.17
CA GLU E 86 -16.97 -7.15 37.16
C GLU E 86 -17.30 -8.54 37.69
N SER E 87 -16.99 -8.78 38.97
CA SER E 87 -17.32 -10.05 39.60
C SER E 87 -18.83 -10.29 39.62
N SER E 88 -19.60 -9.23 39.85
CA SER E 88 -21.05 -9.36 39.88
C SER E 88 -21.55 -9.79 38.50
N GLU E 89 -21.01 -9.14 37.48
CA GLU E 89 -21.38 -9.48 36.11
C GLU E 89 -21.01 -10.93 35.78
N GLU E 90 -19.81 -11.35 36.17
CA GLU E 90 -19.37 -12.72 35.92
CA GLU E 90 -19.37 -12.72 35.92
C GLU E 90 -20.24 -13.76 36.63
N GLU E 91 -20.65 -13.45 37.86
CA GLU E 91 -21.52 -14.36 38.62
C GLU E 91 -22.89 -14.54 37.96
N ARG E 92 -23.42 -13.45 37.40
CA ARG E 92 -24.68 -13.55 36.69
C ARG E 92 -24.50 -14.44 35.45
N GLU E 93 -23.34 -14.41 34.83
CA GLU E 93 -23.06 -15.29 33.69
C GLU E 93 -22.99 -16.74 34.15
N HIS E 94 -22.46 -16.97 35.35
CA HIS E 94 -22.45 -18.31 35.94
C HIS E 94 -23.87 -18.81 36.11
N ALA E 95 -24.74 -17.94 36.63
CA ALA E 95 -26.14 -18.28 36.76
C ALA E 95 -26.78 -18.59 35.40
N GLU E 96 -26.51 -17.74 34.43
CA GLU E 96 -27.15 -17.88 33.13
C GLU E 96 -26.69 -19.15 32.39
N LYS E 97 -25.44 -19.52 32.58
CA LYS E 97 -24.94 -20.74 31.95
C LYS E 97 -25.69 -21.97 32.46
N LEU E 98 -26.00 -21.97 33.76
CA LEU E 98 -26.79 -23.05 34.36
C LEU E 98 -28.24 -23.02 33.88
N MET E 99 -28.80 -21.82 33.71
CA MET E 99 -30.13 -21.66 33.14
C MET E 99 -30.19 -22.25 31.74
N GLU E 100 -29.18 -21.94 30.95
CA GLU E 100 -29.12 -22.49 29.60
C GLU E 100 -28.94 -24.00 29.63
N TYR E 101 -28.14 -24.49 30.56
CA TYR E 101 -27.92 -25.91 30.68
C TYR E 101 -29.19 -26.64 31.07
N GLN E 102 -29.91 -26.06 32.04
CA GLN E 102 -31.21 -26.59 32.42
C GLN E 102 -32.08 -26.84 31.18
N ASN E 103 -32.15 -25.85 30.30
CA ASN E 103 -32.93 -25.96 29.07
C ASN E 103 -32.35 -26.95 28.06
N LYS E 104 -31.02 -27.05 27.99
CA LYS E 104 -30.40 -28.06 27.14
C LYS E 104 -30.86 -29.46 27.53
N ARG E 105 -30.99 -29.70 28.84
CA ARG E 105 -31.37 -31.02 29.33
C ARG E 105 -32.88 -31.20 29.38
N GLY E 106 -33.61 -30.14 29.08
CA GLY E 106 -35.06 -30.24 29.03
C GLY E 106 -35.72 -30.16 30.40
N GLY E 107 -35.01 -29.62 31.38
CA GLY E 107 -35.61 -29.27 32.66
C GLY E 107 -36.19 -27.88 32.58
N LYS E 108 -36.98 -27.49 33.58
CA LYS E 108 -37.60 -26.18 33.58
C LYS E 108 -36.93 -25.27 34.61
N VAL E 109 -36.43 -24.13 34.15
CA VAL E 109 -35.83 -23.15 35.04
C VAL E 109 -36.87 -22.57 35.97
N LYS E 110 -36.57 -22.54 37.27
CA LYS E 110 -37.42 -21.88 38.26
C LYS E 110 -36.55 -20.93 39.06
N LEU E 111 -36.55 -19.66 38.68
CA LEU E 111 -35.80 -18.66 39.42
C LEU E 111 -36.48 -18.46 40.77
N GLN E 112 -35.66 -18.35 41.82
N GLN E 112 -35.69 -18.36 41.84
CA GLN E 112 -36.14 -18.20 43.18
CA GLN E 112 -36.25 -18.17 43.16
C GLN E 112 -35.88 -16.79 43.71
C GLN E 112 -35.91 -16.78 43.69
N SER E 113 -36.42 -16.47 44.89
CA SER E 113 -36.22 -15.14 45.45
C SER E 113 -34.75 -14.92 45.81
N ILE E 114 -34.33 -13.66 45.81
CA ILE E 114 -32.97 -13.32 46.22
C ILE E 114 -33.04 -12.41 47.44
N VAL E 115 -32.36 -12.81 48.52
CA VAL E 115 -32.48 -12.07 49.77
C VAL E 115 -31.68 -10.77 49.72
N MET E 116 -32.12 -9.81 50.52
CA MET E 116 -31.38 -8.57 50.69
C MET E 116 -29.97 -8.86 51.17
N PRO E 117 -28.96 -8.28 50.51
CA PRO E 117 -27.60 -8.45 51.02
C PRO E 117 -27.27 -7.35 52.02
N LEU E 118 -26.16 -7.51 52.72
CA LEU E 118 -25.60 -6.43 53.53
C LEU E 118 -25.26 -5.26 52.62
N SER E 119 -25.25 -4.05 53.18
CA SER E 119 -24.96 -2.85 52.40
CA SER E 119 -24.95 -2.87 52.38
C SER E 119 -23.61 -2.26 52.77
N ASP E 120 -23.24 -2.38 54.04
CA ASP E 120 -22.00 -1.77 54.53
C ASP E 120 -20.89 -2.80 54.71
N PHE E 121 -19.68 -2.45 54.30
CA PHE E 121 -18.56 -3.36 54.41
C PHE E 121 -17.36 -2.76 55.15
N ASP E 122 -17.65 -1.76 55.98
CA ASP E 122 -16.63 -1.17 56.85
C ASP E 122 -16.19 -2.18 57.90
N HIS E 123 -14.96 -2.07 58.37
CA HIS E 123 -14.46 -2.98 59.40
C HIS E 123 -13.27 -2.37 60.11
N ALA E 124 -13.43 -2.09 61.40
CA ALA E 124 -12.42 -1.33 62.15
C ALA E 124 -11.04 -1.98 62.16
N ASP E 125 -10.99 -3.22 62.64
CA ASP E 125 -9.72 -3.95 62.79
C ASP E 125 -9.08 -4.32 61.45
N LYS E 126 -9.84 -4.93 60.55
CA LYS E 126 -9.29 -5.40 59.28
C LYS E 126 -9.16 -4.28 58.25
N GLY E 127 -10.08 -3.31 58.30
CA GLY E 127 -10.17 -2.32 57.25
C GLY E 127 -11.15 -2.82 56.20
N ASP E 128 -11.82 -1.90 55.51
CA ASP E 128 -12.83 -2.28 54.55
C ASP E 128 -12.34 -3.24 53.46
N ALA E 129 -11.17 -2.94 52.87
CA ALA E 129 -10.67 -3.75 51.75
C ALA E 129 -10.43 -5.20 52.15
N LEU E 130 -9.64 -5.41 53.20
CA LEU E 130 -9.35 -6.76 53.65
C LEU E 130 -10.62 -7.51 54.08
N HIS E 131 -11.51 -6.81 54.79
CA HIS E 131 -12.76 -7.45 55.21
C HIS E 131 -13.57 -7.93 54.01
N ALA E 132 -13.72 -7.07 53.02
CA ALA E 132 -14.48 -7.42 51.82
C ALA E 132 -13.86 -8.60 51.08
N MET E 133 -12.54 -8.60 50.95
CA MET E 133 -11.87 -9.72 50.25
C MET E 133 -12.01 -11.02 51.03
N GLU E 134 -11.93 -10.94 52.36
CA GLU E 134 -12.14 -12.14 53.17
C GLU E 134 -13.58 -12.65 53.02
N LEU E 135 -14.53 -11.75 52.95
CA LEU E 135 -15.92 -12.12 52.70
CA LEU E 135 -15.92 -12.13 52.71
C LEU E 135 -16.06 -12.77 51.33
N ALA E 136 -15.49 -12.14 50.32
CA ALA E 136 -15.50 -12.72 48.98
C ALA E 136 -14.91 -14.12 48.98
N LEU E 137 -13.79 -14.30 49.67
CA LEU E 137 -13.15 -15.61 49.67
C LEU E 137 -14.09 -16.64 50.30
N SER E 138 -14.74 -16.27 51.40
CA SER E 138 -15.67 -17.18 52.06
C SER E 138 -16.89 -17.49 51.18
N LEU E 139 -17.37 -16.50 50.45
CA LEU E 139 -18.49 -16.72 49.51
C LEU E 139 -18.07 -17.68 48.41
N GLU E 140 -16.85 -17.53 47.91
CA GLU E 140 -16.37 -18.41 46.85
C GLU E 140 -16.19 -19.85 47.34
N LYS E 141 -15.71 -20.01 48.58
CA LYS E 141 -15.63 -21.35 49.18
C LYS E 141 -17.02 -21.94 49.46
N LEU E 142 -17.95 -21.09 49.87
CA LEU E 142 -19.32 -21.55 50.07
C LEU E 142 -19.90 -22.03 48.74
N THR E 143 -19.67 -21.26 47.68
CA THR E 143 -20.16 -21.63 46.36
C THR E 143 -19.51 -22.94 45.90
N ASN E 144 -18.24 -23.11 46.22
CA ASN E 144 -17.54 -24.36 45.89
C ASN E 144 -18.23 -25.56 46.57
N GLU E 145 -18.58 -25.40 47.84
CA GLU E 145 -19.32 -26.42 48.59
CA GLU E 145 -19.29 -26.46 48.55
C GLU E 145 -20.65 -26.75 47.90
N LYS E 146 -21.34 -25.71 47.46
CA LYS E 146 -22.63 -25.88 46.79
C LYS E 146 -22.49 -26.60 45.45
N LEU E 147 -21.48 -26.22 44.68
CA LEU E 147 -21.19 -26.88 43.42
C LEU E 147 -20.85 -28.34 43.60
N LEU E 148 -20.08 -28.64 44.65
CA LEU E 148 -19.74 -30.03 44.95
C LEU E 148 -20.96 -30.80 45.39
N ASN E 149 -21.89 -30.14 46.06
CA ASN E 149 -23.14 -30.81 46.42
CA ASN E 149 -23.18 -30.74 46.43
C ASN E 149 -23.98 -31.09 45.17
N LEU E 150 -23.98 -30.17 44.21
CA LEU E 150 -24.68 -30.37 42.96
C LEU E 150 -24.09 -31.57 42.22
N HIS E 151 -22.76 -31.66 42.22
CA HIS E 151 -22.08 -32.79 41.64
C HIS E 151 -22.48 -34.08 42.35
N SER E 152 -22.63 -34.01 43.68
CA SER E 152 -23.01 -35.22 44.41
CA SER E 152 -23.02 -35.20 44.45
C SER E 152 -24.44 -35.63 44.08
N VAL E 153 -25.32 -34.66 43.85
CA VAL E 153 -26.70 -34.98 43.42
C VAL E 153 -26.69 -35.65 42.04
N ALA E 154 -25.87 -35.14 41.13
CA ALA E 154 -25.74 -35.77 39.81
C ALA E 154 -25.24 -37.19 39.97
N THR E 155 -24.24 -37.36 40.84
CA THR E 155 -23.61 -38.65 41.01
C THR E 155 -24.60 -39.69 41.58
N LYS E 156 -25.33 -39.34 42.63
CA LYS E 156 -26.23 -40.30 43.27
C LYS E 156 -27.45 -40.62 42.40
N ASN E 157 -27.66 -39.82 41.36
CA ASN E 157 -28.70 -40.11 40.37
C ASN E 157 -28.13 -40.70 39.06
N GLY E 158 -26.82 -40.92 39.04
CA GLY E 158 -26.18 -41.56 37.91
C GLY E 158 -26.21 -40.70 36.66
N ASP E 159 -26.28 -39.37 36.83
CA ASP E 159 -26.32 -38.48 35.68
C ASP E 159 -24.92 -38.08 35.22
N VAL E 160 -24.40 -38.82 34.25
CA VAL E 160 -23.02 -38.66 33.81
C VAL E 160 -22.74 -37.26 33.25
N GLN E 161 -23.61 -36.78 32.37
CA GLN E 161 -23.36 -35.53 31.66
C GLN E 161 -23.52 -34.31 32.56
N LEU E 162 -24.44 -34.36 33.52
CA LEU E 162 -24.56 -33.25 34.48
C LEU E 162 -23.31 -33.19 35.35
N ALA E 163 -22.86 -34.34 35.84
CA ALA E 163 -21.63 -34.37 36.61
C ALA E 163 -20.48 -33.77 35.79
N ASP E 164 -20.37 -34.16 34.53
CA ASP E 164 -19.28 -33.66 33.68
C ASP E 164 -19.38 -32.17 33.42
N PHE E 165 -20.60 -31.67 33.24
CA PHE E 165 -20.81 -30.25 32.99
C PHE E 165 -20.34 -29.44 34.21
N VAL E 166 -20.66 -29.93 35.40
CA VAL E 166 -20.25 -29.23 36.62
C VAL E 166 -18.74 -29.24 36.75
N GLU E 167 -18.12 -30.38 36.51
CA GLU E 167 -16.66 -30.50 36.54
C GLU E 167 -16.00 -29.58 35.53
N THR E 168 -16.50 -29.61 34.30
CA THR E 168 -15.84 -28.91 33.19
C THR E 168 -16.04 -27.40 33.21
N GLU E 169 -17.27 -26.98 33.48
CA GLU E 169 -17.61 -25.57 33.40
C GLU E 169 -17.47 -24.83 34.74
N TYR E 170 -17.50 -25.56 35.86
CA TYR E 170 -17.49 -24.90 37.18
C TYR E 170 -16.37 -25.24 38.15
N LEU E 171 -16.03 -26.51 38.31
CA LEU E 171 -15.16 -26.88 39.42
C LEU E 171 -13.73 -26.34 39.30
N GLY E 172 -13.15 -26.43 38.11
CA GLY E 172 -11.82 -25.92 37.86
C GLY E 172 -11.76 -24.41 38.00
N ALA E 173 -12.73 -23.73 37.40
CA ALA E 173 -12.78 -22.28 37.49
C ALA E 173 -12.95 -21.85 38.94
N GLN E 174 -13.72 -22.62 39.69
CA GLN E 174 -13.99 -22.26 41.08
C GLN E 174 -12.70 -22.35 41.92
N VAL E 175 -11.89 -23.37 41.65
CA VAL E 175 -10.57 -23.48 42.28
C VAL E 175 -9.70 -22.28 41.95
N GLU E 176 -9.70 -21.85 40.69
CA GLU E 176 -8.94 -20.67 40.26
C GLU E 176 -9.40 -19.40 40.98
N ALA E 177 -10.72 -19.20 41.04
CA ALA E 177 -11.29 -18.03 41.70
C ALA E 177 -10.87 -17.98 43.17
N ILE E 178 -10.92 -19.14 43.81
CA ILE E 178 -10.54 -19.21 45.22
C ILE E 178 -9.06 -18.84 45.39
N LYS E 179 -8.20 -19.34 44.50
CA LYS E 179 -6.78 -18.99 44.62
C LYS E 179 -6.57 -17.49 44.40
N ARG E 180 -7.25 -16.97 43.40
CA ARG E 180 -7.10 -15.56 43.02
C ARG E 180 -7.45 -14.64 44.19
N ILE E 181 -8.57 -14.92 44.84
CA ILE E 181 -9.01 -14.05 45.93
C ILE E 181 -8.16 -14.28 47.18
N SER E 182 -7.75 -15.52 47.39
CA SER E 182 -6.81 -15.82 48.46
C SER E 182 -5.54 -14.97 48.33
N GLU E 183 -5.02 -14.82 47.10
CA GLU E 183 -3.83 -14.00 46.88
C GLU E 183 -4.09 -12.52 47.20
N TYR E 184 -5.29 -12.05 46.87
CA TYR E 184 -5.67 -10.69 47.24
C TYR E 184 -5.71 -10.51 48.76
N VAL E 185 -6.29 -11.48 49.46
CA VAL E 185 -6.32 -11.41 50.92
C VAL E 185 -4.89 -11.34 51.45
N ALA E 186 -4.03 -12.23 50.95
CA ALA E 186 -2.64 -12.26 51.41
C ALA E 186 -1.92 -10.92 51.19
N GLN E 187 -2.11 -10.34 50.01
CA GLN E 187 -1.48 -9.07 49.67
C GLN E 187 -2.00 -7.92 50.56
N LEU E 188 -3.31 -7.88 50.76
CA LEU E 188 -3.88 -6.88 51.66
C LEU E 188 -3.33 -6.99 53.07
N ARG E 189 -3.17 -8.21 53.56
CA ARG E 189 -2.57 -8.40 54.87
C ARG E 189 -1.13 -7.88 54.87
N ARG E 190 -0.42 -8.11 53.77
CA ARG E 190 0.99 -7.70 53.71
C ARG E 190 1.15 -6.17 53.67
N VAL E 191 0.33 -5.49 52.89
CA VAL E 191 0.55 -4.06 52.66
C VAL E 191 0.04 -3.20 53.83
N GLY E 192 -0.96 -3.72 54.54
CA GLY E 192 -1.50 -3.00 55.69
C GLY E 192 -2.42 -1.85 55.35
N LYS E 193 -3.16 -1.37 56.34
CA LYS E 193 -4.14 -0.31 56.13
C LYS E 193 -3.49 1.00 55.70
N GLY E 194 -4.25 1.81 54.97
CA GLY E 194 -3.80 3.16 54.65
C GLY E 194 -3.16 3.24 53.29
N HIS E 195 -1.93 3.74 53.25
CA HIS E 195 -1.21 3.89 51.99
C HIS E 195 -1.13 2.53 51.28
N GLY E 196 -0.83 1.48 52.03
CA GLY E 196 -0.70 0.14 51.44
C GLY E 196 -1.96 -0.30 50.72
N VAL E 197 -3.09 -0.15 51.38
CA VAL E 197 -4.37 -0.56 50.79
C VAL E 197 -4.71 0.26 49.56
N TRP E 198 -4.48 1.57 49.63
CA TRP E 198 -4.73 2.42 48.48
C TRP E 198 -3.87 2.00 47.30
N HIS E 199 -2.61 1.64 47.57
CA HIS E 199 -1.69 1.18 46.51
C HIS E 199 -2.14 -0.15 45.90
N PHE E 200 -2.49 -1.11 46.76
CA PHE E 200 -3.04 -2.37 46.30
C PHE E 200 -4.25 -2.11 45.40
N ASP E 201 -5.09 -1.17 45.82
CA ASP E 201 -6.27 -0.83 45.06
C ASP E 201 -5.91 -0.29 43.68
N GLN E 202 -4.90 0.57 43.61
CA GLN E 202 -4.40 1.08 42.33
C GLN E 202 -3.94 -0.05 41.43
N MET E 203 -3.24 -1.03 42.01
CA MET E 203 -2.81 -2.20 41.28
C MET E 203 -4.01 -2.94 40.69
N LEU E 204 -5.00 -3.21 41.53
CA LEU E 204 -6.20 -3.92 41.15
C LEU E 204 -6.95 -3.15 40.06
N LEU E 205 -6.97 -1.83 40.20
CA LEU E 205 -7.63 -0.97 39.23
C LEU E 205 -7.05 -1.13 37.83
N HIS E 206 -5.75 -1.38 37.75
CA HIS E 206 -5.09 -1.53 36.46
C HIS E 206 -4.69 -2.97 36.12
N GLU E 207 -5.22 -3.95 36.85
CA GLU E 207 -4.86 -5.34 36.63
CA GLU E 207 -4.92 -5.36 36.64
C GLU E 207 -5.47 -5.85 35.32
N ILE F 14 -44.35 -28.60 -39.22
CA ILE F 14 -43.74 -27.53 -38.43
C ILE F 14 -43.93 -27.77 -36.94
N PHE F 15 -43.12 -27.10 -36.13
CA PHE F 15 -43.20 -27.25 -34.67
C PHE F 15 -44.24 -26.32 -34.05
N GLU F 16 -45.20 -26.91 -33.34
CA GLU F 16 -46.21 -26.14 -32.60
C GLU F 16 -46.19 -26.57 -31.14
N PRO F 17 -45.45 -25.82 -30.30
CA PRO F 17 -45.21 -26.19 -28.90
C PRO F 17 -46.49 -26.46 -28.10
N PHE F 18 -47.52 -25.64 -28.25
CA PHE F 18 -48.74 -25.80 -27.46
C PHE F 18 -49.62 -26.97 -27.90
N GLU F 19 -49.40 -27.43 -29.13
CA GLU F 19 -50.08 -28.61 -29.64
C GLU F 19 -49.37 -29.87 -29.18
N GLU F 20 -48.07 -29.93 -29.42
CA GLU F 20 -47.27 -31.10 -29.11
C GLU F 20 -47.07 -31.26 -27.60
N VAL F 21 -47.39 -30.22 -26.84
CA VAL F 21 -47.16 -30.23 -25.39
C VAL F 21 -48.35 -30.76 -24.59
N LYS F 22 -49.54 -30.75 -25.19
CA LYS F 22 -50.73 -31.22 -24.50
C LYS F 22 -50.64 -32.70 -24.19
N LYS F 23 -49.93 -33.43 -25.05
CA LYS F 23 -49.67 -34.84 -24.83
C LYS F 23 -48.73 -35.02 -23.64
N GLU F 24 -48.05 -33.94 -23.29
CA GLU F 24 -47.04 -33.95 -22.24
C GLU F 24 -47.57 -33.36 -20.93
N LEU F 25 -48.64 -32.57 -21.04
CA LEU F 25 -49.14 -31.78 -19.92
C LEU F 25 -50.15 -32.53 -19.04
N ASP F 26 -50.86 -33.50 -19.63
CA ASP F 26 -51.81 -34.29 -18.86
C ASP F 26 -51.18 -35.58 -18.34
N LEU F 27 -49.85 -35.66 -18.45
CA LEU F 27 -49.10 -36.79 -17.91
C LEU F 27 -48.45 -36.42 -16.58
N VAL F 28 -48.34 -35.12 -16.31
CA VAL F 28 -47.76 -34.63 -15.06
C VAL F 28 -48.42 -35.31 -13.87
N PRO F 29 -47.63 -35.99 -13.02
CA PRO F 29 -48.15 -36.74 -11.86
C PRO F 29 -49.05 -35.91 -10.96
N THR F 30 -50.00 -36.57 -10.31
CA THR F 30 -50.94 -35.90 -9.39
C THR F 30 -50.73 -36.33 -7.94
N VAL F 31 -50.36 -37.58 -7.73
CA VAL F 31 -50.09 -38.10 -6.39
C VAL F 31 -48.71 -37.64 -5.89
N PRO F 32 -48.64 -37.21 -4.62
CA PRO F 32 -47.46 -36.53 -4.08
C PRO F 32 -46.20 -37.39 -4.05
N GLN F 33 -46.35 -38.72 -4.05
CA GLN F 33 -45.21 -39.63 -3.94
C GLN F 33 -44.51 -39.87 -5.27
N ALA F 34 -45.16 -39.51 -6.38
CA ALA F 34 -44.59 -39.73 -7.71
C ALA F 34 -43.64 -38.60 -8.12
N SER F 35 -42.57 -38.96 -8.82
CA SER F 35 -41.63 -37.96 -9.33
C SER F 35 -42.27 -37.16 -10.46
N LEU F 36 -42.06 -35.84 -10.44
CA LEU F 36 -42.52 -34.99 -11.52
C LEU F 36 -41.48 -34.96 -12.64
N ALA F 37 -40.21 -35.11 -12.27
CA ALA F 37 -39.13 -35.03 -13.24
C ALA F 37 -38.97 -36.28 -14.10
N ARG F 38 -39.33 -37.43 -13.56
CA ARG F 38 -38.96 -38.70 -14.21
C ARG F 38 -39.44 -38.78 -15.65
N GLN F 39 -38.54 -39.13 -16.57
CA GLN F 39 -38.85 -39.22 -17.99
C GLN F 39 -37.91 -40.17 -18.71
N LYS F 40 -38.48 -41.19 -19.35
CA LYS F 40 -37.67 -42.16 -20.07
C LYS F 40 -36.55 -42.69 -19.18
N TYR F 41 -36.93 -43.06 -17.97
CA TYR F 41 -36.02 -43.60 -16.98
C TYR F 41 -36.69 -44.82 -16.39
N VAL F 42 -36.32 -45.99 -16.91
CA VAL F 42 -37.03 -47.23 -16.60
C VAL F 42 -36.58 -47.86 -15.27
N ASP F 43 -37.45 -48.70 -14.72
CA ASP F 43 -37.16 -49.37 -13.46
C ASP F 43 -35.82 -50.09 -13.48
N GLU F 44 -35.46 -50.75 -14.59
CA GLU F 44 -34.18 -51.44 -14.65
C GLU F 44 -32.98 -50.49 -14.45
N SER F 45 -33.08 -49.29 -15.02
CA SER F 45 -32.01 -48.29 -14.86
C SER F 45 -31.95 -47.78 -13.42
N GLU F 46 -33.12 -47.44 -12.88
CA GLU F 46 -33.22 -47.00 -11.50
C GLU F 46 -32.60 -48.02 -10.54
N SER F 47 -32.93 -49.30 -10.74
N SER F 47 -32.94 -49.29 -10.74
CA SER F 47 -32.41 -50.36 -9.89
CA SER F 47 -32.41 -50.37 -9.91
C SER F 47 -30.89 -50.51 -10.03
C SER F 47 -30.90 -50.51 -10.03
N ALA F 48 -30.39 -50.37 -11.25
CA ALA F 48 -28.96 -50.53 -11.50
C ALA F 48 -28.17 -49.40 -10.85
N VAL F 49 -28.75 -48.21 -10.87
CA VAL F 49 -28.13 -47.07 -10.20
C VAL F 49 -28.08 -47.30 -8.69
N ASN F 50 -29.17 -47.82 -8.14
CA ASN F 50 -29.16 -48.17 -6.72
C ASN F 50 -28.12 -49.22 -6.38
N GLU F 51 -27.98 -50.22 -7.25
CA GLU F 51 -26.95 -51.23 -7.05
C GLU F 51 -25.55 -50.62 -7.05
N GLN F 52 -25.28 -49.69 -7.97
CA GLN F 52 -23.94 -49.10 -8.03
C GLN F 52 -23.68 -48.20 -6.83
N ILE F 53 -24.73 -47.55 -6.34
CA ILE F 53 -24.58 -46.77 -5.11
C ILE F 53 -24.04 -47.68 -4.01
N ASN F 54 -24.65 -48.86 -3.86
CA ASN F 54 -24.23 -49.80 -2.84
C ASN F 54 -22.80 -50.31 -3.10
N VAL F 55 -22.43 -50.44 -4.37
CA VAL F 55 -21.06 -50.86 -4.70
C VAL F 55 -20.05 -49.83 -4.22
N GLU F 56 -20.29 -48.57 -4.56
CA GLU F 56 -19.36 -47.50 -4.15
C GLU F 56 -19.35 -47.37 -2.63
N TYR F 57 -20.52 -47.46 -2.00
CA TYR F 57 -20.59 -47.37 -0.53
C TYR F 57 -19.79 -48.49 0.13
N ASN F 58 -19.95 -49.71 -0.36
CA ASN F 58 -19.16 -50.83 0.16
C ASN F 58 -17.65 -50.63 -0.01
N VAL F 59 -17.22 -50.10 -1.14
CA VAL F 59 -15.80 -49.89 -1.37
C VAL F 59 -15.29 -48.81 -0.42
N SER F 60 -16.11 -47.79 -0.19
CA SER F 60 -15.80 -46.79 0.82
C SER F 60 -15.53 -47.44 2.17
N TYR F 61 -16.41 -48.35 2.57
CA TYR F 61 -16.32 -49.04 3.87
C TYR F 61 -15.06 -49.89 3.93
N VAL F 62 -14.78 -50.62 2.85
CA VAL F 62 -13.54 -51.41 2.80
C VAL F 62 -12.29 -50.55 2.94
N TYR F 63 -12.23 -49.42 2.24
CA TYR F 63 -11.08 -48.53 2.39
C TYR F 63 -10.99 -47.98 3.81
N HIS F 64 -12.13 -47.78 4.46
CA HIS F 64 -12.11 -47.29 5.83
C HIS F 64 -11.52 -48.39 6.72
N ALA F 65 -11.87 -49.64 6.44
CA ALA F 65 -11.27 -50.77 7.17
C ALA F 65 -9.75 -50.81 6.95
N MET F 66 -9.33 -50.57 5.72
CA MET F 66 -7.89 -50.58 5.42
C MET F 66 -7.18 -49.43 6.13
N PHE F 67 -7.80 -48.26 6.15
CA PHE F 67 -7.28 -47.16 6.95
C PHE F 67 -7.07 -47.61 8.40
N ALA F 68 -8.11 -48.19 8.98
CA ALA F 68 -8.09 -48.57 10.39
C ALA F 68 -6.97 -49.58 10.70
N TYR F 69 -6.64 -50.42 9.73
CA TYR F 69 -5.55 -51.36 9.90
C TYR F 69 -4.21 -50.65 9.90
N PHE F 70 -3.98 -49.80 8.91
CA PHE F 70 -2.66 -49.18 8.78
C PHE F 70 -2.39 -48.09 9.80
N ASP F 71 -3.47 -47.64 10.45
CA ASP F 71 -3.39 -46.66 11.52
C ASP F 71 -3.02 -47.33 12.86
N ARG F 72 -2.95 -48.65 12.90
CA ARG F 72 -2.56 -49.33 14.15
C ARG F 72 -1.13 -48.95 14.55
N ASP F 73 -0.87 -48.86 15.85
CA ASP F 73 0.42 -48.43 16.34
C ASP F 73 1.55 -49.40 15.94
N ASN F 74 1.22 -50.69 15.82
CA ASN F 74 2.23 -51.68 15.51
C ASN F 74 2.43 -51.87 14.02
N VAL F 75 1.54 -51.26 13.23
CA VAL F 75 1.68 -51.31 11.78
C VAL F 75 2.38 -50.03 11.33
N ALA F 76 1.85 -48.88 11.73
CA ALA F 76 2.56 -47.61 11.62
C ALA F 76 3.06 -47.28 10.21
N LEU F 77 2.17 -47.46 9.25
CA LEU F 77 2.41 -47.00 7.88
C LEU F 77 1.47 -45.83 7.64
N ARG F 78 1.95 -44.63 7.98
CA ARG F 78 1.10 -43.45 8.02
C ARG F 78 0.68 -43.01 6.64
N GLY F 79 1.53 -43.26 5.64
CA GLY F 79 1.22 -42.87 4.28
C GLY F 79 0.09 -43.70 3.71
N LEU F 80 0.14 -45.02 3.95
CA LEU F 80 -0.96 -45.88 3.53
C LEU F 80 -2.24 -45.57 4.30
N ALA F 81 -2.12 -45.32 5.61
CA ALA F 81 -3.30 -44.96 6.40
C ALA F 81 -3.98 -43.75 5.79
N LYS F 82 -3.19 -42.72 5.50
CA LYS F 82 -3.75 -41.49 4.94
C LYS F 82 -4.37 -41.74 3.57
N PHE F 83 -3.70 -42.55 2.75
CA PHE F 83 -4.20 -42.86 1.42
C PHE F 83 -5.54 -43.58 1.49
N PHE F 84 -5.65 -44.60 2.33
CA PHE F 84 -6.91 -45.31 2.43
C PHE F 84 -8.00 -44.46 3.09
N LYS F 85 -7.61 -43.60 4.03
CA LYS F 85 -8.58 -42.72 4.68
C LYS F 85 -9.18 -41.78 3.63
N GLU F 86 -8.33 -41.18 2.80
CA GLU F 86 -8.80 -40.26 1.77
C GLU F 86 -9.57 -41.00 0.69
N SER F 87 -9.13 -42.21 0.34
CA SER F 87 -9.85 -43.02 -0.64
C SER F 87 -11.26 -43.35 -0.16
N SER F 88 -11.38 -43.69 1.12
CA SER F 88 -12.69 -43.99 1.68
C SER F 88 -13.62 -42.80 1.50
N GLU F 89 -13.12 -41.61 1.80
CA GLU F 89 -13.93 -40.40 1.72
C GLU F 89 -14.35 -40.13 0.28
N GLU F 90 -13.42 -40.31 -0.65
CA GLU F 90 -13.72 -40.11 -2.08
CA GLU F 90 -13.71 -40.12 -2.07
C GLU F 90 -14.75 -41.13 -2.57
N GLU F 91 -14.64 -42.37 -2.13
CA GLU F 91 -15.60 -43.40 -2.52
C GLU F 91 -17.01 -43.05 -2.04
N ARG F 92 -17.12 -42.52 -0.83
CA ARG F 92 -18.43 -42.08 -0.35
C ARG F 92 -18.96 -40.95 -1.22
N GLU F 93 -18.07 -40.08 -1.69
CA GLU F 93 -18.48 -39.03 -2.62
C GLU F 93 -19.00 -39.65 -3.92
N HIS F 94 -18.33 -40.69 -4.40
CA HIS F 94 -18.82 -41.38 -5.60
C HIS F 94 -20.23 -41.92 -5.40
N ALA F 95 -20.48 -42.51 -4.23
CA ALA F 95 -21.82 -43.01 -3.92
C ALA F 95 -22.81 -41.86 -3.88
N GLU F 96 -22.42 -40.74 -3.26
CA GLU F 96 -23.34 -39.63 -3.11
C GLU F 96 -23.69 -39.01 -4.46
N LYS F 97 -22.73 -38.98 -5.37
CA LYS F 97 -22.99 -38.40 -6.68
C LYS F 97 -24.04 -39.21 -7.43
N LEU F 98 -23.98 -40.53 -7.27
CA LEU F 98 -25.00 -41.41 -7.86
C LEU F 98 -26.37 -41.25 -7.18
N MET F 99 -26.36 -41.01 -5.86
CA MET F 99 -27.60 -40.73 -5.15
C MET F 99 -28.23 -39.46 -5.70
N GLU F 100 -27.40 -38.45 -5.90
CA GLU F 100 -27.89 -37.19 -6.47
C GLU F 100 -28.41 -37.42 -7.88
N TYR F 101 -27.70 -38.23 -8.65
CA TYR F 101 -28.09 -38.48 -10.04
C TYR F 101 -29.45 -39.17 -10.10
N GLN F 102 -29.61 -40.20 -9.28
CA GLN F 102 -30.89 -40.89 -9.15
C GLN F 102 -32.03 -39.88 -8.97
N ASN F 103 -31.84 -38.94 -8.05
CA ASN F 103 -32.83 -37.91 -7.82
C ASN F 103 -33.00 -36.93 -8.99
N LYS F 104 -31.91 -36.61 -9.67
CA LYS F 104 -32.04 -35.76 -10.87
C LYS F 104 -32.96 -36.40 -11.89
N ARG F 105 -32.91 -37.73 -11.98
CA ARG F 105 -33.70 -38.46 -13.00
C ARG F 105 -35.08 -38.87 -12.49
N GLY F 106 -35.34 -38.63 -11.20
CA GLY F 106 -36.64 -38.95 -10.62
C GLY F 106 -36.80 -40.41 -10.25
N GLY F 107 -35.69 -41.12 -10.12
CA GLY F 107 -35.74 -42.44 -9.51
C GLY F 107 -35.68 -42.29 -7.99
N LYS F 108 -36.01 -43.36 -7.28
CA LYS F 108 -35.98 -43.32 -5.82
C LYS F 108 -34.77 -44.06 -5.27
N VAL F 109 -33.91 -43.33 -4.56
CA VAL F 109 -32.74 -43.92 -3.93
C VAL F 109 -33.18 -44.96 -2.89
N LYS F 110 -32.60 -46.14 -2.97
CA LYS F 110 -32.77 -47.16 -1.94
C LYS F 110 -31.42 -47.66 -1.45
N LEU F 111 -31.01 -47.20 -0.27
CA LEU F 111 -29.74 -47.64 0.28
C LEU F 111 -29.87 -49.07 0.77
N GLN F 112 -28.89 -49.89 0.46
CA GLN F 112 -28.91 -51.30 0.84
C GLN F 112 -27.94 -51.57 1.98
N SER F 113 -28.06 -52.73 2.59
CA SER F 113 -27.18 -53.09 3.70
C SER F 113 -25.74 -53.08 3.21
N ILE F 114 -24.82 -52.85 4.13
CA ILE F 114 -23.40 -52.88 3.85
C ILE F 114 -22.78 -54.02 4.65
N VAL F 115 -22.00 -54.87 3.99
CA VAL F 115 -21.48 -56.06 4.66
C VAL F 115 -20.22 -55.77 5.46
N MET F 116 -19.98 -56.57 6.49
CA MET F 116 -18.74 -56.46 7.26
CA MET F 116 -18.75 -56.49 7.26
C MET F 116 -17.54 -56.72 6.35
N PRO F 117 -16.56 -55.82 6.36
CA PRO F 117 -15.34 -55.99 5.55
C PRO F 117 -14.29 -56.78 6.34
N LEU F 118 -13.23 -57.21 5.67
CA LEU F 118 -12.07 -57.75 6.39
C LEU F 118 -11.50 -56.68 7.32
N SER F 119 -10.85 -57.09 8.41
CA SER F 119 -10.25 -56.12 9.32
C SER F 119 -8.72 -56.18 9.29
N ASP F 120 -8.18 -57.36 9.02
CA ASP F 120 -6.73 -57.58 9.02
CA ASP F 120 -6.73 -57.53 9.02
C ASP F 120 -6.19 -57.69 7.61
N PHE F 121 -5.08 -57.01 7.34
CA PHE F 121 -4.50 -57.00 6.01
C PHE F 121 -3.04 -57.40 5.99
N ASP F 122 -2.60 -58.18 6.98
CA ASP F 122 -1.22 -58.64 6.95
CA ASP F 122 -1.23 -58.69 7.01
C ASP F 122 -1.08 -59.81 6.00
N HIS F 123 0.14 -60.04 5.53
CA HIS F 123 0.40 -61.09 4.57
C HIS F 123 1.86 -61.50 4.68
N ALA F 124 2.09 -62.75 5.06
CA ALA F 124 3.44 -63.25 5.33
C ALA F 124 4.38 -63.11 4.14
N ASP F 125 3.95 -63.62 2.99
CA ASP F 125 4.80 -63.63 1.80
CA ASP F 125 4.80 -63.62 1.81
C ASP F 125 4.94 -62.23 1.22
N LYS F 126 3.80 -61.56 0.99
CA LYS F 126 3.81 -60.27 0.30
C LYS F 126 4.19 -59.10 1.19
N GLY F 127 3.81 -59.19 2.47
CA GLY F 127 3.91 -58.05 3.37
C GLY F 127 2.60 -57.29 3.31
N ASP F 128 2.25 -56.61 4.42
CA ASP F 128 0.96 -55.93 4.50
C ASP F 128 0.75 -54.85 3.44
N ALA F 129 1.75 -54.00 3.25
CA ALA F 129 1.64 -52.90 2.28
C ALA F 129 1.31 -53.42 0.88
N LEU F 130 2.10 -54.37 0.38
CA LEU F 130 1.89 -54.87 -0.97
C LEU F 130 0.54 -55.58 -1.08
N HIS F 131 0.23 -56.41 -0.08
CA HIS F 131 -1.03 -57.13 -0.09
C HIS F 131 -2.22 -56.16 -0.15
N ALA F 132 -2.20 -55.14 0.71
CA ALA F 132 -3.26 -54.14 0.73
C ALA F 132 -3.39 -53.43 -0.62
N MET F 133 -2.27 -53.09 -1.23
CA MET F 133 -2.34 -52.41 -2.52
C MET F 133 -2.84 -53.31 -3.64
N GLU F 134 -2.50 -54.59 -3.61
CA GLU F 134 -3.00 -55.51 -4.63
C GLU F 134 -4.49 -55.72 -4.44
N LEU F 135 -4.92 -55.74 -3.18
CA LEU F 135 -6.35 -55.87 -2.88
CA LEU F 135 -6.34 -55.86 -2.86
C LEU F 135 -7.10 -54.64 -3.37
N ALA F 136 -6.53 -53.46 -3.11
CA ALA F 136 -7.13 -52.21 -3.61
C ALA F 136 -7.23 -52.22 -5.14
N LEU F 137 -6.17 -52.67 -5.81
CA LEU F 137 -6.20 -52.72 -7.27
C LEU F 137 -7.37 -53.62 -7.74
N SER F 138 -7.48 -54.78 -7.10
CA SER F 138 -8.52 -55.74 -7.42
C SER F 138 -9.91 -55.16 -7.21
N LEU F 139 -10.07 -54.44 -6.11
CA LEU F 139 -11.33 -53.79 -5.78
CA LEU F 139 -11.33 -53.78 -5.78
C LEU F 139 -11.68 -52.73 -6.82
N GLU F 140 -10.68 -51.99 -7.28
CA GLU F 140 -10.94 -50.96 -8.29
C GLU F 140 -11.28 -51.58 -9.65
N LYS F 141 -10.62 -52.68 -9.97
CA LYS F 141 -10.97 -53.42 -11.19
C LYS F 141 -12.39 -53.97 -11.09
N LEU F 142 -12.75 -54.51 -9.92
CA LEU F 142 -14.10 -55.00 -9.71
CA LEU F 142 -14.10 -54.99 -9.70
C LEU F 142 -15.12 -53.88 -9.86
N THR F 143 -14.78 -52.70 -9.33
CA THR F 143 -15.67 -51.55 -9.43
C THR F 143 -15.82 -51.14 -10.89
N ASN F 144 -14.72 -51.21 -11.62
CA ASN F 144 -14.75 -50.90 -13.04
C ASN F 144 -15.70 -51.82 -13.80
N GLU F 145 -15.62 -53.13 -13.53
CA GLU F 145 -16.53 -54.09 -14.14
CA GLU F 145 -16.53 -54.07 -14.16
C GLU F 145 -17.97 -53.72 -13.82
N LYS F 146 -18.22 -53.34 -12.56
CA LYS F 146 -19.58 -52.99 -12.14
C LYS F 146 -20.08 -51.71 -12.82
N LEU F 147 -19.20 -50.73 -12.97
CA LEU F 147 -19.57 -49.49 -13.64
C LEU F 147 -19.88 -49.76 -15.11
N LEU F 148 -19.07 -50.62 -15.73
CA LEU F 148 -19.31 -50.97 -17.11
C LEU F 148 -20.62 -51.75 -17.26
N ASN F 149 -20.93 -52.58 -16.26
N ASN F 149 -20.94 -52.57 -16.27
CA ASN F 149 -22.23 -53.25 -16.22
CA ASN F 149 -22.26 -53.23 -16.30
C ASN F 149 -23.37 -52.23 -16.16
C ASN F 149 -23.41 -52.24 -16.15
N LEU F 150 -23.23 -51.24 -15.28
CA LEU F 150 -24.23 -50.19 -15.14
C LEU F 150 -24.39 -49.46 -16.48
N HIS F 151 -23.26 -49.15 -17.10
CA HIS F 151 -23.27 -48.52 -18.42
C HIS F 151 -24.05 -49.39 -19.41
N SER F 152 -23.85 -50.70 -19.35
CA SER F 152 -24.56 -51.62 -20.23
C SER F 152 -26.07 -51.67 -19.97
N VAL F 153 -26.46 -51.55 -18.71
CA VAL F 153 -27.90 -51.48 -18.41
C VAL F 153 -28.50 -50.21 -19.02
N ALA F 154 -27.76 -49.10 -18.92
CA ALA F 154 -28.20 -47.86 -19.53
C ALA F 154 -28.41 -48.00 -21.03
N THR F 155 -27.40 -48.50 -21.74
CA THR F 155 -27.50 -48.61 -23.20
C THR F 155 -28.56 -49.65 -23.60
N LYS F 156 -28.59 -50.74 -22.84
CA LYS F 156 -29.61 -51.79 -22.95
CA LYS F 156 -29.59 -51.77 -23.05
C LYS F 156 -31.01 -51.20 -23.03
N ASN F 157 -31.24 -50.17 -22.22
CA ASN F 157 -32.55 -49.54 -22.14
C ASN F 157 -32.67 -48.26 -22.93
N GLY F 158 -31.68 -48.01 -23.78
CA GLY F 158 -31.65 -46.81 -24.59
C GLY F 158 -31.60 -45.53 -23.78
N ASP F 159 -31.02 -45.59 -22.58
CA ASP F 159 -30.92 -44.38 -21.76
C ASP F 159 -29.64 -43.63 -22.09
N VAL F 160 -29.75 -42.71 -23.05
CA VAL F 160 -28.59 -41.98 -23.54
C VAL F 160 -27.92 -41.15 -22.43
N GLN F 161 -28.70 -40.44 -21.63
CA GLN F 161 -28.09 -39.54 -20.64
C GLN F 161 -27.44 -40.29 -19.47
N LEU F 162 -28.01 -41.42 -19.05
CA LEU F 162 -27.42 -42.20 -17.96
C LEU F 162 -26.06 -42.74 -18.43
N ALA F 163 -26.01 -43.21 -19.67
CA ALA F 163 -24.75 -43.71 -20.22
C ALA F 163 -23.72 -42.58 -20.24
N ASP F 164 -24.14 -41.41 -20.68
CA ASP F 164 -23.24 -40.26 -20.73
C ASP F 164 -22.73 -39.90 -19.34
N PHE F 165 -23.62 -39.92 -18.36
CA PHE F 165 -23.25 -39.60 -16.98
C PHE F 165 -22.19 -40.57 -16.44
N VAL F 166 -22.43 -41.87 -16.62
CA VAL F 166 -21.48 -42.88 -16.18
C VAL F 166 -20.12 -42.68 -16.83
N GLU F 167 -20.11 -42.44 -18.15
CA GLU F 167 -18.84 -42.23 -18.85
C GLU F 167 -18.12 -41.00 -18.35
N THR F 168 -18.85 -39.89 -18.29
CA THR F 168 -18.24 -38.61 -17.94
C THR F 168 -17.82 -38.55 -16.48
N GLU F 169 -18.67 -39.08 -15.60
CA GLU F 169 -18.40 -38.94 -14.18
C GLU F 169 -17.57 -40.07 -13.57
N TYR F 170 -17.63 -41.28 -14.16
CA TYR F 170 -17.00 -42.45 -13.54
C TYR F 170 -15.91 -43.19 -14.33
N LEU F 171 -16.14 -43.44 -15.62
CA LEU F 171 -15.26 -44.37 -16.34
C LEU F 171 -13.85 -43.86 -16.52
N GLY F 172 -13.71 -42.58 -16.90
CA GLY F 172 -12.40 -41.99 -17.02
C GLY F 172 -11.64 -41.97 -15.70
N ALA F 173 -12.31 -41.50 -14.66
CA ALA F 173 -11.71 -41.46 -13.33
C ALA F 173 -11.29 -42.85 -12.88
N GLN F 174 -12.10 -43.86 -13.22
CA GLN F 174 -11.80 -45.23 -12.80
C GLN F 174 -10.52 -45.75 -13.47
N VAL F 175 -10.34 -45.44 -14.75
CA VAL F 175 -9.09 -45.79 -15.44
C VAL F 175 -7.88 -45.12 -14.78
N GLU F 176 -8.03 -43.84 -14.42
CA GLU F 176 -6.95 -43.14 -13.73
C GLU F 176 -6.62 -43.78 -12.38
N ALA F 177 -7.65 -44.15 -11.62
CA ALA F 177 -7.44 -44.75 -10.30
C ALA F 177 -6.74 -46.10 -10.42
N ILE F 178 -7.11 -46.88 -11.41
CA ILE F 178 -6.49 -48.18 -11.61
C ILE F 178 -5.02 -48.01 -11.99
N LYS F 179 -4.70 -47.05 -12.85
CA LYS F 179 -3.29 -46.83 -13.15
C LYS F 179 -2.51 -46.38 -11.91
N ARG F 180 -3.11 -45.50 -11.11
CA ARG F 180 -2.44 -44.96 -9.93
C ARG F 180 -2.08 -46.09 -8.96
N ILE F 181 -3.04 -46.95 -8.69
CA ILE F 181 -2.80 -48.03 -7.75
C ILE F 181 -1.85 -49.09 -8.33
N SER F 182 -1.95 -49.33 -9.64
CA SER F 182 -1.02 -50.22 -10.32
C SER F 182 0.41 -49.74 -10.15
N GLU F 183 0.61 -48.43 -10.27
CA GLU F 183 1.94 -47.87 -10.05
C GLU F 183 2.40 -48.08 -8.60
N TYR F 184 1.49 -47.96 -7.64
CA TYR F 184 1.88 -48.21 -6.24
C TYR F 184 2.30 -49.65 -6.05
N VAL F 185 1.54 -50.57 -6.64
CA VAL F 185 1.89 -51.98 -6.58
C VAL F 185 3.29 -52.23 -7.17
N ALA F 186 3.56 -51.65 -8.33
CA ALA F 186 4.85 -51.82 -8.98
C ALA F 186 5.98 -51.30 -8.10
N GLN F 187 5.77 -50.13 -7.51
CA GLN F 187 6.82 -49.52 -6.70
C GLN F 187 7.09 -50.36 -5.47
N LEU F 188 6.02 -50.85 -4.83
CA LEU F 188 6.17 -51.67 -3.64
C LEU F 188 6.92 -52.97 -3.94
N ARG F 189 6.65 -53.55 -5.10
CA ARG F 189 7.40 -54.73 -5.55
C ARG F 189 8.87 -54.37 -5.76
N ARG F 190 9.14 -53.19 -6.31
CA ARG F 190 10.52 -52.80 -6.60
C ARG F 190 11.33 -52.57 -5.31
N VAL F 191 10.74 -51.86 -4.35
CA VAL F 191 11.50 -51.44 -3.17
C VAL F 191 11.72 -52.56 -2.15
N GLY F 192 10.88 -53.59 -2.18
CA GLY F 192 11.03 -54.71 -1.25
C GLY F 192 10.56 -54.41 0.16
N LYS F 193 10.36 -55.46 0.94
CA LYS F 193 9.87 -55.34 2.31
C LYS F 193 10.87 -54.66 3.24
N GLY F 194 10.37 -54.07 4.31
CA GLY F 194 11.22 -53.44 5.32
C GLY F 194 11.50 -51.96 5.07
N HIS F 195 12.78 -51.62 4.96
CA HIS F 195 13.18 -50.23 4.74
C HIS F 195 12.51 -49.67 3.46
N GLY F 196 12.50 -50.46 2.40
CA GLY F 196 11.89 -50.04 1.14
C GLY F 196 10.42 -49.65 1.29
N VAL F 197 9.64 -50.55 1.90
CA VAL F 197 8.22 -50.29 2.13
C VAL F 197 8.00 -49.04 2.98
N TRP F 198 8.82 -48.88 4.02
CA TRP F 198 8.70 -47.72 4.89
C TRP F 198 8.95 -46.44 4.10
N HIS F 199 9.95 -46.50 3.23
CA HIS F 199 10.32 -45.34 2.41
C HIS F 199 9.21 -45.00 1.41
N PHE F 200 8.67 -46.02 0.75
CA PHE F 200 7.57 -45.80 -0.17
C PHE F 200 6.41 -45.18 0.58
N ASP F 201 6.16 -45.67 1.79
CA ASP F 201 5.10 -45.13 2.62
C ASP F 201 5.34 -43.66 2.94
N GLN F 202 6.58 -43.27 3.22
CA GLN F 202 6.89 -41.85 3.45
C GLN F 202 6.59 -41.03 2.21
N MET F 203 6.92 -41.59 1.05
CA MET F 203 6.66 -40.92 -0.21
C MET F 203 5.17 -40.65 -0.32
N LEU F 204 4.39 -41.70 -0.07
CA LEU F 204 2.94 -41.62 -0.21
C LEU F 204 2.37 -40.65 0.80
N LEU F 205 2.98 -40.59 1.98
CA LEU F 205 2.52 -39.73 3.04
C LEU F 205 2.63 -38.27 2.59
N HIS F 206 3.66 -37.98 1.80
CA HIS F 206 3.88 -36.61 1.34
C HIS F 206 3.47 -36.35 -0.11
N GLU F 207 2.93 -37.36 -0.79
CA GLU F 207 2.50 -37.21 -2.18
C GLU F 207 1.27 -36.31 -2.28
N PHE G 15 1.67 -45.59 -42.60
CA PHE G 15 0.97 -44.34 -42.93
C PHE G 15 1.81 -43.43 -43.82
N GLU G 16 1.26 -43.04 -44.96
CA GLU G 16 1.92 -42.10 -45.86
C GLU G 16 0.99 -40.94 -46.18
N PRO G 17 1.04 -39.88 -45.37
CA PRO G 17 0.11 -38.74 -45.44
C PRO G 17 -0.04 -38.16 -46.85
N PHE G 18 1.06 -37.92 -47.56
CA PHE G 18 1.00 -37.32 -48.89
C PHE G 18 0.41 -38.24 -49.94
N GLU G 19 0.41 -39.54 -49.67
CA GLU G 19 -0.26 -40.49 -50.56
C GLU G 19 -1.75 -40.57 -50.25
N GLU G 20 -2.08 -40.68 -48.97
CA GLU G 20 -3.47 -40.86 -48.56
C GLU G 20 -4.24 -39.55 -48.60
N VAL G 21 -3.53 -38.43 -48.59
CA VAL G 21 -4.19 -37.13 -48.59
C VAL G 21 -4.73 -36.78 -49.98
N LYS G 22 -4.30 -37.52 -50.98
CA LYS G 22 -4.71 -37.27 -52.36
C LYS G 22 -6.22 -37.40 -52.55
N LYS G 23 -6.81 -38.37 -51.85
CA LYS G 23 -8.26 -38.53 -51.86
C LYS G 23 -8.95 -37.27 -51.34
N GLU G 24 -8.34 -36.64 -50.35
CA GLU G 24 -8.89 -35.41 -49.76
C GLU G 24 -8.72 -34.19 -50.67
N LEU G 25 -7.48 -33.94 -51.11
CA LEU G 25 -7.19 -32.82 -51.99
C LEU G 25 -8.15 -32.73 -53.17
N ASP G 26 -8.43 -33.88 -53.78
CA ASP G 26 -9.38 -33.95 -54.88
C ASP G 26 -10.76 -33.45 -54.49
N LEU G 27 -11.15 -33.70 -53.24
CA LEU G 27 -12.49 -33.39 -52.77
C LEU G 27 -12.69 -31.95 -52.30
N VAL G 28 -11.61 -31.17 -52.21
CA VAL G 28 -11.72 -29.77 -51.80
C VAL G 28 -12.56 -29.00 -52.82
N PRO G 29 -13.75 -28.53 -52.41
CA PRO G 29 -14.68 -27.85 -53.31
C PRO G 29 -14.08 -26.62 -53.98
N THR G 30 -14.53 -26.32 -55.19
CA THR G 30 -14.05 -25.15 -55.92
C THR G 30 -15.10 -24.03 -55.98
N VAL G 31 -16.37 -24.41 -55.97
CA VAL G 31 -17.44 -23.41 -56.04
C VAL G 31 -17.62 -22.73 -54.67
N PRO G 32 -17.78 -21.40 -54.67
CA PRO G 32 -17.81 -20.56 -53.46
C PRO G 32 -18.95 -20.85 -52.47
N GLN G 33 -20.04 -21.44 -52.94
CA GLN G 33 -21.21 -21.69 -52.09
C GLN G 33 -21.10 -22.97 -51.27
N ALA G 34 -20.13 -23.82 -51.62
CA ALA G 34 -19.99 -25.12 -50.97
C ALA G 34 -19.15 -25.02 -49.69
N SER G 35 -19.55 -25.76 -48.67
CA SER G 35 -18.75 -25.83 -47.44
C SER G 35 -17.42 -26.53 -47.73
N LEU G 36 -16.33 -25.94 -47.25
CA LEU G 36 -15.03 -26.61 -47.28
C LEU G 36 -14.87 -27.58 -46.12
N ALA G 37 -15.61 -27.37 -45.04
CA ALA G 37 -15.40 -28.17 -43.83
C ALA G 37 -16.22 -29.46 -43.81
N ARG G 38 -17.34 -29.47 -44.51
CA ARG G 38 -18.31 -30.54 -44.33
C ARG G 38 -17.67 -31.90 -44.62
N GLN G 39 -17.87 -32.85 -43.71
CA GLN G 39 -17.29 -34.18 -43.82
C GLN G 39 -18.11 -35.18 -43.03
N LYS G 40 -18.59 -36.23 -43.71
CA LYS G 40 -19.39 -37.26 -43.06
C LYS G 40 -20.52 -36.66 -42.23
N TYR G 41 -21.24 -35.73 -42.86
CA TYR G 41 -22.36 -35.04 -42.25
C TYR G 41 -23.50 -35.06 -43.27
N VAL G 42 -24.42 -36.00 -43.10
CA VAL G 42 -25.43 -36.23 -44.14
C VAL G 42 -26.62 -35.28 -44.03
N ASP G 43 -27.37 -35.17 -45.13
CA ASP G 43 -28.51 -34.28 -45.18
C ASP G 43 -29.49 -34.50 -44.03
N GLU G 44 -29.74 -35.75 -43.67
CA GLU G 44 -30.69 -36.02 -42.60
C GLU G 44 -30.24 -35.41 -41.27
N SER G 45 -28.93 -35.43 -41.01
CA SER G 45 -28.37 -34.84 -39.79
C SER G 45 -28.50 -33.32 -39.84
N GLU G 46 -28.08 -32.73 -40.96
CA GLU G 46 -28.23 -31.29 -41.17
C GLU G 46 -29.68 -30.85 -40.91
N SER G 47 -30.64 -31.59 -41.47
CA SER G 47 -32.06 -31.22 -41.31
C SER G 47 -32.51 -31.32 -39.85
N ALA G 48 -32.09 -32.39 -39.19
CA ALA G 48 -32.45 -32.60 -37.80
C ALA G 48 -31.94 -31.47 -36.92
N VAL G 49 -30.73 -30.99 -37.21
CA VAL G 49 -30.17 -29.88 -36.45
C VAL G 49 -31.00 -28.61 -36.68
N ASN G 50 -31.37 -28.34 -37.93
CA ASN G 50 -32.23 -27.20 -38.22
C ASN G 50 -33.56 -27.31 -37.49
N GLU G 51 -34.10 -28.51 -37.43
CA GLU G 51 -35.35 -28.73 -36.73
C GLU G 51 -35.21 -28.42 -35.24
N GLN G 52 -34.10 -28.84 -34.64
CA GLN G 52 -33.89 -28.59 -33.21
C GLN G 52 -33.63 -27.12 -32.94
N ILE G 53 -32.96 -26.44 -33.87
CA ILE G 53 -32.80 -25.00 -33.74
C ILE G 53 -34.18 -24.33 -33.59
N ASN G 54 -35.12 -24.74 -34.43
CA ASN G 54 -36.46 -24.17 -34.38
C ASN G 54 -37.21 -24.56 -33.11
N VAL G 55 -36.95 -25.76 -32.61
CA VAL G 55 -37.54 -26.18 -31.33
C VAL G 55 -37.08 -25.26 -30.19
N GLU G 56 -35.77 -25.00 -30.12
CA GLU G 56 -35.23 -24.18 -29.03
C GLU G 56 -35.71 -22.73 -29.15
N TYR G 57 -35.74 -22.21 -30.36
CA TYR G 57 -36.19 -20.84 -30.59
C TYR G 57 -37.66 -20.70 -30.19
N ASN G 58 -38.46 -21.72 -30.50
CA ASN G 58 -39.86 -21.68 -30.14
C ASN G 58 -40.05 -21.63 -28.63
N VAL G 59 -39.28 -22.44 -27.90
CA VAL G 59 -39.35 -22.42 -26.44
C VAL G 59 -38.90 -21.06 -25.90
N SER G 60 -37.84 -20.49 -26.49
CA SER G 60 -37.41 -19.14 -26.10
C SER G 60 -38.59 -18.17 -26.19
N TYR G 61 -39.33 -18.24 -27.29
CA TYR G 61 -40.44 -17.32 -27.54
C TYR G 61 -41.58 -17.56 -26.56
N VAL G 62 -41.89 -18.83 -26.28
CA VAL G 62 -42.91 -19.14 -25.29
C VAL G 62 -42.55 -18.58 -23.91
N TYR G 63 -41.29 -18.77 -23.48
CA TYR G 63 -40.87 -18.22 -22.20
C TYR G 63 -40.97 -16.71 -22.22
N HIS G 64 -40.72 -16.10 -23.37
CA HIS G 64 -40.83 -14.65 -23.44
C HIS G 64 -42.30 -14.23 -23.26
N ALA G 65 -43.22 -15.00 -23.84
CA ALA G 65 -44.64 -14.75 -23.65
C ALA G 65 -45.02 -14.91 -22.18
N MET G 66 -44.42 -15.88 -21.51
CA MET G 66 -44.70 -16.08 -20.10
C MET G 66 -44.14 -14.94 -19.27
N PHE G 67 -42.95 -14.47 -19.61
CA PHE G 67 -42.44 -13.27 -18.95
C PHE G 67 -43.45 -12.12 -19.10
N ALA G 68 -43.90 -11.85 -20.32
CA ALA G 68 -44.81 -10.74 -20.56
C ALA G 68 -46.09 -10.84 -19.73
N TYR G 69 -46.55 -12.06 -19.49
CA TYR G 69 -47.76 -12.25 -18.70
C TYR G 69 -47.52 -11.94 -17.23
N PHE G 70 -46.43 -12.48 -16.67
CA PHE G 70 -46.17 -12.28 -15.24
C PHE G 70 -45.64 -10.89 -14.90
N ASP G 71 -45.21 -10.16 -15.93
CA ASP G 71 -44.77 -8.78 -15.78
C ASP G 71 -45.97 -7.81 -15.71
N ARG G 72 -47.18 -8.32 -15.90
CA ARG G 72 -48.37 -7.45 -15.86
C ARG G 72 -48.58 -6.86 -14.46
N ASP G 73 -49.06 -5.62 -14.40
CA ASP G 73 -49.23 -4.93 -13.12
C ASP G 73 -50.22 -5.64 -12.18
N ASN G 74 -51.23 -6.27 -12.76
CA ASN G 74 -52.25 -6.95 -11.97
C ASN G 74 -51.91 -8.39 -11.66
N VAL G 75 -50.82 -8.90 -12.24
CA VAL G 75 -50.36 -10.25 -11.94
C VAL G 75 -49.25 -10.12 -10.91
N ALA G 76 -48.29 -9.26 -11.22
CA ALA G 76 -47.29 -8.82 -10.25
C ALA G 76 -46.58 -9.96 -9.54
N LEU G 77 -46.15 -10.96 -10.29
CA LEU G 77 -45.27 -11.98 -9.73
C LEU G 77 -43.88 -11.75 -10.32
N ARG G 78 -43.10 -10.92 -9.64
CA ARG G 78 -41.82 -10.47 -10.15
C ARG G 78 -40.77 -11.59 -10.24
N GLY G 79 -40.86 -12.57 -9.35
CA GLY G 79 -39.91 -13.68 -9.37
C GLY G 79 -40.10 -14.56 -10.59
N LEU G 80 -41.35 -14.91 -10.88
CA LEU G 80 -41.65 -15.72 -12.04
C LEU G 80 -41.33 -14.95 -13.32
N ALA G 81 -41.65 -13.65 -13.32
CA ALA G 81 -41.36 -12.83 -14.48
C ALA G 81 -39.88 -12.88 -14.78
N LYS G 82 -39.06 -12.67 -13.75
CA LYS G 82 -37.61 -12.71 -13.91
C LYS G 82 -37.14 -14.08 -14.39
N PHE G 83 -37.69 -15.13 -13.81
CA PHE G 83 -37.31 -16.48 -14.19
C PHE G 83 -37.59 -16.77 -15.67
N PHE G 84 -38.78 -16.42 -16.14
CA PHE G 84 -39.12 -16.68 -17.53
C PHE G 84 -38.34 -15.79 -18.50
N LYS G 85 -38.01 -14.57 -18.05
CA LYS G 85 -37.24 -13.66 -18.89
C LYS G 85 -35.84 -14.25 -19.07
N GLU G 86 -35.25 -14.70 -17.98
CA GLU G 86 -33.93 -15.30 -18.04
C GLU G 86 -33.94 -16.61 -18.83
N SER G 87 -35.00 -17.39 -18.64
CA SER G 87 -35.14 -18.66 -19.37
C SER G 87 -35.26 -18.39 -20.86
N SER G 88 -36.01 -17.35 -21.24
CA SER G 88 -36.16 -17.03 -22.65
C SER G 88 -34.79 -16.75 -23.26
N GLU G 89 -33.96 -15.99 -22.56
CA GLU G 89 -32.63 -15.67 -23.07
C GLU G 89 -31.76 -16.92 -23.18
N GLU G 90 -31.84 -17.78 -22.17
CA GLU G 90 -31.06 -19.02 -22.16
CA GLU G 90 -31.06 -19.01 -22.16
C GLU G 90 -31.44 -19.93 -23.32
N GLU G 91 -32.74 -20.01 -23.61
CA GLU G 91 -33.23 -20.83 -24.71
C GLU G 91 -32.75 -20.32 -26.06
N ARG G 92 -32.70 -19.01 -26.21
CA ARG G 92 -32.14 -18.43 -27.43
C ARG G 92 -30.68 -18.82 -27.57
N GLU G 93 -29.96 -18.86 -26.44
CA GLU G 93 -28.55 -19.29 -26.48
C GLU G 93 -28.43 -20.75 -26.90
N HIS G 94 -29.36 -21.59 -26.42
CA HIS G 94 -29.40 -22.98 -26.87
C HIS G 94 -29.62 -23.07 -28.37
N ALA G 95 -30.48 -22.22 -28.91
CA ALA G 95 -30.71 -22.20 -30.35
C ALA G 95 -29.43 -21.77 -31.06
N GLU G 96 -28.80 -20.72 -30.55
CA GLU G 96 -27.63 -20.19 -31.21
C GLU G 96 -26.46 -21.17 -31.21
N LYS G 97 -26.33 -21.93 -30.12
CA LYS G 97 -25.26 -22.92 -30.05
C LYS G 97 -25.45 -23.98 -31.14
N LEU G 98 -26.70 -24.36 -31.39
CA LEU G 98 -26.98 -25.29 -32.48
C LEU G 98 -26.70 -24.68 -33.87
N MET G 99 -27.02 -23.40 -34.03
CA MET G 99 -26.71 -22.70 -35.28
C MET G 99 -25.19 -22.70 -35.52
N GLU G 100 -24.43 -22.38 -34.47
CA GLU G 100 -22.99 -22.39 -34.60
C GLU G 100 -22.46 -23.81 -34.91
N TYR G 101 -23.06 -24.81 -34.26
CA TYR G 101 -22.65 -26.19 -34.50
C TYR G 101 -22.89 -26.60 -35.95
N GLN G 102 -24.08 -26.28 -36.45
CA GLN G 102 -24.40 -26.48 -37.86
C GLN G 102 -23.26 -25.96 -38.76
N ASN G 103 -22.82 -24.72 -38.52
CA ASN G 103 -21.74 -24.14 -39.29
C ASN G 103 -20.37 -24.79 -39.10
N LYS G 104 -20.11 -25.29 -37.88
CA LYS G 104 -18.87 -26.01 -37.64
C LYS G 104 -18.81 -27.26 -38.49
N ARG G 105 -19.94 -27.95 -38.64
CA ARG G 105 -19.99 -29.20 -39.41
C ARG G 105 -20.19 -28.91 -40.90
N GLY G 106 -20.36 -27.64 -41.25
CA GLY G 106 -20.50 -27.26 -42.64
C GLY G 106 -21.89 -27.52 -43.22
N GLY G 107 -22.89 -27.64 -42.35
CA GLY G 107 -24.27 -27.67 -42.81
C GLY G 107 -24.75 -26.23 -42.96
N LYS G 108 -25.87 -26.04 -43.63
CA LYS G 108 -26.42 -24.70 -43.80
C LYS G 108 -27.61 -24.48 -42.86
N VAL G 109 -27.49 -23.49 -42.00
CA VAL G 109 -28.56 -23.15 -41.06
C VAL G 109 -29.76 -22.65 -41.84
N LYS G 110 -30.94 -23.15 -41.49
CA LYS G 110 -32.19 -22.68 -42.10
C LYS G 110 -33.18 -22.36 -41.00
N LEU G 111 -33.28 -21.09 -40.62
CA LEU G 111 -34.28 -20.68 -39.64
C LEU G 111 -35.69 -20.82 -40.21
N GLN G 112 -36.60 -21.33 -39.40
CA GLN G 112 -37.98 -21.58 -39.84
C GLN G 112 -38.91 -20.64 -39.08
N SER G 113 -40.18 -20.63 -39.44
CA SER G 113 -41.12 -19.70 -38.82
C SER G 113 -41.32 -20.05 -37.36
N ILE G 114 -41.72 -19.06 -36.56
CA ILE G 114 -42.04 -19.28 -35.16
C ILE G 114 -43.52 -18.97 -34.96
N VAL G 115 -44.26 -19.91 -34.40
CA VAL G 115 -45.71 -19.74 -34.31
C VAL G 115 -46.07 -18.83 -33.14
N MET G 116 -47.23 -18.19 -33.23
CA MET G 116 -47.71 -17.36 -32.14
CA MET G 116 -47.74 -17.36 -32.14
C MET G 116 -47.94 -18.20 -30.88
N PRO G 117 -47.38 -17.77 -29.74
CA PRO G 117 -47.62 -18.53 -28.51
C PRO G 117 -48.88 -18.04 -27.80
N LEU G 118 -49.34 -18.79 -26.80
CA LEU G 118 -50.38 -18.30 -25.89
C LEU G 118 -49.91 -17.00 -25.24
N SER G 119 -50.84 -16.14 -24.88
CA SER G 119 -50.48 -14.90 -24.21
C SER G 119 -50.91 -14.89 -22.74
N ASP G 120 -51.97 -15.62 -22.44
N ASP G 120 -51.96 -15.66 -22.47
CA ASP G 120 -52.51 -15.60 -21.07
CA ASP G 120 -52.58 -15.71 -21.14
C ASP G 120 -52.30 -16.93 -20.37
C ASP G 120 -52.19 -16.97 -20.40
N PHE G 121 -51.84 -16.85 -19.13
CA PHE G 121 -51.50 -18.03 -18.34
C PHE G 121 -52.23 -18.14 -17.02
N ASP G 122 -53.43 -17.57 -16.93
CA ASP G 122 -54.20 -17.73 -15.71
CA ASP G 122 -54.24 -17.70 -15.73
C ASP G 122 -54.86 -19.09 -15.71
N HIS G 123 -55.22 -19.55 -14.51
CA HIS G 123 -55.86 -20.84 -14.37
C HIS G 123 -56.62 -20.82 -13.05
N ALA G 124 -57.93 -20.96 -13.14
CA ALA G 124 -58.80 -20.83 -11.98
C ALA G 124 -58.45 -21.83 -10.89
N ASP G 125 -58.37 -23.10 -11.27
CA ASP G 125 -58.11 -24.17 -10.31
CA ASP G 125 -58.12 -24.17 -10.31
C ASP G 125 -56.70 -24.13 -9.75
N LYS G 126 -55.71 -24.18 -10.64
CA LYS G 126 -54.31 -24.29 -10.23
C LYS G 126 -53.71 -22.98 -9.71
N GLY G 127 -54.20 -21.86 -10.20
CA GLY G 127 -53.55 -20.58 -9.98
C GLY G 127 -52.50 -20.36 -11.07
N ASP G 128 -52.24 -19.10 -11.41
CA ASP G 128 -51.37 -18.79 -12.54
C ASP G 128 -49.95 -19.34 -12.39
N ALA G 129 -49.37 -19.16 -11.20
CA ALA G 129 -47.99 -19.59 -10.97
C ALA G 129 -47.81 -21.08 -11.20
N LEU G 130 -48.63 -21.89 -10.53
CA LEU G 130 -48.53 -23.34 -10.66
C LEU G 130 -48.79 -23.80 -12.10
N HIS G 131 -49.82 -23.24 -12.74
CA HIS G 131 -50.11 -23.56 -14.14
C HIS G 131 -48.94 -23.27 -15.08
N ALA G 132 -48.34 -22.10 -14.95
CA ALA G 132 -47.23 -21.74 -15.81
C ALA G 132 -46.02 -22.66 -15.59
N MET G 133 -45.77 -23.01 -14.34
CA MET G 133 -44.64 -23.89 -14.04
C MET G 133 -44.86 -25.30 -14.54
N GLU G 134 -46.10 -25.79 -14.46
CA GLU G 134 -46.43 -27.11 -15.04
C GLU G 134 -46.28 -27.08 -16.56
N LEU G 135 -46.68 -25.98 -17.19
CA LEU G 135 -46.50 -25.80 -18.63
CA LEU G 135 -46.50 -25.81 -18.63
C LEU G 135 -45.02 -25.79 -18.97
N ALA G 136 -44.24 -25.05 -18.19
CA ALA G 136 -42.80 -24.99 -18.38
C ALA G 136 -42.20 -26.38 -18.25
N LEU G 137 -42.63 -27.11 -17.23
CA LEU G 137 -42.15 -28.49 -17.06
C LEU G 137 -42.47 -29.33 -18.29
N SER G 138 -43.70 -29.26 -18.77
CA SER G 138 -44.11 -30.03 -19.94
C SER G 138 -43.31 -29.65 -21.17
N LEU G 139 -42.99 -28.36 -21.29
N LEU G 139 -43.03 -28.36 -21.32
CA LEU G 139 -42.24 -27.87 -22.46
CA LEU G 139 -42.25 -27.88 -22.44
C LEU G 139 -40.79 -28.33 -22.43
C LEU G 139 -40.85 -28.48 -22.41
N GLU G 140 -40.22 -28.42 -21.24
CA GLU G 140 -38.87 -28.96 -21.09
C GLU G 140 -38.84 -30.46 -21.36
N LYS G 141 -39.86 -31.18 -20.89
CA LYS G 141 -39.93 -32.61 -21.23
C LYS G 141 -40.11 -32.82 -22.73
N LEU G 142 -40.93 -31.99 -23.35
CA LEU G 142 -41.09 -32.05 -24.80
C LEU G 142 -39.75 -31.79 -25.51
N THR G 143 -39.01 -30.79 -25.05
CA THR G 143 -37.70 -30.49 -25.66
C THR G 143 -36.74 -31.66 -25.47
N ASN G 144 -36.77 -32.28 -24.29
CA ASN G 144 -35.96 -33.47 -24.03
C ASN G 144 -36.27 -34.55 -25.06
N GLU G 145 -37.55 -34.82 -25.30
CA GLU G 145 -37.96 -35.82 -26.28
CA GLU G 145 -37.91 -35.83 -26.28
C GLU G 145 -37.34 -35.48 -27.64
N LYS G 146 -37.40 -34.21 -28.01
CA LYS G 146 -36.90 -33.75 -29.29
C LYS G 146 -35.39 -33.90 -29.36
N LEU G 147 -34.70 -33.55 -28.28
CA LEU G 147 -33.25 -33.71 -28.26
C LEU G 147 -32.84 -35.17 -28.36
N LEU G 148 -33.59 -36.05 -27.69
CA LEU G 148 -33.32 -37.49 -27.79
C LEU G 148 -33.61 -37.99 -29.22
N ASN G 149 -34.61 -37.41 -29.87
CA ASN G 149 -34.89 -37.73 -31.27
CA ASN G 149 -34.87 -37.78 -31.26
C ASN G 149 -33.74 -37.31 -32.18
N LEU G 150 -33.21 -36.11 -31.93
CA LEU G 150 -32.07 -35.62 -32.68
C LEU G 150 -30.89 -36.56 -32.45
N HIS G 151 -30.70 -36.96 -31.20
CA HIS G 151 -29.63 -37.89 -30.89
C HIS G 151 -29.83 -39.18 -31.68
N SER G 152 -31.08 -39.64 -31.80
CA SER G 152 -31.37 -40.88 -32.54
CA SER G 152 -31.34 -40.88 -32.54
C SER G 152 -31.08 -40.75 -34.04
N VAL G 153 -31.36 -39.58 -34.61
CA VAL G 153 -31.01 -39.36 -36.02
C VAL G 153 -29.50 -39.54 -36.20
N ALA G 154 -28.72 -38.95 -35.30
CA ALA G 154 -27.26 -39.09 -35.33
C ALA G 154 -26.82 -40.55 -35.25
N THR G 155 -27.35 -41.29 -34.29
CA THR G 155 -26.93 -42.69 -34.12
C THR G 155 -27.43 -43.55 -35.29
N LYS G 156 -28.64 -43.26 -35.75
CA LYS G 156 -29.17 -43.98 -36.91
C LYS G 156 -28.26 -43.82 -38.12
N ASN G 157 -27.80 -42.60 -38.34
CA ASN G 157 -26.92 -42.31 -39.47
C ASN G 157 -25.42 -42.49 -39.21
N GLY G 158 -25.07 -42.93 -38.01
CA GLY G 158 -23.68 -43.20 -37.70
C GLY G 158 -22.84 -41.94 -37.54
N ASP G 159 -23.46 -40.83 -37.14
CA ASP G 159 -22.70 -39.61 -36.93
C ASP G 159 -22.23 -39.50 -35.48
N VAL G 160 -21.00 -39.94 -35.26
CA VAL G 160 -20.46 -40.05 -33.91
C VAL G 160 -20.34 -38.69 -33.22
N GLN G 161 -19.78 -37.72 -33.93
CA GLN G 161 -19.54 -36.43 -33.28
C GLN G 161 -20.83 -35.64 -33.04
N LEU G 162 -21.81 -35.77 -33.92
CA LEU G 162 -23.10 -35.11 -33.68
C LEU G 162 -23.77 -35.69 -32.43
N ALA G 163 -23.78 -37.02 -32.32
CA ALA G 163 -24.33 -37.66 -31.14
C ALA G 163 -23.64 -37.14 -29.88
N ASP G 164 -22.32 -37.02 -29.94
CA ASP G 164 -21.58 -36.57 -28.77
C ASP G 164 -21.88 -35.12 -28.42
N PHE G 165 -22.01 -34.27 -29.44
CA PHE G 165 -22.34 -32.87 -29.22
C PHE G 165 -23.68 -32.75 -28.50
N VAL G 166 -24.67 -33.49 -28.97
CA VAL G 166 -26.00 -33.45 -28.36
C VAL G 166 -25.94 -33.92 -26.90
N GLU G 167 -25.29 -35.04 -26.66
CA GLU G 167 -25.13 -35.54 -25.29
C GLU G 167 -24.45 -34.51 -24.41
N THR G 168 -23.29 -34.04 -24.85
CA THR G 168 -22.41 -33.22 -24.02
C THR G 168 -22.99 -31.85 -23.75
N GLU G 169 -23.50 -31.22 -24.80
CA GLU G 169 -23.97 -29.84 -24.68
C GLU G 169 -25.43 -29.70 -24.25
N TYR G 170 -26.26 -30.71 -24.50
CA TYR G 170 -27.70 -30.56 -24.27
C TYR G 170 -28.34 -31.51 -23.27
N LEU G 171 -28.03 -32.80 -23.35
CA LEU G 171 -28.81 -33.77 -22.58
C LEU G 171 -28.66 -33.64 -21.07
N GLY G 172 -27.43 -33.46 -20.59
CA GLY G 172 -27.18 -33.31 -19.16
C GLY G 172 -27.87 -32.06 -18.62
N ALA G 173 -27.71 -30.95 -19.32
CA ALA G 173 -28.35 -29.71 -18.93
C ALA G 173 -29.89 -29.84 -18.94
N GLN G 174 -30.41 -30.63 -19.88
CA GLN G 174 -31.86 -30.77 -19.98
C GLN G 174 -32.40 -31.51 -18.76
N VAL G 175 -31.65 -32.50 -18.29
CA VAL G 175 -32.03 -33.22 -17.07
C VAL G 175 -32.04 -32.27 -15.85
N GLU G 176 -31.03 -31.41 -15.74
CA GLU G 176 -30.97 -30.45 -14.63
C GLU G 176 -32.13 -29.49 -14.70
N ALA G 177 -32.43 -29.01 -15.90
CA ALA G 177 -33.52 -28.06 -16.09
C ALA G 177 -34.87 -28.67 -15.69
N ILE G 178 -35.09 -29.91 -16.09
CA ILE G 178 -36.32 -30.62 -15.72
C ILE G 178 -36.42 -30.83 -14.20
N LYS G 179 -35.32 -31.20 -13.54
CA LYS G 179 -35.38 -31.33 -12.09
C LYS G 179 -35.66 -29.98 -11.43
N ARG G 180 -35.03 -28.93 -11.92
CA ARG G 180 -35.21 -27.59 -11.34
C ARG G 180 -36.68 -27.16 -11.39
N ILE G 181 -37.30 -27.31 -12.54
CA ILE G 181 -38.69 -26.86 -12.69
C ILE G 181 -39.63 -27.80 -11.94
N SER G 182 -39.31 -29.09 -11.90
CA SER G 182 -40.10 -30.03 -11.12
C SER G 182 -40.14 -29.58 -9.66
N GLU G 183 -39.00 -29.18 -9.12
CA GLU G 183 -38.95 -28.70 -7.74
C GLU G 183 -39.83 -27.45 -7.53
N TYR G 184 -39.84 -26.56 -8.51
CA TYR G 184 -40.71 -25.39 -8.40
C TYR G 184 -42.17 -25.81 -8.33
N VAL G 185 -42.55 -26.76 -9.18
CA VAL G 185 -43.91 -27.25 -9.16
C VAL G 185 -44.26 -27.84 -7.80
N ALA G 186 -43.36 -28.66 -7.29
CA ALA G 186 -43.56 -29.28 -5.99
C ALA G 186 -43.73 -28.22 -4.90
N GLN G 187 -42.87 -27.21 -4.91
CA GLN G 187 -42.95 -26.15 -3.91
C GLN G 187 -44.24 -25.35 -4.03
N LEU G 188 -44.61 -24.98 -5.25
CA LEU G 188 -45.87 -24.27 -5.45
C LEU G 188 -47.07 -25.07 -4.94
N ARG G 189 -47.07 -26.37 -5.19
CA ARG G 189 -48.13 -27.24 -4.67
C ARG G 189 -48.13 -27.26 -3.15
N ARG G 190 -46.95 -27.23 -2.54
CA ARG G 190 -46.88 -27.30 -1.09
C ARG G 190 -47.37 -26.01 -0.41
N VAL G 191 -46.98 -24.86 -0.95
CA VAL G 191 -47.30 -23.60 -0.28
C VAL G 191 -48.75 -23.15 -0.48
N GLY G 192 -49.36 -23.56 -1.59
CA GLY G 192 -50.76 -23.23 -1.84
C GLY G 192 -50.96 -21.82 -2.38
N LYS G 193 -52.16 -21.53 -2.86
CA LYS G 193 -52.44 -20.24 -3.50
C LYS G 193 -52.40 -19.08 -2.52
N GLY G 194 -52.14 -17.89 -3.03
CA GLY G 194 -52.24 -16.67 -2.24
C GLY G 194 -50.93 -16.26 -1.59
N HIS G 195 -50.93 -16.18 -0.26
CA HIS G 195 -49.72 -15.83 0.47
C HIS G 195 -48.58 -16.79 0.12
N GLY G 196 -48.88 -18.09 0.03
CA GLY G 196 -47.84 -19.06 -0.28
C GLY G 196 -47.16 -18.81 -1.62
N VAL G 197 -47.96 -18.66 -2.67
CA VAL G 197 -47.43 -18.38 -4.00
C VAL G 197 -46.58 -17.12 -4.01
N TRP G 198 -47.08 -16.09 -3.34
CA TRP G 198 -46.37 -14.82 -3.31
C TRP G 198 -45.01 -15.00 -2.66
N HIS G 199 -44.97 -15.81 -1.62
CA HIS G 199 -43.74 -16.05 -0.87
C HIS G 199 -42.76 -16.85 -1.72
N PHE G 200 -43.26 -17.92 -2.34
CA PHE G 200 -42.44 -18.69 -3.25
C PHE G 200 -41.85 -17.76 -4.31
N ASP G 201 -42.68 -16.86 -4.81
CA ASP G 201 -42.25 -15.95 -5.85
C ASP G 201 -41.13 -15.02 -5.35
N GLN G 202 -41.23 -14.58 -4.10
CA GLN G 202 -40.18 -13.77 -3.47
C GLN G 202 -38.87 -14.56 -3.39
N MET G 203 -38.99 -15.84 -3.04
CA MET G 203 -37.84 -16.74 -2.98
C MET G 203 -37.20 -16.80 -4.36
N LEU G 204 -38.03 -17.07 -5.36
CA LEU G 204 -37.56 -17.20 -6.73
C LEU G 204 -36.91 -15.90 -7.21
N LEU G 205 -37.52 -14.78 -6.84
CA LEU G 205 -36.99 -13.47 -7.20
C LEU G 205 -35.56 -13.29 -6.71
N HIS G 206 -35.28 -13.85 -5.54
CA HIS G 206 -33.98 -13.66 -4.92
C HIS G 206 -33.07 -14.90 -5.00
N GLU G 207 -33.56 -15.96 -5.64
CA GLU G 207 -32.81 -17.21 -5.70
C GLU G 207 -31.45 -16.99 -6.37
N PHE H 15 -28.36 36.39 -42.04
CA PHE H 15 -28.56 36.66 -40.62
C PHE H 15 -27.60 37.72 -40.10
N GLU H 16 -28.14 38.77 -39.48
CA GLU H 16 -27.33 39.83 -38.89
C GLU H 16 -27.71 40.02 -37.43
N PRO H 17 -26.91 39.45 -36.51
CA PRO H 17 -27.17 39.45 -35.06
C PRO H 17 -27.47 40.84 -34.51
N PHE H 18 -26.67 41.84 -34.87
CA PHE H 18 -26.82 43.19 -34.33
C PHE H 18 -27.98 43.96 -34.98
N GLU H 19 -28.48 43.44 -36.09
CA GLU H 19 -29.66 44.01 -36.74
C GLU H 19 -30.93 43.45 -36.12
N GLU H 20 -30.98 42.13 -35.96
CA GLU H 20 -32.15 41.43 -35.43
C GLU H 20 -32.26 41.58 -33.92
N VAL H 21 -31.14 41.90 -33.27
CA VAL H 21 -31.12 42.04 -31.82
C VAL H 21 -31.70 43.39 -31.39
N LYS H 22 -31.72 44.34 -32.32
CA LYS H 22 -32.23 45.69 -32.07
C LYS H 22 -33.60 45.67 -31.37
N LYS H 23 -34.56 44.99 -31.98
CA LYS H 23 -35.92 44.94 -31.46
C LYS H 23 -36.05 43.97 -30.29
N GLU H 24 -34.95 43.27 -30.00
CA GLU H 24 -34.90 42.36 -28.87
C GLU H 24 -34.29 43.08 -27.66
N LEU H 25 -33.40 44.01 -27.94
CA LEU H 25 -32.75 44.82 -26.91
C LEU H 25 -33.69 45.93 -26.46
N ASP H 26 -34.61 46.30 -27.34
CA ASP H 26 -35.65 47.27 -27.00
C ASP H 26 -36.67 46.66 -26.03
N LEU H 27 -36.57 45.35 -25.83
CA LEU H 27 -37.54 44.63 -25.01
C LEU H 27 -36.95 44.11 -23.69
N VAL H 28 -35.86 44.71 -23.24
CA VAL H 28 -35.25 44.32 -21.97
C VAL H 28 -35.80 45.17 -20.82
N PRO H 29 -36.61 44.55 -19.94
CA PRO H 29 -37.32 45.24 -18.85
C PRO H 29 -36.44 46.14 -17.98
N THR H 30 -37.06 47.17 -17.41
CA THR H 30 -36.34 48.12 -16.54
C THR H 30 -36.92 48.15 -15.12
N VAL H 31 -38.24 47.94 -15.00
CA VAL H 31 -38.89 47.86 -13.69
C VAL H 31 -38.45 46.62 -12.94
N PRO H 32 -38.02 46.80 -11.68
CA PRO H 32 -37.31 45.77 -10.90
C PRO H 32 -38.11 44.51 -10.64
N GLN H 33 -39.44 44.58 -10.70
CA GLN H 33 -40.30 43.46 -10.37
C GLN H 33 -40.58 42.57 -11.58
N ALA H 34 -40.21 43.05 -12.77
CA ALA H 34 -40.45 42.30 -13.99
C ALA H 34 -39.33 41.30 -14.26
N SER H 35 -39.71 40.13 -14.75
CA SER H 35 -38.73 39.14 -15.16
C SER H 35 -37.97 39.62 -16.39
N LEU H 36 -36.66 39.43 -16.37
CA LEU H 36 -35.82 39.67 -17.53
C LEU H 36 -35.80 38.46 -18.45
N ALA H 37 -36.01 37.27 -17.88
CA ALA H 37 -35.90 36.03 -18.65
C ALA H 37 -37.16 35.71 -19.43
N ARG H 38 -38.30 36.12 -18.92
CA ARG H 38 -39.56 35.66 -19.49
C ARG H 38 -39.66 35.91 -21.00
N GLN H 39 -39.96 34.85 -21.76
CA GLN H 39 -40.08 34.93 -23.20
C GLN H 39 -41.04 33.87 -23.72
N LYS H 40 -42.08 34.32 -24.41
CA LYS H 40 -43.08 33.42 -24.99
C LYS H 40 -43.62 32.46 -23.95
N TYR H 41 -43.94 33.01 -22.78
CA TYR H 41 -44.47 32.25 -21.66
C TYR H 41 -45.74 32.96 -21.21
N VAL H 42 -46.91 32.50 -21.63
CA VAL H 42 -48.13 33.28 -21.41
C VAL H 42 -48.73 33.07 -20.02
N ASP H 43 -49.62 33.98 -19.61
CA ASP H 43 -50.21 33.88 -18.28
C ASP H 43 -50.90 32.55 -18.02
N GLU H 44 -51.57 31.99 -19.02
CA GLU H 44 -52.25 30.72 -18.81
CA GLU H 44 -52.25 30.71 -18.83
C GLU H 44 -51.26 29.59 -18.48
N SER H 45 -50.08 29.65 -19.07
CA SER H 45 -49.05 28.64 -18.79
C SER H 45 -48.52 28.82 -17.37
N GLU H 46 -48.20 30.05 -17.03
CA GLU H 46 -47.74 30.37 -15.68
C GLU H 46 -48.77 29.90 -14.63
N SER H 47 -50.04 30.20 -14.86
CA SER H 47 -51.11 29.77 -13.94
C SER H 47 -51.21 28.25 -13.85
N ALA H 48 -51.13 27.57 -14.98
CA ALA H 48 -51.22 26.10 -14.94
C ALA H 48 -50.05 25.49 -14.17
N VAL H 49 -48.85 26.06 -14.32
CA VAL H 49 -47.69 25.56 -13.58
C VAL H 49 -47.93 25.77 -12.08
N ASN H 50 -48.46 26.93 -11.70
CA ASN H 50 -48.79 27.17 -10.29
C ASN H 50 -49.82 26.16 -9.78
N GLU H 51 -50.79 25.82 -10.63
CA GLU H 51 -51.78 24.82 -10.23
CA GLU H 51 -51.79 24.82 -10.27
C GLU H 51 -51.13 23.47 -10.00
N GLN H 52 -50.22 23.05 -10.89
CA GLN H 52 -49.60 21.74 -10.71
C GLN H 52 -48.68 21.72 -9.49
N ILE H 53 -48.03 22.84 -9.18
CA ILE H 53 -47.26 22.91 -7.94
C ILE H 53 -48.14 22.58 -6.74
N ASN H 54 -49.34 23.16 -6.72
CA ASN H 54 -50.26 22.91 -5.63
C ASN H 54 -50.73 21.46 -5.61
N VAL H 55 -50.89 20.85 -6.79
CA VAL H 55 -51.28 19.44 -6.87
C VAL H 55 -50.19 18.55 -6.24
N GLU H 56 -48.94 18.74 -6.64
CA GLU H 56 -47.84 17.93 -6.12
C GLU H 56 -47.70 18.15 -4.61
N TYR H 57 -47.80 19.40 -4.18
CA TYR H 57 -47.65 19.70 -2.76
C TYR H 57 -48.74 19.03 -1.93
N ASN H 58 -49.97 19.04 -2.45
CA ASN H 58 -51.08 18.35 -1.78
C ASN H 58 -50.85 16.85 -1.67
N VAL H 59 -50.38 16.22 -2.73
CA VAL H 59 -50.11 14.78 -2.67
C VAL H 59 -48.99 14.52 -1.65
N SER H 60 -47.98 15.38 -1.61
CA SER H 60 -46.94 15.23 -0.58
C SER H 60 -47.56 15.19 0.83
N TYR H 61 -48.50 16.10 1.06
CA TYR H 61 -49.11 16.25 2.37
C TYR H 61 -49.95 15.02 2.70
N VAL H 62 -50.72 14.54 1.73
CA VAL H 62 -51.51 13.32 1.92
C VAL H 62 -50.63 12.11 2.24
N TYR H 63 -49.51 11.95 1.54
CA TYR H 63 -48.60 10.86 1.86
C TYR H 63 -47.99 11.01 3.25
N HIS H 64 -47.73 12.25 3.66
CA HIS H 64 -47.20 12.46 5.01
C HIS H 64 -48.25 12.06 6.05
N ALA H 65 -49.51 12.32 5.77
CA ALA H 65 -50.60 11.86 6.62
C ALA H 65 -50.67 10.32 6.66
N MET H 66 -50.42 9.68 5.52
CA MET H 66 -50.42 8.23 5.49
C MET H 66 -49.25 7.69 6.29
N PHE H 67 -48.07 8.30 6.13
CA PHE H 67 -46.94 7.93 6.99
C PHE H 67 -47.34 7.99 8.45
N ALA H 68 -47.96 9.11 8.86
CA ALA H 68 -48.25 9.32 10.26
C ALA H 68 -49.21 8.27 10.79
N TYR H 69 -50.08 7.77 9.92
CA TYR H 69 -51.02 6.73 10.32
C TYR H 69 -50.32 5.38 10.53
N PHE H 70 -49.50 4.98 9.57
CA PHE H 70 -48.89 3.66 9.63
C PHE H 70 -47.75 3.57 10.64
N ASP H 71 -47.27 4.74 11.08
CA ASP H 71 -46.25 4.84 12.13
C ASP H 71 -46.89 4.73 13.53
N ARG H 72 -48.21 4.65 13.60
CA ARG H 72 -48.85 4.46 14.92
C ARG H 72 -48.44 3.13 15.54
N ASP H 73 -48.30 3.10 16.87
CA ASP H 73 -47.84 1.89 17.55
C ASP H 73 -48.80 0.70 17.39
N ASN H 74 -50.10 0.99 17.32
CA ASN H 74 -51.10 -0.06 17.19
C ASN H 74 -51.33 -0.48 15.73
N VAL H 75 -50.76 0.26 14.79
CA VAL H 75 -50.86 -0.11 13.37
C VAL H 75 -49.58 -0.88 13.01
N ALA H 76 -48.44 -0.27 13.28
CA ALA H 76 -47.17 -0.97 13.27
C ALA H 76 -46.87 -1.66 11.95
N LEU H 77 -47.10 -0.95 10.85
CA LEU H 77 -46.66 -1.41 9.54
C LEU H 77 -45.52 -0.51 9.09
N ARG H 78 -44.31 -0.92 9.47
CA ARG H 78 -43.13 -0.09 9.30
C ARG H 78 -42.74 0.09 7.84
N GLY H 79 -42.99 -0.93 7.02
CA GLY H 79 -42.66 -0.86 5.61
C GLY H 79 -43.53 0.19 4.94
N LEU H 80 -44.82 0.17 5.23
CA LEU H 80 -45.72 1.14 4.62
C LEU H 80 -45.43 2.54 5.15
N ALA H 81 -45.18 2.65 6.46
CA ALA H 81 -44.80 3.94 7.03
C ALA H 81 -43.61 4.52 6.28
N LYS H 82 -42.57 3.71 6.13
CA LYS H 82 -41.35 4.15 5.43
C LYS H 82 -41.65 4.55 3.98
N PHE H 83 -42.40 3.71 3.29
CA PHE H 83 -42.81 3.99 1.91
C PHE H 83 -43.56 5.32 1.75
N PHE H 84 -44.52 5.58 2.63
CA PHE H 84 -45.24 6.84 2.53
C PHE H 84 -44.41 8.06 2.95
N LYS H 85 -43.52 7.87 3.91
CA LYS H 85 -42.62 8.94 4.32
C LYS H 85 -41.72 9.32 3.14
N GLU H 86 -41.14 8.33 2.49
CA GLU H 86 -40.29 8.57 1.35
C GLU H 86 -41.07 9.19 0.18
N SER H 87 -42.28 8.66 -0.06
CA SER H 87 -43.12 9.19 -1.14
C SER H 87 -43.47 10.65 -0.89
N SER H 88 -43.74 11.00 0.36
CA SER H 88 -44.03 12.38 0.71
C SER H 88 -42.88 13.31 0.36
N GLU H 89 -41.66 12.89 0.71
CA GLU H 89 -40.49 13.69 0.40
C GLU H 89 -40.30 13.85 -1.11
N GLU H 90 -40.51 12.78 -1.87
CA GLU H 90 -40.33 12.83 -3.31
CA GLU H 90 -40.32 12.86 -3.31
C GLU H 90 -41.38 13.74 -3.96
N GLU H 91 -42.61 13.70 -3.43
CA GLU H 91 -43.66 14.55 -3.95
C GLU H 91 -43.35 16.02 -3.75
N ARG H 92 -42.76 16.34 -2.61
CA ARG H 92 -42.36 17.72 -2.35
C ARG H 92 -41.28 18.15 -3.34
N GLU H 93 -40.37 17.24 -3.67
CA GLU H 93 -39.38 17.49 -4.72
C GLU H 93 -40.05 17.70 -6.08
N HIS H 94 -41.10 16.95 -6.35
CA HIS H 94 -41.87 17.18 -7.58
C HIS H 94 -42.42 18.60 -7.62
N ALA H 95 -42.93 19.07 -6.48
CA ALA H 95 -43.44 20.43 -6.39
C ALA H 95 -42.30 21.41 -6.59
N GLU H 96 -41.18 21.16 -5.91
CA GLU H 96 -40.06 22.08 -5.98
C GLU H 96 -39.51 22.22 -7.39
N LYS H 97 -39.45 21.12 -8.13
CA LYS H 97 -38.92 21.17 -9.50
C LYS H 97 -39.78 22.06 -10.42
N LEU H 98 -41.08 22.02 -10.20
CA LEU H 98 -41.99 22.90 -10.91
C LEU H 98 -41.83 24.36 -10.45
N MET H 99 -41.61 24.57 -9.15
CA MET H 99 -41.36 25.93 -8.66
C MET H 99 -40.11 26.48 -9.34
N GLU H 100 -39.08 25.64 -9.40
CA GLU H 100 -37.86 26.06 -10.05
C GLU H 100 -38.06 26.31 -11.53
N TYR H 101 -38.85 25.46 -12.19
CA TYR H 101 -39.15 25.65 -13.60
C TYR H 101 -39.84 26.98 -13.85
N GLN H 102 -40.85 27.27 -13.03
CA GLN H 102 -41.57 28.54 -13.11
C GLN H 102 -40.56 29.69 -13.15
N ASN H 103 -39.60 29.70 -12.23
CA ASN H 103 -38.58 30.74 -12.23
C ASN H 103 -37.63 30.72 -13.42
N LYS H 104 -37.27 29.54 -13.93
CA LYS H 104 -36.48 29.46 -15.16
C LYS H 104 -37.18 30.19 -16.31
N ARG H 105 -38.50 30.08 -16.39
CA ARG H 105 -39.25 30.71 -17.48
C ARG H 105 -39.68 32.12 -17.16
N GLY H 106 -39.38 32.59 -15.97
CA GLY H 106 -39.72 33.95 -15.60
C GLY H 106 -41.19 34.17 -15.22
N GLY H 107 -41.88 33.09 -14.87
CA GLY H 107 -43.19 33.20 -14.26
C GLY H 107 -43.01 33.45 -12.78
N LYS H 108 -44.07 33.83 -12.10
CA LYS H 108 -44.00 34.04 -10.66
C LYS H 108 -44.71 32.92 -9.92
N VAL H 109 -43.97 32.25 -9.05
CA VAL H 109 -44.52 31.18 -8.23
C VAL H 109 -45.54 31.72 -7.25
N LYS H 110 -46.73 31.12 -7.21
CA LYS H 110 -47.73 31.48 -6.22
C LYS H 110 -48.19 30.22 -5.50
N LEU H 111 -47.64 29.98 -4.32
CA LEU H 111 -48.06 28.82 -3.54
C LEU H 111 -49.48 29.06 -3.04
N GLN H 112 -50.30 28.03 -3.08
CA GLN H 112 -51.69 28.17 -2.67
CA GLN H 112 -51.71 28.12 -2.72
C GLN H 112 -51.97 27.32 -1.43
N SER H 113 -53.17 27.46 -0.87
CA SER H 113 -53.50 26.76 0.37
CA SER H 113 -53.48 26.76 0.37
C SER H 113 -53.39 25.26 0.17
N ILE H 114 -53.18 24.54 1.27
CA ILE H 114 -53.18 23.09 1.26
C ILE H 114 -54.24 22.60 2.22
N VAL H 115 -55.17 21.80 1.71
CA VAL H 115 -56.32 21.35 2.48
C VAL H 115 -55.94 20.26 3.49
N MET H 116 -56.66 20.22 4.61
CA MET H 116 -56.46 19.14 5.58
C MET H 116 -56.74 17.79 4.94
N PRO H 117 -55.81 16.84 5.10
CA PRO H 117 -56.02 15.50 4.56
C PRO H 117 -56.76 14.61 5.57
N LEU H 118 -57.16 13.42 5.14
CA LEU H 118 -57.65 12.39 6.04
C LEU H 118 -56.56 12.03 7.02
N SER H 119 -56.93 11.62 8.23
CA SER H 119 -55.94 11.18 9.21
C SER H 119 -55.94 9.66 9.42
N ASP H 120 -57.14 9.06 9.35
CA ASP H 120 -57.29 7.62 9.55
C ASP H 120 -57.41 6.91 8.21
N PHE H 121 -56.70 5.79 8.07
CA PHE H 121 -56.76 5.01 6.84
C PHE H 121 -57.19 3.57 7.07
N ASP H 122 -57.90 3.34 8.16
N ASP H 122 -57.89 3.31 8.17
CA ASP H 122 -58.46 2.03 8.45
CA ASP H 122 -58.37 1.96 8.39
C ASP H 122 -59.57 1.70 7.45
C ASP H 122 -59.60 1.69 7.53
N HIS H 123 -59.81 0.42 7.23
CA HIS H 123 -60.90 -0.01 6.39
C HIS H 123 -61.25 -1.44 6.79
N ALA H 124 -62.50 -1.66 7.19
CA ALA H 124 -62.93 -2.96 7.72
C ALA H 124 -62.79 -4.08 6.69
N ASP H 125 -63.34 -3.86 5.50
CA ASP H 125 -63.36 -4.89 4.46
C ASP H 125 -61.99 -5.11 3.82
N LYS H 126 -61.35 -4.03 3.40
CA LYS H 126 -60.12 -4.15 2.63
C LYS H 126 -58.90 -4.37 3.53
N GLY H 127 -58.95 -3.80 4.72
CA GLY H 127 -57.78 -3.75 5.58
C GLY H 127 -57.05 -2.45 5.31
N ASP H 128 -56.33 -1.92 6.31
CA ASP H 128 -55.69 -0.61 6.16
C ASP H 128 -54.65 -0.54 5.02
N ALA H 129 -53.79 -1.55 4.92
CA ALA H 129 -52.73 -1.55 3.90
C ALA H 129 -53.30 -1.48 2.49
N LEU H 130 -54.21 -2.38 2.14
CA LEU H 130 -54.79 -2.40 0.79
C LEU H 130 -55.54 -1.10 0.51
N HIS H 131 -56.33 -0.63 1.47
CA HIS H 131 -57.07 0.60 1.32
C HIS H 131 -56.16 1.78 1.05
N ALA H 132 -55.10 1.90 1.85
CA ALA H 132 -54.14 2.98 1.67
C ALA H 132 -53.47 2.90 0.30
N MET H 133 -53.05 1.70 -0.11
CA MET H 133 -52.42 1.54 -1.42
C MET H 133 -53.37 1.84 -2.57
N GLU H 134 -54.63 1.46 -2.43
CA GLU H 134 -55.62 1.80 -3.45
C GLU H 134 -55.85 3.30 -3.51
N LEU H 135 -55.86 3.95 -2.34
CA LEU H 135 -55.94 5.42 -2.32
C LEU H 135 -54.73 6.06 -3.03
N ALA H 136 -53.54 5.54 -2.76
CA ALA H 136 -52.33 6.08 -3.37
C ALA H 136 -52.39 5.92 -4.88
N LEU H 137 -52.89 4.77 -5.33
CA LEU H 137 -53.03 4.55 -6.77
C LEU H 137 -53.99 5.54 -7.41
N SER H 138 -55.15 5.76 -6.77
CA SER H 138 -56.12 6.74 -7.23
C SER H 138 -55.54 8.14 -7.29
N LEU H 139 -54.77 8.50 -6.26
CA LEU H 139 -54.14 9.82 -6.19
CA LEU H 139 -54.15 9.82 -6.19
C LEU H 139 -53.10 10.02 -7.28
N GLU H 140 -52.37 8.95 -7.61
CA GLU H 140 -51.35 9.04 -8.65
C GLU H 140 -52.01 9.16 -10.02
N LYS H 141 -53.12 8.44 -10.21
CA LYS H 141 -53.86 8.54 -11.46
C LYS H 141 -54.47 9.94 -11.60
N LEU H 142 -54.93 10.49 -10.49
N LEU H 142 -54.95 10.50 -10.50
CA LEU H 142 -55.46 11.86 -10.49
CA LEU H 142 -55.45 11.87 -10.54
C LEU H 142 -54.36 12.85 -10.87
C LEU H 142 -54.33 12.83 -10.91
N THR H 143 -53.16 12.64 -10.31
CA THR H 143 -52.03 13.51 -10.61
C THR H 143 -51.68 13.40 -12.09
N ASN H 144 -51.77 12.19 -12.63
CA ASN H 144 -51.51 12.00 -14.04
C ASN H 144 -52.50 12.78 -14.92
N GLU H 145 -53.79 12.71 -14.57
CA GLU H 145 -54.78 13.50 -15.31
C GLU H 145 -54.42 14.97 -15.27
N LYS H 146 -54.02 15.45 -14.09
CA LYS H 146 -53.64 16.85 -13.92
C LYS H 146 -52.39 17.22 -14.73
N LEU H 147 -51.40 16.34 -14.77
CA LEU H 147 -50.19 16.60 -15.56
C LEU H 147 -50.51 16.64 -17.04
N LEU H 148 -51.37 15.74 -17.50
CA LEU H 148 -51.79 15.74 -18.90
C LEU H 148 -52.59 17.01 -19.22
N ASN H 149 -53.38 17.47 -18.26
N ASN H 149 -53.37 17.49 -18.26
CA ASN H 149 -54.09 18.76 -18.41
CA ASN H 149 -54.09 18.75 -18.42
C ASN H 149 -53.09 19.91 -18.57
C ASN H 149 -53.13 19.93 -18.53
N LEU H 150 -52.08 19.93 -17.72
CA LEU H 150 -51.03 20.93 -17.80
C LEU H 150 -50.35 20.87 -19.18
N HIS H 151 -50.07 19.66 -19.63
CA HIS H 151 -49.45 19.47 -20.94
C HIS H 151 -50.37 20.07 -22.02
N SER H 152 -51.68 19.87 -21.85
CA SER H 152 -52.68 20.40 -22.79
CA SER H 152 -52.64 20.39 -22.82
C SER H 152 -52.68 21.93 -22.82
N VAL H 153 -52.56 22.53 -21.64
CA VAL H 153 -52.44 23.99 -21.55
C VAL H 153 -51.22 24.45 -22.38
N ALA H 154 -50.09 23.77 -22.20
CA ALA H 154 -48.90 24.12 -22.96
C ALA H 154 -49.11 23.99 -24.47
N THR H 155 -49.64 22.86 -24.94
CA THR H 155 -49.76 22.72 -26.39
C THR H 155 -50.81 23.66 -26.96
N LYS H 156 -51.91 23.87 -26.23
CA LYS H 156 -52.96 24.76 -26.71
C LYS H 156 -52.47 26.20 -26.79
N ASN H 157 -51.48 26.53 -25.99
CA ASN H 157 -50.87 27.86 -26.03
C ASN H 157 -49.60 27.95 -26.86
N GLY H 158 -49.24 26.85 -27.51
CA GLY H 158 -48.06 26.83 -28.36
C GLY H 158 -46.74 26.92 -27.60
N ASP H 159 -46.72 26.46 -26.35
CA ASP H 159 -45.47 26.50 -25.60
C ASP H 159 -44.72 25.19 -25.74
N VAL H 160 -43.75 25.18 -26.65
CA VAL H 160 -43.02 23.96 -26.99
C VAL H 160 -42.19 23.46 -25.81
N GLN H 161 -41.47 24.37 -25.14
CA GLN H 161 -40.53 23.95 -24.11
C GLN H 161 -41.25 23.52 -22.82
N LEU H 162 -42.36 24.16 -22.49
CA LEU H 162 -43.15 23.73 -21.34
C LEU H 162 -43.67 22.31 -21.57
N ALA H 163 -44.23 22.05 -22.76
CA ALA H 163 -44.73 20.71 -23.07
C ALA H 163 -43.63 19.66 -22.92
N ASP H 164 -42.45 20.00 -23.44
CA ASP H 164 -41.27 19.14 -23.35
C ASP H 164 -40.88 18.86 -21.89
N PHE H 165 -40.83 19.92 -21.10
CA PHE H 165 -40.47 19.78 -19.69
C PHE H 165 -41.42 18.83 -18.97
N VAL H 166 -42.73 19.05 -19.19
CA VAL H 166 -43.72 18.18 -18.53
C VAL H 166 -43.53 16.72 -18.94
N GLU H 167 -43.36 16.49 -20.24
CA GLU H 167 -43.18 15.12 -20.72
C GLU H 167 -41.94 14.49 -20.11
N THR H 168 -40.83 15.21 -20.21
CA THR H 168 -39.51 14.66 -19.86
C THR H 168 -39.38 14.44 -18.35
N GLU H 169 -39.84 15.41 -17.57
CA GLU H 169 -39.62 15.35 -16.13
C GLU H 169 -40.75 14.69 -15.37
N TYR H 170 -41.95 14.64 -15.95
CA TYR H 170 -43.11 14.18 -15.18
C TYR H 170 -43.86 12.97 -15.75
N LEU H 171 -44.18 12.99 -17.04
CA LEU H 171 -45.11 12.00 -17.58
C LEU H 171 -44.59 10.57 -17.53
N GLY H 172 -43.32 10.39 -17.89
CA GLY H 172 -42.71 9.07 -17.88
C GLY H 172 -42.61 8.54 -16.46
N ALA H 173 -42.15 9.40 -15.55
CA ALA H 173 -42.05 9.04 -14.14
C ALA H 173 -43.40 8.69 -13.56
N GLN H 174 -44.45 9.39 -14.01
CA GLN H 174 -45.79 9.16 -13.49
CA GLN H 174 -45.78 9.15 -13.48
C GLN H 174 -46.30 7.77 -13.89
N VAL H 175 -45.98 7.36 -15.11
CA VAL H 175 -46.38 6.03 -15.59
C VAL H 175 -45.69 4.96 -14.73
N GLU H 176 -44.41 5.17 -14.45
CA GLU H 176 -43.70 4.23 -13.58
C GLU H 176 -44.29 4.15 -12.19
N ALA H 177 -44.60 5.30 -11.60
CA ALA H 177 -45.18 5.30 -10.25
C ALA H 177 -46.52 4.59 -10.23
N ILE H 178 -47.31 4.75 -11.29
CA ILE H 178 -48.61 4.10 -11.34
C ILE H 178 -48.45 2.58 -11.46
N LYS H 179 -47.50 2.12 -12.27
CA LYS H 179 -47.28 0.68 -12.36
C LYS H 179 -46.80 0.12 -11.03
N ARG H 180 -45.93 0.88 -10.37
CA ARG H 180 -45.35 0.43 -9.10
C ARG H 180 -46.42 0.23 -8.03
N ILE H 181 -47.29 1.22 -7.86
CA ILE H 181 -48.33 1.12 -6.85
CA ILE H 181 -48.35 1.13 -6.87
C ILE H 181 -49.37 0.07 -7.23
N SER H 182 -49.68 -0.04 -8.53
CA SER H 182 -50.61 -1.07 -8.99
C SER H 182 -50.09 -2.45 -8.60
N GLU H 183 -48.79 -2.66 -8.76
CA GLU H 183 -48.19 -3.93 -8.34
C GLU H 183 -48.36 -4.17 -6.83
N TYR H 184 -48.18 -3.14 -6.03
CA TYR H 184 -48.39 -3.27 -4.58
C TYR H 184 -49.83 -3.68 -4.28
N VAL H 185 -50.78 -3.00 -4.92
CA VAL H 185 -52.19 -3.34 -4.77
C VAL H 185 -52.42 -4.81 -5.09
N ALA H 186 -51.88 -5.27 -6.22
CA ALA H 186 -52.09 -6.65 -6.63
C ALA H 186 -51.52 -7.62 -5.62
N GLN H 187 -50.31 -7.33 -5.13
CA GLN H 187 -49.68 -8.21 -4.14
C GLN H 187 -50.45 -8.24 -2.84
N LEU H 188 -50.95 -7.08 -2.42
CA LEU H 188 -51.74 -7.02 -1.18
C LEU H 188 -53.02 -7.84 -1.32
N ARG H 189 -53.64 -7.78 -2.50
CA ARG H 189 -54.81 -8.60 -2.76
C ARG H 189 -54.47 -10.09 -2.74
N ARG H 190 -53.28 -10.45 -3.23
CA ARG H 190 -52.92 -11.86 -3.30
C ARG H 190 -52.60 -12.47 -1.92
N VAL H 191 -51.91 -11.73 -1.06
CA VAL H 191 -51.47 -12.31 0.21
C VAL H 191 -52.57 -12.32 1.28
N GLY H 192 -53.56 -11.45 1.14
CA GLY H 192 -54.68 -11.42 2.07
C GLY H 192 -54.35 -10.76 3.40
N LYS H 193 -55.36 -10.46 4.20
CA LYS H 193 -55.19 -9.79 5.46
C LYS H 193 -54.44 -10.65 6.48
N GLY H 194 -53.78 -9.98 7.42
CA GLY H 194 -53.16 -10.67 8.54
C GLY H 194 -51.69 -10.96 8.32
N HIS H 195 -51.32 -12.24 8.38
CA HIS H 195 -49.94 -12.65 8.19
C HIS H 195 -49.41 -12.19 6.83
N GLY H 196 -50.23 -12.29 5.80
CA GLY H 196 -49.82 -11.88 4.46
C GLY H 196 -49.46 -10.40 4.36
N VAL H 197 -50.33 -9.54 4.86
CA VAL H 197 -50.08 -8.10 4.82
C VAL H 197 -48.81 -7.75 5.58
N TRP H 198 -48.66 -8.33 6.77
CA TRP H 198 -47.46 -8.10 7.57
C TRP H 198 -46.20 -8.52 6.81
N HIS H 199 -46.29 -9.65 6.11
CA HIS H 199 -45.16 -10.15 5.35
C HIS H 199 -44.87 -9.23 4.16
N PHE H 200 -45.93 -8.80 3.46
CA PHE H 200 -45.73 -7.87 2.36
C PHE H 200 -45.05 -6.60 2.90
N ASP H 201 -45.49 -6.16 4.06
CA ASP H 201 -44.93 -4.96 4.66
C ASP H 201 -43.43 -5.13 4.96
N GLN H 202 -43.03 -6.29 5.46
CA GLN H 202 -41.60 -6.59 5.66
C GLN H 202 -40.82 -6.53 4.35
N MET H 203 -41.42 -7.03 3.28
CA MET H 203 -40.80 -6.96 1.96
C MET H 203 -40.58 -5.49 1.60
N LEU H 204 -41.63 -4.69 1.75
CA LEU H 204 -41.58 -3.27 1.45
C LEU H 204 -40.58 -2.55 2.35
N LEU H 205 -40.51 -2.97 3.61
CA LEU H 205 -39.57 -2.39 4.55
C LEU H 205 -38.13 -2.55 4.02
N HIS H 206 -37.84 -3.71 3.46
CA HIS H 206 -36.47 -4.01 3.02
C HIS H 206 -36.26 -3.87 1.51
N GLU H 207 -37.24 -3.30 0.82
CA GLU H 207 -37.17 -3.15 -0.63
C GLU H 207 -36.26 -1.98 -1.02
N PHE I 15 -19.03 39.23 44.97
CA PHE I 15 -18.76 37.83 45.29
C PHE I 15 -17.34 37.63 45.82
N GLU I 16 -17.23 37.16 47.06
CA GLU I 16 -15.92 36.86 47.65
C GLU I 16 -15.76 35.38 48.00
N PRO I 17 -15.14 34.61 47.09
CA PRO I 17 -14.98 33.16 47.20
C PRO I 17 -14.54 32.71 48.59
N PHE I 18 -13.51 33.35 49.13
CA PHE I 18 -12.93 32.90 50.39
C PHE I 18 -13.78 33.23 51.61
N GLU I 19 -14.62 34.26 51.49
CA GLU I 19 -15.58 34.56 52.54
C GLU I 19 -16.78 33.62 52.45
N GLU I 20 -17.39 33.51 51.27
CA GLU I 20 -18.59 32.69 51.11
C GLU I 20 -18.33 31.18 51.22
N VAL I 21 -17.08 30.75 51.06
CA VAL I 21 -16.77 29.32 51.18
C VAL I 21 -16.65 28.83 52.61
N LYS I 22 -16.51 29.75 53.57
CA LYS I 22 -16.38 29.35 54.96
C LYS I 22 -17.57 28.50 55.38
N LYS I 23 -18.76 28.90 54.96
CA LYS I 23 -19.99 28.17 55.26
C LYS I 23 -19.96 26.72 54.74
N GLU I 24 -19.50 26.54 53.50
CA GLU I 24 -19.40 25.21 52.90
C GLU I 24 -18.24 24.40 53.46
N LEU I 25 -17.15 25.09 53.82
CA LEU I 25 -15.96 24.45 54.33
C LEU I 25 -16.20 23.90 55.73
N ASP I 26 -17.01 24.62 56.50
CA ASP I 26 -17.38 24.19 57.85
C ASP I 26 -18.15 22.87 57.82
N LEU I 27 -18.76 22.57 56.68
CA LEU I 27 -19.64 21.41 56.56
C LEU I 27 -18.93 20.15 56.09
N VAL I 28 -17.67 20.26 55.65
CA VAL I 28 -16.91 19.09 55.20
C VAL I 28 -16.80 18.07 56.33
N PRO I 29 -17.47 16.91 56.15
CA PRO I 29 -17.54 15.87 57.19
C PRO I 29 -16.16 15.34 57.60
N THR I 30 -16.07 14.85 58.84
CA THR I 30 -14.82 14.33 59.38
C THR I 30 -14.84 12.81 59.51
N VAL I 31 -15.99 12.24 59.84
CA VAL I 31 -16.10 10.79 59.99
C VAL I 31 -16.03 10.08 58.64
N PRO I 32 -15.23 9.01 58.56
CA PRO I 32 -14.99 8.28 57.31
C PRO I 32 -16.24 7.64 56.69
N GLN I 33 -17.31 7.47 57.47
CA GLN I 33 -18.52 6.83 56.98
CA GLN I 33 -18.52 6.83 56.97
C GLN I 33 -19.48 7.79 56.28
N ALA I 34 -19.29 9.09 56.52
CA ALA I 34 -20.17 10.10 55.94
C ALA I 34 -19.71 10.48 54.54
N SER I 35 -20.67 10.72 53.67
CA SER I 35 -20.36 11.20 52.33
C SER I 35 -19.78 12.61 52.38
N LEU I 36 -18.71 12.81 51.62
CA LEU I 36 -18.12 14.12 51.43
CA LEU I 36 -18.11 14.13 51.42
C LEU I 36 -18.86 14.92 50.36
N ALA I 37 -19.47 14.21 49.42
CA ALA I 37 -20.12 14.84 48.27
C ALA I 37 -21.56 15.30 48.53
N ARG I 38 -22.24 14.60 49.43
CA ARG I 38 -23.68 14.84 49.61
C ARG I 38 -24.01 16.30 49.83
N GLN I 39 -24.93 16.83 49.04
CA GLN I 39 -25.35 18.23 49.16
C GLN I 39 -26.76 18.42 48.63
N LYS I 40 -27.64 18.96 49.49
CA LYS I 40 -29.02 19.21 49.11
C LYS I 40 -29.68 17.96 48.53
N TYR I 41 -29.49 16.84 49.23
CA TYR I 41 -30.00 15.55 48.80
C TYR I 41 -30.65 14.90 50.01
N VAL I 42 -31.97 14.99 50.10
CA VAL I 42 -32.65 14.62 51.34
C VAL I 42 -32.94 13.13 51.41
N ASP I 43 -33.23 12.65 52.61
CA ASP I 43 -33.46 11.22 52.84
C ASP I 43 -34.55 10.63 51.96
N GLU I 44 -35.63 11.39 51.73
CA GLU I 44 -36.71 10.89 50.88
CA GLU I 44 -36.71 10.91 50.88
C GLU I 44 -36.24 10.63 49.45
N SER I 45 -35.37 11.50 48.95
CA SER I 45 -34.82 11.35 47.60
C SER I 45 -33.93 10.11 47.53
N GLU I 46 -33.06 9.99 48.52
CA GLU I 46 -32.18 8.84 48.63
C GLU I 46 -32.99 7.54 48.67
N SER I 47 -34.05 7.53 49.46
CA SER I 47 -34.92 6.34 49.59
C SER I 47 -35.64 6.02 48.28
N ALA I 48 -36.13 7.04 47.60
CA ALA I 48 -36.83 6.87 46.33
C ALA I 48 -35.91 6.31 45.25
N VAL I 49 -34.66 6.76 45.23
CA VAL I 49 -33.68 6.18 44.32
C VAL I 49 -33.43 4.70 44.64
N ASN I 50 -33.25 4.36 45.92
CA ASN I 50 -33.14 2.95 46.30
C ASN I 50 -34.36 2.13 45.87
N GLU I 51 -35.55 2.69 45.98
CA GLU I 51 -36.75 2.00 45.55
CA GLU I 51 -36.76 2.00 45.55
C GLU I 51 -36.71 1.74 44.05
N GLN I 52 -36.30 2.75 43.27
CA GLN I 52 -36.24 2.60 41.81
C GLN I 52 -35.17 1.58 41.41
N ILE I 53 -34.07 1.55 42.13
CA ILE I 53 -33.07 0.53 41.84
CA ILE I 53 -33.05 0.51 41.94
C ILE I 53 -33.70 -0.86 41.96
N ASN I 54 -34.50 -1.07 43.01
CA ASN I 54 -35.16 -2.36 43.20
C ASN I 54 -36.20 -2.66 42.11
N VAL I 55 -36.91 -1.64 41.66
CA VAL I 55 -37.84 -1.81 40.54
C VAL I 55 -37.12 -2.31 39.28
N GLU I 56 -36.04 -1.63 38.91
CA GLU I 56 -35.30 -1.98 37.70
C GLU I 56 -34.71 -3.39 37.83
N TYR I 57 -34.21 -3.72 39.02
CA TYR I 57 -33.60 -5.01 39.23
C TYR I 57 -34.65 -6.11 39.15
N ASN I 58 -35.81 -5.85 39.74
CA ASN I 58 -36.91 -6.79 39.64
C ASN I 58 -37.32 -7.06 38.19
N VAL I 59 -37.43 -6.00 37.39
CA VAL I 59 -37.81 -6.17 35.98
C VAL I 59 -36.73 -6.95 35.22
N SER I 60 -35.46 -6.69 35.54
CA SER I 60 -34.38 -7.49 34.94
C SER I 60 -34.60 -8.98 35.20
N TYR I 61 -34.99 -9.31 36.43
CA TYR I 61 -35.15 -10.69 36.86
C TYR I 61 -36.34 -11.34 36.16
N VAL I 62 -37.44 -10.61 36.08
CA VAL I 62 -38.62 -11.07 35.35
C VAL I 62 -38.27 -11.33 33.88
N TYR I 63 -37.56 -10.40 33.24
CA TYR I 63 -37.16 -10.65 31.85
C TYR I 63 -36.25 -11.87 31.74
N HIS I 64 -35.38 -12.07 32.72
CA HIS I 64 -34.55 -13.26 32.67
C HIS I 64 -35.41 -14.53 32.77
N ALA I 65 -36.46 -14.50 33.57
CA ALA I 65 -37.38 -15.64 33.65
C ALA I 65 -38.07 -15.86 32.29
N MET I 66 -38.39 -14.78 31.59
CA MET I 66 -39.05 -14.92 30.31
C MET I 66 -38.11 -15.53 29.29
N PHE I 67 -36.85 -15.12 29.33
CA PHE I 67 -35.83 -15.75 28.50
C PHE I 67 -35.81 -17.25 28.76
N ALA I 68 -35.75 -17.64 30.03
CA ALA I 68 -35.61 -19.06 30.37
C ALA I 68 -36.80 -19.86 29.86
N TYR I 69 -37.98 -19.25 29.81
CA TYR I 69 -39.16 -19.93 29.27
C TYR I 69 -39.08 -20.09 27.76
N PHE I 70 -38.72 -19.03 27.05
CA PHE I 70 -38.70 -19.11 25.60
C PHE I 70 -37.51 -19.88 25.05
N ASP I 71 -36.52 -20.13 25.90
CA ASP I 71 -35.32 -20.90 25.55
C ASP I 71 -35.59 -22.41 25.66
N ARG I 72 -36.76 -22.78 26.19
CA ARG I 72 -37.13 -24.19 26.32
C ARG I 72 -37.20 -24.85 24.95
N ASP I 73 -36.77 -26.10 24.85
CA ASP I 73 -36.74 -26.78 23.56
C ASP I 73 -38.13 -26.94 22.94
N ASN I 74 -39.15 -27.08 23.77
CA ASN I 74 -40.50 -27.29 23.24
C ASN I 74 -41.22 -25.98 22.95
N VAL I 75 -40.61 -24.88 23.38
CA VAL I 75 -41.18 -23.56 23.09
C VAL I 75 -40.50 -23.03 21.84
N ALA I 76 -39.18 -23.01 21.87
CA ALA I 76 -38.38 -22.80 20.68
C ALA I 76 -38.74 -21.53 19.92
N LEU I 77 -38.88 -20.43 20.64
CA LEU I 77 -39.02 -19.12 20.01
C LEU I 77 -37.72 -18.38 20.25
N ARG I 78 -36.78 -18.55 19.33
CA ARG I 78 -35.43 -18.06 19.55
C ARG I 78 -35.33 -16.54 19.54
N GLY I 79 -36.21 -15.89 18.78
CA GLY I 79 -36.20 -14.45 18.68
C GLY I 79 -36.64 -13.83 20.00
N LEU I 80 -37.72 -14.38 20.56
CA LEU I 80 -38.23 -13.89 21.85
CA LEU I 80 -38.22 -13.88 21.84
C LEU I 80 -37.24 -14.18 22.98
N ALA I 81 -36.65 -15.36 22.96
CA ALA I 81 -35.65 -15.69 23.96
C ALA I 81 -34.53 -14.65 23.95
N LYS I 82 -33.99 -14.39 22.76
CA LYS I 82 -32.92 -13.42 22.59
C LYS I 82 -33.35 -12.03 23.04
N PHE I 83 -34.54 -11.60 22.61
CA PHE I 83 -35.08 -10.32 23.04
C PHE I 83 -35.17 -10.18 24.56
N PHE I 84 -35.72 -11.19 25.24
CA PHE I 84 -35.83 -11.11 26.69
C PHE I 84 -34.49 -11.23 27.41
N LYS I 85 -33.58 -12.00 26.84
CA LYS I 85 -32.24 -12.11 27.39
C LYS I 85 -31.55 -10.75 27.33
N GLU I 86 -31.63 -10.09 26.19
CA GLU I 86 -31.02 -8.76 26.03
C GLU I 86 -31.72 -7.71 26.91
N SER I 87 -33.04 -7.82 27.03
CA SER I 87 -33.78 -6.87 27.86
C SER I 87 -33.39 -7.02 29.33
N SER I 88 -33.17 -8.25 29.75
CA SER I 88 -32.78 -8.50 31.13
C SER I 88 -31.45 -7.81 31.43
N GLU I 89 -30.49 -7.94 30.52
CA GLU I 89 -29.18 -7.31 30.70
CA GLU I 89 -29.18 -7.32 30.67
C GLU I 89 -29.29 -5.79 30.72
N GLU I 90 -30.15 -5.24 29.88
CA GLU I 90 -30.33 -3.81 29.82
CA GLU I 90 -30.35 -3.80 29.81
C GLU I 90 -31.00 -3.27 31.09
N GLU I 91 -31.94 -4.03 31.63
CA GLU I 91 -32.61 -3.63 32.86
C GLU I 91 -31.62 -3.58 34.03
N ARG I 92 -30.73 -4.56 34.07
CA ARG I 92 -29.67 -4.55 35.08
C ARG I 92 -28.83 -3.30 34.93
N GLU I 93 -28.55 -2.90 33.69
CA GLU I 93 -27.82 -1.66 33.43
C GLU I 93 -28.60 -0.45 33.93
N HIS I 94 -29.91 -0.47 33.76
CA HIS I 94 -30.74 0.61 34.30
C HIS I 94 -30.61 0.71 35.82
N ALA I 95 -30.66 -0.44 36.47
CA ALA I 95 -30.47 -0.49 37.92
C ALA I 95 -29.10 0.05 38.28
N GLU I 96 -28.07 -0.37 37.54
CA GLU I 96 -26.71 0.00 37.91
C GLU I 96 -26.46 1.50 37.78
N LYS I 97 -27.06 2.10 36.76
CA LYS I 97 -26.89 3.53 36.54
C LYS I 97 -27.49 4.32 37.71
N LEU I 98 -28.57 3.81 38.27
CA LEU I 98 -29.19 4.44 39.43
C LEU I 98 -28.32 4.23 40.67
N MET I 99 -27.70 3.06 40.76
CA MET I 99 -26.74 2.80 41.85
C MET I 99 -25.58 3.78 41.78
N GLU I 100 -25.06 4.00 40.59
CA GLU I 100 -23.98 4.95 40.41
C GLU I 100 -24.42 6.37 40.71
N TYR I 101 -25.61 6.73 40.28
CA TYR I 101 -26.16 8.05 40.58
C TYR I 101 -26.31 8.26 42.09
N GLN I 102 -26.84 7.27 42.79
CA GLN I 102 -26.95 7.33 44.24
C GLN I 102 -25.59 7.73 44.81
N ASN I 103 -24.54 7.05 44.37
CA ASN I 103 -23.20 7.35 44.87
C ASN I 103 -22.68 8.72 44.45
N LYS I 104 -23.06 9.19 43.26
CA LYS I 104 -22.67 10.53 42.82
C LYS I 104 -23.22 11.61 43.73
N ARG I 105 -24.45 11.39 44.23
CA ARG I 105 -25.09 12.37 45.10
C ARG I 105 -24.76 12.15 46.58
N GLY I 106 -23.98 11.11 46.85
CA GLY I 106 -23.59 10.80 48.22
C GLY I 106 -24.67 10.16 49.06
N GLY I 107 -25.64 9.53 48.41
CA GLY I 107 -26.57 8.66 49.11
C GLY I 107 -25.96 7.29 49.26
N LYS I 108 -26.53 6.47 50.13
CA LYS I 108 -26.06 5.10 50.30
C LYS I 108 -26.99 4.11 49.62
N VAL I 109 -26.44 3.35 48.68
CA VAL I 109 -27.19 2.32 47.97
C VAL I 109 -27.59 1.23 48.95
N LYS I 110 -28.86 0.86 48.92
CA LYS I 110 -29.34 -0.26 49.70
C LYS I 110 -30.14 -1.17 48.81
N LEU I 111 -29.53 -2.27 48.39
CA LEU I 111 -30.21 -3.26 47.57
C LEU I 111 -31.21 -4.00 48.44
N GLN I 112 -32.38 -4.27 47.86
N GLN I 112 -32.40 -4.25 47.90
CA GLN I 112 -33.48 -4.91 48.56
CA GLN I 112 -33.40 -4.97 48.66
C GLN I 112 -33.79 -6.26 47.92
C GLN I 112 -33.61 -6.35 48.06
N SER I 113 -34.56 -7.08 48.62
CA SER I 113 -34.83 -8.44 48.13
C SER I 113 -35.51 -8.40 46.77
N ILE I 114 -35.33 -9.48 46.01
CA ILE I 114 -35.97 -9.64 44.72
C ILE I 114 -36.90 -10.83 44.82
N VAL I 115 -38.17 -10.62 44.51
CA VAL I 115 -39.18 -11.65 44.67
CA VAL I 115 -39.20 -11.63 44.66
C VAL I 115 -39.12 -12.67 43.54
N MET I 116 -39.53 -13.90 43.83
CA MET I 116 -39.58 -14.96 42.84
C MET I 116 -40.54 -14.55 41.74
N PRO I 117 -40.10 -14.64 40.48
CA PRO I 117 -40.99 -14.33 39.37
C PRO I 117 -41.77 -15.57 38.91
N LEU I 118 -42.75 -15.38 38.04
CA LEU I 118 -43.41 -16.50 37.37
C LEU I 118 -42.38 -17.20 36.48
N SER I 119 -42.58 -18.49 36.26
CA SER I 119 -41.65 -19.26 35.44
C SER I 119 -42.26 -19.64 34.09
N ASP I 120 -43.59 -19.80 34.09
N ASP I 120 -43.58 -19.83 34.06
CA ASP I 120 -44.33 -20.23 32.90
CA ASP I 120 -44.23 -20.26 32.83
C ASP I 120 -45.01 -19.04 32.26
C ASP I 120 -45.09 -19.15 32.25
N PHE I 121 -44.96 -18.94 30.94
CA PHE I 121 -45.63 -17.86 30.25
C PHE I 121 -46.54 -18.32 29.13
N ASP I 122 -47.10 -19.52 29.26
CA ASP I 122 -48.04 -19.97 28.25
CA ASP I 122 -48.05 -20.03 28.29
C ASP I 122 -49.40 -19.35 28.48
N HIS I 123 -50.18 -19.26 27.41
CA HIS I 123 -51.53 -18.71 27.49
C HIS I 123 -52.34 -19.35 26.38
N ALA I 124 -53.41 -20.05 26.76
CA ALA I 124 -54.19 -20.83 25.81
C ALA I 124 -54.85 -19.98 24.73
N ASP I 125 -55.45 -18.87 25.14
CA ASP I 125 -56.18 -18.00 24.21
CA ASP I 125 -56.17 -17.99 24.21
C ASP I 125 -55.24 -17.12 23.37
N LYS I 126 -54.32 -16.42 24.03
CA LYS I 126 -53.45 -15.47 23.33
C LYS I 126 -52.26 -16.12 22.62
N GLY I 127 -51.83 -17.27 23.12
CA GLY I 127 -50.56 -17.83 22.70
C GLY I 127 -49.46 -17.27 23.58
N ASP I 128 -48.39 -18.04 23.77
CA ASP I 128 -47.32 -17.63 24.66
C ASP I 128 -46.64 -16.32 24.24
N ALA I 129 -46.40 -16.15 22.96
CA ALA I 129 -45.66 -15.01 22.46
C ALA I 129 -46.39 -13.70 22.74
N LEU I 130 -47.66 -13.65 22.36
CA LEU I 130 -48.48 -12.46 22.55
C LEU I 130 -48.65 -12.16 24.03
N HIS I 131 -48.90 -13.21 24.80
CA HIS I 131 -49.08 -13.05 26.23
C HIS I 131 -47.82 -12.44 26.87
N ALA I 132 -46.66 -12.97 26.51
CA ALA I 132 -45.41 -12.48 27.06
C ALA I 132 -45.16 -11.02 26.68
N MET I 133 -45.45 -10.67 25.43
CA MET I 133 -45.19 -9.32 24.96
CA MET I 133 -45.22 -9.32 24.94
C MET I 133 -46.16 -8.33 25.62
N GLU I 134 -47.39 -8.77 25.88
CA GLU I 134 -48.36 -7.94 26.58
C GLU I 134 -47.94 -7.72 28.04
N LEU I 135 -47.39 -8.78 28.66
N LEU I 135 -47.38 -8.77 28.65
CA LEU I 135 -46.86 -8.66 30.01
CA LEU I 135 -46.85 -8.68 30.01
C LEU I 135 -45.67 -7.70 30.05
C LEU I 135 -45.67 -7.72 30.06
N ALA I 136 -44.79 -7.83 29.06
CA ALA I 136 -43.63 -6.96 28.96
C ALA I 136 -44.06 -5.52 28.82
N LEU I 137 -45.07 -5.28 27.99
CA LEU I 137 -45.60 -3.92 27.83
C LEU I 137 -46.09 -3.38 29.17
N SER I 138 -46.82 -4.20 29.91
N SER I 138 -46.82 -4.21 29.91
CA SER I 138 -47.38 -3.74 31.19
CA SER I 138 -47.38 -3.77 31.18
C SER I 138 -46.28 -3.53 32.23
C SER I 138 -46.29 -3.55 32.23
N LEU I 139 -45.22 -4.34 32.17
CA LEU I 139 -44.08 -4.16 33.07
C LEU I 139 -43.38 -2.85 32.77
N GLU I 140 -43.25 -2.53 31.49
CA GLU I 140 -42.61 -1.27 31.08
C GLU I 140 -43.45 -0.06 31.48
N LYS I 141 -44.77 -0.17 31.33
CA LYS I 141 -45.65 0.90 31.80
C LYS I 141 -45.61 1.09 33.32
N LEU I 142 -45.55 -0.03 34.05
CA LEU I 142 -45.41 0.01 35.50
C LEU I 142 -44.12 0.73 35.89
N THR I 143 -43.02 0.35 35.24
CA THR I 143 -41.74 1.01 35.48
C THR I 143 -41.79 2.50 35.18
N ASN I 144 -42.48 2.86 34.10
CA ASN I 144 -42.70 4.27 33.74
C ASN I 144 -43.45 4.99 34.87
N GLU I 145 -44.49 4.37 35.40
CA GLU I 145 -45.23 4.92 36.53
CA GLU I 145 -45.21 4.98 36.51
C GLU I 145 -44.29 5.13 37.71
N LYS I 146 -43.44 4.15 37.96
CA LYS I 146 -42.49 4.23 39.08
C LYS I 146 -41.47 5.34 38.85
N LEU I 147 -40.95 5.44 37.63
CA LEU I 147 -40.00 6.51 37.29
C LEU I 147 -40.64 7.88 37.48
N LEU I 148 -41.89 8.01 37.05
CA LEU I 148 -42.59 9.29 37.15
C LEU I 148 -42.84 9.64 38.61
N ASN I 149 -43.06 8.62 39.44
N ASN I 149 -43.08 8.61 39.43
CA ASN I 149 -43.21 8.83 40.87
CA ASN I 149 -43.21 8.77 40.88
C ASN I 149 -41.90 9.28 41.51
C ASN I 149 -41.91 9.26 41.51
N LEU I 150 -40.79 8.67 41.09
CA LEU I 150 -39.47 9.10 41.55
C LEU I 150 -39.29 10.56 41.17
N HIS I 151 -39.68 10.92 39.95
CA HIS I 151 -39.59 12.29 39.50
C HIS I 151 -40.43 13.22 40.39
N SER I 152 -41.61 12.76 40.77
CA SER I 152 -42.49 13.52 41.65
CA SER I 152 -42.49 13.52 41.65
C SER I 152 -41.88 13.73 43.03
N VAL I 153 -41.21 12.70 43.56
CA VAL I 153 -40.51 12.85 44.83
C VAL I 153 -39.43 13.94 44.73
N ALA I 154 -38.64 13.91 43.67
CA ALA I 154 -37.61 14.92 43.46
C ALA I 154 -38.21 16.33 43.40
N THR I 155 -39.24 16.50 42.59
CA THR I 155 -39.89 17.80 42.44
CA THR I 155 -39.85 17.81 42.45
C THR I 155 -40.49 18.30 43.74
N LYS I 156 -41.16 17.40 44.46
CA LYS I 156 -41.78 17.79 45.72
C LYS I 156 -40.74 18.19 46.77
N ASN I 157 -39.56 17.57 46.71
CA ASN I 157 -38.46 17.89 47.61
C ASN I 157 -37.54 19.00 47.08
N GLY I 158 -37.88 19.54 45.91
CA GLY I 158 -37.08 20.60 45.33
C GLY I 158 -35.70 20.17 44.87
N ASP I 159 -35.54 18.89 44.56
CA ASP I 159 -34.24 18.41 44.07
C ASP I 159 -34.17 18.55 42.56
N VAL I 160 -33.56 19.64 42.12
CA VAL I 160 -33.55 20.00 40.71
C VAL I 160 -32.74 19.00 39.90
N GLN I 161 -31.57 18.61 40.39
CA GLN I 161 -30.70 17.75 39.59
C GLN I 161 -31.19 16.30 39.52
N LEU I 162 -31.83 15.81 40.59
CA LEU I 162 -32.39 14.45 40.55
C LEU I 162 -33.52 14.42 39.53
N ALA I 163 -34.40 15.41 39.57
CA ALA I 163 -35.44 15.53 38.56
C ALA I 163 -34.84 15.52 37.14
N ASP I 164 -33.81 16.32 36.93
CA ASP I 164 -33.14 16.37 35.63
C ASP I 164 -32.55 15.01 35.22
N PHE I 165 -31.92 14.33 36.17
CA PHE I 165 -31.33 13.01 35.90
C PHE I 165 -32.39 12.00 35.45
N VAL I 166 -33.52 11.96 36.15
CA VAL I 166 -34.57 11.03 35.77
C VAL I 166 -35.11 11.35 34.38
N GLU I 167 -35.37 12.62 34.11
CA GLU I 167 -35.82 13.01 32.78
C GLU I 167 -34.84 12.60 31.68
N THR I 168 -33.57 12.96 31.87
CA THR I 168 -32.59 12.82 30.81
C THR I 168 -32.19 11.37 30.60
N GLU I 169 -31.96 10.65 31.69
CA GLU I 169 -31.48 9.27 31.58
C GLU I 169 -32.57 8.21 31.43
N TYR I 170 -33.79 8.48 31.90
CA TYR I 170 -34.81 7.41 31.94
C TYR I 170 -36.12 7.67 31.19
N LEU I 171 -36.68 8.87 31.30
CA LEU I 171 -38.06 9.07 30.80
C LEU I 171 -38.19 8.96 29.29
N GLY I 172 -37.26 9.56 28.55
CA GLY I 172 -37.29 9.45 27.10
C GLY I 172 -37.11 8.01 26.64
N ALA I 173 -36.09 7.35 27.19
CA ALA I 173 -35.83 5.96 26.87
C ALA I 173 -37.02 5.06 27.18
N GLN I 174 -37.72 5.37 28.28
CA GLN I 174 -38.86 4.56 28.69
C GLN I 174 -40.02 4.70 27.69
N VAL I 175 -40.21 5.91 27.18
CA VAL I 175 -41.21 6.16 26.12
C VAL I 175 -40.88 5.35 24.86
N GLU I 176 -39.60 5.35 24.47
CA GLU I 176 -39.17 4.56 23.31
C GLU I 176 -39.39 3.08 23.51
N ALA I 177 -39.06 2.58 24.70
CA ALA I 177 -39.21 1.13 24.97
C ALA I 177 -40.67 0.73 24.94
N ILE I 178 -41.52 1.57 25.50
CA ILE I 178 -42.96 1.31 25.46
C ILE I 178 -43.49 1.28 24.01
N LYS I 179 -43.08 2.21 23.16
CA LYS I 179 -43.57 2.15 21.78
C LYS I 179 -43.04 0.90 21.09
N ARG I 180 -41.77 0.57 21.36
CA ARG I 180 -41.17 -0.60 20.72
C ARG I 180 -41.97 -1.87 21.01
N ILE I 181 -42.27 -2.10 22.28
CA ILE I 181 -42.99 -3.32 22.67
C ILE I 181 -44.45 -3.27 22.20
N SER I 182 -45.05 -2.09 22.22
CA SER I 182 -46.40 -1.93 21.67
C SER I 182 -46.47 -2.38 20.22
N GLU I 183 -45.48 -1.98 19.43
CA GLU I 183 -45.37 -2.43 18.04
C GLU I 183 -45.29 -3.97 17.92
N TYR I 184 -44.55 -4.60 18.83
CA TYR I 184 -44.47 -6.06 18.84
C TYR I 184 -45.84 -6.69 19.15
N VAL I 185 -46.50 -6.17 20.17
CA VAL I 185 -47.84 -6.65 20.47
C VAL I 185 -48.74 -6.53 19.24
N ALA I 186 -48.69 -5.37 18.58
CA ALA I 186 -49.54 -5.12 17.42
C ALA I 186 -49.24 -6.09 16.28
N GLN I 187 -47.96 -6.32 16.02
CA GLN I 187 -47.56 -7.26 14.99
C GLN I 187 -47.97 -8.70 15.32
N LEU I 188 -47.78 -9.11 16.56
CA LEU I 188 -48.20 -10.45 16.99
C LEU I 188 -49.70 -10.64 16.81
N ARG I 189 -50.49 -9.61 17.14
CA ARG I 189 -51.93 -9.70 16.94
C ARG I 189 -52.27 -9.82 15.47
N ARG I 190 -51.51 -9.12 14.63
CA ARG I 190 -51.81 -9.14 13.19
C ARG I 190 -51.49 -10.49 12.54
N VAL I 191 -50.34 -11.07 12.89
CA VAL I 191 -49.91 -12.28 12.19
C VAL I 191 -50.64 -13.53 12.67
N GLY I 192 -51.10 -13.52 13.92
CA GLY I 192 -51.86 -14.65 14.43
C GLY I 192 -51.00 -15.84 14.84
N LYS I 193 -51.62 -16.78 15.54
CA LYS I 193 -50.89 -17.90 16.13
C LYS I 193 -50.31 -18.84 15.07
N GLY I 194 -49.29 -19.61 15.45
CA GLY I 194 -48.75 -20.63 14.57
C GLY I 194 -47.66 -20.12 13.66
N HIS I 195 -47.89 -20.25 12.36
CA HIS I 195 -46.91 -19.82 11.37
C HIS I 195 -46.59 -18.32 11.53
N GLY I 196 -47.62 -17.50 11.74
CA GLY I 196 -47.39 -16.07 11.88
C GLY I 196 -46.46 -15.73 13.05
N VAL I 197 -46.73 -16.34 14.20
CA VAL I 197 -45.90 -16.09 15.40
C VAL I 197 -44.46 -16.52 15.16
N TRP I 198 -44.29 -17.71 14.58
CA TRP I 198 -42.95 -18.19 14.28
C TRP I 198 -42.23 -17.21 13.36
N HIS I 199 -42.93 -16.69 12.36
CA HIS I 199 -42.34 -15.75 11.40
C HIS I 199 -41.96 -14.43 12.09
N PHE I 200 -42.86 -13.89 12.89
CA PHE I 200 -42.55 -12.70 13.67
C PHE I 200 -41.30 -12.95 14.50
N ASP I 201 -41.23 -14.11 15.12
CA ASP I 201 -40.09 -14.46 15.95
C ASP I 201 -38.78 -14.47 15.17
N GLN I 202 -38.83 -14.96 13.92
CA GLN I 202 -37.67 -14.94 13.03
C GLN I 202 -37.25 -13.51 12.72
N MET I 203 -38.24 -12.64 12.53
CA MET I 203 -37.98 -11.23 12.29
C MET I 203 -37.26 -10.65 13.50
N LEU I 204 -37.80 -10.94 14.68
CA LEU I 204 -37.24 -10.40 15.91
C LEU I 204 -35.84 -10.96 16.12
N LEU I 205 -35.65 -12.22 15.77
CA LEU I 205 -34.36 -12.89 15.93
C LEU I 205 -33.29 -12.16 15.14
N HIS I 206 -33.66 -11.62 13.99
CA HIS I 206 -32.69 -10.97 13.12
C HIS I 206 -32.76 -9.44 13.11
N GLU I 207 -33.73 -8.86 13.82
CA GLU I 207 -33.94 -7.40 13.76
C GLU I 207 -32.68 -6.63 14.19
N ILE J 14 24.85 56.51 -14.28
CA ILE J 14 24.61 56.13 -15.66
C ILE J 14 23.13 55.88 -15.92
N PHE J 15 22.35 55.84 -14.84
CA PHE J 15 20.91 55.63 -14.96
C PHE J 15 20.15 56.19 -13.75
N GLU J 16 19.21 57.08 -14.02
CA GLU J 16 18.36 57.66 -12.98
C GLU J 16 16.89 57.44 -13.32
N PRO J 17 16.33 56.33 -12.83
CA PRO J 17 14.97 55.87 -13.12
C PRO J 17 13.93 56.97 -12.95
N PHE J 18 13.96 57.66 -11.80
CA PHE J 18 12.93 58.66 -11.51
C PHE J 18 13.00 59.90 -12.40
N GLU J 19 14.20 60.20 -12.89
CA GLU J 19 14.37 61.31 -13.82
C GLU J 19 13.93 60.90 -15.22
N GLU J 20 14.23 59.66 -15.59
CA GLU J 20 13.98 59.20 -16.95
C GLU J 20 12.54 58.73 -17.18
N VAL J 21 11.74 58.68 -16.11
CA VAL J 21 10.31 58.37 -16.24
C VAL J 21 9.49 59.64 -16.40
N LYS J 22 10.12 60.79 -16.28
CA LYS J 22 9.43 62.08 -16.41
C LYS J 22 8.58 62.12 -17.67
N LYS J 23 9.17 61.73 -18.79
CA LYS J 23 8.47 61.67 -20.07
C LYS J 23 7.29 60.71 -20.04
N GLU J 24 7.54 59.51 -19.50
CA GLU J 24 6.57 58.42 -19.55
C GLU J 24 5.43 58.52 -18.53
N LEU J 25 5.77 58.73 -17.26
CA LEU J 25 4.75 58.81 -16.20
C LEU J 25 3.82 59.98 -16.43
N ASP J 26 4.26 60.94 -17.24
CA ASP J 26 3.46 62.10 -17.58
C ASP J 26 2.61 61.85 -18.83
N LEU J 27 2.95 60.80 -19.58
CA LEU J 27 2.27 60.48 -20.83
C LEU J 27 1.38 59.24 -20.72
N VAL J 28 0.86 58.99 -19.52
CA VAL J 28 -0.05 57.86 -19.28
C VAL J 28 -1.50 58.22 -19.62
N PRO J 29 -2.12 57.46 -20.54
CA PRO J 29 -3.48 57.77 -21.03
C PRO J 29 -4.49 58.15 -19.94
N THR J 30 -5.40 59.06 -20.29
CA THR J 30 -6.49 59.48 -19.42
C THR J 30 -7.80 58.90 -19.95
N VAL J 31 -8.06 59.18 -21.22
CA VAL J 31 -9.21 58.63 -21.95
C VAL J 31 -9.42 57.15 -21.64
N PRO J 32 -10.58 56.78 -21.11
CA PRO J 32 -10.85 55.40 -20.68
C PRO J 32 -10.74 54.36 -21.80
N GLN J 33 -10.95 54.80 -23.03
CA GLN J 33 -10.93 53.89 -24.19
CA GLN J 33 -10.93 53.88 -24.18
C GLN J 33 -9.53 53.64 -24.72
N ALA J 34 -8.55 54.40 -24.22
CA ALA J 34 -7.17 54.26 -24.68
C ALA J 34 -6.44 53.14 -23.93
N SER J 35 -5.60 52.41 -24.65
CA SER J 35 -4.76 51.38 -24.04
C SER J 35 -3.70 52.05 -23.16
N LEU J 36 -3.46 51.46 -21.99
CA LEU J 36 -2.40 51.92 -21.11
C LEU J 36 -1.10 51.23 -21.45
N ALA J 37 -1.21 50.02 -22.02
CA ALA J 37 -0.02 49.20 -22.31
C ALA J 37 0.67 49.60 -23.60
N ARG J 38 -0.09 50.12 -24.55
CA ARG J 38 0.42 50.26 -25.92
C ARG J 38 1.70 51.07 -25.95
N GLN J 39 2.73 50.48 -26.55
CA GLN J 39 4.04 51.11 -26.61
C GLN J 39 4.78 50.69 -27.87
N LYS J 40 5.12 51.67 -28.70
CA LYS J 40 5.83 51.38 -29.95
C LYS J 40 5.15 50.29 -30.79
N TYR J 41 3.84 50.41 -30.93
CA TYR J 41 3.03 49.46 -31.67
C TYR J 41 2.17 50.29 -32.62
N VAL J 42 2.61 50.40 -33.87
CA VAL J 42 1.96 51.32 -34.79
C VAL J 42 0.68 50.79 -35.43
N ASP J 43 -0.12 51.71 -35.94
CA ASP J 43 -1.39 51.35 -36.57
C ASP J 43 -1.22 50.27 -37.63
N GLU J 44 -0.17 50.38 -38.44
CA GLU J 44 0.03 49.41 -39.51
C GLU J 44 0.22 48.00 -38.95
N SER J 45 0.93 47.90 -37.84
CA SER J 45 1.17 46.60 -37.21
C SER J 45 -0.14 46.05 -36.65
N GLU J 46 -0.89 46.92 -35.97
CA GLU J 46 -2.16 46.56 -35.38
C GLU J 46 -3.11 46.07 -36.47
N SER J 47 -3.17 46.79 -37.59
CA SER J 47 -3.98 46.39 -38.73
C SER J 47 -3.58 45.04 -39.32
N ALA J 48 -2.28 44.82 -39.49
CA ALA J 48 -1.79 43.58 -40.07
C ALA J 48 -2.11 42.41 -39.15
N VAL J 49 -2.01 42.62 -37.84
CA VAL J 49 -2.39 41.57 -36.90
C VAL J 49 -3.88 41.23 -37.02
N ASN J 50 -4.73 42.27 -37.13
CA ASN J 50 -6.16 42.03 -37.33
C ASN J 50 -6.41 41.27 -38.62
N GLU J 51 -5.62 41.56 -39.65
CA GLU J 51 -5.78 40.86 -40.93
C GLU J 51 -5.42 39.39 -40.76
N GLN J 52 -4.32 39.11 -40.06
CA GLN J 52 -3.92 37.73 -39.84
C GLN J 52 -4.94 36.97 -39.00
N ILE J 53 -5.57 37.64 -38.04
CA ILE J 53 -6.62 37.00 -37.26
C ILE J 53 -7.70 36.50 -38.21
N ASN J 54 -8.08 37.34 -39.16
CA ASN J 54 -9.13 36.97 -40.13
C ASN J 54 -8.69 35.84 -41.05
N VAL J 55 -7.41 35.84 -41.42
CA VAL J 55 -6.86 34.74 -42.22
C VAL J 55 -7.00 33.42 -41.48
N GLU J 56 -6.53 33.39 -40.23
CA GLU J 56 -6.60 32.15 -39.45
C GLU J 56 -8.05 31.72 -39.26
N TYR J 57 -8.91 32.67 -38.93
CA TYR J 57 -10.31 32.36 -38.68
C TYR J 57 -10.97 31.79 -39.95
N ASN J 58 -10.61 32.35 -41.10
CA ASN J 58 -11.14 31.84 -42.36
C ASN J 58 -10.68 30.41 -42.63
N VAL J 59 -9.43 30.11 -42.31
CA VAL J 59 -8.93 28.76 -42.52
C VAL J 59 -9.65 27.80 -41.59
N SER J 60 -9.86 28.21 -40.34
CA SER J 60 -10.67 27.41 -39.42
C SER J 60 -12.02 27.05 -40.04
N TYR J 61 -12.67 28.02 -40.67
CA TYR J 61 -14.02 27.82 -41.21
C TYR J 61 -13.99 26.85 -42.38
N VAL J 62 -12.98 27.01 -43.23
CA VAL J 62 -12.81 26.11 -44.38
C VAL J 62 -12.56 24.68 -43.92
N TYR J 63 -11.70 24.50 -42.93
CA TYR J 63 -11.52 23.15 -42.39
C TYR J 63 -12.80 22.58 -41.80
N HIS J 64 -13.61 23.42 -41.17
CA HIS J 64 -14.89 22.96 -40.63
C HIS J 64 -15.80 22.50 -41.76
N ALA J 65 -15.80 23.24 -42.86
CA ALA J 65 -16.56 22.83 -44.05
C ALA J 65 -16.06 21.49 -44.59
N MET J 66 -14.75 21.29 -44.58
CA MET J 66 -14.22 20.02 -45.06
C MET J 66 -14.58 18.88 -44.12
N PHE J 67 -14.52 19.13 -42.82
CA PHE J 67 -15.06 18.17 -41.86
C PHE J 67 -16.49 17.79 -42.22
N ALA J 68 -17.33 18.79 -42.46
CA ALA J 68 -18.75 18.55 -42.73
C ALA J 68 -18.96 17.69 -43.97
N TYR J 69 -18.08 17.84 -44.94
CA TYR J 69 -18.15 17.03 -46.14
C TYR J 69 -17.78 15.57 -45.88
N PHE J 70 -16.63 15.33 -45.25
CA PHE J 70 -16.16 13.97 -45.05
C PHE J 70 -16.94 13.22 -43.98
N ASP J 71 -17.75 13.95 -43.22
CA ASP J 71 -18.63 13.36 -42.21
C ASP J 71 -19.96 12.89 -42.83
N ARG J 72 -20.17 13.18 -44.10
CA ARG J 72 -21.37 12.70 -44.79
C ARG J 72 -21.40 11.16 -44.81
N ASP J 73 -22.58 10.57 -44.63
CA ASP J 73 -22.71 9.12 -44.60
C ASP J 73 -22.24 8.46 -45.90
N ASN J 74 -22.43 9.15 -47.03
CA ASN J 74 -22.07 8.54 -48.32
C ASN J 74 -20.62 8.80 -48.70
N VAL J 75 -19.95 9.65 -47.94
CA VAL J 75 -18.53 9.87 -48.14
C VAL J 75 -17.74 8.96 -47.20
N ALA J 76 -18.09 9.01 -45.91
CA ALA J 76 -17.64 8.04 -44.91
C ALA J 76 -16.12 7.84 -44.86
N LEU J 77 -15.38 8.94 -44.84
CA LEU J 77 -13.95 8.89 -44.57
C LEU J 77 -13.74 9.47 -43.17
N ARG J 78 -13.79 8.59 -42.18
CA ARG J 78 -13.82 9.02 -40.80
C ARG J 78 -12.50 9.64 -40.37
N GLY J 79 -11.39 9.14 -40.90
CA GLY J 79 -10.08 9.66 -40.53
C GLY J 79 -9.91 11.08 -41.03
N LEU J 80 -10.32 11.33 -42.27
CA LEU J 80 -10.25 12.69 -42.82
CA LEU J 80 -10.26 12.68 -42.82
C LEU J 80 -11.21 13.63 -42.10
N ALA J 81 -12.41 13.15 -41.82
CA ALA J 81 -13.37 13.96 -41.06
C ALA J 81 -12.74 14.39 -39.74
N LYS J 82 -12.18 13.44 -39.01
CA LYS J 82 -11.52 13.71 -37.73
C LYS J 82 -10.35 14.69 -37.89
N PHE J 83 -9.51 14.46 -38.88
CA PHE J 83 -8.40 15.37 -39.13
C PHE J 83 -8.87 16.80 -39.41
N PHE J 84 -9.87 16.98 -40.27
CA PHE J 84 -10.31 18.35 -40.55
C PHE J 84 -11.03 19.01 -39.38
N LYS J 85 -11.73 18.21 -38.60
CA LYS J 85 -12.41 18.73 -37.43
C LYS J 85 -11.40 19.26 -36.42
N GLU J 86 -10.35 18.47 -36.19
CA GLU J 86 -9.31 18.85 -35.24
C GLU J 86 -8.52 20.03 -35.78
N SER J 87 -8.24 20.03 -37.09
CA SER J 87 -7.56 21.14 -37.73
C SER J 87 -8.35 22.44 -37.61
N SER J 88 -9.66 22.36 -37.78
CA SER J 88 -10.50 23.56 -37.65
C SER J 88 -10.35 24.14 -36.26
N GLU J 89 -10.38 23.27 -35.25
CA GLU J 89 -10.26 23.74 -33.86
C GLU J 89 -8.90 24.36 -33.59
N GLU J 90 -7.83 23.77 -34.13
CA GLU J 90 -6.50 24.33 -33.92
CA GLU J 90 -6.49 24.30 -33.95
C GLU J 90 -6.34 25.67 -34.62
N GLU J 91 -6.98 25.83 -35.78
CA GLU J 91 -6.91 27.08 -36.52
C GLU J 91 -7.61 28.19 -35.76
N ARG J 92 -8.73 27.87 -35.14
CA ARG J 92 -9.40 28.84 -34.29
C ARG J 92 -8.48 29.26 -33.14
N GLU J 93 -7.71 28.31 -32.62
CA GLU J 93 -6.75 28.64 -31.56
C GLU J 93 -5.65 29.56 -32.10
N HIS J 94 -5.22 29.33 -33.33
CA HIS J 94 -4.25 30.23 -33.96
C HIS J 94 -4.79 31.65 -34.02
N ALA J 95 -6.06 31.79 -34.37
CA ALA J 95 -6.68 33.11 -34.43
C ALA J 95 -6.76 33.73 -33.03
N GLU J 96 -7.13 32.93 -32.05
CA GLU J 96 -7.30 33.42 -30.69
C GLU J 96 -5.98 33.89 -30.07
N LYS J 97 -4.90 33.17 -30.38
CA LYS J 97 -3.58 33.55 -29.86
C LYS J 97 -3.18 34.92 -30.39
N LEU J 98 -3.51 35.19 -31.66
CA LEU J 98 -3.28 36.50 -32.23
C LEU J 98 -4.19 37.57 -31.61
N MET J 99 -5.43 37.21 -31.33
CA MET J 99 -6.34 38.14 -30.65
C MET J 99 -5.75 38.51 -29.29
N GLU J 100 -5.25 37.51 -28.58
CA GLU J 100 -4.66 37.76 -27.26
C GLU J 100 -3.42 38.62 -27.38
N TYR J 101 -2.64 38.36 -28.43
CA TYR J 101 -1.42 39.13 -28.64
C TYR J 101 -1.74 40.60 -28.92
N GLN J 102 -2.71 40.82 -29.80
CA GLN J 102 -3.20 42.17 -30.05
C GLN J 102 -3.45 42.91 -28.74
N ASN J 103 -4.18 42.26 -27.84
CA ASN J 103 -4.46 42.86 -26.53
C ASN J 103 -3.23 43.01 -25.65
N LYS J 104 -2.28 42.07 -25.73
CA LYS J 104 -1.06 42.22 -24.96
C LYS J 104 -0.32 43.48 -25.38
N ARG J 105 -0.37 43.82 -26.67
CA ARG J 105 0.34 44.99 -27.18
C ARG J 105 -0.48 46.28 -27.09
N GLY J 106 -1.74 46.20 -26.69
CA GLY J 106 -2.57 47.38 -26.59
C GLY J 106 -3.21 47.80 -27.90
N GLY J 107 -3.20 46.90 -28.88
CA GLY J 107 -3.97 47.10 -30.10
C GLY J 107 -5.43 46.73 -29.84
N LYS J 108 -6.32 47.15 -30.73
CA LYS J 108 -7.73 46.82 -30.62
C LYS J 108 -8.10 45.77 -31.66
N VAL J 109 -8.56 44.62 -31.17
CA VAL J 109 -8.97 43.55 -32.06
C VAL J 109 -10.21 44.01 -32.83
N LYS J 110 -10.23 43.73 -34.13
CA LYS J 110 -11.42 43.97 -34.93
C LYS J 110 -11.69 42.75 -35.80
N LEU J 111 -12.63 41.92 -35.37
CA LEU J 111 -12.98 40.74 -36.14
C LEU J 111 -13.70 41.18 -37.41
N GLN J 112 -13.33 40.60 -38.52
CA GLN J 112 -13.98 40.95 -39.79
CA GLN J 112 -13.91 40.93 -39.82
C GLN J 112 -14.84 39.81 -40.29
N SER J 113 -15.59 40.06 -41.34
CA SER J 113 -16.52 39.07 -41.86
C SER J 113 -15.78 37.83 -42.33
N ILE J 114 -16.47 36.70 -42.32
CA ILE J 114 -15.90 35.46 -42.84
C ILE J 114 -16.72 35.02 -44.04
N VAL J 115 -16.07 34.73 -45.15
CA VAL J 115 -16.81 34.42 -46.37
C VAL J 115 -17.32 32.99 -46.36
N MET J 116 -18.40 32.74 -47.10
CA MET J 116 -18.91 31.38 -47.26
C MET J 116 -17.85 30.49 -47.92
N PRO J 117 -17.56 29.33 -47.32
CA PRO J 117 -16.59 28.40 -47.93
C PRO J 117 -17.27 27.49 -48.95
N LEU J 118 -16.50 26.76 -49.73
CA LEU J 118 -17.05 25.71 -50.57
C LEU J 118 -17.64 24.64 -49.67
N SER J 119 -18.64 23.92 -50.14
CA SER J 119 -19.23 22.88 -49.30
C SER J 119 -18.89 21.48 -49.80
N ASP J 120 -18.74 21.33 -51.11
N ASP J 120 -18.72 21.36 -51.11
CA ASP J 120 -18.52 20.01 -51.68
CA ASP J 120 -18.48 20.06 -51.74
C ASP J 120 -17.08 19.85 -52.15
C ASP J 120 -17.00 19.91 -52.10
N PHE J 121 -16.46 18.73 -51.80
CA PHE J 121 -15.05 18.49 -52.08
C PHE J 121 -14.77 17.24 -52.91
N ASP J 122 -15.73 16.84 -53.74
CA ASP J 122 -15.47 15.71 -54.63
CA ASP J 122 -15.52 15.72 -54.65
C ASP J 122 -14.66 16.16 -55.84
N HIS J 123 -13.95 15.21 -56.44
CA HIS J 123 -13.09 15.52 -57.56
C HIS J 123 -12.88 14.22 -58.33
N ALA J 124 -13.36 14.19 -59.56
CA ALA J 124 -13.35 12.97 -60.37
C ALA J 124 -11.94 12.45 -60.64
N ASP J 125 -11.07 13.33 -61.10
CA ASP J 125 -9.70 12.96 -61.42
C ASP J 125 -8.90 12.54 -60.18
N LYS J 126 -8.86 13.40 -59.16
CA LYS J 126 -8.02 13.14 -57.99
C LYS J 126 -8.66 12.21 -56.97
N GLY J 127 -9.99 12.21 -56.91
CA GLY J 127 -10.66 11.60 -55.78
C GLY J 127 -10.81 12.64 -54.69
N ASP J 128 -11.85 12.52 -53.88
CA ASP J 128 -12.13 13.52 -52.85
C ASP J 128 -11.00 13.68 -51.83
N ALA J 129 -10.44 12.58 -51.36
CA ALA J 129 -9.41 12.64 -50.32
C ALA J 129 -8.17 13.42 -50.79
N LEU J 130 -7.63 13.03 -51.93
CA LEU J 130 -6.44 13.68 -52.47
C LEU J 130 -6.73 15.15 -52.75
N HIS J 131 -7.87 15.42 -53.38
CA HIS J 131 -8.26 16.79 -53.68
C HIS J 131 -8.31 17.65 -52.41
N ALA J 132 -8.95 17.15 -51.36
CA ALA J 132 -9.04 17.91 -50.11
C ALA J 132 -7.68 18.12 -49.43
N MET J 133 -6.82 17.11 -49.48
CA MET J 133 -5.50 17.24 -48.87
C MET J 133 -4.64 18.24 -49.65
N GLU J 134 -4.80 18.27 -50.98
CA GLU J 134 -4.05 19.21 -51.81
C GLU J 134 -4.54 20.62 -51.57
N LEU J 135 -5.85 20.76 -51.37
CA LEU J 135 -6.43 22.06 -51.03
CA LEU J 135 -6.44 22.05 -51.03
C LEU J 135 -5.93 22.53 -49.66
N ALA J 136 -5.86 21.62 -48.71
CA ALA J 136 -5.32 21.95 -47.38
C ALA J 136 -3.87 22.40 -47.47
N LEU J 137 -3.07 21.67 -48.24
CA LEU J 137 -1.69 22.06 -48.45
C LEU J 137 -1.62 23.47 -49.03
N SER J 138 -2.46 23.75 -50.02
CA SER J 138 -2.44 25.08 -50.65
C SER J 138 -2.85 26.18 -49.67
N LEU J 139 -3.82 25.88 -48.82
CA LEU J 139 -4.30 26.85 -47.82
C LEU J 139 -3.22 27.11 -46.79
N GLU J 140 -2.46 26.08 -46.45
CA GLU J 140 -1.38 26.25 -45.48
C GLU J 140 -0.22 27.06 -46.09
N LYS J 141 0.05 26.84 -47.36
CA LYS J 141 1.09 27.64 -48.03
C LYS J 141 0.63 29.09 -48.16
N LEU J 142 -0.65 29.30 -48.41
N LEU J 142 -0.65 29.29 -48.41
CA LEU J 142 -1.19 30.66 -48.47
CA LEU J 142 -1.23 30.63 -48.48
C LEU J 142 -1.08 31.33 -47.11
C LEU J 142 -1.10 31.32 -47.12
N THR J 143 -1.40 30.58 -46.06
CA THR J 143 -1.28 31.10 -44.70
C THR J 143 0.16 31.45 -44.38
N ASN J 144 1.10 30.61 -44.84
CA ASN J 144 2.52 30.88 -44.63
C ASN J 144 2.91 32.19 -45.32
N GLU J 145 2.45 32.39 -46.55
CA GLU J 145 2.73 33.63 -47.26
C GLU J 145 2.17 34.83 -46.48
N LYS J 146 0.95 34.70 -45.96
CA LYS J 146 0.33 35.74 -45.17
C LYS J 146 1.11 36.01 -43.87
N LEU J 147 1.53 34.95 -43.18
CA LEU J 147 2.35 35.12 -41.97
C LEU J 147 3.67 35.82 -42.28
N LEU J 148 4.29 35.45 -43.41
CA LEU J 148 5.56 36.06 -43.78
C LEU J 148 5.36 37.53 -44.16
N ASN J 149 4.21 37.85 -44.74
N ASN J 149 4.22 37.86 -44.73
CA ASN J 149 3.84 39.24 -45.01
CA ASN J 149 3.90 39.26 -44.99
C ASN J 149 3.70 40.04 -43.71
C ASN J 149 3.71 40.04 -43.70
N LEU J 150 3.03 39.44 -42.73
CA LEU J 150 2.85 40.08 -41.42
C LEU J 150 4.22 40.32 -40.82
N HIS J 151 5.10 39.32 -40.93
CA HIS J 151 6.43 39.46 -40.40
C HIS J 151 7.15 40.62 -41.10
N SER J 152 6.89 40.76 -42.39
CA SER J 152 7.50 41.84 -43.17
C SER J 152 6.99 43.22 -42.71
N VAL J 153 5.69 43.32 -42.44
CA VAL J 153 5.14 44.56 -41.91
C VAL J 153 5.86 44.94 -40.62
N ALA J 154 6.04 43.97 -39.74
CA ALA J 154 6.71 44.19 -38.45
C ALA J 154 8.13 44.67 -38.66
N THR J 155 8.88 43.95 -39.49
CA THR J 155 10.27 44.31 -39.78
C THR J 155 10.33 45.70 -40.39
N LYS J 156 9.48 45.96 -41.38
CA LYS J 156 9.45 47.27 -42.03
C LYS J 156 9.20 48.41 -41.03
N ASN J 157 8.31 48.15 -40.07
CA ASN J 157 7.98 49.18 -39.09
CA ASN J 157 7.94 49.12 -39.04
C ASN J 157 8.89 49.17 -37.86
N GLY J 158 9.86 48.26 -37.86
CA GLY J 158 10.82 48.18 -36.77
C GLY J 158 10.29 47.56 -35.47
N ASP J 159 9.21 46.78 -35.56
CA ASP J 159 8.62 46.17 -34.36
C ASP J 159 9.29 44.83 -34.08
N VAL J 160 10.30 44.89 -33.22
CA VAL J 160 11.11 43.73 -32.93
C VAL J 160 10.31 42.63 -32.25
N GLN J 161 9.48 43.00 -31.30
CA GLN J 161 8.78 41.98 -30.52
C GLN J 161 7.65 41.35 -31.32
N LEU J 162 6.97 42.13 -32.15
CA LEU J 162 5.97 41.55 -33.05
C LEU J 162 6.63 40.56 -34.01
N ALA J 163 7.73 40.95 -34.62
CA ALA J 163 8.42 40.04 -35.54
C ALA J 163 8.82 38.76 -34.81
N ASP J 164 9.34 38.91 -33.59
CA ASP J 164 9.70 37.74 -32.81
C ASP J 164 8.52 36.82 -32.46
N PHE J 165 7.40 37.43 -32.08
CA PHE J 165 6.18 36.68 -31.79
C PHE J 165 5.76 35.87 -33.01
N VAL J 166 5.73 36.52 -34.17
CA VAL J 166 5.36 35.81 -35.39
C VAL J 166 6.32 34.65 -35.69
N GLU J 167 7.62 34.87 -35.58
CA GLU J 167 8.57 33.77 -35.83
C GLU J 167 8.39 32.61 -34.88
N THR J 168 8.32 32.93 -33.58
CA THR J 168 8.33 31.92 -32.53
C THR J 168 7.03 31.13 -32.46
N GLU J 169 5.92 31.84 -32.60
CA GLU J 169 4.63 31.21 -32.36
C GLU J 169 4.02 30.62 -33.63
N TYR J 170 4.43 31.13 -34.80
CA TYR J 170 3.76 30.75 -36.04
C TYR J 170 4.63 30.15 -37.14
N LEU J 171 5.77 30.76 -37.43
CA LEU J 171 6.53 30.35 -38.61
C LEU J 171 7.08 28.92 -38.55
N GLY J 172 7.64 28.53 -37.41
CA GLY J 172 8.11 27.17 -37.25
C GLY J 172 6.98 26.15 -37.34
N ALA J 173 5.91 26.37 -36.60
CA ALA J 173 4.76 25.47 -36.65
C ALA J 173 4.17 25.39 -38.06
N GLN J 174 4.21 26.50 -38.79
CA GLN J 174 3.68 26.52 -40.14
CA GLN J 174 3.66 26.51 -40.14
C GLN J 174 4.48 25.61 -41.07
N VAL J 175 5.80 25.62 -40.92
CA VAL J 175 6.68 24.73 -41.71
C VAL J 175 6.37 23.26 -41.40
N GLU J 176 6.18 22.94 -40.13
CA GLU J 176 5.81 21.58 -39.71
C GLU J 176 4.49 21.15 -40.36
N ALA J 177 3.49 22.02 -40.29
CA ALA J 177 2.17 21.70 -40.82
C ALA J 177 2.22 21.43 -42.32
N ILE J 178 2.96 22.26 -43.04
CA ILE J 178 3.11 22.06 -44.48
C ILE J 178 3.80 20.72 -44.81
N LYS J 179 4.85 20.37 -44.08
CA LYS J 179 5.48 19.07 -44.33
C LYS J 179 4.51 17.93 -44.01
N ARG J 180 3.82 18.04 -42.88
CA ARG J 180 2.85 17.02 -42.49
C ARG J 180 1.83 16.77 -43.60
N ILE J 181 1.24 17.84 -44.11
CA ILE J 181 0.20 17.71 -45.14
C ILE J 181 0.80 17.28 -46.48
N SER J 182 1.99 17.78 -46.80
CA SER J 182 2.66 17.28 -48.00
C SER J 182 2.81 15.76 -47.97
N GLU J 183 3.18 15.22 -46.80
CA GLU J 183 3.33 13.77 -46.64
C GLU J 183 2.00 13.04 -46.85
N TYR J 184 0.90 13.62 -46.37
CA TYR J 184 -0.43 13.04 -46.63
C TYR J 184 -0.73 13.00 -48.10
N VAL J 185 -0.42 14.10 -48.80
CA VAL J 185 -0.64 14.16 -50.24
C VAL J 185 0.18 13.07 -50.96
N ALA J 186 1.43 12.91 -50.55
CA ALA J 186 2.31 11.94 -51.19
C ALA J 186 1.77 10.53 -50.97
N GLN J 187 1.32 10.26 -49.75
CA GLN J 187 0.83 8.91 -49.44
C GLN J 187 -0.45 8.63 -50.20
N LEU J 188 -1.37 9.60 -50.21
CA LEU J 188 -2.60 9.45 -50.99
C LEU J 188 -2.30 9.16 -52.46
N ARG J 189 -1.29 9.83 -53.02
CA ARG J 189 -0.91 9.56 -54.40
C ARG J 189 -0.35 8.15 -54.54
N ARG J 190 0.37 7.67 -53.54
CA ARG J 190 0.95 6.34 -53.65
C ARG J 190 -0.08 5.21 -53.57
N VAL J 191 -1.04 5.33 -52.64
CA VAL J 191 -1.96 4.23 -52.39
C VAL J 191 -3.06 4.12 -53.45
N GLY J 192 -3.34 5.22 -54.14
CA GLY J 192 -4.38 5.21 -55.18
C GLY J 192 -5.81 5.18 -54.64
N LYS J 193 -6.75 5.48 -55.52
CA LYS J 193 -8.17 5.53 -55.13
C LYS J 193 -8.76 4.18 -54.73
N GLY J 194 -9.86 4.21 -54.00
CA GLY J 194 -10.56 3.02 -53.59
C GLY J 194 -10.04 2.44 -52.29
N HIS J 195 -9.62 1.17 -52.35
CA HIS J 195 -9.13 0.47 -51.17
C HIS J 195 -7.96 1.24 -50.56
N GLY J 196 -7.05 1.73 -51.40
CA GLY J 196 -5.92 2.50 -50.94
C GLY J 196 -6.31 3.72 -50.11
N VAL J 197 -7.19 4.55 -50.64
CA VAL J 197 -7.63 5.75 -49.92
C VAL J 197 -8.31 5.38 -48.60
N TRP J 198 -9.17 4.37 -48.62
CA TRP J 198 -9.85 3.95 -47.39
C TRP J 198 -8.84 3.53 -46.33
N HIS J 199 -7.78 2.84 -46.75
CA HIS J 199 -6.76 2.34 -45.82
C HIS J 199 -5.96 3.51 -45.24
N PHE J 200 -5.55 4.43 -46.10
CA PHE J 200 -4.90 5.65 -45.63
C PHE J 200 -5.79 6.34 -44.60
N ASP J 201 -7.07 6.41 -44.91
CA ASP J 201 -8.01 7.06 -43.99
C ASP J 201 -8.07 6.36 -42.64
N GLN J 202 -8.04 5.03 -42.63
CA GLN J 202 -7.96 4.26 -41.39
C GLN J 202 -6.69 4.61 -40.61
N MET J 203 -5.58 4.77 -41.34
CA MET J 203 -4.31 5.11 -40.72
C MET J 203 -4.46 6.47 -40.03
N LEU J 204 -4.99 7.42 -40.76
CA LEU J 204 -5.17 8.77 -40.26
C LEU J 204 -6.11 8.79 -39.07
N LEU J 205 -7.14 7.97 -39.13
CA LEU J 205 -8.13 7.89 -38.05
C LEU J 205 -7.46 7.48 -36.75
N HIS J 206 -6.47 6.59 -36.85
CA HIS J 206 -5.79 6.06 -35.67
C HIS J 206 -4.39 6.63 -35.43
N GLU J 207 -4.02 7.68 -36.17
CA GLU J 207 -2.67 8.26 -36.07
C GLU J 207 -2.46 8.97 -34.74
N PHE K 15 40.13 26.03 40.43
CA PHE K 15 38.74 25.84 40.82
C PHE K 15 38.52 24.50 41.52
N GLU K 16 38.11 24.56 42.78
CA GLU K 16 37.77 23.35 43.54
C GLU K 16 36.29 23.33 43.89
N PRO K 17 35.51 22.50 43.16
CA PRO K 17 34.07 22.37 43.32
C PRO K 17 33.63 22.16 44.76
N PHE K 18 34.32 21.27 45.48
CA PHE K 18 33.90 20.88 46.84
C PHE K 18 34.31 21.86 47.94
N GLU K 19 35.29 22.71 47.67
CA GLU K 19 35.67 23.76 48.61
C GLU K 19 34.79 24.98 48.37
N GLU K 20 34.55 25.27 47.10
CA GLU K 20 33.78 26.44 46.69
C GLU K 20 32.29 26.21 46.94
N VAL K 21 31.93 24.96 47.21
CA VAL K 21 30.52 24.57 47.31
C VAL K 21 29.97 24.57 48.74
N LYS K 22 30.84 24.42 49.74
CA LYS K 22 30.39 24.31 51.12
C LYS K 22 29.99 25.65 51.74
N LYS K 23 29.91 26.69 50.91
CA LYS K 23 29.36 27.97 51.32
C LYS K 23 27.98 28.09 50.71
N GLU K 24 27.76 27.34 49.63
CA GLU K 24 26.49 27.29 48.93
C GLU K 24 25.62 26.19 49.52
N LEU K 25 26.27 25.17 50.07
CA LEU K 25 25.58 24.05 50.71
C LEU K 25 25.09 24.45 52.09
N ASP K 26 25.72 25.49 52.66
CA ASP K 26 25.31 26.03 53.95
C ASP K 26 24.13 26.99 53.81
N LEU K 27 23.77 27.30 52.56
CA LEU K 27 22.69 28.23 52.28
C LEU K 27 21.46 27.56 51.67
N VAL K 28 21.46 26.22 51.65
CA VAL K 28 20.30 25.47 51.17
C VAL K 28 19.24 25.44 52.27
N PRO K 29 18.09 26.10 52.00
CA PRO K 29 17.01 26.28 52.98
C PRO K 29 16.57 25.00 53.69
N THR K 30 16.08 25.16 54.92
CA THR K 30 15.59 24.04 55.71
C THR K 30 14.11 24.25 56.06
N VAL K 31 13.69 25.51 56.09
CA VAL K 31 12.29 25.84 56.33
C VAL K 31 11.43 25.56 55.09
N PRO K 32 10.49 24.61 55.22
CA PRO K 32 9.67 24.09 54.11
C PRO K 32 8.99 25.16 53.24
N GLN K 33 8.74 26.34 53.78
CA GLN K 33 8.05 27.41 53.04
C GLN K 33 8.99 28.25 52.16
N ALA K 34 10.29 28.09 52.37
CA ALA K 34 11.28 28.84 51.59
C ALA K 34 11.61 28.17 50.26
N SER K 35 11.77 28.99 49.22
CA SER K 35 12.22 28.47 47.93
C SER K 35 13.63 27.90 48.04
N LEU K 36 13.86 26.74 47.42
CA LEU K 36 15.19 26.15 47.36
C LEU K 36 15.96 26.70 46.18
N ALA K 37 15.22 27.18 45.17
CA ALA K 37 15.83 27.57 43.91
C ALA K 37 16.26 29.02 43.91
N ARG K 38 15.59 29.84 44.73
CA ARG K 38 15.77 31.29 44.63
C ARG K 38 17.25 31.67 44.76
N GLN K 39 17.75 32.43 43.78
CA GLN K 39 19.14 32.86 43.79
C GLN K 39 19.30 34.19 43.05
N LYS K 40 19.89 35.18 43.74
CA LYS K 40 20.08 36.51 43.17
C LYS K 40 18.80 37.03 42.50
N TYR K 41 17.70 36.98 43.23
CA TYR K 41 16.40 37.41 42.75
C TYR K 41 15.79 38.23 43.87
N VAL K 42 15.85 39.55 43.73
CA VAL K 42 15.52 40.43 44.85
C VAL K 42 14.02 40.70 44.92
N ASP K 43 13.56 41.16 46.08
CA ASP K 43 12.14 41.41 46.30
C ASP K 43 11.58 42.35 45.24
N GLU K 44 12.35 43.38 44.87
CA GLU K 44 11.84 44.33 43.87
C GLU K 44 11.54 43.65 42.53
N SER K 45 12.36 42.67 42.16
CA SER K 45 12.15 41.97 40.90
C SER K 45 10.91 41.09 41.03
N GLU K 46 10.85 40.34 42.13
CA GLU K 46 9.70 39.48 42.40
C GLU K 46 8.40 40.28 42.34
N SER K 47 8.41 41.46 42.95
CA SER K 47 7.23 42.32 42.98
C SER K 47 6.85 42.84 41.59
N ALA K 48 7.86 43.23 40.82
CA ALA K 48 7.65 43.74 39.46
C ALA K 48 7.03 42.68 38.56
N VAL K 49 7.50 41.45 38.71
CA VAL K 49 6.96 40.30 38.00
C VAL K 49 5.49 40.08 38.37
N ASN K 50 5.18 40.17 39.67
CA ASN K 50 3.79 40.05 40.10
C ASN K 50 2.92 41.15 39.51
N GLU K 51 3.46 42.36 39.44
CA GLU K 51 2.73 43.47 38.84
C GLU K 51 2.41 43.18 37.38
N GLN K 52 3.38 42.62 36.66
CA GLN K 52 3.20 42.38 35.23
C GLN K 52 2.21 41.24 34.98
N ILE K 53 2.18 40.28 35.89
CA ILE K 53 1.17 39.23 35.80
C ILE K 53 -0.20 39.90 35.88
N ASN K 54 -0.36 40.84 36.80
CA ASN K 54 -1.64 41.54 36.94
C ASN K 54 -1.99 42.38 35.72
N VAL K 55 -0.98 42.98 35.10
CA VAL K 55 -1.20 43.73 33.86
C VAL K 55 -1.74 42.82 32.76
N GLU K 56 -1.03 41.71 32.50
CA GLU K 56 -1.43 40.83 31.42
C GLU K 56 -2.83 40.26 31.70
N TYR K 57 -3.08 39.91 32.96
CA TYR K 57 -4.37 39.34 33.31
C TYR K 57 -5.48 40.36 33.10
N ASN K 58 -5.22 41.61 33.47
CA ASN K 58 -6.19 42.68 33.23
C ASN K 58 -6.48 42.84 31.74
N VAL K 59 -5.44 42.78 30.90
CA VAL K 59 -5.67 42.94 29.47
C VAL K 59 -6.47 41.76 28.93
N SER K 60 -6.18 40.57 29.45
CA SER K 60 -6.97 39.40 29.10
C SER K 60 -8.45 39.64 29.36
N TYR K 61 -8.73 40.23 30.52
CA TYR K 61 -10.11 40.46 30.95
C TYR K 61 -10.75 41.50 30.07
N VAL K 62 -10.01 42.56 29.74
CA VAL K 62 -10.54 43.59 28.88
C VAL K 62 -10.91 43.02 27.51
N TYR K 63 -10.02 42.22 26.94
CA TYR K 63 -10.29 41.61 25.64
C TYR K 63 -11.50 40.68 25.69
N HIS K 64 -11.68 40.01 26.81
CA HIS K 64 -12.85 39.14 26.96
C HIS K 64 -14.13 39.99 26.95
N ALA K 65 -14.06 41.17 27.56
CA ALA K 65 -15.19 42.09 27.52
C ALA K 65 -15.46 42.61 26.10
N MET K 66 -14.40 42.84 25.33
CA MET K 66 -14.56 43.28 23.95
C MET K 66 -15.19 42.15 23.13
N PHE K 67 -14.74 40.92 23.37
CA PHE K 67 -15.38 39.78 22.71
C PHE K 67 -16.87 39.75 23.02
N ALA K 68 -17.23 39.90 24.29
CA ALA K 68 -18.63 39.82 24.69
C ALA K 68 -19.49 40.91 24.03
N TYR K 69 -18.89 42.06 23.77
CA TYR K 69 -19.59 43.12 23.04
C TYR K 69 -19.82 42.82 21.56
N PHE K 70 -18.77 42.41 20.86
CA PHE K 70 -18.88 42.16 19.42
C PHE K 70 -19.62 40.85 19.10
N ASP K 71 -19.82 40.02 20.12
CA ASP K 71 -20.60 38.79 19.98
C ASP K 71 -22.11 39.05 20.15
N ARG K 72 -22.48 40.29 20.47
CA ARG K 72 -23.89 40.65 20.59
C ARG K 72 -24.59 40.49 19.25
N ASP K 73 -25.84 40.01 19.26
CA ASP K 73 -26.57 39.79 18.01
C ASP K 73 -26.77 41.05 17.16
N ASN K 74 -26.89 42.22 17.80
CA ASN K 74 -27.13 43.47 17.09
C ASN K 74 -25.85 44.16 16.63
N VAL K 75 -24.71 43.66 17.12
CA VAL K 75 -23.42 44.17 16.67
C VAL K 75 -22.92 43.30 15.54
N ALA K 76 -22.85 41.99 15.79
CA ALA K 76 -22.73 41.01 14.72
C ALA K 76 -21.47 41.23 13.88
N LEU K 77 -20.35 41.49 14.54
CA LEU K 77 -19.07 41.54 13.86
C LEU K 77 -18.30 40.31 14.30
N ARG K 78 -18.50 39.23 13.56
CA ARG K 78 -17.99 37.93 13.96
C ARG K 78 -16.47 37.84 13.95
N GLY K 79 -15.85 38.57 13.01
CA GLY K 79 -14.40 38.58 12.92
C GLY K 79 -13.75 39.23 14.13
N LEU K 80 -14.27 40.38 14.53
CA LEU K 80 -13.77 41.07 15.70
C LEU K 80 -14.00 40.25 16.96
N ALA K 81 -15.20 39.68 17.06
CA ALA K 81 -15.52 38.83 18.20
C ALA K 81 -14.48 37.74 18.34
N LYS K 82 -14.18 37.05 17.25
CA LYS K 82 -13.22 35.95 17.27
C LYS K 82 -11.81 36.42 17.64
N PHE K 83 -11.41 37.55 17.07
CA PHE K 83 -10.09 38.12 17.32
C PHE K 83 -9.91 38.47 18.80
N PHE K 84 -10.94 39.08 19.40
CA PHE K 84 -10.84 39.47 20.81
C PHE K 84 -10.93 38.26 21.74
N LYS K 85 -11.70 37.26 21.34
CA LYS K 85 -11.79 36.02 22.10
C LYS K 85 -10.42 35.34 22.12
N GLU K 86 -9.80 35.25 20.95
CA GLU K 86 -8.49 34.60 20.87
C GLU K 86 -7.43 35.44 21.59
N SER K 87 -7.56 36.76 21.51
CA SER K 87 -6.60 37.64 22.17
C SER K 87 -6.68 37.53 23.69
N SER K 88 -7.90 37.40 24.20
CA SER K 88 -8.07 37.21 25.64
C SER K 88 -7.39 35.93 26.10
N GLU K 89 -7.55 34.87 25.32
CA GLU K 89 -6.91 33.61 25.67
C GLU K 89 -5.38 33.71 25.63
N GLU K 90 -4.84 34.42 24.65
CA GLU K 90 -3.40 34.59 24.56
CA GLU K 90 -3.39 34.58 24.57
C GLU K 90 -2.87 35.45 25.72
N GLU K 91 -3.62 36.47 26.09
CA GLU K 91 -3.22 37.34 27.19
C GLU K 91 -3.15 36.56 28.49
N ARG K 92 -4.07 35.62 28.68
CA ARG K 92 -4.05 34.81 29.89
C ARG K 92 -2.79 33.94 29.87
N GLU K 93 -2.42 33.48 28.68
CA GLU K 93 -1.18 32.71 28.53
C GLU K 93 0.04 33.55 28.87
N HIS K 94 0.03 34.80 28.44
CA HIS K 94 1.11 35.71 28.78
C HIS K 94 1.25 35.85 30.30
N ALA K 95 0.12 35.95 30.98
CA ALA K 95 0.12 36.02 32.44
C ALA K 95 0.65 34.71 33.04
N GLU K 96 0.21 33.59 32.49
CA GLU K 96 0.60 32.30 33.04
C GLU K 96 2.08 32.04 32.89
N LYS K 97 2.64 32.45 31.75
CA LYS K 97 4.06 32.25 31.51
C LYS K 97 4.88 33.03 32.56
N LEU K 98 4.37 34.20 32.93
CA LEU K 98 5.02 35.01 33.95
C LEU K 98 4.89 34.40 35.35
N MET K 99 3.75 33.78 35.62
CA MET K 99 3.55 33.05 36.88
C MET K 99 4.53 31.88 36.96
N GLU K 100 4.66 31.14 35.87
CA GLU K 100 5.62 30.04 35.83
C GLU K 100 7.05 30.52 35.98
N TYR K 101 7.37 31.66 35.37
CA TYR K 101 8.73 32.18 35.50
C TYR K 101 9.02 32.56 36.96
N GLN K 102 8.05 33.23 37.59
CA GLN K 102 8.16 33.58 39.01
C GLN K 102 8.56 32.35 39.80
N ASN K 103 7.90 31.22 39.56
CA ASN K 103 8.21 29.99 40.27
C ASN K 103 9.57 29.40 39.90
N LYS K 104 9.97 29.54 38.64
CA LYS K 104 11.29 29.07 38.24
C LYS K 104 12.38 29.80 39.03
N ARG K 105 12.17 31.09 39.28
CA ARG K 105 13.15 31.90 40.00
C ARG K 105 12.98 31.81 41.51
N GLY K 106 11.96 31.09 41.98
CA GLY K 106 11.76 30.95 43.41
C GLY K 106 11.14 32.17 44.06
N GLY K 107 10.49 33.00 43.27
CA GLY K 107 9.65 34.07 43.79
C GLY K 107 8.29 33.47 44.09
N LYS K 108 7.45 34.21 44.82
CA LYS K 108 6.11 33.75 45.15
C LYS K 108 5.05 34.51 44.35
N VAL K 109 4.28 33.77 43.56
CA VAL K 109 3.22 34.40 42.78
C VAL K 109 2.16 34.95 43.71
N LYS K 110 1.78 36.21 43.50
CA LYS K 110 0.68 36.83 44.23
C LYS K 110 -0.32 37.46 43.27
N LEU K 111 -1.40 36.75 42.98
CA LEU K 111 -2.42 37.28 42.09
C LEU K 111 -3.13 38.43 42.81
N GLN K 112 -3.42 39.49 42.07
N GLN K 112 -3.41 39.49 42.06
CA GLN K 112 -4.10 40.63 42.66
CA GLN K 112 -4.06 40.68 42.59
C GLN K 112 -5.45 40.84 42.00
C GLN K 112 -5.46 40.81 42.01
N SER K 113 -6.25 41.75 42.54
CA SER K 113 -7.61 41.95 42.05
C SER K 113 -7.61 42.46 40.60
N ILE K 114 -8.68 42.12 39.89
CA ILE K 114 -8.89 42.62 38.54
C ILE K 114 -10.11 43.53 38.55
N VAL K 115 -9.91 44.75 38.06
CA VAL K 115 -10.95 45.76 38.07
C VAL K 115 -11.98 45.46 36.97
N MET K 116 -13.21 45.94 37.17
CA MET K 116 -14.25 45.77 36.18
C MET K 116 -13.88 46.53 34.92
N PRO K 117 -14.01 45.88 33.75
CA PRO K 117 -13.72 46.54 32.48
C PRO K 117 -14.96 47.27 31.98
N LEU K 118 -14.80 48.13 30.99
CA LEU K 118 -15.94 48.68 30.28
C LEU K 118 -16.70 47.53 29.63
N SER K 119 -17.99 47.71 29.40
CA SER K 119 -18.76 46.65 28.77
C SER K 119 -19.15 47.01 27.34
N ASP K 120 -19.30 48.31 27.08
CA ASP K 120 -19.78 48.76 25.78
C ASP K 120 -18.68 49.46 24.98
N PHE K 121 -18.62 49.14 23.69
CA PHE K 121 -17.55 49.67 22.85
C PHE K 121 -18.06 50.37 21.61
N ASP K 122 -19.25 50.95 21.70
CA ASP K 122 -19.69 51.71 20.54
CA ASP K 122 -19.80 51.76 20.62
C ASP K 122 -19.07 53.10 20.53
N HIS K 123 -19.08 53.71 19.37
CA HIS K 123 -18.49 55.03 19.19
C HIS K 123 -19.14 55.68 17.99
N ALA K 124 -19.84 56.78 18.24
CA ALA K 124 -20.65 57.45 17.23
C ALA K 124 -19.82 57.87 16.03
N ASP K 125 -18.72 58.56 16.29
CA ASP K 125 -17.89 59.12 15.23
CA ASP K 125 -17.89 59.12 15.23
C ASP K 125 -17.02 58.07 14.54
N LYS K 126 -16.31 57.26 15.32
CA LYS K 126 -15.35 56.31 14.76
C LYS K 126 -16.00 55.06 14.21
N GLY K 127 -17.12 54.67 14.82
CA GLY K 127 -17.73 53.38 14.58
C GLY K 127 -17.12 52.42 15.58
N ASP K 128 -17.89 51.40 15.95
CA ASP K 128 -17.45 50.44 16.96
C ASP K 128 -16.13 49.74 16.63
N ALA K 129 -15.99 49.28 15.38
CA ALA K 129 -14.82 48.47 15.02
C ALA K 129 -13.53 49.26 15.13
N LEU K 130 -13.51 50.43 14.51
CA LEU K 130 -12.31 51.27 14.53
C LEU K 130 -11.99 51.68 15.97
N HIS K 131 -13.01 52.09 16.71
CA HIS K 131 -12.84 52.47 18.12
C HIS K 131 -12.21 51.34 18.96
N ALA K 132 -12.74 50.13 18.79
CA ALA K 132 -12.22 48.98 19.53
C ALA K 132 -10.78 48.66 19.15
N MET K 133 -10.44 48.76 17.86
CA MET K 133 -9.08 48.44 17.45
C MET K 133 -8.10 49.51 17.96
N GLU K 134 -8.55 50.75 17.99
CA GLU K 134 -7.70 51.82 18.51
C GLU K 134 -7.48 51.63 20.01
N LEU K 135 -8.51 51.15 20.70
N LEU K 135 -8.51 51.14 20.69
CA LEU K 135 -8.39 50.80 22.12
CA LEU K 135 -8.40 50.80 22.10
C LEU K 135 -7.42 49.65 22.30
C LEU K 135 -7.45 49.64 22.31
N ALA K 136 -7.56 48.63 21.46
CA ALA K 136 -6.66 47.47 21.54
C ALA K 136 -5.21 47.91 21.32
N LEU K 137 -4.99 48.78 20.32
CA LEU K 137 -3.67 49.33 20.08
C LEU K 137 -3.13 50.06 21.29
N SER K 138 -3.97 50.91 21.90
CA SER K 138 -3.56 51.63 23.11
C SER K 138 -3.21 50.68 24.26
N LEU K 139 -3.98 49.60 24.41
CA LEU K 139 -3.71 48.64 25.47
C LEU K 139 -2.40 47.90 25.27
N GLU K 140 -2.12 47.56 24.01
CA GLU K 140 -0.87 46.87 23.72
C GLU K 140 0.32 47.79 23.94
N LYS K 141 0.19 49.06 23.58
CA LYS K 141 1.24 50.02 23.84
C LYS K 141 1.43 50.24 25.34
N LEU K 142 0.34 50.25 26.09
CA LEU K 142 0.41 50.38 27.54
C LEU K 142 1.14 49.16 28.10
N THR K 143 0.77 47.98 27.61
CA THR K 143 1.45 46.74 28.03
C THR K 143 2.94 46.79 27.71
N ASN K 144 3.28 47.24 26.50
CA ASN K 144 4.68 47.41 26.11
C ASN K 144 5.41 48.32 27.10
N GLU K 145 4.80 49.43 27.43
CA GLU K 145 5.39 50.36 28.39
C GLU K 145 5.65 49.66 29.73
N LYS K 146 4.68 48.89 30.20
CA LYS K 146 4.82 48.13 31.45
C LYS K 146 5.92 47.07 31.35
N LEU K 147 5.99 46.37 30.22
CA LEU K 147 7.03 45.37 30.02
C LEU K 147 8.41 46.01 30.04
N LEU K 148 8.54 47.17 29.38
CA LEU K 148 9.81 47.87 29.33
C LEU K 148 10.20 48.39 30.72
N ASN K 149 9.21 48.79 31.52
CA ASN K 149 9.49 49.17 32.90
CA ASN K 149 9.49 49.18 32.90
C ASN K 149 9.96 47.97 33.72
N LEU K 150 9.34 46.82 33.50
CA LEU K 150 9.76 45.60 34.17
C LEU K 150 11.22 45.31 33.82
N HIS K 151 11.54 45.49 32.54
CA HIS K 151 12.91 45.30 32.09
C HIS K 151 13.87 46.25 32.82
N SER K 152 13.43 47.49 33.05
CA SER K 152 14.26 48.46 33.76
C SER K 152 14.43 48.11 35.24
N VAL K 153 13.41 47.53 35.85
CA VAL K 153 13.55 47.05 37.22
C VAL K 153 14.62 45.94 37.23
N ALA K 154 14.56 45.06 36.25
CA ALA K 154 15.56 43.99 36.16
C ALA K 154 16.96 44.56 36.07
N THR K 155 17.18 45.48 35.14
CA THR K 155 18.52 46.01 34.93
C THR K 155 18.98 46.91 36.08
N LYS K 156 18.07 47.67 36.64
CA LYS K 156 18.38 48.47 37.83
C LYS K 156 18.95 47.60 38.94
N ASN K 157 18.41 46.39 39.06
CA ASN K 157 18.81 45.47 40.13
C ASN K 157 19.87 44.47 39.72
N GLY K 158 20.35 44.60 38.50
CA GLY K 158 21.38 43.70 38.02
C GLY K 158 20.92 42.28 37.78
N ASP K 159 19.63 42.08 37.55
CA ASP K 159 19.14 40.73 37.26
C ASP K 159 19.24 40.41 35.77
N VAL K 160 20.32 39.74 35.38
CA VAL K 160 20.63 39.49 33.98
C VAL K 160 19.59 38.58 33.33
N GLN K 161 19.25 37.47 34.01
CA GLN K 161 18.35 36.49 33.41
C GLN K 161 16.90 36.98 33.35
N LEU K 162 16.48 37.80 34.32
CA LEU K 162 15.15 38.38 34.25
C LEU K 162 15.01 39.28 33.01
N ALA K 163 15.98 40.14 32.78
CA ALA K 163 15.97 41.00 31.60
C ALA K 163 15.99 40.15 30.32
N ASP K 164 16.74 39.06 30.36
CA ASP K 164 16.83 38.14 29.24
C ASP K 164 15.45 37.54 28.94
N PHE K 165 14.77 37.10 30.00
CA PHE K 165 13.44 36.52 29.89
C PHE K 165 12.42 37.49 29.28
N VAL K 166 12.38 38.72 29.78
CA VAL K 166 11.45 39.72 29.26
C VAL K 166 11.70 40.00 27.77
N GLU K 167 12.97 40.15 27.41
CA GLU K 167 13.33 40.41 26.02
C GLU K 167 12.92 39.27 25.11
N THR K 168 13.28 38.06 25.50
CA THR K 168 13.08 36.88 24.67
C THR K 168 11.62 36.49 24.56
N GLU K 169 10.90 36.50 25.67
CA GLU K 169 9.54 35.99 25.68
C GLU K 169 8.48 37.04 25.42
N TYR K 170 8.80 38.32 25.66
CA TYR K 170 7.77 39.35 25.59
C TYR K 170 8.02 40.50 24.63
N LEU K 171 9.21 41.10 24.63
CA LEU K 171 9.42 42.35 23.89
C LEU K 171 9.24 42.22 22.38
N GLY K 172 9.79 41.16 21.79
CA GLY K 172 9.65 40.92 20.36
C GLY K 172 8.21 40.66 19.97
N ALA K 173 7.57 39.77 20.69
CA ALA K 173 6.15 39.47 20.48
C ALA K 173 5.28 40.73 20.60
N GLN K 174 5.64 41.61 21.53
CA GLN K 174 4.86 42.82 21.75
C GLN K 174 4.97 43.76 20.55
N VAL K 175 6.17 43.89 20.01
CA VAL K 175 6.37 44.70 18.79
C VAL K 175 5.51 44.15 17.66
N GLU K 176 5.50 42.83 17.51
CA GLU K 176 4.69 42.19 16.46
C GLU K 176 3.19 42.47 16.66
N ALA K 177 2.72 42.33 17.90
CA ALA K 177 1.30 42.53 18.18
C ALA K 177 0.91 43.96 17.88
N ILE K 178 1.78 44.91 18.22
CA ILE K 178 1.50 46.31 17.97
C ILE K 178 1.44 46.61 16.47
N LYS K 179 2.37 46.07 15.69
CA LYS K 179 2.30 46.31 14.25
C LYS K 179 1.04 45.68 13.68
N ARG K 180 0.69 44.50 14.16
CA ARG K 180 -0.51 43.79 13.67
C ARG K 180 -1.78 44.62 13.87
N ILE K 181 -1.99 45.09 15.10
CA ILE K 181 -3.17 45.89 15.40
C ILE K 181 -3.13 47.25 14.68
N SER K 182 -1.94 47.84 14.57
CA SER K 182 -1.80 49.09 13.85
C SER K 182 -2.30 48.92 12.42
N GLU K 183 -1.95 47.80 11.80
CA GLU K 183 -2.45 47.49 10.44
C GLU K 183 -3.96 47.37 10.41
N TYR K 184 -4.55 46.74 11.43
CA TYR K 184 -6.01 46.67 11.50
C TYR K 184 -6.61 48.08 11.57
N VAL K 185 -6.04 48.94 12.42
CA VAL K 185 -6.54 50.31 12.50
C VAL K 185 -6.48 51.00 11.13
N ALA K 186 -5.34 50.86 10.45
CA ALA K 186 -5.16 51.54 9.17
C ALA K 186 -6.18 51.06 8.13
N GLN K 187 -6.43 49.76 8.10
CA GLN K 187 -7.37 49.20 7.14
C GLN K 187 -8.80 49.67 7.44
N LEU K 188 -9.18 49.65 8.72
CA LEU K 188 -10.51 50.12 9.10
C LEU K 188 -10.71 51.58 8.71
N ARG K 189 -9.68 52.41 8.90
CA ARG K 189 -9.76 53.79 8.42
C ARG K 189 -9.92 53.87 6.91
N ARG K 190 -9.23 52.99 6.19
CA ARG K 190 -9.32 53.04 4.73
C ARG K 190 -10.68 52.61 4.20
N VAL K 191 -11.24 51.53 4.73
CA VAL K 191 -12.48 50.99 4.16
C VAL K 191 -13.74 51.78 4.54
N GLY K 192 -13.70 52.49 5.67
CA GLY K 192 -14.81 53.32 6.07
C GLY K 192 -15.97 52.52 6.66
N LYS K 193 -16.89 53.22 7.31
CA LYS K 193 -17.98 52.55 8.03
C LYS K 193 -18.97 51.87 7.10
N GLY K 194 -19.70 50.89 7.64
CA GLY K 194 -20.76 50.23 6.92
C GLY K 194 -20.25 49.01 6.18
N HIS K 195 -20.47 49.00 4.86
CA HIS K 195 -20.03 47.89 4.03
C HIS K 195 -18.54 47.61 4.21
N GLY K 196 -17.72 48.66 4.22
CA GLY K 196 -16.28 48.49 4.38
C GLY K 196 -15.90 47.76 5.66
N VAL K 197 -16.44 48.22 6.78
CA VAL K 197 -16.16 47.59 8.06
C VAL K 197 -16.58 46.12 8.07
N TRP K 198 -17.78 45.84 7.58
CA TRP K 198 -18.29 44.47 7.51
C TRP K 198 -17.35 43.58 6.71
N HIS K 199 -16.82 44.13 5.62
CA HIS K 199 -15.94 43.38 4.73
C HIS K 199 -14.58 43.13 5.40
N PHE K 200 -14.04 44.15 6.06
CA PHE K 200 -12.81 43.96 6.84
C PHE K 200 -13.04 42.88 7.90
N ASP K 201 -14.19 42.91 8.54
CA ASP K 201 -14.50 41.95 9.57
C ASP K 201 -14.54 40.52 8.99
N GLN K 202 -15.12 40.37 7.80
CA GLN K 202 -15.11 39.08 7.10
C GLN K 202 -13.68 38.61 6.83
N MET K 203 -12.82 39.55 6.43
CA MET K 203 -11.42 39.26 6.19
C MET K 203 -10.79 38.74 7.48
N LEU K 204 -11.04 39.45 8.58
CA LEU K 204 -10.50 39.08 9.88
C LEU K 204 -11.04 37.72 10.38
N LEU K 205 -12.32 37.47 10.11
CA LEU K 205 -12.94 36.20 10.47
C LEU K 205 -12.24 35.00 9.81
N HIS K 206 -11.69 35.21 8.63
CA HIS K 206 -11.05 34.13 7.89
C HIS K 206 -9.52 34.26 7.77
N GLU K 207 -8.95 35.26 8.42
CA GLU K 207 -7.50 35.48 8.37
C GLU K 207 -6.77 34.26 8.92
N PHE L 15 55.64 -27.53 5.58
CA PHE L 15 54.49 -28.23 6.14
C PHE L 15 53.79 -29.13 5.10
N GLU L 16 53.86 -30.43 5.32
CA GLU L 16 53.15 -31.39 4.48
C GLU L 16 52.03 -32.06 5.27
N PRO L 17 50.77 -31.71 4.93
CA PRO L 17 49.60 -32.26 5.63
C PRO L 17 49.50 -33.79 5.50
N PHE L 18 49.82 -34.33 4.34
CA PHE L 18 49.73 -35.78 4.11
C PHE L 18 50.90 -36.56 4.71
N GLU L 19 51.86 -35.84 5.31
CA GLU L 19 52.96 -36.49 6.04
C GLU L 19 52.68 -36.54 7.55
N GLU L 20 52.08 -35.48 8.08
CA GLU L 20 51.75 -35.42 9.50
C GLU L 20 50.43 -36.15 9.77
N VAL L 21 49.52 -36.07 8.81
CA VAL L 21 48.25 -36.79 8.89
C VAL L 21 48.48 -38.30 8.67
N LYS L 22 49.65 -38.62 8.13
CA LYS L 22 50.05 -40.02 7.92
C LYS L 22 49.77 -40.84 9.17
N LYS L 23 50.11 -40.26 10.32
CA LYS L 23 49.93 -40.93 11.61
C LYS L 23 48.53 -40.71 12.18
N GLU L 24 47.90 -39.60 11.78
CA GLU L 24 46.60 -39.21 12.33
C GLU L 24 45.45 -40.06 11.80
N LEU L 25 45.57 -40.54 10.57
CA LEU L 25 44.54 -41.37 9.95
C LEU L 25 44.46 -42.74 10.65
N ASP L 26 45.52 -43.07 11.39
CA ASP L 26 45.60 -44.35 12.09
C ASP L 26 45.12 -44.22 13.53
N LEU L 27 44.92 -42.98 13.98
CA LEU L 27 44.47 -42.72 15.35
C LEU L 27 42.96 -42.50 15.42
N VAL L 28 42.29 -42.49 14.27
CA VAL L 28 40.84 -42.38 14.25
C VAL L 28 40.21 -43.67 14.81
N PRO L 29 39.50 -43.55 15.94
CA PRO L 29 38.92 -44.68 16.67
C PRO L 29 38.19 -45.69 15.79
N THR L 30 38.27 -46.96 16.17
CA THR L 30 37.58 -48.04 15.47
C THR L 30 36.37 -48.52 16.26
N VAL L 31 36.55 -48.64 17.58
CA VAL L 31 35.50 -49.09 18.48
C VAL L 31 34.34 -48.08 18.53
N PRO L 32 33.10 -48.55 18.31
CA PRO L 32 31.89 -47.74 18.13
C PRO L 32 31.52 -46.84 19.31
N GLN L 33 31.94 -47.21 20.53
CA GLN L 33 31.58 -46.43 21.71
C GLN L 33 32.58 -45.29 21.98
N ALA L 34 33.67 -45.26 21.22
CA ALA L 34 34.68 -44.23 21.39
C ALA L 34 34.30 -42.97 20.62
N SER L 35 34.60 -41.80 21.20
CA SER L 35 34.40 -40.52 20.51
C SER L 35 35.42 -40.36 19.39
N LEU L 36 34.97 -39.87 18.24
CA LEU L 36 35.87 -39.59 17.13
C LEU L 36 36.44 -38.19 17.27
N ALA L 37 35.69 -37.29 17.92
CA ALA L 37 36.10 -35.90 18.06
C ALA L 37 37.14 -35.67 19.14
N ARG L 38 37.12 -36.48 20.19
CA ARG L 38 37.89 -36.18 21.39
C ARG L 38 39.37 -35.95 21.07
N GLN L 39 39.90 -34.81 21.52
CA GLN L 39 41.30 -34.46 21.27
C GLN L 39 41.82 -33.55 22.36
N LYS L 40 42.91 -33.97 23.01
CA LYS L 40 43.50 -33.15 24.07
C LYS L 40 42.45 -32.72 25.10
N TYR L 41 41.63 -33.67 25.52
CA TYR L 41 40.56 -33.40 26.47
C TYR L 41 40.65 -34.49 27.51
N VAL L 42 41.29 -34.19 28.63
CA VAL L 42 41.64 -35.25 29.59
C VAL L 42 40.49 -35.61 30.52
N ASP L 43 40.59 -36.78 31.14
CA ASP L 43 39.54 -37.26 32.04
C ASP L 43 39.21 -36.25 33.13
N GLU L 44 40.23 -35.56 33.64
CA GLU L 44 40.03 -34.57 34.71
CA GLU L 44 40.01 -34.58 34.71
C GLU L 44 39.11 -33.45 34.23
N SER L 45 39.30 -33.02 32.99
CA SER L 45 38.47 -31.97 32.42
C SER L 45 37.03 -32.46 32.18
N GLU L 46 36.92 -33.65 31.58
CA GLU L 46 35.62 -34.29 31.38
C GLU L 46 34.83 -34.42 32.68
N SER L 47 35.50 -34.87 33.75
CA SER L 47 34.85 -35.01 35.06
C SER L 47 34.41 -33.66 35.62
N ALA L 48 35.25 -32.65 35.44
CA ALA L 48 34.95 -31.33 35.99
C ALA L 48 33.73 -30.74 35.27
N VAL L 49 33.64 -30.99 33.96
CA VAL L 49 32.46 -30.52 33.23
C VAL L 49 31.20 -31.23 33.73
N ASN L 50 31.30 -32.54 33.98
CA ASN L 50 30.14 -33.26 34.52
C ASN L 50 29.74 -32.75 35.89
N GLU L 51 30.72 -32.40 36.71
CA GLU L 51 30.42 -31.82 38.01
CA GLU L 51 30.42 -31.83 38.01
C GLU L 51 29.67 -30.51 37.87
N GLN L 52 30.12 -29.65 36.96
CA GLN L 52 29.46 -28.35 36.78
C GLN L 52 28.05 -28.53 36.22
N ILE L 53 27.87 -29.51 35.34
CA ILE L 53 26.52 -29.78 34.85
C ILE L 53 25.60 -30.04 36.04
N ASN L 54 26.10 -30.82 36.99
CA ASN L 54 25.31 -31.17 38.18
C ASN L 54 25.08 -29.97 39.07
N VAL L 55 26.07 -29.08 39.16
CA VAL L 55 25.92 -27.86 39.96
C VAL L 55 24.80 -27.00 39.39
N GLU L 56 24.85 -26.76 38.09
CA GLU L 56 23.84 -25.92 37.45
C GLU L 56 22.43 -26.54 37.57
N TYR L 57 22.33 -27.85 37.36
CA TYR L 57 21.06 -28.57 37.44
C TYR L 57 20.47 -28.49 38.84
N ASN L 58 21.33 -28.63 39.85
CA ASN L 58 20.91 -28.48 41.24
C ASN L 58 20.38 -27.07 41.52
N VAL L 59 21.09 -26.05 41.02
CA VAL L 59 20.62 -24.67 41.24
C VAL L 59 19.30 -24.43 40.52
N SER L 60 19.13 -25.03 39.34
CA SER L 60 17.84 -24.97 38.64
C SER L 60 16.73 -25.51 39.55
N TYR L 61 17.02 -26.62 40.20
CA TYR L 61 16.03 -27.31 41.02
C TYR L 61 15.69 -26.49 42.26
N VAL L 62 16.70 -25.86 42.85
CA VAL L 62 16.48 -25.00 44.02
C VAL L 62 15.62 -23.80 43.65
N TYR L 63 15.93 -23.16 42.52
CA TYR L 63 15.11 -22.04 42.08
C TYR L 63 13.67 -22.48 41.81
N HIS L 64 13.50 -23.70 41.32
CA HIS L 64 12.14 -24.18 41.09
C HIS L 64 11.41 -24.36 42.41
N ALA L 65 12.12 -24.81 43.43
CA ALA L 65 11.52 -24.91 44.77
C ALA L 65 11.13 -23.53 45.28
N MET L 66 11.96 -22.54 44.99
CA MET L 66 11.68 -21.20 45.45
C MET L 66 10.47 -20.63 44.73
N PHE L 67 10.38 -20.92 43.44
CA PHE L 67 9.18 -20.56 42.69
C PHE L 67 7.94 -21.16 43.35
N ALA L 68 8.03 -22.44 43.70
CA ALA L 68 6.88 -23.15 44.24
C ALA L 68 6.43 -22.56 45.57
N TYR L 69 7.40 -22.08 46.35
CA TYR L 69 7.08 -21.40 47.61
C TYR L 69 6.40 -20.05 47.40
N PHE L 70 6.97 -19.21 46.55
CA PHE L 70 6.41 -17.87 46.33
C PHE L 70 5.12 -17.85 45.54
N ASP L 71 4.80 -18.97 44.90
CA ASP L 71 3.56 -19.15 44.15
C ASP L 71 2.42 -19.63 45.08
N ARG L 72 2.72 -19.86 46.36
CA ARG L 72 1.67 -20.20 47.33
C ARG L 72 0.66 -19.06 47.46
N ASP L 73 -0.60 -19.42 47.64
CA ASP L 73 -1.66 -18.41 47.75
C ASP L 73 -1.47 -17.49 48.94
N ASN L 74 -0.92 -18.03 50.03
CA ASN L 74 -0.76 -17.25 51.26
C ASN L 74 0.54 -16.45 51.27
N VAL L 75 1.41 -16.71 50.31
CA VAL L 75 2.64 -15.95 50.19
C VAL L 75 2.43 -14.84 49.15
N ALA L 76 1.98 -15.23 47.97
CA ALA L 76 1.46 -14.26 46.98
C ALA L 76 2.44 -13.12 46.67
N LEU L 77 3.69 -13.48 46.39
CA LEU L 77 4.64 -12.51 45.84
C LEU L 77 4.87 -12.92 44.41
N ARG L 78 4.09 -12.32 43.50
CA ARG L 78 4.05 -12.78 42.12
C ARG L 78 5.29 -12.42 41.34
N GLY L 79 5.91 -11.28 41.67
CA GLY L 79 7.18 -10.92 41.05
C GLY L 79 8.29 -11.89 41.40
N LEU L 80 8.43 -12.23 42.69
CA LEU L 80 9.44 -13.20 43.10
CA LEU L 80 9.46 -13.19 43.08
C LEU L 80 9.17 -14.58 42.50
N ALA L 81 7.91 -14.98 42.48
CA ALA L 81 7.56 -16.27 41.89
C ALA L 81 8.04 -16.30 40.44
N LYS L 82 7.73 -15.24 39.69
CA LYS L 82 8.10 -15.19 38.29
C LYS L 82 9.62 -15.21 38.11
N PHE L 83 10.30 -14.40 38.91
CA PHE L 83 11.76 -14.34 38.83
C PHE L 83 12.38 -15.70 39.07
N PHE L 84 11.90 -16.43 40.07
CA PHE L 84 12.52 -17.73 40.38
C PHE L 84 12.16 -18.80 39.35
N LYS L 85 10.96 -18.72 38.80
CA LYS L 85 10.54 -19.64 37.74
C LYS L 85 11.42 -19.44 36.51
N GLU L 86 11.61 -18.19 36.12
CA GLU L 86 12.49 -17.86 35.01
C GLU L 86 13.93 -18.23 35.29
N SER L 87 14.40 -17.97 36.50
CA SER L 87 15.77 -18.35 36.87
C SER L 87 15.99 -19.86 36.81
N SER L 88 15.00 -20.63 37.26
CA SER L 88 15.07 -22.07 37.16
C SER L 88 15.28 -22.51 35.73
N GLU L 89 14.47 -21.95 34.84
CA GLU L 89 14.55 -22.30 33.42
C GLU L 89 15.93 -21.95 32.85
N GLU L 90 16.44 -20.77 33.19
CA GLU L 90 17.75 -20.31 32.74
CA GLU L 90 17.75 -20.32 32.73
C GLU L 90 18.87 -21.24 33.23
N GLU L 91 18.79 -21.63 34.50
CA GLU L 91 19.80 -22.52 35.06
C GLU L 91 19.81 -23.86 34.34
N ARG L 92 18.65 -24.36 33.96
CA ARG L 92 18.59 -25.60 33.22
C ARG L 92 19.29 -25.43 31.86
N GLU L 93 19.11 -24.27 31.24
CA GLU L 93 19.84 -23.98 30.00
C GLU L 93 21.35 -23.93 30.24
N HIS L 94 21.76 -23.42 31.39
CA HIS L 94 23.18 -23.40 31.73
C HIS L 94 23.74 -24.82 31.82
N ALA L 95 22.95 -25.73 32.38
CA ALA L 95 23.34 -27.13 32.46
C ALA L 95 23.40 -27.76 31.08
N GLU L 96 22.36 -27.53 30.28
CA GLU L 96 22.29 -28.10 28.94
C GLU L 96 23.44 -27.63 28.05
N LYS L 97 23.84 -26.37 28.17
CA LYS L 97 24.94 -25.85 27.36
C LYS L 97 26.25 -26.57 27.70
N LEU L 98 26.42 -26.90 28.98
CA LEU L 98 27.58 -27.70 29.37
C LEU L 98 27.46 -29.15 28.87
N MET L 99 26.26 -29.71 28.87
CA MET L 99 26.05 -31.04 28.32
C MET L 99 26.42 -31.04 26.84
N GLU L 100 25.97 -30.02 26.14
CA GLU L 100 26.28 -29.90 24.71
C GLU L 100 27.79 -29.72 24.54
N TYR L 101 28.41 -28.94 25.42
CA TYR L 101 29.85 -28.71 25.31
C TYR L 101 30.63 -29.99 25.53
N GLN L 102 30.21 -30.78 26.52
CA GLN L 102 30.85 -32.06 26.78
C GLN L 102 30.89 -32.88 25.49
N ASN L 103 29.75 -32.95 24.82
CA ASN L 103 29.68 -33.72 23.58
C ASN L 103 30.48 -33.11 22.44
N LYS L 104 30.56 -31.78 22.41
CA LYS L 104 31.42 -31.11 21.44
C LYS L 104 32.86 -31.59 21.58
N ARG L 105 33.32 -31.76 22.81
CA ARG L 105 34.71 -32.14 23.05
C ARG L 105 34.90 -33.65 23.07
N GLY L 106 33.81 -34.40 22.92
CA GLY L 106 33.90 -35.85 22.88
C GLY L 106 34.07 -36.49 24.26
N GLY L 107 33.67 -35.78 25.29
CA GLY L 107 33.54 -36.37 26.61
C GLY L 107 32.15 -37.00 26.71
N LYS L 108 31.95 -37.84 27.73
CA LYS L 108 30.66 -38.47 27.94
C LYS L 108 29.95 -37.83 29.11
N VAL L 109 28.76 -37.30 28.84
CA VAL L 109 27.93 -36.69 29.86
C VAL L 109 27.49 -37.78 30.83
N LYS L 110 27.58 -37.49 32.12
CA LYS L 110 27.06 -38.40 33.14
C LYS L 110 26.26 -37.59 34.13
N LEU L 111 24.94 -37.59 33.95
CA LEU L 111 24.06 -36.87 34.87
C LEU L 111 24.10 -37.57 36.21
N GLN L 112 24.17 -36.77 37.28
N GLN L 112 24.18 -36.78 37.29
CA GLN L 112 24.26 -37.29 38.64
CA GLN L 112 24.23 -37.36 38.63
C GLN L 112 22.94 -37.05 39.37
C GLN L 112 22.97 -37.00 39.41
N SER L 113 22.80 -37.61 40.56
CA SER L 113 21.56 -37.44 41.32
C SER L 113 21.42 -35.99 41.75
N ILE L 114 20.19 -35.57 41.98
CA ILE L 114 19.91 -34.24 42.45
C ILE L 114 19.22 -34.36 43.80
N VAL L 115 19.74 -33.66 44.80
CA VAL L 115 19.27 -33.81 46.17
C VAL L 115 18.01 -32.99 46.45
N MET L 116 17.22 -33.42 47.41
CA MET L 116 16.01 -32.72 47.78
C MET L 116 16.34 -31.31 48.23
N PRO L 117 15.68 -30.29 47.65
CA PRO L 117 15.95 -28.94 48.12
C PRO L 117 15.06 -28.60 49.32
N LEU L 118 15.32 -27.48 49.99
CA LEU L 118 14.41 -26.93 50.97
C LEU L 118 13.10 -26.59 50.27
N SER L 119 11.99 -26.61 51.01
CA SER L 119 10.68 -26.30 50.43
C SER L 119 10.15 -24.95 50.92
N ASP L 120 10.47 -24.61 52.17
CA ASP L 120 9.99 -23.39 52.80
CA ASP L 120 9.98 -23.38 52.77
C ASP L 120 11.08 -22.33 52.88
N PHE L 121 10.74 -21.09 52.56
CA PHE L 121 11.71 -20.00 52.54
C PHE L 121 11.27 -18.82 53.37
N ASP L 122 10.49 -19.11 54.40
CA ASP L 122 10.09 -18.06 55.33
C ASP L 122 11.26 -17.76 56.24
N HIS L 123 11.26 -16.57 56.81
CA HIS L 123 12.29 -16.18 57.77
C HIS L 123 11.70 -15.09 58.64
N ALA L 124 11.65 -15.36 59.95
CA ALA L 124 10.93 -14.51 60.90
C ALA L 124 11.44 -13.07 60.95
N ASP L 125 12.76 -12.91 60.90
CA ASP L 125 13.37 -11.59 61.00
C ASP L 125 13.50 -10.89 59.65
N LYS L 126 14.13 -11.58 58.70
CA LYS L 126 14.45 -10.98 57.42
C LYS L 126 13.18 -10.78 56.58
N GLY L 127 12.23 -11.69 56.75
CA GLY L 127 11.07 -11.73 55.90
C GLY L 127 11.39 -12.65 54.74
N ASP L 128 10.37 -13.28 54.18
CA ASP L 128 10.62 -14.26 53.12
C ASP L 128 11.36 -13.69 51.91
N ALA L 129 10.95 -12.53 51.41
CA ALA L 129 11.56 -12.00 50.19
C ALA L 129 13.06 -11.74 50.35
N LEU L 130 13.42 -11.03 51.42
CA LEU L 130 14.83 -10.74 51.69
C LEU L 130 15.63 -12.01 51.90
N HIS L 131 15.09 -12.94 52.68
CA HIS L 131 15.73 -14.23 52.90
C HIS L 131 15.98 -14.98 51.59
N ALA L 132 14.96 -15.10 50.75
CA ALA L 132 15.10 -15.82 49.49
C ALA L 132 16.15 -15.18 48.57
N MET L 133 16.14 -13.86 48.49
CA MET L 133 17.08 -13.15 47.64
C MET L 133 18.52 -13.28 48.18
N GLU L 134 18.68 -13.25 49.50
CA GLU L 134 20.01 -13.45 50.07
C GLU L 134 20.48 -14.87 49.80
N LEU L 135 19.55 -15.81 49.83
N LEU L 135 19.56 -15.82 49.85
CA LEU L 135 19.87 -17.20 49.54
CA LEU L 135 19.89 -17.21 49.53
C LEU L 135 20.26 -17.38 48.08
C LEU L 135 20.31 -17.33 48.07
N ALA L 136 19.54 -16.71 47.19
CA ALA L 136 19.87 -16.75 45.75
C ALA L 136 21.25 -16.12 45.52
N LEU L 137 21.52 -15.02 46.19
CA LEU L 137 22.84 -14.40 46.05
C LEU L 137 23.93 -15.38 46.45
N SER L 138 23.73 -16.04 47.59
CA SER L 138 24.69 -17.03 48.08
C SER L 138 24.87 -18.19 47.12
N LEU L 139 23.77 -18.68 46.54
CA LEU L 139 23.85 -19.76 45.56
C LEU L 139 24.64 -19.33 44.32
N GLU L 140 24.43 -18.08 43.89
CA GLU L 140 25.12 -17.59 42.70
C GLU L 140 26.63 -17.45 42.97
N LYS L 141 26.99 -16.96 44.15
CA LYS L 141 28.38 -16.93 44.55
C LYS L 141 29.00 -18.33 44.63
N LEU L 142 28.24 -19.29 45.16
N LEU L 142 28.22 -19.29 45.13
CA LEU L 142 28.69 -20.68 45.15
CA LEU L 142 28.66 -20.68 45.16
C LEU L 142 28.95 -21.13 43.72
C LEU L 142 28.91 -21.20 43.76
N THR L 143 27.98 -20.92 42.85
CA THR L 143 28.12 -21.34 41.45
C THR L 143 29.36 -20.71 40.84
N ASN L 144 29.60 -19.45 41.19
CA ASN L 144 30.77 -18.73 40.68
C ASN L 144 32.06 -19.42 41.13
N GLU L 145 32.12 -19.79 42.40
CA GLU L 145 33.27 -20.52 42.93
C GLU L 145 33.45 -21.84 42.17
N LYS L 146 32.35 -22.54 41.89
CA LYS L 146 32.42 -23.79 41.15
C LYS L 146 32.91 -23.57 39.71
N LEU L 147 32.39 -22.54 39.04
CA LEU L 147 32.84 -22.24 37.68
C LEU L 147 34.31 -21.88 37.64
N LEU L 148 34.77 -21.15 38.64
CA LEU L 148 36.17 -20.77 38.73
C LEU L 148 37.03 -22.00 39.04
N ASN L 149 36.46 -22.97 39.75
CA ASN L 149 37.20 -24.22 39.93
C ASN L 149 37.28 -25.00 38.62
N LEU L 150 36.20 -25.01 37.85
CA LEU L 150 36.22 -25.64 36.54
C LEU L 150 37.28 -25.00 35.66
N HIS L 151 37.33 -23.66 35.67
CA HIS L 151 38.34 -22.95 34.90
C HIS L 151 39.74 -23.36 35.36
N SER L 152 39.89 -23.52 36.66
CA SER L 152 41.17 -23.94 37.23
C SER L 152 41.59 -25.34 36.75
N VAL L 153 40.64 -26.27 36.73
CA VAL L 153 40.93 -27.61 36.23
C VAL L 153 41.36 -27.52 34.76
N ALA L 154 40.67 -26.70 33.98
CA ALA L 154 41.07 -26.55 32.58
C ALA L 154 42.51 -26.05 32.48
N THR L 155 42.81 -24.98 33.19
CA THR L 155 44.14 -24.38 33.11
CA THR L 155 44.13 -24.36 33.15
C THR L 155 45.23 -25.34 33.62
N LYS L 156 44.97 -26.01 34.73
CA LYS L 156 45.93 -26.97 35.30
C LYS L 156 46.24 -28.12 34.34
N ASN L 157 45.39 -28.29 33.33
CA ASN L 157 45.62 -29.33 32.34
C ASN L 157 45.95 -28.78 30.98
N GLY L 158 46.18 -27.48 30.91
CA GLY L 158 46.52 -26.85 29.65
C GLY L 158 45.39 -26.91 28.64
N ASP L 159 44.15 -27.07 29.11
CA ASP L 159 43.03 -27.09 28.16
C ASP L 159 42.58 -25.66 27.82
N VAL L 160 43.21 -25.06 26.82
CA VAL L 160 42.94 -23.68 26.43
C VAL L 160 41.47 -23.43 26.08
N GLN L 161 40.88 -24.35 25.31
CA GLN L 161 39.56 -24.09 24.77
C GLN L 161 38.47 -24.26 25.82
N LEU L 162 38.63 -25.22 26.73
CA LEU L 162 37.69 -25.35 27.83
C LEU L 162 37.76 -24.09 28.71
N ALA L 163 38.96 -23.63 29.01
CA ALA L 163 39.10 -22.41 29.82
C ALA L 163 38.40 -21.25 29.13
N ASP L 164 38.60 -21.13 27.82
CA ASP L 164 37.97 -20.04 27.07
C ASP L 164 36.44 -20.18 27.04
N PHE L 165 35.96 -21.40 26.87
CA PHE L 165 34.53 -21.65 26.86
C PHE L 165 33.91 -21.18 28.17
N VAL L 166 34.56 -21.52 29.29
CA VAL L 166 34.06 -21.10 30.60
C VAL L 166 34.09 -19.57 30.78
N GLU L 167 35.18 -18.94 30.38
CA GLU L 167 35.28 -17.47 30.46
C GLU L 167 34.20 -16.79 29.64
N THR L 168 34.05 -17.24 28.40
CA THR L 168 33.18 -16.59 27.44
C THR L 168 31.71 -16.87 27.69
N GLU L 169 31.37 -18.11 28.00
CA GLU L 169 29.96 -18.46 28.18
C GLU L 169 29.44 -18.29 29.61
N TYR L 170 30.33 -18.34 30.61
CA TYR L 170 29.86 -18.39 32.00
C TYR L 170 30.32 -17.26 32.94
N LEU L 171 31.60 -16.91 32.93
CA LEU L 171 32.13 -16.10 34.02
C LEU L 171 31.62 -14.66 34.04
N GLY L 172 31.52 -14.06 32.86
CA GLY L 172 30.98 -12.71 32.74
C GLY L 172 29.52 -12.67 33.15
N ALA L 173 28.74 -13.59 32.61
CA ALA L 173 27.33 -13.70 32.95
C ALA L 173 27.14 -13.90 34.46
N GLN L 174 28.02 -14.70 35.05
CA GLN L 174 27.94 -14.97 36.49
C GLN L 174 28.16 -13.69 37.29
N VAL L 175 29.12 -12.87 36.87
CA VAL L 175 29.34 -11.59 37.52
C VAL L 175 28.09 -10.69 37.39
N GLU L 176 27.49 -10.67 36.21
CA GLU L 176 26.28 -9.87 36.01
C GLU L 176 25.14 -10.36 36.90
N ALA L 177 25.00 -11.68 37.00
CA ALA L 177 23.91 -12.25 37.80
C ALA L 177 24.10 -11.89 39.28
N ILE L 178 25.33 -11.93 39.74
CA ILE L 178 25.62 -11.60 41.13
C ILE L 178 25.31 -10.14 41.42
N LYS L 179 25.65 -9.24 40.50
CA LYS L 179 25.37 -7.83 40.76
C LYS L 179 23.87 -7.59 40.78
N ARG L 180 23.17 -8.23 39.84
CA ARG L 180 21.73 -8.10 39.72
C ARG L 180 21.03 -8.49 41.03
N ILE L 181 21.37 -9.66 41.55
CA ILE L 181 20.74 -10.14 42.79
C ILE L 181 21.19 -9.32 44.01
N SER L 182 22.45 -8.88 44.01
CA SER L 182 22.92 -7.98 45.07
C SER L 182 22.08 -6.71 45.13
N GLU L 183 21.76 -6.17 43.95
CA GLU L 183 20.91 -5.00 43.85
C GLU L 183 19.51 -5.27 44.41
N TYR L 184 18.97 -6.46 44.15
CA TYR L 184 17.67 -6.84 44.72
C TYR L 184 17.73 -6.89 46.25
N VAL L 185 18.78 -7.49 46.78
CA VAL L 185 18.96 -7.54 48.23
C VAL L 185 19.03 -6.14 48.82
N ALA L 186 19.78 -5.26 48.16
CA ALA L 186 19.93 -3.90 48.63
C ALA L 186 18.58 -3.17 48.68
N GLN L 187 17.79 -3.32 47.63
CA GLN L 187 16.51 -2.62 47.53
C GLN L 187 15.53 -3.16 48.57
N LEU L 188 15.55 -4.48 48.75
CA LEU L 188 14.66 -5.11 49.72
C LEU L 188 14.98 -4.62 51.13
N ARG L 189 16.26 -4.43 51.42
CA ARG L 189 16.65 -3.87 52.72
C ARG L 189 16.19 -2.42 52.83
N ARG L 190 16.24 -1.69 51.73
CA ARG L 190 15.87 -0.28 51.79
C ARG L 190 14.37 -0.06 52.01
N VAL L 191 13.52 -0.84 51.35
CA VAL L 191 12.08 -0.57 51.38
C VAL L 191 11.40 -1.11 52.63
N GLY L 192 12.02 -2.07 53.30
CA GLY L 192 11.47 -2.64 54.52
C GLY L 192 10.33 -3.63 54.28
N LYS L 193 9.98 -4.40 55.32
CA LYS L 193 8.95 -5.41 55.19
C LYS L 193 7.56 -4.78 55.01
N GLY L 194 6.63 -5.55 54.46
CA GLY L 194 5.25 -5.10 54.35
C GLY L 194 4.95 -4.44 53.01
N HIS L 195 4.44 -3.22 53.07
CA HIS L 195 4.12 -2.45 51.86
C HIS L 195 5.34 -2.37 50.94
N GLY L 196 6.51 -2.11 51.52
CA GLY L 196 7.73 -1.95 50.74
C GLY L 196 8.12 -3.19 49.95
N VAL L 197 8.12 -4.34 50.62
CA VAL L 197 8.40 -5.60 49.93
C VAL L 197 7.39 -5.87 48.81
N TRP L 198 6.11 -5.62 49.08
CA TRP L 198 5.09 -5.87 48.09
C TRP L 198 5.32 -4.99 46.86
N HIS L 199 5.74 -3.75 47.12
CA HIS L 199 6.01 -2.78 46.05
C HIS L 199 7.25 -3.22 45.24
N PHE L 200 8.31 -3.59 45.93
CA PHE L 200 9.49 -4.11 45.23
C PHE L 200 9.08 -5.32 44.37
N ASP L 201 8.23 -6.18 44.91
CA ASP L 201 7.77 -7.36 44.16
C ASP L 201 6.99 -6.93 42.90
N GLN L 202 6.17 -5.89 43.03
CA GLN L 202 5.44 -5.37 41.87
C GLN L 202 6.41 -4.89 40.80
N MET L 203 7.49 -4.25 41.25
CA MET L 203 8.51 -3.73 40.34
C MET L 203 9.14 -4.90 39.60
N LEU L 204 9.50 -5.94 40.35
CA LEU L 204 10.17 -7.10 39.78
C LEU L 204 9.24 -7.84 38.81
N LEU L 205 7.95 -7.85 39.14
CA LEU L 205 6.94 -8.49 38.30
C LEU L 205 6.85 -7.86 36.92
N HIS L 206 6.98 -6.54 36.86
CA HIS L 206 6.87 -5.80 35.61
C HIS L 206 8.24 -5.37 35.07
N GLU L 207 9.30 -5.86 35.70
CA GLU L 207 10.66 -5.50 35.32
C GLU L 207 10.96 -5.88 33.88
N PHE M 15 49.43 9.87 36.94
CA PHE M 15 49.58 9.65 35.51
C PHE M 15 49.67 10.97 34.75
N GLU M 16 50.82 11.20 34.11
CA GLU M 16 51.00 12.37 33.26
C GLU M 16 51.27 11.94 31.81
N PRO M 17 50.24 12.05 30.95
CA PRO M 17 50.27 11.57 29.56
C PRO M 17 51.49 12.03 28.78
N PHE M 18 51.77 13.33 28.82
CA PHE M 18 52.85 13.91 28.02
C PHE M 18 54.24 13.65 28.60
N GLU M 19 54.29 13.27 29.87
CA GLU M 19 55.56 12.92 30.50
C GLU M 19 55.98 11.52 30.10
N GLU M 20 55.03 10.59 30.14
CA GLU M 20 55.30 9.20 29.85
C GLU M 20 55.27 8.91 28.35
N VAL M 21 54.79 9.88 27.57
CA VAL M 21 54.63 9.71 26.13
C VAL M 21 55.83 10.22 25.35
N LYS M 22 56.61 11.10 25.97
CA LYS M 22 57.78 11.67 25.32
C LYS M 22 58.86 10.59 25.13
N LYS M 23 58.68 9.48 25.82
CA LYS M 23 59.56 8.32 25.67
C LYS M 23 58.96 7.36 24.65
N GLU M 24 57.63 7.39 24.54
CA GLU M 24 56.90 6.56 23.59
C GLU M 24 56.98 7.17 22.19
N LEU M 25 57.24 8.47 22.15
CA LEU M 25 57.30 9.23 20.90
C LEU M 25 58.72 9.21 20.33
N ASP M 26 59.68 8.85 21.18
CA ASP M 26 61.08 8.75 20.76
C ASP M 26 61.33 7.47 19.97
N LEU M 27 60.37 6.54 20.06
CA LEU M 27 60.53 5.22 19.43
C LEU M 27 59.65 5.04 18.19
N VAL M 28 59.03 6.12 17.73
CA VAL M 28 58.23 6.08 16.50
C VAL M 28 59.17 5.91 15.30
N PRO M 29 59.02 4.79 14.56
CA PRO M 29 59.93 4.46 13.45
C PRO M 29 60.08 5.58 12.41
N THR M 30 61.30 5.71 11.90
CA THR M 30 61.65 6.69 10.88
C THR M 30 61.81 6.06 9.50
N VAL M 31 62.38 4.85 9.48
CA VAL M 31 62.58 4.06 8.27
C VAL M 31 61.24 3.59 7.69
N PRO M 32 61.07 3.69 6.36
CA PRO M 32 59.80 3.47 5.66
C PRO M 32 59.29 2.02 5.64
N GLN M 33 60.19 1.04 5.75
CA GLN M 33 59.81 -0.36 5.67
CA GLN M 33 59.81 -0.37 5.67
C GLN M 33 59.46 -0.95 7.05
N ALA M 34 59.72 -0.19 8.11
CA ALA M 34 59.41 -0.66 9.45
C ALA M 34 57.95 -0.38 9.78
N SER M 35 57.31 -1.27 10.54
CA SER M 35 55.95 -1.05 11.00
C SER M 35 55.87 0.04 12.07
N LEU M 36 54.87 0.91 11.96
CA LEU M 36 54.64 1.93 12.99
CA LEU M 36 54.63 1.93 12.99
C LEU M 36 53.80 1.36 14.12
N ALA M 37 53.04 0.30 13.82
CA ALA M 37 52.07 -0.24 14.77
C ALA M 37 52.69 -1.26 15.71
N ARG M 38 53.74 -1.93 15.26
CA ARG M 38 54.22 -3.10 15.99
C ARG M 38 54.61 -2.73 17.42
N GLN M 39 54.07 -3.49 18.37
CA GLN M 39 54.32 -3.25 19.79
C GLN M 39 54.21 -4.55 20.58
N LYS M 40 55.29 -4.91 21.28
CA LYS M 40 55.30 -6.11 22.09
C LYS M 40 54.81 -7.30 21.28
N TYR M 41 55.39 -7.47 20.10
CA TYR M 41 55.04 -8.53 19.17
C TYR M 41 56.36 -9.12 18.67
N VAL M 42 56.79 -10.21 19.30
CA VAL M 42 58.14 -10.71 19.07
C VAL M 42 58.24 -11.59 17.84
N ASP M 43 59.45 -11.74 17.31
CA ASP M 43 59.67 -12.53 16.10
C ASP M 43 59.07 -13.92 16.17
N GLU M 44 59.17 -14.57 17.33
CA GLU M 44 58.63 -15.92 17.44
C GLU M 44 57.12 -15.94 17.19
N SER M 45 56.43 -14.93 17.69
CA SER M 45 54.99 -14.84 17.50
C SER M 45 54.68 -14.57 16.03
N GLU M 46 55.35 -13.57 15.46
CA GLU M 46 55.23 -13.28 14.04
C GLU M 46 55.42 -14.55 13.18
N SER M 47 56.47 -15.31 13.46
CA SER M 47 56.75 -16.54 12.71
C SER M 47 55.68 -17.60 12.88
N ALA M 48 55.20 -17.77 14.12
CA ALA M 48 54.14 -18.73 14.39
C ALA M 48 52.84 -18.37 13.66
N VAL M 49 52.53 -17.08 13.56
CA VAL M 49 51.36 -16.66 12.78
C VAL M 49 51.55 -16.98 11.29
N ASN M 50 52.76 -16.75 10.78
CA ASN M 50 53.04 -17.11 9.39
C ASN M 50 52.92 -18.61 9.15
N GLU M 51 53.36 -19.40 10.11
CA GLU M 51 53.24 -20.86 10.00
CA GLU M 51 53.24 -20.86 9.98
C GLU M 51 51.76 -21.26 9.94
N GLN M 52 50.94 -20.63 10.79
CA GLN M 52 49.51 -20.98 10.82
C GLN M 52 48.81 -20.56 9.52
N ILE M 53 49.18 -19.41 8.97
CA ILE M 53 48.67 -18.99 7.66
C ILE M 53 48.88 -20.11 6.64
N ASN M 54 50.09 -20.66 6.60
CA ASN M 54 50.42 -21.74 5.68
C ASN M 54 49.64 -23.02 5.97
N VAL M 55 49.42 -23.31 7.25
CA VAL M 55 48.65 -24.49 7.62
C VAL M 55 47.23 -24.37 7.06
N GLU M 56 46.58 -23.23 7.33
CA GLU M 56 45.21 -22.99 6.87
C GLU M 56 45.14 -23.02 5.33
N TYR M 57 46.11 -22.40 4.70
CA TYR M 57 46.11 -22.33 3.23
C TYR M 57 46.27 -23.74 2.66
N ASN M 58 47.11 -24.54 3.30
CA ASN M 58 47.33 -25.92 2.85
C ASN M 58 46.06 -26.76 2.97
N VAL M 59 45.33 -26.62 4.09
CA VAL M 59 44.07 -27.32 4.25
C VAL M 59 43.06 -26.87 3.20
N SER M 60 43.02 -25.58 2.89
CA SER M 60 42.15 -25.09 1.83
C SER M 60 42.43 -25.83 0.51
N TYR M 61 43.71 -26.01 0.21
CA TYR M 61 44.12 -26.64 -1.03
C TYR M 61 43.72 -28.13 -1.05
N VAL M 62 43.95 -28.82 0.05
CA VAL M 62 43.52 -30.21 0.17
C VAL M 62 42.01 -30.34 -0.04
N TYR M 63 41.21 -29.48 0.61
CA TYR M 63 39.76 -29.56 0.41
C TYR M 63 39.39 -29.30 -1.05
N HIS M 64 40.11 -28.41 -1.71
CA HIS M 64 39.85 -28.13 -3.10
C HIS M 64 40.16 -29.38 -3.93
N ALA M 65 41.20 -30.12 -3.56
CA ALA M 65 41.51 -31.35 -4.27
C ALA M 65 40.40 -32.36 -4.04
N MET M 66 39.83 -32.37 -2.84
CA MET M 66 38.74 -33.29 -2.54
C MET M 66 37.49 -32.93 -3.32
N PHE M 67 37.18 -31.64 -3.41
CA PHE M 67 36.10 -31.19 -4.28
C PHE M 67 36.29 -31.73 -5.69
N ALA M 68 37.49 -31.55 -6.23
CA ALA M 68 37.78 -31.93 -7.62
C ALA M 68 37.58 -33.43 -7.85
N TYR M 69 37.88 -34.22 -6.84
CA TYR M 69 37.66 -35.66 -6.91
C TYR M 69 36.17 -36.02 -6.91
N PHE M 70 35.41 -35.45 -5.96
CA PHE M 70 34.00 -35.80 -5.84
C PHE M 70 33.12 -35.22 -6.94
N ASP M 71 33.64 -34.20 -7.61
CA ASP M 71 33.01 -33.58 -8.77
C ASP M 71 33.22 -34.41 -10.07
N ARG M 72 34.00 -35.48 -10.01
CA ARG M 72 34.21 -36.32 -11.20
C ARG M 72 32.90 -36.97 -11.62
N ASP M 73 32.66 -37.09 -12.92
CA ASP M 73 31.40 -37.65 -13.41
C ASP M 73 31.14 -39.09 -12.91
N ASN M 74 32.21 -39.87 -12.74
CA ASN M 74 32.06 -41.27 -12.37
C ASN M 74 32.04 -41.47 -10.85
N VAL M 75 32.35 -40.41 -10.12
CA VAL M 75 32.24 -40.44 -8.67
C VAL M 75 30.84 -39.95 -8.27
N ALA M 76 30.51 -38.75 -8.73
CA ALA M 76 29.14 -38.25 -8.73
C ALA M 76 28.52 -38.22 -7.33
N LEU M 77 29.29 -37.72 -6.38
CA LEU M 77 28.76 -37.45 -5.05
C LEU M 77 28.68 -35.94 -4.88
N ARG M 78 27.54 -35.37 -5.26
CA ARG M 78 27.40 -33.92 -5.36
C ARG M 78 27.40 -33.22 -4.00
N GLY M 79 26.87 -33.88 -2.98
CA GLY M 79 26.84 -33.32 -1.64
C GLY M 79 28.25 -33.16 -1.07
N LEU M 80 29.06 -34.20 -1.25
CA LEU M 80 30.46 -34.18 -0.82
CA LEU M 80 30.45 -34.17 -0.81
C LEU M 80 31.27 -33.16 -1.61
N ALA M 81 31.04 -33.11 -2.92
CA ALA M 81 31.73 -32.11 -3.76
C ALA M 81 31.43 -30.70 -3.24
N LYS M 82 30.16 -30.42 -2.98
CA LYS M 82 29.76 -29.11 -2.49
C LYS M 82 30.37 -28.82 -1.12
N PHE M 83 30.29 -29.79 -0.21
CA PHE M 83 30.89 -29.64 1.11
C PHE M 83 32.38 -29.30 1.06
N PHE M 84 33.15 -30.05 0.29
CA PHE M 84 34.59 -29.76 0.23
C PHE M 84 34.89 -28.45 -0.51
N LYS M 85 34.05 -28.13 -1.49
CA LYS M 85 34.22 -26.88 -2.22
C LYS M 85 34.03 -25.71 -1.25
N GLU M 86 32.97 -25.78 -0.47
CA GLU M 86 32.69 -24.71 0.49
C GLU M 86 33.73 -24.70 1.61
N SER M 87 34.16 -25.88 2.03
CA SER M 87 35.18 -25.95 3.07
C SER M 87 36.50 -25.32 2.61
N SER M 88 36.86 -25.55 1.35
CA SER M 88 38.05 -24.93 0.80
C SER M 88 37.98 -23.41 0.87
N GLU M 89 36.84 -22.85 0.48
CA GLU M 89 36.62 -21.40 0.55
CA GLU M 89 36.71 -21.40 0.53
C GLU M 89 36.78 -20.90 1.99
N GLU M 90 36.16 -21.62 2.92
CA GLU M 90 36.21 -21.23 4.33
CA GLU M 90 36.20 -21.24 4.33
C GLU M 90 37.64 -21.23 4.87
N GLU M 91 38.41 -22.26 4.51
CA GLU M 91 39.79 -22.39 4.99
C GLU M 91 40.64 -21.23 4.48
N ARG M 92 40.39 -20.82 3.24
CA ARG M 92 41.13 -19.69 2.68
C ARG M 92 40.80 -18.44 3.47
N GLU M 93 39.54 -18.33 3.90
CA GLU M 93 39.16 -17.21 4.77
C GLU M 93 39.89 -17.29 6.10
N HIS M 94 40.08 -18.51 6.61
CA HIS M 94 40.84 -18.67 7.84
C HIS M 94 42.28 -18.18 7.70
N ALA M 95 42.87 -18.48 6.54
CA ALA M 95 44.21 -18.01 6.22
C ALA M 95 44.26 -16.50 6.16
N GLU M 96 43.27 -15.93 5.47
CA GLU M 96 43.23 -14.49 5.25
C GLU M 96 43.05 -13.70 6.53
N LYS M 97 42.21 -14.22 7.43
CA LYS M 97 42.03 -13.54 8.72
C LYS M 97 43.34 -13.51 9.51
N LEU M 98 44.14 -14.56 9.40
CA LEU M 98 45.47 -14.54 10.02
C LEU M 98 46.43 -13.60 9.30
N MET M 99 46.33 -13.51 7.98
CA MET M 99 47.12 -12.51 7.25
C MET M 99 46.76 -11.09 7.73
N GLU M 100 45.47 -10.81 7.81
CA GLU M 100 45.05 -9.49 8.27
C GLU M 100 45.52 -9.26 9.70
N TYR M 101 45.44 -10.30 10.51
CA TYR M 101 45.87 -10.16 11.91
C TYR M 101 47.35 -9.81 12.01
N GLN M 102 48.17 -10.56 11.26
CA GLN M 102 49.60 -10.27 11.17
C GLN M 102 49.85 -8.78 10.92
N ASN M 103 49.13 -8.22 9.95
CA ASN M 103 49.28 -6.80 9.64
C ASN M 103 48.72 -5.87 10.73
N LYS M 104 47.66 -6.30 11.39
CA LYS M 104 47.17 -5.50 12.51
C LYS M 104 48.25 -5.32 13.58
N ARG M 105 49.03 -6.37 13.83
CA ARG M 105 50.08 -6.34 14.86
C ARG M 105 51.41 -5.78 14.33
N GLY M 106 51.45 -5.45 13.04
CA GLY M 106 52.67 -4.92 12.46
C GLY M 106 53.76 -5.96 12.23
N GLY M 107 53.36 -7.22 12.13
CA GLY M 107 54.26 -8.26 11.63
C GLY M 107 54.21 -8.30 10.11
N LYS M 108 55.16 -8.99 9.49
CA LYS M 108 55.18 -9.08 8.04
C LYS M 108 54.74 -10.46 7.56
N VAL M 109 53.67 -10.50 6.78
CA VAL M 109 53.15 -11.75 6.24
C VAL M 109 54.17 -12.36 5.29
N LYS M 110 54.48 -13.63 5.48
CA LYS M 110 55.33 -14.35 4.53
C LYS M 110 54.63 -15.62 4.08
N LEU M 111 53.99 -15.58 2.92
CA LEU M 111 53.37 -16.77 2.35
C LEU M 111 54.46 -17.77 1.95
N GLN M 112 54.24 -19.04 2.24
N GLN M 112 54.18 -19.04 2.23
CA GLN M 112 55.22 -20.04 1.88
CA GLN M 112 55.11 -20.13 2.02
C GLN M 112 54.65 -20.96 0.81
C GLN M 112 54.54 -21.10 0.97
N SER M 113 55.38 -22.01 0.47
CA SER M 113 54.96 -22.92 -0.58
CA SER M 113 54.97 -22.94 -0.56
C SER M 113 53.78 -23.80 -0.14
N ILE M 114 52.97 -24.20 -1.12
CA ILE M 114 51.88 -25.13 -0.86
C ILE M 114 52.24 -26.43 -1.58
N VAL M 115 52.30 -27.54 -0.85
CA VAL M 115 52.69 -28.81 -1.44
C VAL M 115 51.56 -29.42 -2.25
N MET M 116 51.93 -30.22 -3.25
CA MET M 116 50.93 -30.93 -4.04
CA MET M 116 50.94 -30.93 -4.04
C MET M 116 50.14 -31.87 -3.14
N PRO M 117 48.80 -31.76 -3.16
CA PRO M 117 47.99 -32.66 -2.33
C PRO M 117 47.70 -33.96 -3.08
N LEU M 118 47.15 -34.94 -2.37
CA LEU M 118 46.62 -36.14 -3.01
C LEU M 118 45.57 -35.72 -4.04
N SER M 119 45.47 -36.43 -5.15
CA SER M 119 44.42 -36.13 -6.13
C SER M 119 43.28 -37.14 -6.07
N ASP M 120 43.60 -38.39 -5.75
N ASP M 120 43.61 -38.38 -5.74
CA ASP M 120 42.58 -39.44 -5.74
CA ASP M 120 42.61 -39.45 -5.71
C ASP M 120 42.24 -39.89 -4.32
C ASP M 120 42.24 -39.79 -4.28
N PHE M 121 40.95 -40.06 -4.05
CA PHE M 121 40.50 -40.40 -2.71
C PHE M 121 39.71 -41.70 -2.61
N ASP M 122 39.86 -42.59 -3.59
N ASP M 122 39.90 -42.59 -3.58
CA ASP M 122 39.15 -43.86 -3.49
CA ASP M 122 39.24 -43.89 -3.55
C ASP M 122 39.82 -44.74 -2.46
C ASP M 122 39.85 -44.77 -2.47
N HIS M 123 39.06 -45.70 -1.93
CA HIS M 123 39.57 -46.60 -0.91
C HIS M 123 38.78 -47.88 -0.99
N ALA M 124 39.49 -48.99 -1.22
CA ALA M 124 38.86 -50.28 -1.47
C ALA M 124 37.91 -50.67 -0.34
N ASP M 125 38.38 -50.55 0.89
CA ASP M 125 37.62 -51.07 2.03
CA ASP M 125 37.64 -51.06 2.04
C ASP M 125 36.68 -50.04 2.65
N LYS M 126 37.15 -48.80 2.80
CA LYS M 126 36.33 -47.77 3.41
C LYS M 126 35.29 -47.20 2.46
N GLY M 127 35.63 -47.17 1.16
CA GLY M 127 34.84 -46.43 0.19
C GLY M 127 35.33 -45.00 0.18
N ASP M 128 35.15 -44.30 -0.95
CA ASP M 128 35.71 -42.96 -1.10
C ASP M 128 35.14 -41.94 -0.09
N ALA M 129 33.83 -41.92 0.09
CA ALA M 129 33.19 -40.96 0.99
C ALA M 129 33.73 -41.03 2.42
N LEU M 130 33.70 -42.22 3.00
CA LEU M 130 34.19 -42.41 4.37
C LEU M 130 35.68 -42.07 4.46
N HIS M 131 36.47 -42.56 3.49
CA HIS M 131 37.90 -42.29 3.50
C HIS M 131 38.21 -40.79 3.47
N ALA M 132 37.51 -40.05 2.61
CA ALA M 132 37.80 -38.63 2.52
C ALA M 132 37.37 -37.91 3.78
N MET M 133 36.28 -38.36 4.40
CA MET M 133 35.78 -37.71 5.61
C MET M 133 36.73 -38.00 6.79
N GLU M 134 37.27 -39.21 6.84
CA GLU M 134 38.24 -39.53 7.88
C GLU M 134 39.53 -38.74 7.68
N LEU M 135 39.93 -38.54 6.43
CA LEU M 135 41.09 -37.71 6.14
C LEU M 135 40.85 -36.29 6.60
N ALA M 136 39.68 -35.76 6.27
CA ALA M 136 39.33 -34.40 6.68
C ALA M 136 39.36 -34.27 8.19
N LEU M 137 38.83 -35.29 8.87
CA LEU M 137 38.85 -35.26 10.33
C LEU M 137 40.28 -35.18 10.83
N SER M 138 41.16 -36.00 10.24
CA SER M 138 42.58 -35.99 10.58
C SER M 138 43.19 -34.62 10.35
N LEU M 139 42.85 -34.00 9.22
CA LEU M 139 43.36 -32.67 8.89
C LEU M 139 42.92 -31.60 9.89
N GLU M 140 41.66 -31.67 10.29
CA GLU M 140 41.14 -30.71 11.26
C GLU M 140 41.78 -30.90 12.63
N LYS M 141 42.03 -32.15 13.02
CA LYS M 141 42.73 -32.40 14.28
C LYS M 141 44.16 -31.88 14.22
N LEU M 142 44.84 -32.08 13.08
CA LEU M 142 46.18 -31.56 12.89
CA LEU M 142 46.18 -31.55 12.90
C LEU M 142 46.18 -30.03 13.00
N THR M 143 45.20 -29.40 12.38
CA THR M 143 45.08 -27.94 12.44
C THR M 143 44.86 -27.48 13.88
N ASN M 144 44.08 -28.25 14.63
CA ASN M 144 43.79 -27.92 16.03
C ASN M 144 45.07 -27.98 16.86
N GLU M 145 45.89 -29.02 16.62
CA GLU M 145 47.18 -29.14 17.28
C GLU M 145 48.06 -27.93 16.97
N LYS M 146 48.05 -27.50 15.72
CA LYS M 146 48.84 -26.34 15.31
C LYS M 146 48.35 -25.04 15.95
N LEU M 147 47.03 -24.86 16.03
CA LEU M 147 46.47 -23.68 16.68
C LEU M 147 46.82 -23.65 18.16
N LEU M 148 46.78 -24.81 18.80
CA LEU M 148 47.14 -24.85 20.23
C LEU M 148 48.62 -24.53 20.42
N ASN M 149 49.46 -24.95 19.49
CA ASN M 149 50.87 -24.57 19.55
CA ASN M 149 50.88 -24.58 19.52
C ASN M 149 51.07 -23.07 19.34
N LEU M 150 50.27 -22.48 18.46
CA LEU M 150 50.32 -21.04 18.21
C LEU M 150 49.94 -20.31 19.48
N HIS M 151 48.92 -20.82 20.14
CA HIS M 151 48.46 -20.25 21.39
C HIS M 151 49.57 -20.39 22.44
N SER M 152 50.25 -21.53 22.38
CA SER M 152 51.36 -21.75 23.31
C SER M 152 52.50 -20.74 23.05
N VAL M 153 52.86 -20.53 21.79
CA VAL M 153 53.85 -19.51 21.44
C VAL M 153 53.42 -18.14 21.96
N ALA M 154 52.15 -17.81 21.79
CA ALA M 154 51.61 -16.54 22.26
C ALA M 154 51.76 -16.39 23.77
N THR M 155 51.22 -17.34 24.54
CA THR M 155 51.23 -17.17 25.99
C THR M 155 52.65 -17.25 26.53
N LYS M 156 53.49 -18.06 25.88
CA LYS M 156 54.89 -18.19 26.26
C LYS M 156 55.57 -16.82 26.28
N ASN M 157 55.26 -15.99 25.29
CA ASN M 157 55.89 -14.69 25.16
C ASN M 157 55.11 -13.58 25.85
N GLY M 158 54.11 -13.98 26.64
CA GLY M 158 53.25 -13.02 27.31
C GLY M 158 52.42 -12.19 26.34
N ASP M 159 52.25 -12.69 25.11
CA ASP M 159 51.41 -11.98 24.16
C ASP M 159 49.93 -12.28 24.38
N VAL M 160 49.31 -11.56 25.30
CA VAL M 160 47.96 -11.93 25.69
C VAL M 160 46.94 -11.61 24.60
N GLN M 161 47.19 -10.58 23.81
CA GLN M 161 46.22 -10.25 22.74
C GLN M 161 46.21 -11.31 21.64
N LEU M 162 47.39 -11.80 21.26
CA LEU M 162 47.45 -12.87 20.27
C LEU M 162 46.76 -14.13 20.82
N ALA M 163 47.00 -14.43 22.09
CA ALA M 163 46.32 -15.56 22.73
C ALA M 163 44.81 -15.40 22.66
N ASP M 164 44.33 -14.20 22.98
CA ASP M 164 42.91 -13.90 22.95
C ASP M 164 42.33 -14.06 21.55
N PHE M 165 43.04 -13.55 20.55
CA PHE M 165 42.61 -13.66 19.16
C PHE M 165 42.49 -15.12 18.76
N VAL M 166 43.50 -15.91 19.08
CA VAL M 166 43.50 -17.32 18.69
C VAL M 166 42.37 -18.09 19.36
N GLU M 167 42.18 -17.89 20.66
CA GLU M 167 41.09 -18.60 21.31
C GLU M 167 39.72 -18.12 20.84
N THR M 168 39.56 -16.82 20.67
CA THR M 168 38.27 -16.25 20.26
C THR M 168 37.90 -16.60 18.82
N GLU M 169 38.84 -16.43 17.91
CA GLU M 169 38.51 -16.56 16.49
C GLU M 169 38.72 -17.95 15.92
N TYR M 170 39.58 -18.76 16.54
CA TYR M 170 39.94 -20.05 15.98
C TYR M 170 39.58 -21.29 16.81
N LEU M 171 39.84 -21.25 18.11
CA LEU M 171 39.78 -22.50 18.88
C LEU M 171 38.37 -23.08 19.03
N GLY M 172 37.40 -22.22 19.33
CA GLY M 172 36.03 -22.67 19.45
C GLY M 172 35.49 -23.18 18.12
N ALA M 173 35.76 -22.43 17.05
CA ALA M 173 35.31 -22.85 15.73
C ALA M 173 35.97 -24.18 15.33
N GLN M 174 37.22 -24.38 15.73
CA GLN M 174 37.92 -25.63 15.40
C GLN M 174 37.24 -26.80 16.09
N VAL M 175 36.83 -26.61 17.34
CA VAL M 175 36.11 -27.65 18.07
C VAL M 175 34.79 -28.00 17.36
N GLU M 176 34.06 -26.98 16.92
CA GLU M 176 32.81 -27.22 16.20
C GLU M 176 33.04 -28.02 14.92
N ALA M 177 34.08 -27.65 14.18
CA ALA M 177 34.38 -28.29 12.90
C ALA M 177 34.71 -29.76 13.11
N ILE M 178 35.48 -30.03 14.16
CA ILE M 178 35.86 -31.41 14.47
C ILE M 178 34.63 -32.23 14.81
N LYS M 179 33.71 -31.66 15.58
CA LYS M 179 32.52 -32.43 15.93
C LYS M 179 31.67 -32.66 14.68
N ARG M 180 31.56 -31.64 13.83
CA ARG M 180 30.73 -31.75 12.63
CA ARG M 180 30.74 -31.77 12.64
C ARG M 180 31.24 -32.90 11.76
N ILE M 181 32.55 -32.95 11.53
CA ILE M 181 33.12 -33.96 10.66
C ILE M 181 33.06 -35.34 11.30
N SER M 182 33.25 -35.39 12.61
CA SER M 182 33.14 -36.64 13.36
C SER M 182 31.75 -37.24 13.18
N GLU M 183 30.74 -36.38 13.25
CA GLU M 183 29.37 -36.81 13.00
C GLU M 183 29.18 -37.39 11.60
N TYR M 184 29.82 -36.79 10.61
CA TYR M 184 29.74 -37.28 9.23
C TYR M 184 30.39 -38.65 9.11
N VAL M 185 31.57 -38.80 9.72
CA VAL M 185 32.23 -40.10 9.75
C VAL M 185 31.31 -41.16 10.38
N ALA M 186 30.71 -40.81 11.52
CA ALA M 186 29.81 -41.74 12.22
C ALA M 186 28.63 -42.15 11.34
N GLN M 187 27.98 -41.18 10.69
CA GLN M 187 26.84 -41.49 9.84
C GLN M 187 27.25 -42.33 8.63
N LEU M 188 28.36 -41.98 8.00
CA LEU M 188 28.86 -42.77 6.87
C LEU M 188 29.11 -44.21 7.25
N ARG M 189 29.61 -44.43 8.46
CA ARG M 189 29.87 -45.77 8.93
C ARG M 189 28.56 -46.49 9.16
N ARG M 190 27.55 -45.77 9.64
CA ARG M 190 26.27 -46.41 9.96
C ARG M 190 25.50 -46.81 8.70
N VAL M 191 25.47 -45.94 7.69
CA VAL M 191 24.62 -46.21 6.52
C VAL M 191 25.23 -47.25 5.56
N GLY M 192 26.56 -47.41 5.61
CA GLY M 192 27.26 -48.37 4.77
C GLY M 192 27.42 -47.93 3.33
N LYS M 193 28.27 -48.64 2.57
CA LYS M 193 28.57 -48.30 1.18
C LYS M 193 27.37 -48.52 0.26
N GLY M 194 27.35 -47.79 -0.85
CA GLY M 194 26.31 -47.99 -1.85
C GLY M 194 25.15 -47.03 -1.70
N HIS M 195 23.95 -47.60 -1.58
CA HIS M 195 22.75 -46.80 -1.41
C HIS M 195 22.89 -45.84 -0.21
N GLY M 196 23.44 -46.35 0.88
CA GLY M 196 23.55 -45.55 2.09
C GLY M 196 24.43 -44.32 1.89
N VAL M 197 25.59 -44.51 1.29
CA VAL M 197 26.49 -43.40 1.07
C VAL M 197 25.85 -42.35 0.16
N TRP M 198 25.19 -42.82 -0.90
CA TRP M 198 24.52 -41.92 -1.84
C TRP M 198 23.45 -41.12 -1.11
N HIS M 199 22.74 -41.77 -0.19
CA HIS M 199 21.67 -41.11 0.55
C HIS M 199 22.26 -40.08 1.52
N PHE M 200 23.32 -40.47 2.22
CA PHE M 200 24.00 -39.52 3.10
C PHE M 200 24.43 -38.32 2.27
N ASP M 201 24.98 -38.57 1.09
CA ASP M 201 25.44 -37.49 0.23
C ASP M 201 24.28 -36.56 -0.17
N GLN M 202 23.14 -37.13 -0.50
CA GLN M 202 21.93 -36.33 -0.78
C GLN M 202 21.57 -35.45 0.41
N MET M 203 21.71 -36.00 1.60
CA MET M 203 21.42 -35.27 2.83
C MET M 203 22.36 -34.08 2.92
N LEU M 204 23.63 -34.35 2.67
CA LEU M 204 24.66 -33.33 2.78
C LEU M 204 24.46 -32.25 1.70
N LEU M 205 24.03 -32.68 0.52
CA LEU M 205 23.77 -31.75 -0.58
C LEU M 205 22.73 -30.73 -0.16
N HIS M 206 21.76 -31.15 0.64
CA HIS M 206 20.66 -30.27 1.04
C HIS M 206 20.75 -29.79 2.50
N GLU M 207 21.84 -30.10 3.19
CA GLU M 207 21.97 -29.74 4.60
C GLU M 207 22.02 -28.22 4.78
N PHE N 15 -10.56 39.11 -47.57
CA PHE N 15 -9.87 37.84 -47.75
C PHE N 15 -10.81 36.75 -48.25
N GLU N 16 -10.48 36.14 -49.38
CA GLU N 16 -11.27 35.05 -49.94
C GLU N 16 -10.37 33.85 -50.19
N PRO N 17 -10.33 32.90 -49.24
CA PRO N 17 -9.46 31.73 -49.29
C PRO N 17 -9.52 31.01 -50.64
N PHE N 18 -10.72 30.84 -51.18
CA PHE N 18 -10.88 30.03 -52.40
C PHE N 18 -10.51 30.76 -53.69
N GLU N 19 -10.46 32.09 -53.63
CA GLU N 19 -9.96 32.86 -54.76
C GLU N 19 -8.44 32.92 -54.69
N GLU N 20 -7.94 33.28 -53.51
CA GLU N 20 -6.52 33.45 -53.31
C GLU N 20 -5.78 32.12 -53.43
N VAL N 21 -6.52 31.01 -53.30
CA VAL N 21 -5.92 29.68 -53.25
C VAL N 21 -5.75 29.01 -54.61
N LYS N 22 -6.58 29.40 -55.59
CA LYS N 22 -6.52 28.74 -56.90
C LYS N 22 -5.21 29.00 -57.64
N LYS N 23 -4.46 30.01 -57.21
CA LYS N 23 -3.14 30.29 -57.77
C LYS N 23 -2.08 29.46 -57.06
N GLU N 24 -2.44 28.93 -55.89
CA GLU N 24 -1.54 28.10 -55.09
C GLU N 24 -1.82 26.62 -55.34
N LEU N 25 -3.07 26.31 -55.63
CA LEU N 25 -3.51 24.94 -55.89
C LEU N 25 -2.97 24.42 -57.23
N ASP N 26 -2.89 25.29 -58.22
CA ASP N 26 -2.41 24.89 -59.54
C ASP N 26 -0.88 24.82 -59.60
N LEU N 27 -0.22 25.28 -58.53
CA LEU N 27 1.24 25.22 -58.45
C LEU N 27 1.75 24.00 -57.69
N VAL N 28 0.84 23.25 -57.07
CA VAL N 28 1.21 22.01 -56.39
C VAL N 28 1.90 21.09 -57.40
N PRO N 29 3.15 20.68 -57.12
CA PRO N 29 3.90 19.86 -58.07
C PRO N 29 3.19 18.55 -58.38
N THR N 30 3.41 18.01 -59.59
CA THR N 30 2.79 16.75 -59.97
C THR N 30 3.80 15.62 -60.10
N VAL N 31 5.05 15.96 -60.45
CA VAL N 31 6.09 14.92 -60.58
C VAL N 31 6.54 14.45 -59.20
N PRO N 32 6.70 13.13 -59.03
CA PRO N 32 6.95 12.50 -57.72
C PRO N 32 8.29 12.89 -57.11
N GLN N 33 9.22 13.40 -57.93
CA GLN N 33 10.55 13.74 -57.47
CA GLN N 33 10.55 13.73 -57.45
C GLN N 33 10.64 15.15 -56.88
N ALA N 34 9.58 15.94 -57.09
CA ALA N 34 9.55 17.33 -56.61
C ALA N 34 8.99 17.43 -55.21
N SER N 35 9.59 18.27 -54.37
CA SER N 35 9.05 18.51 -53.04
C SER N 35 7.70 19.20 -53.12
N LEU N 36 6.72 18.68 -52.37
CA LEU N 36 5.42 19.33 -52.26
C LEU N 36 5.48 20.45 -51.23
N ALA N 37 6.36 20.30 -50.24
CA ALA N 37 6.43 21.25 -49.14
C ALA N 37 7.18 22.53 -49.48
N ARG N 38 8.16 22.46 -50.38
CA ARG N 38 9.09 23.57 -50.54
C ARG N 38 8.40 24.89 -50.88
N GLN N 39 8.70 25.93 -50.11
CA GLN N 39 8.12 27.25 -50.35
C GLN N 39 9.06 28.34 -49.87
N LYS N 40 9.39 29.26 -50.77
CA LYS N 40 10.26 30.38 -50.45
C LYS N 40 11.54 29.90 -49.79
N TYR N 41 12.16 28.90 -50.42
CA TYR N 41 13.37 28.31 -49.91
C TYR N 41 14.31 28.18 -51.09
N VAL N 42 15.27 29.11 -51.21
CA VAL N 42 16.07 29.20 -52.44
C VAL N 42 17.26 28.26 -52.44
N ASP N 43 17.80 28.00 -53.63
CA ASP N 43 18.92 27.09 -53.80
C ASP N 43 20.10 27.41 -52.91
N GLU N 44 20.40 28.70 -52.73
CA GLU N 44 21.52 29.09 -51.89
C GLU N 44 21.31 28.70 -50.42
N SER N 45 20.08 28.82 -49.93
CA SER N 45 19.78 28.41 -48.56
C SER N 45 19.88 26.89 -48.43
N GLU N 46 19.32 26.18 -49.40
CA GLU N 46 19.40 24.72 -49.41
C GLU N 46 20.86 24.26 -49.40
N SER N 47 21.69 24.89 -50.24
CA SER N 47 23.11 24.57 -50.33
CA SER N 47 23.10 24.56 -50.32
C SER N 47 23.84 24.86 -49.02
N ALA N 48 23.53 25.99 -48.41
CA ALA N 48 24.19 26.39 -47.17
C ALA N 48 23.82 25.42 -46.04
N VAL N 49 22.59 24.94 -46.05
CA VAL N 49 22.18 23.95 -45.06
C VAL N 49 22.97 22.67 -45.28
N ASN N 50 23.13 22.25 -46.52
CA ASN N 50 23.94 21.06 -46.79
C ASN N 50 25.38 21.24 -46.33
N GLU N 51 25.92 22.45 -46.50
CA GLU N 51 27.28 22.71 -46.04
CA GLU N 51 27.28 22.72 -46.03
C GLU N 51 27.38 22.56 -44.52
N GLN N 52 26.39 23.09 -43.79
CA GLN N 52 26.46 22.99 -42.34
C GLN N 52 26.32 21.55 -41.84
N ILE N 53 25.50 20.77 -42.53
CA ILE N 53 25.41 19.35 -42.21
C ILE N 53 26.79 18.71 -42.27
N ASN N 54 27.54 19.02 -43.32
CA ASN N 54 28.90 18.49 -43.47
C ASN N 54 29.83 19.00 -42.38
N VAL N 55 29.72 20.27 -42.04
CA VAL N 55 30.52 20.82 -40.94
C VAL N 55 30.26 20.05 -39.64
N GLU N 56 28.99 19.89 -39.28
CA GLU N 56 28.65 19.19 -38.03
C GLU N 56 29.13 17.73 -38.08
N TYR N 57 28.95 17.08 -39.23
CA TYR N 57 29.35 15.68 -39.33
C TYR N 57 30.87 15.56 -39.20
N ASN N 58 31.58 16.52 -39.78
CA ASN N 58 33.04 16.52 -39.69
C ASN N 58 33.50 16.65 -38.24
N VAL N 59 32.88 17.56 -37.49
CA VAL N 59 33.25 17.70 -36.09
C VAL N 59 32.94 16.44 -35.28
N SER N 60 31.83 15.78 -35.62
CA SER N 60 31.49 14.52 -34.97
C SER N 60 32.65 13.54 -35.16
N TYR N 61 33.19 13.51 -36.37
CA TYR N 61 34.24 12.56 -36.73
C TYR N 61 35.53 12.91 -36.02
N VAL N 62 35.87 14.19 -35.97
CA VAL N 62 37.05 14.64 -35.25
C VAL N 62 36.98 14.27 -33.76
N TYR N 63 35.84 14.52 -33.14
CA TYR N 63 35.66 14.13 -31.75
C TYR N 63 35.76 12.62 -31.55
N HIS N 64 35.28 11.84 -32.52
CA HIS N 64 35.39 10.39 -32.40
C HIS N 64 36.87 9.99 -32.48
N ALA N 65 37.64 10.71 -33.29
CA ALA N 65 39.08 10.47 -33.35
C ALA N 65 39.73 10.83 -32.03
N MET N 66 39.26 11.89 -31.39
CA MET N 66 39.79 12.31 -30.10
CA MET N 66 39.84 12.29 -30.13
C MET N 66 39.51 11.26 -29.03
N PHE N 67 38.29 10.74 -29.05
CA PHE N 67 37.93 9.66 -28.12
C PHE N 67 38.88 8.48 -28.32
N ALA N 68 39.12 8.11 -29.57
CA ALA N 68 39.93 6.91 -29.86
C ALA N 68 41.35 7.07 -29.33
N TYR N 69 41.86 8.29 -29.37
CA TYR N 69 43.18 8.60 -28.81
C TYR N 69 43.20 8.50 -27.28
N PHE N 70 42.24 9.13 -26.62
CA PHE N 70 42.28 9.16 -25.15
C PHE N 70 41.85 7.83 -24.52
N ASP N 71 41.25 6.97 -25.33
CA ASP N 71 40.85 5.62 -24.92
C ASP N 71 42.05 4.63 -25.01
N ARG N 72 43.19 5.11 -25.50
CA ARG N 72 44.40 4.27 -25.54
C ARG N 72 44.85 3.87 -24.13
N ASP N 73 45.30 2.63 -23.98
CA ASP N 73 45.73 2.14 -22.67
C ASP N 73 46.85 2.99 -22.05
N ASN N 74 47.74 3.50 -22.89
CA ASN N 74 48.91 4.24 -22.41
C ASN N 74 48.62 5.72 -22.18
N VAL N 75 47.47 6.18 -22.67
CA VAL N 75 47.05 7.55 -22.45
C VAL N 75 46.15 7.57 -21.23
N ALA N 76 45.13 6.71 -21.23
CA ALA N 76 44.36 6.44 -20.02
C ALA N 76 43.78 7.69 -19.35
N LEU N 77 43.17 8.56 -20.14
CA LEU N 77 42.40 9.67 -19.57
C LEU N 77 40.94 9.38 -19.84
N ARG N 78 40.31 8.69 -18.89
CA ARG N 78 38.97 8.16 -19.11
C ARG N 78 37.91 9.24 -19.16
N GLY N 79 38.10 10.31 -18.39
CA GLY N 79 37.16 11.41 -18.41
C GLY N 79 37.11 12.11 -19.77
N LEU N 80 38.28 12.42 -20.31
CA LEU N 80 38.37 13.02 -21.65
C LEU N 80 37.84 12.07 -22.71
N ALA N 81 38.20 10.80 -22.60
CA ALA N 81 37.70 9.81 -23.55
C ALA N 81 36.17 9.84 -23.56
N LYS N 82 35.56 9.76 -22.38
CA LYS N 82 34.10 9.81 -22.29
C LYS N 82 33.53 11.11 -22.85
N PHE N 83 34.18 12.24 -22.54
CA PHE N 83 33.69 13.54 -23.01
C PHE N 83 33.71 13.63 -24.55
N PHE N 84 34.78 13.17 -25.16
CA PHE N 84 34.86 13.23 -26.62
C PHE N 84 33.93 12.22 -27.28
N LYS N 85 33.73 11.08 -26.64
CA LYS N 85 32.79 10.10 -27.16
C LYS N 85 31.37 10.67 -27.17
N GLU N 86 30.95 11.24 -26.05
CA GLU N 86 29.62 11.82 -25.94
C GLU N 86 29.48 13.01 -26.89
N SER N 87 30.54 13.79 -27.01
CA SER N 87 30.53 14.94 -27.92
C SER N 87 30.36 14.52 -29.38
N SER N 88 31.07 13.47 -29.80
CA SER N 88 30.91 12.93 -31.16
C SER N 88 29.45 12.57 -31.45
N GLU N 89 28.82 11.90 -30.50
CA GLU N 89 27.43 11.51 -30.63
CA GLU N 89 27.42 11.52 -30.62
C GLU N 89 26.51 12.74 -30.72
N GLU N 90 26.76 13.73 -29.86
CA GLU N 90 25.98 14.96 -29.85
CA GLU N 90 25.98 14.95 -29.85
C GLU N 90 26.11 15.67 -31.19
N GLU N 91 27.32 15.67 -31.74
CA GLU N 91 27.60 16.35 -32.99
C GLU N 91 26.88 15.69 -34.16
N ARG N 92 26.83 14.38 -34.15
CA ARG N 92 26.07 13.68 -35.18
C ARG N 92 24.59 14.03 -35.07
N GLU N 93 24.10 14.21 -33.84
CA GLU N 93 22.72 14.67 -33.65
C GLU N 93 22.49 16.06 -34.22
N HIS N 94 23.48 16.94 -34.07
CA HIS N 94 23.42 18.26 -34.70
C HIS N 94 23.33 18.17 -36.23
N ALA N 95 24.12 17.27 -36.82
CA ALA N 95 24.04 17.04 -38.26
C ALA N 95 22.64 16.51 -38.61
N GLU N 96 22.14 15.56 -37.85
CA GLU N 96 20.87 14.94 -38.18
C GLU N 96 19.70 15.92 -38.11
N LYS N 97 19.72 16.80 -37.11
CA LYS N 97 18.67 17.79 -36.98
C LYS N 97 18.64 18.74 -38.19
N LEU N 98 19.80 19.06 -38.73
CA LEU N 98 19.87 19.85 -39.95
C LEU N 98 19.39 19.06 -41.19
N MET N 99 19.68 17.77 -41.23
CA MET N 99 19.15 16.94 -42.32
C MET N 99 17.62 16.92 -42.26
N GLU N 100 17.07 16.72 -41.07
CA GLU N 100 15.62 16.73 -40.90
C GLU N 100 15.04 18.10 -41.26
N TYR N 101 15.71 19.17 -40.86
CA TYR N 101 15.26 20.52 -41.22
C TYR N 101 15.24 20.70 -42.73
N GLN N 102 16.31 20.27 -43.40
CA GLN N 102 16.38 20.32 -44.86
C GLN N 102 15.11 19.71 -45.45
N ASN N 103 14.73 18.52 -44.97
CA ASN N 103 13.55 17.84 -45.46
C ASN N 103 12.25 18.56 -45.07
N LYS N 104 12.21 19.17 -43.89
CA LYS N 104 11.04 19.95 -43.51
C LYS N 104 10.79 21.08 -44.51
N ARG N 105 11.87 21.69 -45.02
CA ARG N 105 11.76 22.81 -45.94
C ARG N 105 11.66 22.38 -47.40
N GLY N 106 11.75 21.08 -47.65
CA GLY N 106 11.63 20.57 -49.01
C GLY N 106 12.91 20.74 -49.80
N GLY N 107 14.01 20.95 -49.08
CA GLY N 107 15.32 20.90 -49.70
C GLY N 107 15.75 19.44 -49.83
N LYS N 108 16.76 19.17 -50.64
CA LYS N 108 17.32 17.83 -50.74
C LYS N 108 18.66 17.72 -50.02
N VAL N 109 18.75 16.78 -49.11
CA VAL N 109 19.97 16.53 -48.36
C VAL N 109 21.01 15.94 -49.31
N LYS N 110 22.21 16.48 -49.28
CA LYS N 110 23.33 15.90 -49.99
C LYS N 110 24.52 15.79 -49.06
N LEU N 111 24.76 14.59 -48.55
CA LEU N 111 25.90 14.34 -47.67
C LEU N 111 27.15 14.38 -48.53
N GLN N 112 28.21 14.98 -47.97
CA GLN N 112 29.45 15.10 -48.74
CA GLN N 112 29.46 15.16 -48.69
C GLN N 112 30.55 14.30 -48.06
N SER N 113 31.71 14.25 -48.71
CA SER N 113 32.81 13.45 -48.16
C SER N 113 33.25 13.99 -46.81
N ILE N 114 33.83 13.12 -45.99
CA ILE N 114 34.39 13.53 -44.72
C ILE N 114 35.87 13.19 -44.75
N VAL N 115 36.72 14.18 -44.54
CA VAL N 115 38.16 13.98 -44.66
C VAL N 115 38.72 13.23 -43.45
N MET N 116 39.85 12.56 -43.65
CA MET N 116 40.51 11.86 -42.56
C MET N 116 40.96 12.87 -41.49
N PRO N 117 40.61 12.61 -40.23
CA PRO N 117 40.99 13.54 -39.16
C PRO N 117 42.38 13.16 -38.63
N LEU N 118 42.99 14.01 -37.81
CA LEU N 118 44.22 13.64 -37.12
C LEU N 118 43.93 12.43 -36.23
N SER N 119 44.93 11.60 -35.99
CA SER N 119 44.74 10.45 -35.12
C SER N 119 45.41 10.65 -33.77
N ASP N 120 46.52 11.38 -33.76
CA ASP N 120 47.30 11.55 -32.53
CA ASP N 120 47.33 11.57 -32.55
C ASP N 120 47.16 12.96 -31.96
N PHE N 121 47.01 13.04 -30.63
CA PHE N 121 46.81 14.34 -30.00
C PHE N 121 47.78 14.65 -28.87
N ASP N 122 48.97 14.06 -28.89
CA ASP N 122 49.95 14.40 -27.87
CA ASP N 122 49.96 14.39 -27.88
C ASP N 122 50.58 15.74 -28.19
N HIS N 123 51.15 16.37 -27.18
CA HIS N 123 51.77 17.67 -27.34
C HIS N 123 52.76 17.81 -26.19
N ALA N 124 54.03 17.93 -26.53
CA ALA N 124 55.10 17.90 -25.54
C ALA N 124 54.99 19.03 -24.52
N ASP N 125 54.76 20.24 -25.01
CA ASP N 125 54.72 21.42 -24.15
CA ASP N 125 54.73 21.42 -24.15
C ASP N 125 53.41 21.56 -23.39
N LYS N 126 52.30 21.52 -24.11
CA LYS N 126 51.00 21.70 -23.50
C LYS N 126 50.53 20.50 -22.68
N GLY N 127 50.91 19.31 -23.13
CA GLY N 127 50.37 18.07 -22.59
C GLY N 127 49.15 17.70 -23.42
N ASP N 128 48.86 16.41 -23.53
CA ASP N 128 47.78 15.95 -24.40
C ASP N 128 46.41 16.56 -24.06
N ALA N 129 46.05 16.55 -22.79
CA ALA N 129 44.74 17.00 -22.35
C ALA N 129 44.50 18.47 -22.71
N LEU N 130 45.44 19.34 -22.36
CA LEU N 130 45.28 20.75 -22.66
C LEU N 130 45.24 21.00 -24.16
N HIS N 131 46.12 20.33 -24.90
CA HIS N 131 46.13 20.46 -26.35
C HIS N 131 44.80 20.06 -26.98
N ALA N 132 44.25 18.93 -26.56
CA ALA N 132 43.00 18.46 -27.15
C ALA N 132 41.83 19.40 -26.80
N MET N 133 41.82 19.93 -25.58
CA MET N 133 40.76 20.87 -25.22
C MET N 133 40.87 22.19 -25.97
N GLU N 134 42.09 22.67 -26.18
CA GLU N 134 42.27 23.87 -26.99
C GLU N 134 41.86 23.63 -28.44
N LEU N 135 42.16 22.43 -28.96
N LEU N 135 42.16 22.43 -28.94
CA LEU N 135 41.72 22.07 -30.30
CA LEU N 135 41.72 22.05 -30.29
C LEU N 135 40.19 22.03 -30.36
C LEU N 135 40.20 22.02 -30.35
N ALA N 136 39.57 21.41 -29.35
CA ALA N 136 38.12 21.33 -29.29
C ALA N 136 37.51 22.73 -29.24
N LEU N 137 38.11 23.61 -28.45
CA LEU N 137 37.60 24.99 -28.37
C LEU N 137 37.67 25.65 -29.75
N SER N 138 38.78 25.47 -30.44
CA SER N 138 38.96 26.06 -31.77
C SER N 138 37.95 25.52 -32.78
N LEU N 139 37.70 24.21 -32.71
CA LEU N 139 36.70 23.59 -33.59
C LEU N 139 35.31 24.13 -33.31
N GLU N 140 34.96 24.32 -32.04
CA GLU N 140 33.65 24.87 -31.69
C GLU N 140 33.52 26.32 -32.16
N LYS N 141 34.61 27.08 -32.07
CA LYS N 141 34.58 28.46 -32.55
C LYS N 141 34.46 28.50 -34.07
N LEU N 142 35.17 27.60 -34.75
CA LEU N 142 35.01 27.48 -36.19
C LEU N 142 33.56 27.11 -36.56
N THR N 143 32.97 26.17 -35.83
CA THR N 143 31.59 25.79 -36.10
C THR N 143 30.66 26.99 -35.89
N ASN N 144 30.92 27.76 -34.86
CA ASN N 144 30.13 28.96 -34.59
C ASN N 144 30.21 29.94 -35.77
N GLU N 145 31.43 30.16 -36.26
CA GLU N 145 31.61 31.02 -37.42
C GLU N 145 30.80 30.48 -38.61
N LYS N 146 30.82 29.17 -38.80
CA LYS N 146 30.08 28.55 -39.89
C LYS N 146 28.58 28.72 -39.70
N LEU N 147 28.12 28.56 -38.46
CA LEU N 147 26.69 28.75 -38.17
C LEU N 147 26.23 30.18 -38.40
N LEU N 148 27.09 31.13 -38.05
CA LEU N 148 26.76 32.54 -38.23
C LEU N 148 26.77 32.86 -39.74
N ASN N 149 27.64 32.21 -40.50
CA ASN N 149 27.64 32.37 -41.95
CA ASN N 149 27.62 32.38 -41.95
C ASN N 149 26.34 31.83 -42.53
N LEU N 150 25.88 30.69 -42.02
CA LEU N 150 24.61 30.11 -42.47
C LEU N 150 23.46 31.08 -42.16
N HIS N 151 23.47 31.64 -40.97
CA HIS N 151 22.46 32.61 -40.59
C HIS N 151 22.53 33.82 -41.55
N SER N 152 23.75 34.22 -41.92
CA SER N 152 23.93 35.32 -42.88
C SER N 152 23.35 35.03 -44.26
N VAL N 153 23.52 33.79 -44.73
CA VAL N 153 22.92 33.38 -46.01
C VAL N 153 21.41 33.48 -45.93
N ALA N 154 20.85 33.03 -44.81
CA ALA N 154 19.41 33.14 -44.58
C ALA N 154 18.94 34.58 -44.63
N THR N 155 19.64 35.47 -43.93
CA THR N 155 19.22 36.87 -43.90
CA THR N 155 19.23 36.87 -43.90
C THR N 155 19.43 37.56 -45.24
N LYS N 156 20.56 37.27 -45.91
CA LYS N 156 20.79 37.85 -47.22
C LYS N 156 19.63 37.50 -48.17
N ASN N 157 19.14 36.27 -48.05
CA ASN N 157 18.08 35.76 -48.93
C ASN N 157 16.66 36.00 -48.43
N GLY N 158 16.54 36.64 -47.27
CA GLY N 158 15.24 36.95 -46.71
C GLY N 158 14.49 35.73 -46.23
N ASP N 159 15.22 34.65 -45.91
CA ASP N 159 14.58 33.46 -45.37
C ASP N 159 14.43 33.60 -43.87
N VAL N 160 13.25 34.04 -43.46
CA VAL N 160 12.97 34.35 -42.07
C VAL N 160 12.99 33.12 -41.18
N GLN N 161 12.38 32.03 -41.62
CA GLN N 161 12.28 30.85 -40.76
C GLN N 161 13.61 30.08 -40.68
N LEU N 162 14.40 30.10 -41.75
CA LEU N 162 15.72 29.46 -41.66
C LEU N 162 16.58 30.19 -40.62
N ALA N 163 16.53 31.52 -40.64
CA ALA N 163 17.27 32.30 -39.65
C ALA N 163 16.82 31.92 -38.24
N ASP N 164 15.50 31.81 -38.06
CA ASP N 164 14.91 31.47 -36.76
C ASP N 164 15.36 30.09 -36.27
N PHE N 165 15.33 29.12 -37.18
CA PHE N 165 15.79 27.77 -36.86
C PHE N 165 17.25 27.76 -36.39
N VAL N 166 18.12 28.44 -37.13
CA VAL N 166 19.54 28.50 -36.73
C VAL N 166 19.72 29.13 -35.35
N GLU N 167 19.07 30.25 -35.10
CA GLU N 167 19.25 30.88 -33.79
C GLU N 167 18.67 30.06 -32.66
N THR N 168 17.46 29.54 -32.87
CA THR N 168 16.77 28.76 -31.85
C THR N 168 17.47 27.45 -31.54
N GLU N 169 17.85 26.72 -32.58
CA GLU N 169 18.38 25.38 -32.39
C GLU N 169 19.90 25.28 -32.25
N TYR N 170 20.63 26.27 -32.75
CA TYR N 170 22.10 26.16 -32.81
C TYR N 170 22.89 27.25 -32.09
N LEU N 171 22.55 28.51 -32.32
CA LEU N 171 23.42 29.60 -31.83
C LEU N 171 23.54 29.69 -30.31
N GLY N 172 22.43 29.50 -29.61
CA GLY N 172 22.47 29.53 -28.15
C GLY N 172 23.28 28.38 -27.60
N ALA N 173 23.00 27.18 -28.10
CA ALA N 173 23.73 25.99 -27.68
C ALA N 173 25.22 26.14 -27.94
N GLN N 174 25.56 26.74 -29.09
CA GLN N 174 26.96 26.91 -29.47
C GLN N 174 27.69 27.82 -28.48
N VAL N 175 27.02 28.88 -28.03
CA VAL N 175 27.60 29.79 -27.04
C VAL N 175 27.87 29.03 -25.74
N GLU N 176 26.95 28.16 -25.34
CA GLU N 176 27.12 27.40 -24.11
C GLU N 176 28.26 26.40 -24.23
N ALA N 177 28.37 25.75 -25.39
CA ALA N 177 29.43 24.77 -25.61
C ALA N 177 30.78 25.46 -25.55
N ILE N 178 30.88 26.64 -26.17
CA ILE N 178 32.12 27.39 -26.15
C ILE N 178 32.50 27.82 -24.73
N LYS N 179 31.53 28.28 -23.94
CA LYS N 179 31.90 28.63 -22.56
C LYS N 179 32.36 27.40 -21.81
N ARG N 180 31.67 26.28 -22.03
CA ARG N 180 31.99 25.04 -21.31
C ARG N 180 33.42 24.59 -21.56
N ILE N 181 33.81 24.57 -22.83
CA ILE N 181 35.13 24.09 -23.19
C ILE N 181 36.19 25.12 -22.78
N SER N 182 35.87 26.40 -22.91
CA SER N 182 36.79 27.43 -22.41
C SER N 182 37.12 27.22 -20.94
N GLU N 183 36.11 26.89 -20.15
CA GLU N 183 36.31 26.60 -18.71
C GLU N 183 37.19 25.37 -18.51
N TYR N 184 37.02 24.35 -19.35
CA TYR N 184 37.92 23.20 -19.28
C TYR N 184 39.36 23.61 -19.54
N VAL N 185 39.57 24.41 -20.58
CA VAL N 185 40.91 24.89 -20.90
C VAL N 185 41.51 25.65 -19.71
N ALA N 186 40.73 26.56 -19.15
CA ALA N 186 41.19 27.34 -17.99
C ALA N 186 41.57 26.45 -16.81
N GLN N 187 40.76 25.46 -16.52
CA GLN N 187 41.05 24.60 -15.38
C GLN N 187 42.30 23.78 -15.64
N LEU N 188 42.46 23.28 -16.87
CA LEU N 188 43.65 22.49 -17.20
C LEU N 188 44.91 23.31 -17.06
N ARG N 189 44.87 24.57 -17.51
CA ARG N 189 46.00 25.46 -17.30
C ARG N 189 46.29 25.68 -15.81
N ARG N 190 45.24 25.77 -14.99
CA ARG N 190 45.45 26.04 -13.58
C ARG N 190 46.06 24.85 -12.83
N VAL N 191 45.60 23.64 -13.14
CA VAL N 191 46.04 22.48 -12.36
C VAL N 191 47.42 22.00 -12.80
N GLY N 192 47.80 22.27 -14.04
CA GLY N 192 49.10 21.85 -14.54
C GLY N 192 49.22 20.36 -14.87
N LYS N 193 50.31 19.98 -15.52
CA LYS N 193 50.49 18.60 -15.98
C LYS N 193 50.69 17.62 -14.83
N GLY N 194 50.43 16.34 -15.11
CA GLY N 194 50.69 15.28 -14.15
C GLY N 194 49.49 14.98 -13.28
N HIS N 195 49.69 15.09 -11.97
CA HIS N 195 48.62 14.86 -11.00
C HIS N 195 47.42 15.77 -11.28
N GLY N 196 47.66 17.04 -11.55
CA GLY N 196 46.58 17.98 -11.81
C GLY N 196 45.69 17.56 -12.96
N VAL N 197 46.29 17.23 -14.10
CA VAL N 197 45.53 16.78 -15.27
C VAL N 197 44.72 15.52 -14.95
N TRP N 198 45.35 14.59 -14.24
CA TRP N 198 44.66 13.34 -13.91
C TRP N 198 43.47 13.65 -13.02
N HIS N 199 43.66 14.58 -12.10
CA HIS N 199 42.58 14.97 -11.18
C HIS N 199 41.45 15.63 -11.96
N PHE N 200 41.81 16.54 -12.86
CA PHE N 200 40.80 17.22 -13.71
C PHE N 200 40.04 16.18 -14.49
N ASP N 201 40.76 15.21 -15.03
CA ASP N 201 40.14 14.13 -15.78
C ASP N 201 39.14 13.33 -14.93
N GLN N 202 39.49 13.03 -13.68
CA GLN N 202 38.55 12.39 -12.76
C GLN N 202 37.28 13.22 -12.56
N MET N 203 37.45 14.54 -12.44
CA MET N 203 36.33 15.44 -12.24
C MET N 203 35.41 15.32 -13.45
N LEU N 204 36.01 15.42 -14.64
CA LEU N 204 35.28 15.34 -15.90
C LEU N 204 34.58 13.99 -16.03
N LEU N 205 35.28 12.93 -15.64
CA LEU N 205 34.72 11.57 -15.70
C LEU N 205 33.42 11.46 -14.91
N HIS N 206 33.34 12.20 -13.80
CA HIS N 206 32.19 12.11 -12.90
C HIS N 206 31.27 13.33 -12.97
N GLU N 207 31.60 14.29 -13.82
CA GLU N 207 30.81 15.51 -13.93
C GLU N 207 29.39 15.21 -14.41
N PHE O 15 -24.07 -57.57 -2.98
CA PHE O 15 -22.67 -57.33 -3.31
C PHE O 15 -21.74 -57.69 -2.14
N GLU O 16 -20.82 -58.61 -2.39
CA GLU O 16 -19.85 -59.00 -1.38
C GLU O 16 -18.43 -58.79 -1.91
N PRO O 17 -17.84 -57.63 -1.60
CA PRO O 17 -16.53 -57.22 -2.11
C PRO O 17 -15.45 -58.30 -2.04
N PHE O 18 -15.44 -59.08 -0.97
CA PHE O 18 -14.30 -59.97 -0.71
C PHE O 18 -14.33 -61.35 -1.37
N GLU O 19 -15.52 -61.86 -1.69
CA GLU O 19 -15.57 -63.12 -2.42
C GLU O 19 -15.51 -62.88 -3.93
N GLU O 20 -16.10 -61.77 -4.36
CA GLU O 20 -16.04 -61.38 -5.77
C GLU O 20 -14.63 -60.94 -6.15
N VAL O 21 -13.93 -60.36 -5.18
CA VAL O 21 -12.58 -59.85 -5.40
C VAL O 21 -11.54 -60.96 -5.28
N LYS O 22 -11.94 -62.07 -4.67
CA LYS O 22 -11.07 -63.22 -4.51
C LYS O 22 -10.65 -63.73 -5.88
N LYS O 23 -11.58 -63.64 -6.83
CA LYS O 23 -11.35 -64.05 -8.21
C LYS O 23 -10.42 -63.06 -8.90
N GLU O 24 -10.59 -61.78 -8.60
N GLU O 24 -10.60 -61.78 -8.57
CA GLU O 24 -9.79 -60.74 -9.26
CA GLU O 24 -9.85 -60.69 -9.18
C GLU O 24 -8.36 -60.68 -8.71
C GLU O 24 -8.40 -60.66 -8.70
N LEU O 25 -8.21 -60.87 -7.39
CA LEU O 25 -6.89 -60.82 -6.77
C LEU O 25 -5.93 -61.87 -7.32
N ASP O 26 -6.47 -63.01 -7.73
CA ASP O 26 -5.66 -64.11 -8.26
C ASP O 26 -5.28 -63.87 -9.72
N LEU O 27 -5.88 -62.86 -10.32
CA LEU O 27 -5.60 -62.52 -11.72
C LEU O 27 -4.46 -61.51 -11.85
N VAL O 28 -4.23 -60.72 -10.80
CA VAL O 28 -3.18 -59.71 -10.81
C VAL O 28 -1.87 -60.31 -11.33
N PRO O 29 -1.30 -59.73 -12.39
CA PRO O 29 -0.06 -60.27 -12.97
C PRO O 29 1.09 -60.33 -11.96
N THR O 30 2.03 -61.24 -12.19
CA THR O 30 3.21 -61.38 -11.35
C THR O 30 4.49 -61.20 -12.16
N VAL O 31 4.38 -61.49 -13.46
CA VAL O 31 5.48 -61.31 -14.41
C VAL O 31 5.74 -59.82 -14.64
N PRO O 32 7.01 -59.40 -14.51
CA PRO O 32 7.39 -57.98 -14.47
C PRO O 32 7.03 -57.17 -15.73
N GLN O 33 6.96 -57.79 -16.90
CA GLN O 33 6.71 -57.07 -18.15
CA GLN O 33 6.70 -57.05 -18.14
C GLN O 33 5.22 -56.83 -18.40
N ALA O 34 4.37 -57.48 -17.62
CA ALA O 34 2.92 -57.36 -17.83
C ALA O 34 2.34 -56.14 -17.13
N SER O 35 1.38 -55.48 -17.79
CA SER O 35 0.67 -54.37 -17.18
C SER O 35 -0.24 -54.86 -16.07
N LEU O 36 -0.23 -54.16 -14.94
CA LEU O 36 -1.11 -54.50 -13.83
C LEU O 36 -2.47 -53.85 -14.04
N ALA O 37 -2.48 -52.75 -14.78
CA ALA O 37 -3.70 -51.95 -14.97
C ALA O 37 -4.62 -52.48 -16.06
N ARG O 38 -4.06 -53.14 -17.06
CA ARG O 38 -4.84 -53.46 -18.25
C ARG O 38 -6.12 -54.23 -17.90
N GLN O 39 -7.25 -53.75 -18.39
CA GLN O 39 -8.53 -54.40 -18.13
C GLN O 39 -9.50 -54.13 -19.27
N LYS O 40 -10.02 -55.18 -19.88
CA LYS O 40 -10.98 -55.04 -20.99
C LYS O 40 -10.43 -54.11 -22.09
N TYR O 41 -9.19 -54.35 -22.50
CA TYR O 41 -8.52 -53.50 -23.48
C TYR O 41 -7.85 -54.46 -24.44
N VAL O 42 -8.48 -54.70 -25.59
CA VAL O 42 -8.00 -55.79 -26.47
C VAL O 42 -6.89 -55.35 -27.40
N ASP O 43 -6.15 -56.32 -27.92
CA ASP O 43 -5.04 -56.04 -28.81
C ASP O 43 -5.42 -55.11 -29.97
N GLU O 44 -6.60 -55.31 -30.55
CA GLU O 44 -6.98 -54.49 -31.69
C GLU O 44 -7.07 -53.03 -31.30
N SER O 45 -7.61 -52.78 -30.11
CA SER O 45 -7.72 -51.41 -29.61
C SER O 45 -6.34 -50.81 -29.34
N GLU O 46 -5.51 -51.58 -28.64
CA GLU O 46 -4.12 -51.18 -28.40
C GLU O 46 -3.43 -50.84 -29.72
N SER O 47 -3.60 -51.70 -30.72
CA SER O 47 -2.97 -51.48 -32.02
CA SER O 47 -2.99 -51.48 -32.03
C SER O 47 -3.49 -50.20 -32.70
N ALA O 48 -4.80 -49.97 -32.59
CA ALA O 48 -5.40 -48.81 -33.25
C ALA O 48 -4.91 -47.51 -32.61
N VAL O 49 -4.74 -47.53 -31.29
CA VAL O 49 -4.21 -46.35 -30.59
C VAL O 49 -2.77 -46.08 -31.04
N ASN O 50 -1.97 -47.12 -31.19
CA ASN O 50 -0.63 -46.96 -31.74
C ASN O 50 -0.65 -46.40 -33.16
N GLU O 51 -1.57 -46.88 -33.99
CA GLU O 51 -1.64 -46.33 -35.33
CA GLU O 51 -1.71 -46.35 -35.34
C GLU O 51 -2.04 -44.85 -35.30
N GLN O 52 -2.95 -44.48 -34.41
CA GLN O 52 -3.32 -43.06 -34.32
C GLN O 52 -2.16 -42.20 -33.81
N ILE O 53 -1.37 -42.75 -32.90
CA ILE O 53 -0.18 -42.03 -32.43
C ILE O 53 0.71 -41.71 -33.62
N ASN O 54 0.88 -42.68 -34.51
CA ASN O 54 1.71 -42.49 -35.69
C ASN O 54 1.07 -41.47 -36.66
N VAL O 55 -0.25 -41.49 -36.77
CA VAL O 55 -0.94 -40.50 -37.60
C VAL O 55 -0.66 -39.09 -37.09
N GLU O 56 -0.84 -38.86 -35.79
CA GLU O 56 -0.64 -37.51 -35.24
C GLU O 56 0.84 -37.09 -35.38
N TYR O 57 1.74 -38.02 -35.13
CA TYR O 57 3.16 -37.70 -35.21
C TYR O 57 3.54 -37.34 -36.65
N ASN O 58 2.94 -38.05 -37.60
CA ASN O 58 3.18 -37.74 -39.01
C ASN O 58 2.69 -36.35 -39.37
N VAL O 59 1.49 -35.98 -38.91
CA VAL O 59 0.99 -34.64 -39.20
C VAL O 59 1.89 -33.59 -38.55
N SER O 60 2.36 -33.86 -37.34
CA SER O 60 3.29 -32.95 -36.69
C SER O 60 4.51 -32.69 -37.57
N TYR O 61 5.05 -33.76 -38.14
CA TYR O 61 6.26 -33.67 -38.94
C TYR O 61 5.98 -32.87 -40.22
N VAL O 62 4.83 -33.12 -40.83
CA VAL O 62 4.48 -32.42 -42.08
C VAL O 62 4.33 -30.93 -41.79
N TYR O 63 3.70 -30.59 -40.67
CA TYR O 63 3.54 -29.18 -40.32
C TYR O 63 4.90 -28.53 -40.07
N HIS O 64 5.83 -29.30 -39.52
CA HIS O 64 7.16 -28.76 -39.26
C HIS O 64 7.86 -28.51 -40.60
N ALA O 65 7.63 -29.41 -41.57
CA ALA O 65 8.14 -29.20 -42.93
C ALA O 65 7.55 -27.93 -43.54
N MET O 66 6.26 -27.69 -43.31
CA MET O 66 5.64 -26.49 -43.84
C MET O 66 6.19 -25.23 -43.15
N PHE O 67 6.38 -25.30 -41.83
CA PHE O 67 7.06 -24.21 -41.14
C PHE O 67 8.40 -23.90 -41.82
N ALA O 68 9.19 -24.94 -42.08
CA ALA O 68 10.53 -24.75 -42.60
C ALA O 68 10.48 -24.10 -43.99
N TYR O 69 9.46 -24.42 -44.76
CA TYR O 69 9.28 -23.79 -46.07
C TYR O 69 8.95 -22.30 -45.94
N PHE O 70 7.95 -21.96 -45.13
CA PHE O 70 7.51 -20.57 -45.03
C PHE O 70 8.48 -19.67 -44.26
N ASP O 71 9.39 -20.29 -43.53
CA ASP O 71 10.45 -19.59 -42.80
C ASP O 71 11.63 -19.22 -43.72
N ARG O 72 11.58 -19.64 -44.98
CA ARG O 72 12.63 -19.31 -45.95
C ARG O 72 12.67 -17.81 -46.22
N ASP O 73 13.87 -17.25 -46.39
CA ASP O 73 14.00 -15.80 -46.58
C ASP O 73 13.27 -15.31 -47.84
N ASN O 74 13.25 -16.11 -48.89
CA ASN O 74 12.60 -15.69 -50.14
C ASN O 74 11.10 -15.96 -50.16
N VAL O 75 10.60 -16.67 -49.16
CA VAL O 75 9.18 -16.94 -49.05
C VAL O 75 8.58 -15.91 -48.12
N ALA O 76 9.17 -15.82 -46.92
CA ALA O 76 8.92 -14.71 -46.01
C ALA O 76 7.44 -14.46 -45.72
N LEU O 77 6.72 -15.52 -45.35
CA LEU O 77 5.37 -15.36 -44.85
C LEU O 77 5.43 -15.74 -43.38
N ARG O 78 5.65 -14.74 -42.54
CA ARG O 78 5.97 -15.01 -41.14
C ARG O 78 4.77 -15.53 -40.36
N GLY O 79 3.56 -15.15 -40.79
CA GLY O 79 2.35 -15.60 -40.12
C GLY O 79 2.09 -17.08 -40.35
N LEU O 80 2.25 -17.52 -41.60
CA LEU O 80 2.13 -18.93 -41.94
CA LEU O 80 2.12 -18.94 -41.93
C LEU O 80 3.21 -19.75 -41.26
N ALA O 81 4.44 -19.25 -41.30
CA ALA O 81 5.54 -19.94 -40.64
C ALA O 81 5.17 -20.19 -39.19
N LYS O 82 4.73 -19.12 -38.52
CA LYS O 82 4.37 -19.19 -37.11
C LYS O 82 3.21 -20.15 -36.85
N PHE O 83 2.22 -20.12 -37.74
CA PHE O 83 1.05 -20.98 -37.62
C PHE O 83 1.44 -22.45 -37.74
N PHE O 84 2.25 -22.77 -38.73
CA PHE O 84 2.67 -24.17 -38.91
C PHE O 84 3.61 -24.65 -37.84
N LYS O 85 4.43 -23.75 -37.31
CA LYS O 85 5.33 -24.12 -36.24
C LYS O 85 4.50 -24.50 -35.02
N GLU O 86 3.52 -23.66 -34.69
CA GLU O 86 2.68 -23.89 -33.52
C GLU O 86 1.81 -25.14 -33.71
N SER O 87 1.30 -25.30 -34.93
CA SER O 87 0.51 -26.49 -35.26
C SER O 87 1.33 -27.77 -35.12
N SER O 88 2.59 -27.72 -35.53
CA SER O 88 3.45 -28.89 -35.42
C SER O 88 3.59 -29.28 -33.96
N GLU O 89 3.78 -28.28 -33.10
CA GLU O 89 3.92 -28.52 -31.69
C GLU O 89 2.62 -29.07 -31.09
N GLU O 90 1.48 -28.56 -31.52
CA GLU O 90 0.19 -29.05 -31.02
CA GLU O 90 0.20 -29.04 -31.02
C GLU O 90 -0.06 -30.48 -31.47
N GLU O 91 0.30 -30.80 -32.73
CA GLU O 91 0.14 -32.17 -33.22
C GLU O 91 0.99 -33.15 -32.41
N ARG O 92 2.19 -32.71 -32.02
CA ARG O 92 3.03 -33.57 -31.20
C ARG O 92 2.36 -33.82 -29.85
N GLU O 93 1.68 -32.80 -29.32
CA GLU O 93 0.92 -32.97 -28.08
C GLU O 93 -0.25 -33.94 -28.27
N HIS O 94 -0.88 -33.91 -29.44
CA HIS O 94 -1.94 -34.89 -29.72
C HIS O 94 -1.42 -36.32 -29.68
N ALA O 95 -0.24 -36.54 -30.28
CA ALA O 95 0.40 -37.84 -30.22
C ALA O 95 0.72 -38.21 -28.78
N GLU O 96 1.28 -37.27 -28.03
CA GLU O 96 1.69 -37.58 -26.67
C GLU O 96 0.51 -37.93 -25.77
N LYS O 97 -0.61 -37.27 -25.99
CA LYS O 97 -1.79 -37.53 -25.17
C LYS O 97 -2.30 -38.97 -25.39
N LEU O 98 -2.17 -39.45 -26.62
CA LEU O 98 -2.52 -40.83 -26.92
C LEU O 98 -1.50 -41.83 -26.38
N MET O 99 -0.23 -41.42 -26.37
CA MET O 99 0.80 -42.26 -25.73
C MET O 99 0.48 -42.41 -24.25
N GLU O 100 0.15 -41.30 -23.61
CA GLU O 100 -0.23 -41.34 -22.21
C GLU O 100 -1.46 -42.19 -22.00
N TYR O 101 -2.44 -42.04 -22.90
CA TYR O 101 -3.67 -42.81 -22.77
C TYR O 101 -3.39 -44.32 -22.91
N GLN O 102 -2.57 -44.68 -23.89
CA GLN O 102 -2.13 -46.07 -24.08
C GLN O 102 -1.62 -46.64 -22.73
N ASN O 103 -0.75 -45.89 -22.07
CA ASN O 103 -0.23 -46.34 -20.76
C ASN O 103 -1.27 -46.33 -19.63
N LYS O 104 -2.22 -45.40 -19.66
CA LYS O 104 -3.31 -45.44 -18.68
C LYS O 104 -4.09 -46.76 -18.78
N ARG O 105 -4.29 -47.23 -20.02
CA ARG O 105 -5.08 -48.46 -20.23
C ARG O 105 -4.23 -49.72 -20.15
N GLY O 106 -2.92 -49.55 -19.99
CA GLY O 106 -2.04 -50.69 -19.84
C GLY O 106 -1.68 -51.34 -21.14
N GLY O 107 -1.88 -50.61 -22.24
CA GLY O 107 -1.36 -51.04 -23.54
C GLY O 107 0.09 -50.62 -23.62
N LYS O 108 0.80 -51.13 -24.62
CA LYS O 108 2.21 -50.76 -24.79
C LYS O 108 2.37 -49.89 -26.02
N VAL O 109 2.95 -48.71 -25.83
CA VAL O 109 3.20 -47.80 -26.92
C VAL O 109 4.24 -48.39 -27.84
N LYS O 110 3.99 -48.34 -29.14
CA LYS O 110 4.97 -48.72 -30.13
C LYS O 110 5.06 -47.61 -31.16
N LEU O 111 6.03 -46.73 -31.02
CA LEU O 111 6.26 -45.70 -32.01
C LEU O 111 6.72 -46.37 -33.30
N GLN O 112 6.20 -45.91 -34.43
N GLN O 112 6.21 -45.87 -34.43
CA GLN O 112 6.56 -46.49 -35.72
CA GLN O 112 6.46 -46.43 -35.75
C GLN O 112 7.29 -45.44 -36.56
C GLN O 112 7.26 -45.43 -36.57
N SER O 113 7.75 -45.86 -37.74
CA SER O 113 8.53 -44.97 -38.59
CA SER O 113 8.53 -44.96 -38.58
C SER O 113 7.72 -43.76 -39.07
N ILE O 114 8.43 -42.69 -39.40
CA ILE O 114 7.80 -41.50 -39.95
C ILE O 114 8.45 -41.21 -41.29
N VAL O 115 7.63 -41.17 -42.34
CA VAL O 115 8.14 -40.99 -43.69
C VAL O 115 8.58 -39.56 -43.94
N MET O 116 9.51 -39.41 -44.88
CA MET O 116 9.95 -38.09 -45.29
C MET O 116 8.77 -37.32 -45.86
N PRO O 117 8.55 -36.09 -45.38
CA PRO O 117 7.47 -35.26 -45.94
C PRO O 117 7.97 -34.52 -47.15
N LEU O 118 7.06 -33.86 -47.87
CA LEU O 118 7.44 -32.92 -48.92
C LEU O 118 8.20 -31.78 -48.27
N SER O 119 9.08 -31.12 -49.03
CA SER O 119 9.81 -29.98 -48.50
C SER O 119 9.36 -28.67 -49.14
N ASP O 120 8.93 -28.73 -50.40
N ASP O 120 8.93 -28.71 -50.40
CA ASP O 120 8.51 -27.54 -51.14
CA ASP O 120 8.55 -27.47 -51.09
C ASP O 120 6.99 -27.42 -51.16
C ASP O 120 7.04 -27.37 -51.28
N PHE O 121 6.49 -26.21 -50.95
CA PHE O 121 5.04 -25.98 -50.98
C PHE O 121 4.64 -24.85 -51.93
N ASP O 122 5.48 -24.58 -52.92
CA ASP O 122 5.09 -23.58 -53.91
CA ASP O 122 5.16 -23.61 -53.97
C ASP O 122 3.99 -24.13 -54.80
N HIS O 123 3.20 -23.23 -55.36
CA HIS O 123 2.18 -23.64 -56.30
C HIS O 123 1.90 -22.46 -57.20
N ALA O 124 2.15 -22.62 -58.50
CA ALA O 124 2.05 -21.51 -59.43
C ALA O 124 0.63 -20.94 -59.53
N ASP O 125 -0.35 -21.82 -59.66
CA ASP O 125 -1.71 -21.35 -59.88
CA ASP O 125 -1.75 -21.41 -59.86
C ASP O 125 -2.40 -20.89 -58.58
N LYS O 126 -2.25 -21.65 -57.50
CA LYS O 126 -2.93 -21.29 -56.25
C LYS O 126 -2.16 -20.25 -55.43
N GLY O 127 -0.84 -20.26 -55.59
CA GLY O 127 0.02 -19.51 -54.69
C GLY O 127 0.38 -20.38 -53.52
N ASP O 128 1.56 -20.17 -52.94
CA ASP O 128 2.04 -21.03 -51.87
C ASP O 128 1.10 -21.07 -50.67
N ALA O 129 0.67 -19.89 -50.23
CA ALA O 129 -0.18 -19.80 -49.03
C ALA O 129 -1.46 -20.61 -49.16
N LEU O 130 -2.19 -20.41 -50.25
CA LEU O 130 -3.46 -21.11 -50.47
C LEU O 130 -3.23 -22.61 -50.63
N HIS O 131 -2.19 -22.98 -51.37
CA HIS O 131 -1.86 -24.39 -51.55
C HIS O 131 -1.57 -25.08 -50.22
N ALA O 132 -0.78 -24.43 -49.38
CA ALA O 132 -0.43 -25.01 -48.09
C ALA O 132 -1.66 -25.14 -47.19
N MET O 133 -2.53 -24.13 -47.23
CA MET O 133 -3.71 -24.16 -46.37
C MET O 133 -4.69 -25.25 -46.82
N GLU O 134 -4.83 -25.42 -48.13
CA GLU O 134 -5.65 -26.51 -48.68
C GLU O 134 -5.08 -27.89 -48.32
N LEU O 135 -3.76 -27.99 -48.35
N LEU O 135 -3.76 -28.01 -48.36
CA LEU O 135 -3.09 -29.21 -47.94
CA LEU O 135 -3.09 -29.24 -47.93
C LEU O 135 -3.37 -29.50 -46.47
C LEU O 135 -3.37 -29.51 -46.46
N ALA O 136 -3.26 -28.47 -45.65
CA ALA O 136 -3.51 -28.61 -44.21
C ALA O 136 -4.97 -29.03 -43.98
N LEU O 137 -5.89 -28.41 -44.70
CA LEU O 137 -7.29 -28.79 -44.56
C LEU O 137 -7.44 -30.27 -44.86
N SER O 138 -6.79 -30.71 -45.93
CA SER O 138 -6.92 -32.10 -46.38
C SER O 138 -6.33 -33.06 -45.36
N LEU O 139 -5.21 -32.68 -44.75
CA LEU O 139 -4.57 -33.48 -43.72
C LEU O 139 -5.46 -33.60 -42.48
N GLU O 140 -6.14 -32.50 -42.14
CA GLU O 140 -7.02 -32.52 -40.98
C GLU O 140 -8.24 -33.40 -41.24
N LYS O 141 -8.76 -33.36 -42.47
CA LYS O 141 -9.87 -34.26 -42.80
C LYS O 141 -9.44 -35.71 -42.80
N LEU O 142 -8.23 -35.97 -43.29
CA LEU O 142 -7.69 -37.33 -43.28
C LEU O 142 -7.52 -37.79 -41.83
N THR O 143 -7.03 -36.91 -40.96
CA THR O 143 -6.88 -37.25 -39.55
C THR O 143 -8.23 -37.55 -38.91
N ASN O 144 -9.24 -36.79 -39.32
CA ASN O 144 -10.60 -37.01 -38.83
C ASN O 144 -11.08 -38.41 -39.23
N GLU O 145 -10.82 -38.81 -40.46
CA GLU O 145 -11.18 -40.15 -40.92
CA GLU O 145 -11.23 -40.14 -40.88
C GLU O 145 -10.52 -41.21 -40.05
N LYS O 146 -9.23 -41.02 -39.81
CA LYS O 146 -8.48 -41.95 -38.96
C LYS O 146 -9.03 -41.97 -37.53
N LEU O 147 -9.32 -40.81 -36.97
CA LEU O 147 -9.90 -40.80 -35.62
C LEU O 147 -11.24 -41.54 -35.57
N LEU O 148 -12.06 -41.33 -36.60
CA LEU O 148 -13.34 -42.02 -36.67
C LEU O 148 -13.15 -43.53 -36.84
N ASN O 149 -12.09 -43.95 -37.54
CA ASN O 149 -11.79 -45.38 -37.64
CA ASN O 149 -11.76 -45.37 -37.65
C ASN O 149 -11.39 -45.94 -36.28
N LEU O 150 -10.55 -45.19 -35.56
CA LEU O 150 -10.16 -45.56 -34.19
C LEU O 150 -11.40 -45.73 -33.34
N HIS O 151 -12.34 -44.80 -33.50
CA HIS O 151 -13.59 -44.84 -32.77
C HIS O 151 -14.38 -46.11 -33.11
N SER O 152 -14.41 -46.45 -34.40
CA SER O 152 -15.12 -47.65 -34.83
CA SER O 152 -15.12 -47.65 -34.83
CA SER O 152 -15.11 -47.66 -34.85
C SER O 152 -14.50 -48.93 -34.24
N VAL O 153 -13.18 -48.95 -34.10
CA VAL O 153 -12.52 -50.08 -33.46
C VAL O 153 -12.94 -50.21 -31.98
N ALA O 154 -12.97 -49.08 -31.29
CA ALA O 154 -13.45 -49.05 -29.91
C ALA O 154 -14.86 -49.59 -29.78
N THR O 155 -15.80 -49.09 -30.59
CA THR O 155 -17.18 -49.54 -30.41
C THR O 155 -17.39 -50.99 -30.88
N LYS O 156 -16.70 -51.40 -31.94
CA LYS O 156 -16.80 -52.78 -32.39
C LYS O 156 -16.36 -53.71 -31.28
N ASN O 157 -15.37 -53.27 -30.51
CA ASN O 157 -14.86 -54.08 -29.41
C ASN O 157 -15.55 -53.82 -28.08
N GLY O 158 -16.57 -52.97 -28.08
CA GLY O 158 -17.30 -52.68 -26.85
C GLY O 158 -16.46 -51.93 -25.83
N ASP O 159 -15.47 -51.19 -26.30
CA ASP O 159 -14.62 -50.44 -25.36
C ASP O 159 -15.20 -49.05 -25.14
N VAL O 160 -16.09 -48.95 -24.16
CA VAL O 160 -16.84 -47.73 -23.89
C VAL O 160 -15.94 -46.57 -23.52
N GLN O 161 -14.93 -46.81 -22.70
CA GLN O 161 -14.08 -45.72 -22.23
C GLN O 161 -13.14 -45.18 -23.32
N LEU O 162 -12.62 -46.07 -24.17
CA LEU O 162 -11.78 -45.63 -25.30
C LEU O 162 -12.63 -44.77 -26.26
N ALA O 163 -13.84 -45.22 -26.54
CA ALA O 163 -14.72 -44.42 -27.40
C ALA O 163 -14.99 -43.03 -26.80
N ASP O 164 -15.28 -42.98 -25.50
CA ASP O 164 -15.49 -41.69 -24.83
C ASP O 164 -14.24 -40.80 -24.92
N PHE O 165 -13.07 -41.37 -24.66
CA PHE O 165 -11.82 -40.63 -24.72
C PHE O 165 -11.61 -40.03 -26.11
N VAL O 166 -11.78 -40.86 -27.13
CA VAL O 166 -11.62 -40.36 -28.49
C VAL O 166 -12.62 -39.22 -28.77
N GLU O 167 -13.88 -39.41 -28.45
CA GLU O 167 -14.88 -38.35 -28.67
C GLU O 167 -14.52 -37.07 -27.91
N THR O 168 -14.20 -37.23 -26.63
CA THR O 168 -14.04 -36.10 -25.75
C THR O 168 -12.76 -35.32 -26.02
N GLU O 169 -11.67 -36.05 -26.26
CA GLU O 169 -10.37 -35.41 -26.39
C GLU O 169 -10.02 -35.06 -27.83
N TYR O 170 -10.61 -35.77 -28.79
CA TYR O 170 -10.23 -35.60 -30.19
C TYR O 170 -11.30 -35.20 -31.20
N LEU O 171 -12.47 -35.81 -31.15
CA LEU O 171 -13.41 -35.60 -32.26
C LEU O 171 -13.97 -34.18 -32.31
N GLY O 172 -14.29 -33.61 -31.16
CA GLY O 172 -14.79 -32.24 -31.12
C GLY O 172 -13.73 -31.25 -31.56
N ALA O 173 -12.53 -31.42 -31.03
CA ALA O 173 -11.41 -30.56 -31.38
C ALA O 173 -11.14 -30.64 -32.88
N GLN O 174 -11.28 -31.82 -33.45
CA GLN O 174 -11.00 -32.02 -34.87
CA GLN O 174 -10.99 -32.01 -34.87
C GLN O 174 -12.00 -31.28 -35.75
N VAL O 175 -13.26 -31.28 -35.33
CA VAL O 175 -14.28 -30.55 -36.07
C VAL O 175 -13.90 -29.08 -36.04
N GLU O 176 -13.45 -28.61 -34.88
CA GLU O 176 -13.09 -27.20 -34.77
C GLU O 176 -11.87 -26.84 -35.60
N ALA O 177 -10.87 -27.71 -35.62
CA ALA O 177 -9.68 -27.48 -36.42
C ALA O 177 -10.05 -27.43 -37.89
N ILE O 178 -10.94 -28.30 -38.31
CA ILE O 178 -11.35 -28.31 -39.71
C ILE O 178 -12.07 -27.01 -40.10
N LYS O 179 -12.99 -26.52 -39.26
CA LYS O 179 -13.65 -25.26 -39.59
C LYS O 179 -12.64 -24.12 -39.63
N ARG O 180 -11.71 -24.14 -38.68
CA ARG O 180 -10.72 -23.06 -38.57
C ARG O 180 -9.89 -22.95 -39.84
N ILE O 181 -9.41 -24.08 -40.33
CA ILE O 181 -8.57 -24.07 -41.53
C ILE O 181 -9.40 -23.78 -42.78
N SER O 182 -10.62 -24.29 -42.80
CA SER O 182 -11.56 -23.96 -43.88
C SER O 182 -11.72 -22.44 -44.00
N GLU O 183 -11.92 -21.77 -42.88
CA GLU O 183 -12.01 -20.32 -42.89
C GLU O 183 -10.75 -19.68 -43.48
N TYR O 184 -9.57 -20.21 -43.13
CA TYR O 184 -8.32 -19.66 -43.68
C TYR O 184 -8.29 -19.82 -45.19
N VAL O 185 -8.70 -21.00 -45.67
CA VAL O 185 -8.76 -21.26 -47.11
C VAL O 185 -9.69 -20.26 -47.81
N ALA O 186 -10.88 -20.07 -47.23
CA ALA O 186 -11.86 -19.13 -47.77
C ALA O 186 -11.30 -17.70 -47.85
N GLN O 187 -10.63 -17.27 -46.79
CA GLN O 187 -10.08 -15.91 -46.76
C GLN O 187 -8.96 -15.72 -47.77
N LEU O 188 -8.11 -16.74 -47.89
CA LEU O 188 -7.03 -16.71 -48.87
C LEU O 188 -7.59 -16.64 -50.29
N ARG O 189 -8.68 -17.36 -50.55
CA ARG O 189 -9.33 -17.27 -51.86
C ARG O 189 -9.92 -15.88 -52.10
N ARG O 190 -10.46 -15.27 -51.05
CA ARG O 190 -11.08 -13.96 -51.21
C ARG O 190 -10.04 -12.86 -51.46
N VAL O 191 -8.94 -12.86 -50.72
CA VAL O 191 -7.99 -11.74 -50.81
C VAL O 191 -7.09 -11.79 -52.06
N GLY O 192 -6.89 -12.97 -52.62
CA GLY O 192 -6.12 -13.10 -53.84
C GLY O 192 -4.62 -13.02 -53.63
N LYS O 193 -3.84 -13.39 -54.66
CA LYS O 193 -2.39 -13.46 -54.52
C LYS O 193 -1.77 -12.08 -54.37
N GLY O 194 -0.57 -12.02 -53.81
CA GLY O 194 0.17 -10.77 -53.73
C GLY O 194 -0.08 -10.00 -52.45
N HIS O 195 -0.49 -8.74 -52.58
CA HIS O 195 -0.78 -7.90 -51.44
C HIS O 195 -1.78 -8.58 -50.48
N GLY O 196 -2.85 -9.13 -51.04
CA GLY O 196 -3.85 -9.80 -50.22
C GLY O 196 -3.29 -10.91 -49.37
N VAL O 197 -2.54 -11.80 -49.99
CA VAL O 197 -1.94 -12.90 -49.25
C VAL O 197 -1.02 -12.39 -48.15
N TRP O 198 -0.19 -11.41 -48.47
CA TRP O 198 0.72 -10.84 -47.47
C TRP O 198 -0.07 -10.28 -46.29
N HIS O 199 -1.21 -9.64 -46.59
CA HIS O 199 -2.03 -9.00 -45.57
C HIS O 199 -2.69 -10.08 -44.71
N PHE O 200 -3.20 -11.12 -45.34
CA PHE O 200 -3.78 -12.24 -44.59
C PHE O 200 -2.72 -12.83 -43.65
N ASP O 201 -1.50 -12.96 -44.16
CA ASP O 201 -0.40 -13.49 -43.38
C ASP O 201 -0.10 -12.61 -42.15
N GLN O 202 -0.12 -11.29 -42.35
CA GLN O 202 0.02 -10.36 -41.23
C GLN O 202 -1.07 -10.57 -40.18
N MET O 203 -2.29 -10.80 -40.65
CA MET O 203 -3.42 -11.05 -39.77
C MET O 203 -3.12 -12.29 -38.93
N LEU O 204 -2.66 -13.33 -39.61
CA LEU O 204 -2.42 -14.62 -38.97
C LEU O 204 -1.26 -14.49 -37.99
N LEU O 205 -0.28 -13.67 -38.37
CA LEU O 205 0.89 -13.43 -37.52
C LEU O 205 0.48 -12.85 -36.17
N HIS O 206 -0.56 -12.02 -36.18
CA HIS O 206 -1.01 -11.36 -34.95
C HIS O 206 -2.32 -11.89 -34.35
N GLU O 207 -2.89 -12.94 -34.94
CA GLU O 207 -4.20 -13.43 -34.48
C GLU O 207 -4.18 -13.89 -33.03
N PHE P 15 28.43 55.23 2.42
CA PHE P 15 29.22 54.04 2.76
C PHE P 15 30.02 53.57 1.56
N GLU P 16 31.33 53.44 1.73
CA GLU P 16 32.21 52.98 0.66
C GLU P 16 33.02 51.78 1.13
N PRO P 17 32.51 50.57 0.88
CA PRO P 17 33.10 49.31 1.36
C PRO P 17 34.60 49.23 1.09
N PHE P 18 35.00 49.47 -0.16
CA PHE P 18 36.41 49.29 -0.53
C PHE P 18 37.31 50.36 0.09
N GLU P 19 36.72 51.49 0.46
CA GLU P 19 37.48 52.53 1.16
C GLU P 19 37.64 52.21 2.64
N GLU P 20 36.56 51.77 3.27
CA GLU P 20 36.55 51.52 4.71
C GLU P 20 37.16 50.17 5.03
N VAL P 21 37.33 49.35 4.00
CA VAL P 21 37.82 47.99 4.17
C VAL P 21 39.35 47.99 4.26
N LYS P 22 39.97 49.03 3.70
CA LYS P 22 41.43 49.13 3.66
C LYS P 22 42.05 49.04 5.05
N LYS P 23 41.39 49.66 6.03
CA LYS P 23 41.86 49.62 7.40
C LYS P 23 41.81 48.21 7.97
N GLU P 24 40.87 47.40 7.47
CA GLU P 24 40.67 46.05 7.97
C GLU P 24 41.45 45.00 7.17
N LEU P 25 41.80 45.34 5.94
CA LEU P 25 42.57 44.44 5.08
C LEU P 25 43.99 44.27 5.59
N ASP P 26 44.64 45.39 5.90
CA ASP P 26 46.02 45.42 6.34
C ASP P 26 46.18 44.76 7.71
N LEU P 27 45.07 44.46 8.36
CA LEU P 27 45.09 43.86 9.70
C LEU P 27 45.03 42.33 9.67
N VAL P 28 44.81 41.76 8.48
CA VAL P 28 44.73 40.30 8.33
C VAL P 28 46.06 39.63 8.69
N PRO P 29 46.06 38.85 9.79
CA PRO P 29 47.27 38.17 10.27
C PRO P 29 48.01 37.38 9.19
N THR P 30 49.33 37.30 9.32
CA THR P 30 50.16 36.56 8.38
C THR P 30 50.86 35.38 9.03
N VAL P 31 51.22 35.52 10.31
CA VAL P 31 51.86 34.44 11.06
C VAL P 31 50.85 33.32 11.35
N PRO P 32 51.25 32.07 11.10
CA PRO P 32 50.38 30.88 11.09
C PRO P 32 49.62 30.62 12.39
N GLN P 33 50.20 30.99 13.53
CA GLN P 33 49.61 30.68 14.84
C GLN P 33 48.52 31.67 15.24
N ALA P 34 48.43 32.81 14.54
CA ALA P 34 47.45 33.83 14.86
C ALA P 34 46.06 33.53 14.28
N SER P 35 45.03 33.85 15.05
CA SER P 35 43.67 33.69 14.58
C SER P 35 43.35 34.74 13.51
N LEU P 36 42.71 34.31 12.42
CA LEU P 36 42.25 35.26 11.41
C LEU P 36 40.90 35.85 11.81
N ALA P 37 40.11 35.07 12.54
CA ALA P 37 38.75 35.52 12.88
C ALA P 37 38.69 36.54 14.01
N ARG P 38 39.67 36.46 14.91
CA ARG P 38 39.54 37.18 16.18
C ARG P 38 39.30 38.66 15.96
N GLN P 39 38.23 39.17 16.56
CA GLN P 39 37.89 40.59 16.41
C GLN P 39 37.18 41.12 17.67
N LYS P 40 37.73 42.16 18.25
CA LYS P 40 37.12 42.79 19.43
C LYS P 40 36.86 41.76 20.52
N TYR P 41 37.85 40.91 20.74
CA TYR P 41 37.77 39.84 21.71
C TYR P 41 39.06 39.90 22.51
N VAL P 42 38.98 40.51 23.68
CA VAL P 42 40.18 40.81 24.47
C VAL P 42 40.62 39.65 25.33
N ASP P 43 41.89 39.70 25.74
CA ASP P 43 42.49 38.64 26.57
C ASP P 43 41.67 38.28 27.81
N GLU P 44 41.10 39.28 28.46
CA GLU P 44 40.33 39.03 29.68
CA GLU P 44 40.33 39.03 29.68
C GLU P 44 39.11 38.15 29.38
N SER P 45 38.44 38.43 28.27
CA SER P 45 37.29 37.63 27.85
C SER P 45 37.71 36.19 27.51
N GLU P 46 38.78 36.06 26.73
CA GLU P 46 39.34 34.76 26.39
C GLU P 46 39.65 33.94 27.64
N SER P 47 40.32 34.56 28.60
CA SER P 47 40.63 33.89 29.86
C SER P 47 39.38 33.46 30.63
N ALA P 48 38.38 34.33 30.66
CA ALA P 48 37.17 34.03 31.41
C ALA P 48 36.42 32.88 30.76
N VAL P 49 36.45 32.80 29.43
CA VAL P 49 35.83 31.65 28.75
C VAL P 49 36.57 30.35 29.11
N ASN P 50 37.90 30.40 29.10
CA ASN P 50 38.70 29.25 29.50
C ASN P 50 38.37 28.80 30.93
N GLU P 51 38.19 29.76 31.82
CA GLU P 51 37.86 29.41 33.20
CA GLU P 51 37.84 29.45 33.21
C GLU P 51 36.50 28.71 33.29
N GLN P 52 35.51 29.19 32.54
CA GLN P 52 34.18 28.58 32.59
C GLN P 52 34.19 27.19 31.97
N ILE P 53 35.00 27.01 30.93
CA ILE P 53 35.18 25.67 30.39
C ILE P 53 35.59 24.70 31.51
N ASN P 54 36.55 25.13 32.31
CA ASN P 54 37.02 24.29 33.42
C ASN P 54 35.97 24.05 34.50
N VAL P 55 35.16 25.07 34.77
CA VAL P 55 34.05 24.93 35.72
C VAL P 55 33.09 23.85 35.24
N GLU P 56 32.67 23.94 33.98
CA GLU P 56 31.70 22.97 33.46
C GLU P 56 32.29 21.57 33.43
N TYR P 57 33.56 21.47 33.07
CA TYR P 57 34.21 20.17 32.96
C TYR P 57 34.32 19.55 34.35
N ASN P 58 34.62 20.39 35.33
CA ASN P 58 34.72 19.91 36.72
C ASN P 58 33.37 19.39 37.20
N VAL P 59 32.30 20.13 36.91
CA VAL P 59 30.96 19.67 37.28
C VAL P 59 30.60 18.37 36.56
N SER P 60 30.98 18.25 35.29
CA SER P 60 30.80 16.97 34.60
C SER P 60 31.44 15.83 35.39
N TYR P 61 32.66 16.05 35.87
CA TYR P 61 33.44 15.02 36.54
C TYR P 61 32.81 14.66 37.88
N VAL P 62 32.35 15.67 38.61
CA VAL P 62 31.68 15.44 39.89
C VAL P 62 30.40 14.60 39.72
N TYR P 63 29.63 14.91 38.69
CA TYR P 63 28.41 14.12 38.42
C TYR P 63 28.77 12.69 38.02
N HIS P 64 29.89 12.52 37.34
CA HIS P 64 30.30 11.17 36.99
C HIS P 64 30.67 10.39 38.25
N ALA P 65 31.25 11.08 39.23
CA ALA P 65 31.57 10.43 40.48
C ALA P 65 30.27 10.05 41.19
N MET P 66 29.29 10.94 41.11
CA MET P 66 27.99 10.67 41.73
C MET P 66 27.31 9.46 41.08
N PHE P 67 27.35 9.39 39.76
CA PHE P 67 26.88 8.20 39.07
C PHE P 67 27.56 6.94 39.61
N ALA P 68 28.88 6.96 39.68
CA ALA P 68 29.65 5.78 40.08
C ALA P 68 29.31 5.35 41.49
N TYR P 69 28.91 6.30 42.33
CA TYR P 69 28.48 5.97 43.69
C TYR P 69 27.12 5.28 43.70
N PHE P 70 26.14 5.86 43.02
CA PHE P 70 24.79 5.30 43.07
C PHE P 70 24.64 4.04 42.22
N ASP P 71 25.65 3.75 41.41
CA ASP P 71 25.71 2.55 40.58
C ASP P 71 26.25 1.33 41.39
N ARG P 72 26.73 1.58 42.60
CA ARG P 72 27.21 0.49 43.47
C ARG P 72 26.06 -0.48 43.75
N ASP P 73 26.39 -1.78 43.83
CA ASP P 73 25.37 -2.80 44.05
C ASP P 73 24.66 -2.65 45.41
N ASN P 74 25.39 -2.16 46.41
CA ASN P 74 24.85 -1.99 47.75
C ASN P 74 24.08 -0.68 47.92
N VAL P 75 24.24 0.23 46.96
CA VAL P 75 23.47 1.47 46.98
C VAL P 75 22.20 1.29 46.17
N ALA P 76 22.36 0.82 44.94
CA ALA P 76 21.25 0.34 44.12
C ALA P 76 20.12 1.35 43.98
N LEU P 77 20.47 2.61 43.75
CA LEU P 77 19.49 3.60 43.35
C LEU P 77 19.67 3.89 41.86
N ARG P 78 18.98 3.11 41.03
CA ARG P 78 19.20 3.13 39.59
C ARG P 78 18.73 4.43 38.92
N GLY P 79 17.65 5.00 39.45
CA GLY P 79 17.17 6.27 38.94
C GLY P 79 18.18 7.38 39.14
N LEU P 80 18.74 7.47 40.34
CA LEU P 80 19.73 8.48 40.63
CA LEU P 80 19.74 8.48 40.64
C LEU P 80 21.01 8.27 39.81
N ALA P 81 21.44 7.02 39.69
CA ALA P 81 22.62 6.73 38.89
C ALA P 81 22.43 7.18 37.45
N LYS P 82 21.28 6.87 36.88
CA LYS P 82 20.98 7.28 35.51
C LYS P 82 20.95 8.80 35.42
N PHE P 83 20.30 9.44 36.39
CA PHE P 83 20.25 10.90 36.41
C PHE P 83 21.65 11.56 36.44
N PHE P 84 22.52 11.11 37.33
CA PHE P 84 23.86 11.69 37.38
C PHE P 84 24.71 11.30 36.17
N LYS P 85 24.48 10.11 35.63
CA LYS P 85 25.21 9.72 34.43
C LYS P 85 24.84 10.66 33.28
N GLU P 86 23.54 10.92 33.13
CA GLU P 86 23.09 11.79 32.04
C GLU P 86 23.54 13.23 32.29
N SER P 87 23.47 13.66 33.55
CA SER P 87 23.92 14.99 33.91
C SER P 87 25.40 15.20 33.58
N SER P 88 26.22 14.19 33.86
CA SER P 88 27.65 14.27 33.56
C SER P 88 27.88 14.51 32.07
N GLU P 89 27.19 13.74 31.23
CA GLU P 89 27.33 13.90 29.78
C GLU P 89 26.89 15.30 29.33
N GLU P 90 25.79 15.79 29.89
CA GLU P 90 25.25 17.10 29.51
C GLU P 90 26.23 18.19 29.89
N GLU P 91 26.89 18.02 31.04
CA GLU P 91 27.87 18.98 31.52
C GLU P 91 29.10 19.04 30.63
N ARG P 92 29.51 17.88 30.12
CA ARG P 92 30.63 17.85 29.19
C ARG P 92 30.25 18.59 27.91
N GLU P 93 28.97 18.52 27.52
CA GLU P 93 28.49 19.28 26.36
C GLU P 93 28.50 20.77 26.64
N HIS P 94 28.18 21.15 27.87
CA HIS P 94 28.28 22.56 28.24
C HIS P 94 29.71 23.05 28.08
N ALA P 95 30.66 22.24 28.54
CA ALA P 95 32.07 22.57 28.37
C ALA P 95 32.41 22.64 26.88
N GLU P 96 31.95 21.66 26.11
CA GLU P 96 32.34 21.60 24.70
C GLU P 96 31.81 22.78 23.89
N LYS P 97 30.61 23.24 24.23
CA LYS P 97 30.01 24.37 23.53
C LYS P 97 30.81 25.65 23.74
N LEU P 98 31.39 25.80 24.94
CA LEU P 98 32.25 26.93 25.24
C LEU P 98 33.61 26.80 24.54
N MET P 99 34.11 25.58 24.42
CA MET P 99 35.34 25.34 23.68
C MET P 99 35.13 25.74 22.21
N GLU P 100 33.99 25.33 21.65
CA GLU P 100 33.65 25.72 20.29
C GLU P 100 33.47 27.24 20.17
N TYR P 101 32.84 27.84 21.16
CA TYR P 101 32.66 29.29 21.16
C TYR P 101 34.01 30.02 21.19
N GLN P 102 34.92 29.55 22.04
CA GLN P 102 36.26 30.13 22.11
C GLN P 102 36.85 30.18 20.70
N ASN P 103 36.77 29.06 19.99
CA ASN P 103 37.32 29.00 18.64
C ASN P 103 36.54 29.84 17.63
N LYS P 104 35.22 29.97 17.81
CA LYS P 104 34.45 30.83 16.92
C LYS P 104 34.93 32.28 17.01
N ARG P 105 35.33 32.70 18.22
CA ARG P 105 35.78 34.08 18.43
C ARG P 105 37.28 34.26 18.19
N GLY P 106 37.98 33.17 17.92
CA GLY P 106 39.40 33.25 17.65
C GLY P 106 40.27 33.34 18.90
N GLY P 107 39.71 32.93 20.04
CA GLY P 107 40.50 32.75 21.24
C GLY P 107 41.11 31.37 21.23
N LYS P 108 42.10 31.14 22.08
CA LYS P 108 42.72 29.83 22.14
C LYS P 108 42.25 29.07 23.38
N VAL P 109 41.68 27.90 23.15
CA VAL P 109 41.23 27.05 24.25
C VAL P 109 42.42 26.57 25.06
N LYS P 110 42.34 26.70 26.37
CA LYS P 110 43.37 26.15 27.26
C LYS P 110 42.67 25.30 28.32
N LEU P 111 42.67 23.99 28.12
CA LEU P 111 42.07 23.08 29.09
C LEU P 111 42.95 23.05 30.33
N GLN P 112 42.33 23.08 31.50
CA GLN P 112 43.08 23.11 32.76
C GLN P 112 42.88 21.80 33.54
N SER P 113 43.66 21.63 34.61
CA SER P 113 43.59 20.40 35.39
C SER P 113 42.19 20.23 35.99
N ILE P 114 41.80 18.98 36.22
CA ILE P 114 40.54 18.69 36.89
C ILE P 114 40.87 18.02 38.22
N VAL P 115 40.35 18.55 39.32
CA VAL P 115 40.71 18.04 40.64
C VAL P 115 39.94 16.77 40.98
N MET P 116 40.51 15.97 41.86
CA MET P 116 39.85 14.75 42.30
C MET P 116 38.53 15.13 42.97
N PRO P 117 37.44 14.48 42.57
CA PRO P 117 36.14 14.74 43.22
C PRO P 117 35.91 13.80 44.40
N LEU P 118 34.92 14.09 45.22
CA LEU P 118 34.52 13.16 46.29
C LEU P 118 34.13 11.83 45.66
N SER P 119 34.27 10.76 46.41
CA SER P 119 33.91 9.43 45.91
CA SER P 119 33.91 9.43 45.91
C SER P 119 32.67 8.87 46.61
N ASP P 120 32.57 9.10 47.92
CA ASP P 120 31.45 8.58 48.71
CA ASP P 120 31.44 8.59 48.71
C ASP P 120 30.41 9.68 48.90
N PHE P 121 29.13 9.33 48.75
CA PHE P 121 28.06 10.30 48.94
C PHE P 121 27.03 9.88 49.99
N ASP P 122 27.44 9.03 50.92
N ASP P 122 27.41 9.02 50.93
CA ASP P 122 26.58 8.64 52.03
CA ASP P 122 26.47 8.64 51.97
C ASP P 122 26.39 9.81 52.97
C ASP P 122 26.47 9.65 53.11
N HIS P 123 25.32 9.78 53.76
CA HIS P 123 25.10 10.78 54.78
C HIS P 123 24.15 10.18 55.81
N ALA P 124 24.59 10.13 57.05
CA ALA P 124 23.84 9.45 58.11
C ALA P 124 22.50 10.12 58.42
N ASP P 125 22.53 11.45 58.52
CA ASP P 125 21.33 12.22 58.84
CA ASP P 125 21.33 12.21 58.84
C ASP P 125 20.37 12.30 57.66
N LYS P 126 20.88 12.78 56.53
CA LYS P 126 20.04 13.05 55.36
C LYS P 126 19.64 11.81 54.55
N GLY P 127 20.52 10.81 54.53
CA GLY P 127 20.39 9.71 53.59
C GLY P 127 21.11 10.09 52.32
N ASP P 128 21.60 9.10 51.58
CA ASP P 128 22.45 9.38 50.43
C ASP P 128 21.72 10.15 49.33
N ALA P 129 20.49 9.76 49.04
CA ALA P 129 19.78 10.36 47.92
C ALA P 129 19.59 11.85 48.13
N LEU P 130 19.06 12.23 49.29
CA LEU P 130 18.83 13.64 49.59
C LEU P 130 20.15 14.43 49.63
N HIS P 131 21.17 13.85 50.25
CA HIS P 131 22.47 14.51 50.35
C HIS P 131 23.02 14.83 48.95
N ALA P 132 23.00 13.83 48.06
CA ALA P 132 23.49 14.02 46.71
C ALA P 132 22.71 15.09 45.94
N MET P 133 21.39 15.10 46.09
CA MET P 133 20.58 16.08 45.37
C MET P 133 20.82 17.49 45.91
N GLU P 134 21.02 17.62 47.22
CA GLU P 134 21.35 18.92 47.80
C GLU P 134 22.73 19.38 47.29
N LEU P 135 23.68 18.45 47.22
N LEU P 135 23.67 18.44 47.21
CA LEU P 135 24.99 18.75 46.65
CA LEU P 135 24.98 18.73 46.67
C LEU P 135 24.87 19.22 45.21
C LEU P 135 24.89 19.20 45.21
N ALA P 136 24.09 18.49 44.42
CA ALA P 136 23.86 18.85 43.02
C ALA P 136 23.28 20.25 42.94
N LEU P 137 22.31 20.54 43.81
CA LEU P 137 21.69 21.85 43.81
C LEU P 137 22.73 22.93 44.10
N SER P 138 23.59 22.68 45.09
CA SER P 138 24.65 23.63 45.41
C SER P 138 25.62 23.83 44.25
N LEU P 139 25.94 22.74 43.57
CA LEU P 139 26.86 22.81 42.45
C LEU P 139 26.28 23.65 41.32
N GLU P 140 24.98 23.47 41.06
CA GLU P 140 24.33 24.21 40.00
C GLU P 140 24.21 25.70 40.32
N LYS P 141 23.97 26.01 41.59
CA LYS P 141 23.92 27.41 42.02
C LYS P 141 25.31 28.03 41.95
N LEU P 142 26.32 27.25 42.32
CA LEU P 142 27.69 27.72 42.19
C LEU P 142 28.00 27.97 40.73
N THR P 143 27.62 27.05 39.85
CA THR P 143 27.80 27.23 38.41
C THR P 143 27.09 28.49 37.90
N ASN P 144 25.86 28.71 38.38
CA ASN P 144 25.13 29.93 38.06
C ASN P 144 25.93 31.20 38.41
N GLU P 145 26.50 31.24 39.62
CA GLU P 145 27.33 32.38 40.03
CA GLU P 145 27.34 32.36 40.04
C GLU P 145 28.51 32.58 39.08
N LYS P 146 29.16 31.48 38.71
CA LYS P 146 30.30 31.54 37.78
C LYS P 146 29.88 32.03 36.40
N LEU P 147 28.74 31.55 35.93
CA LEU P 147 28.19 32.01 34.66
C LEU P 147 27.89 33.50 34.70
N LEU P 148 27.32 33.95 35.81
CA LEU P 148 26.99 35.36 35.94
C LEU P 148 28.25 36.21 36.04
N ASN P 149 29.30 35.68 36.66
N ASN P 149 29.28 35.67 36.68
CA ASN P 149 30.57 36.41 36.68
CA ASN P 149 30.59 36.31 36.72
C ASN P 149 31.20 36.48 35.29
C ASN P 149 31.15 36.48 35.31
N LEU P 150 31.08 35.41 34.52
CA LEU P 150 31.53 35.43 33.12
C LEU P 150 30.78 36.52 32.37
N HIS P 151 29.47 36.56 32.56
CA HIS P 151 28.65 37.58 31.92
C HIS P 151 29.12 38.98 32.33
N SER P 152 29.51 39.14 33.60
CA SER P 152 29.95 40.46 34.06
C SER P 152 31.32 40.85 33.45
N VAL P 153 32.21 39.88 33.27
CA VAL P 153 33.45 40.13 32.55
C VAL P 153 33.14 40.67 31.13
N ALA P 154 32.25 39.98 30.42
CA ALA P 154 31.88 40.40 29.07
C ALA P 154 31.30 41.82 29.05
N THR P 155 30.35 42.11 29.93
CA THR P 155 29.72 43.42 29.92
CA THR P 155 29.72 43.42 29.93
C THR P 155 30.70 44.52 30.35
N LYS P 156 31.54 44.22 31.33
CA LYS P 156 32.55 45.20 31.76
C LYS P 156 33.53 45.54 30.64
N ASN P 157 33.86 44.53 29.83
CA ASN P 157 34.77 44.72 28.71
C ASN P 157 34.09 45.16 27.42
N GLY P 158 32.77 45.35 27.48
CA GLY P 158 32.02 45.79 26.32
C GLY P 158 31.92 44.73 25.23
N ASP P 159 32.04 43.47 25.60
CA ASP P 159 31.91 42.42 24.59
C ASP P 159 30.45 42.01 24.46
N VAL P 160 29.78 42.62 23.50
CA VAL P 160 28.35 42.44 23.34
C VAL P 160 27.97 40.98 23.02
N GLN P 161 28.64 40.39 22.06
CA GLN P 161 28.25 39.06 21.58
C GLN P 161 28.57 37.97 22.61
N LEU P 162 29.67 38.14 23.33
CA LEU P 162 30.00 37.18 24.38
C LEU P 162 28.92 37.21 25.44
N ALA P 163 28.53 38.41 25.88
CA ALA P 163 27.49 38.52 26.89
C ALA P 163 26.22 37.86 26.39
N ASP P 164 25.89 38.10 25.13
CA ASP P 164 24.70 37.47 24.59
C ASP P 164 24.79 35.95 24.49
N PHE P 165 25.96 35.44 24.13
CA PHE P 165 26.14 33.99 24.06
C PHE P 165 25.92 33.38 25.45
N VAL P 166 26.51 33.98 26.47
CA VAL P 166 26.33 33.47 27.82
C VAL P 166 24.84 33.50 28.22
N GLU P 167 24.17 34.64 28.04
CA GLU P 167 22.75 34.73 28.41
C GLU P 167 21.91 33.70 27.66
N THR P 168 22.08 33.66 26.34
CA THR P 168 21.23 32.83 25.51
C THR P 168 21.46 31.34 25.69
N GLU P 169 22.72 30.94 25.71
CA GLU P 169 23.04 29.52 25.73
C GLU P 169 23.09 28.90 27.13
N TYR P 170 23.33 29.73 28.14
CA TYR P 170 23.53 29.19 29.50
C TYR P 170 22.56 29.67 30.58
N LEU P 171 22.28 30.97 30.62
CA LEU P 171 21.61 31.52 31.81
C LEU P 171 20.19 31.00 31.99
N GLY P 172 19.40 30.97 30.92
CA GLY P 172 18.04 30.47 31.02
C GLY P 172 18.02 29.00 31.44
N ALA P 173 18.88 28.21 30.81
CA ALA P 173 18.96 26.79 31.08
C ALA P 173 19.41 26.51 32.50
N GLN P 174 20.28 27.35 33.03
CA GLN P 174 20.77 27.17 34.40
C GLN P 174 19.62 27.38 35.39
N VAL P 175 18.77 28.37 35.10
CA VAL P 175 17.57 28.60 35.92
C VAL P 175 16.65 27.37 35.91
N GLU P 176 16.45 26.78 34.74
CA GLU P 176 15.63 25.57 34.63
C GLU P 176 16.23 24.42 35.44
N ALA P 177 17.55 24.27 35.36
CA ALA P 177 18.21 23.16 36.03
C ALA P 177 18.11 23.31 37.54
N ILE P 178 18.21 24.54 38.02
CA ILE P 178 18.12 24.78 39.45
C ILE P 178 16.70 24.49 39.96
N LYS P 179 15.67 24.90 39.21
CA LYS P 179 14.32 24.59 39.66
C LYS P 179 14.10 23.08 39.62
N ARG P 180 14.66 22.43 38.61
CA ARG P 180 14.47 21.00 38.45
C ARG P 180 15.03 20.23 39.64
N ILE P 181 16.25 20.58 40.05
CA ILE P 181 16.89 19.88 41.16
C ILE P 181 16.27 20.28 42.49
N SER P 182 15.85 21.53 42.61
CA SER P 182 15.15 22.00 43.80
C SER P 182 13.91 21.14 44.04
N GLU P 183 13.18 20.87 42.97
CA GLU P 183 12.00 20.00 43.05
C GLU P 183 12.35 18.59 43.51
N TYR P 184 13.47 18.06 43.04
CA TYR P 184 13.91 16.74 43.49
C TYR P 184 14.19 16.76 45.00
N VAL P 185 14.89 17.79 45.46
CA VAL P 185 15.19 17.92 46.89
C VAL P 185 13.91 17.94 47.70
N ALA P 186 12.93 18.72 47.25
CA ALA P 186 11.67 18.84 47.97
C ALA P 186 10.94 17.49 48.05
N GLN P 187 10.90 16.78 46.92
CA GLN P 187 10.22 15.49 46.90
C GLN P 187 10.92 14.50 47.81
N LEU P 188 12.24 14.51 47.78
CA LEU P 188 13.01 13.59 48.61
C LEU P 188 12.73 13.85 50.09
N ARG P 189 12.64 15.11 50.46
CA ARG P 189 12.28 15.47 51.84
C ARG P 189 10.86 15.07 52.20
N ARG P 190 9.97 15.09 51.21
CA ARG P 190 8.58 14.74 51.49
C ARG P 190 8.39 13.23 51.69
N VAL P 191 9.02 12.42 50.84
CA VAL P 191 8.77 10.98 50.87
C VAL P 191 9.49 10.29 52.02
N GLY P 192 10.60 10.88 52.46
CA GLY P 192 11.35 10.33 53.58
C GLY P 192 12.22 9.14 53.22
N LYS P 193 13.11 8.76 54.13
CA LYS P 193 14.06 7.69 53.88
C LYS P 193 13.36 6.33 53.72
N GLY P 194 14.05 5.40 53.06
CA GLY P 194 13.60 4.03 52.96
C GLY P 194 12.70 3.77 51.76
N HIS P 195 11.47 3.34 52.02
CA HIS P 195 10.54 3.05 50.94
C HIS P 195 10.31 4.28 50.07
N GLY P 196 10.11 5.44 50.69
CA GLY P 196 9.90 6.68 49.95
C GLY P 196 11.02 7.01 48.98
N VAL P 197 12.26 7.03 49.46
CA VAL P 197 13.41 7.29 48.60
C VAL P 197 13.46 6.30 47.42
N TRP P 198 13.26 5.02 47.70
CA TRP P 198 13.30 4.01 46.66
C TRP P 198 12.24 4.28 45.59
N HIS P 199 11.04 4.66 46.02
CA HIS P 199 9.93 4.96 45.12
C HIS P 199 10.23 6.21 44.31
N PHE P 200 10.73 7.27 44.97
CA PHE P 200 11.15 8.45 44.23
C PHE P 200 12.19 8.06 43.18
N ASP P 201 13.10 7.19 43.56
CA ASP P 201 14.13 6.74 42.64
C ASP P 201 13.52 6.02 41.43
N GLN P 202 12.50 5.19 41.66
CA GLN P 202 11.80 4.54 40.56
C GLN P 202 11.19 5.57 39.62
N MET P 203 10.60 6.61 40.19
CA MET P 203 9.99 7.68 39.42
C MET P 203 11.04 8.30 38.50
N LEU P 204 12.19 8.60 39.09
CA LEU P 204 13.27 9.27 38.37
C LEU P 204 13.84 8.36 37.28
N LEU P 205 13.89 7.06 37.58
CA LEU P 205 14.39 6.07 36.62
C LEU P 205 13.53 6.07 35.35
N HIS P 206 12.24 6.34 35.51
CA HIS P 206 11.33 6.29 34.39
C HIS P 206 10.85 7.67 33.92
N GLU P 207 11.40 8.73 34.49
CA GLU P 207 10.97 10.09 34.16
CA GLU P 207 10.99 10.09 34.17
C GLU P 207 11.26 10.41 32.69
N PHE Q 15 35.28 21.20 -47.00
CA PHE Q 15 35.56 21.56 -45.61
C PHE Q 15 36.63 20.68 -44.99
N GLU Q 16 37.74 21.30 -44.59
CA GLU Q 16 38.81 20.60 -43.90
C GLU Q 16 39.00 21.24 -42.51
N PRO Q 17 38.46 20.57 -41.48
CA PRO Q 17 38.48 21.08 -40.10
C PRO Q 17 39.86 21.46 -39.60
N PHE Q 18 40.87 20.64 -39.88
CA PHE Q 18 42.21 20.86 -39.35
C PHE Q 18 43.00 21.93 -40.10
N GLU Q 19 42.56 22.23 -41.32
CA GLU Q 19 43.17 23.30 -42.09
C GLU Q 19 42.57 24.63 -41.67
N GLU Q 20 41.26 24.65 -41.54
CA GLU Q 20 40.51 25.86 -41.23
C GLU Q 20 40.64 26.24 -39.76
N VAL Q 21 41.02 25.26 -38.95
CA VAL Q 21 41.13 25.48 -37.51
C VAL Q 21 42.49 26.11 -37.19
N LYS Q 22 43.35 26.18 -38.21
CA LYS Q 22 44.69 26.77 -38.07
C LYS Q 22 44.65 28.17 -37.46
N LYS Q 23 43.89 29.06 -38.09
CA LYS Q 23 43.84 30.45 -37.66
C LYS Q 23 42.85 30.69 -36.52
N GLU Q 24 42.17 29.63 -36.09
CA GLU Q 24 41.25 29.72 -34.97
C GLU Q 24 41.93 29.26 -33.69
N LEU Q 25 42.92 28.39 -33.84
CA LEU Q 25 43.69 27.86 -32.72
C LEU Q 25 44.80 28.82 -32.29
N ASP Q 26 45.34 29.55 -33.26
CA ASP Q 26 46.36 30.56 -32.96
C ASP Q 26 45.74 31.87 -32.51
N LEU Q 27 44.42 31.84 -32.31
CA LEU Q 27 43.70 32.99 -31.76
C LEU Q 27 43.38 32.79 -30.28
N VAL Q 28 43.67 31.60 -29.75
CA VAL Q 28 43.41 31.29 -28.35
C VAL Q 28 44.32 32.10 -27.43
N PRO Q 29 43.71 32.93 -26.56
CA PRO Q 29 44.48 33.79 -25.64
C PRO Q 29 45.47 33.01 -24.76
N THR Q 30 46.54 33.66 -24.36
CA THR Q 30 47.53 33.06 -23.47
C THR Q 30 47.61 33.83 -22.15
N VAL Q 31 47.34 35.13 -22.20
CA VAL Q 31 47.29 35.95 -20.98
C VAL Q 31 46.03 35.66 -20.18
N PRO Q 32 46.21 35.37 -18.89
CA PRO Q 32 45.20 34.83 -17.97
C PRO Q 32 43.94 35.68 -17.81
N GLN Q 33 44.04 36.99 -18.03
CA GLN Q 33 42.92 37.90 -17.84
CA GLN Q 33 42.90 37.89 -17.83
C GLN Q 33 41.99 37.98 -19.06
N ALA Q 34 42.45 37.46 -20.19
CA ALA Q 34 41.62 37.50 -21.41
C ALA Q 34 40.63 36.35 -21.43
N SER Q 35 39.41 36.61 -21.91
CA SER Q 35 38.43 35.54 -22.08
C SER Q 35 38.86 34.57 -23.18
N LEU Q 36 38.70 33.27 -22.94
CA LEU Q 36 38.93 32.27 -24.00
C LEU Q 36 37.71 32.07 -24.89
N ALA Q 37 36.52 32.32 -24.34
CA ALA Q 37 35.29 32.04 -25.04
C ALA Q 37 34.91 33.15 -26.01
N ARG Q 38 35.34 34.38 -25.72
CA ARG Q 38 34.82 35.54 -26.44
C ARG Q 38 34.98 35.41 -27.94
N GLN Q 39 33.88 35.55 -28.68
CA GLN Q 39 33.94 35.46 -30.14
C GLN Q 39 32.87 36.31 -30.76
N LYS Q 40 33.28 37.21 -31.64
CA LYS Q 40 32.33 38.08 -32.35
C LYS Q 40 31.39 38.74 -31.36
N TYR Q 41 31.96 39.31 -30.31
CA TYR Q 41 31.19 39.99 -29.27
C TYR Q 41 31.92 41.29 -28.99
N VAL Q 42 31.44 42.38 -29.57
CA VAL Q 42 32.23 43.61 -29.62
C VAL Q 42 32.04 44.49 -28.39
N ASP Q 43 32.97 45.40 -28.17
CA ASP Q 43 32.94 46.23 -26.97
C ASP Q 43 31.61 46.97 -26.79
N GLU Q 44 31.00 47.38 -27.90
CA GLU Q 44 29.74 48.13 -27.83
C GLU Q 44 28.62 47.26 -27.25
N SER Q 45 28.58 46.00 -27.65
CA SER Q 45 27.60 45.06 -27.14
C SER Q 45 27.86 44.74 -25.66
N GLU Q 46 29.13 44.45 -25.33
CA GLU Q 46 29.53 44.28 -23.94
C GLU Q 46 29.08 45.45 -23.07
N SER Q 47 29.35 46.68 -23.52
CA SER Q 47 28.94 47.86 -22.76
C SER Q 47 27.43 47.95 -22.64
N ALA Q 48 26.71 47.63 -23.71
CA ALA Q 48 25.26 47.74 -23.69
C ALA Q 48 24.65 46.71 -22.73
N VAL Q 49 25.25 45.53 -22.66
CA VAL Q 49 24.77 44.53 -21.71
C VAL Q 49 25.03 44.99 -20.27
N ASN Q 50 26.21 45.57 -20.03
CA ASN Q 50 26.48 46.12 -18.70
C ASN Q 50 25.51 47.24 -18.34
N GLU Q 51 25.14 48.06 -19.33
CA GLU Q 51 24.16 49.11 -19.08
C GLU Q 51 22.79 48.53 -18.68
N GLN Q 52 22.34 47.48 -19.37
CA GLN Q 52 21.07 46.88 -19.03
C GLN Q 52 21.10 46.18 -17.67
N ILE Q 53 22.23 45.56 -17.32
CA ILE Q 53 22.35 44.97 -15.98
C ILE Q 53 22.04 46.04 -14.94
N ASN Q 54 22.60 47.23 -15.14
CA ASN Q 54 22.38 48.35 -14.21
C ASN Q 54 20.94 48.83 -14.23
N VAL Q 55 20.30 48.79 -15.40
CA VAL Q 55 18.90 49.17 -15.51
C VAL Q 55 18.03 48.23 -14.67
N GLU Q 56 18.21 46.93 -14.84
CA GLU Q 56 17.40 45.93 -14.12
C GLU Q 56 17.64 46.03 -12.61
N TYR Q 57 18.90 46.21 -12.22
CA TYR Q 57 19.25 46.30 -10.81
C TYR Q 57 18.59 47.54 -10.17
N ASN Q 58 18.56 48.65 -10.92
CA ASN Q 58 17.88 49.85 -10.44
C ASN Q 58 16.39 49.60 -10.26
N VAL Q 59 15.76 48.93 -11.22
CA VAL Q 59 14.33 48.66 -11.08
C VAL Q 59 14.08 47.71 -9.90
N SER Q 60 14.97 46.75 -9.68
CA SER Q 60 14.86 45.92 -8.49
C SER Q 60 14.85 46.78 -7.23
N TYR Q 61 15.77 47.75 -7.19
CA TYR Q 61 15.92 48.60 -6.01
C TYR Q 61 14.70 49.49 -5.82
N VAL Q 62 14.17 50.02 -6.93
CA VAL Q 62 12.98 50.86 -6.82
C VAL Q 62 11.80 50.07 -6.30
N TYR Q 63 11.62 48.85 -6.81
CA TYR Q 63 10.54 48.00 -6.32
C TYR Q 63 10.73 47.65 -4.85
N HIS Q 64 11.98 47.50 -4.43
CA HIS Q 64 12.22 47.24 -3.01
C HIS Q 64 11.75 48.42 -2.15
N ALA Q 65 12.00 49.64 -2.64
CA ALA Q 65 11.56 50.85 -1.95
C ALA Q 65 10.04 50.89 -1.90
N MET Q 66 9.39 50.48 -2.98
CA MET Q 66 7.95 50.47 -3.02
CA MET Q 66 7.93 50.44 -3.02
C MET Q 66 7.39 49.43 -2.03
N PHE Q 67 8.00 48.25 -1.98
CA PHE Q 67 7.64 47.26 -0.96
C PHE Q 67 7.74 47.90 0.43
N ALA Q 68 8.85 48.58 0.68
CA ALA Q 68 9.14 49.15 1.98
C ALA Q 68 8.10 50.19 2.39
N TYR Q 69 7.56 50.89 1.41
CA TYR Q 69 6.52 51.86 1.66
C TYR Q 69 5.18 51.19 2.01
N PHE Q 70 4.78 50.24 1.19
CA PHE Q 70 3.48 49.61 1.39
C PHE Q 70 3.47 48.63 2.56
N ASP Q 71 4.65 48.27 3.04
CA ASP Q 71 4.79 47.42 4.23
C ASP Q 71 4.66 48.26 5.54
N ARG Q 72 4.58 49.59 5.42
CA ARG Q 72 4.39 50.45 6.61
C ARG Q 72 3.07 50.13 7.30
N ASP Q 73 3.07 50.17 8.64
CA ASP Q 73 1.88 49.83 9.41
C ASP Q 73 0.71 50.77 9.11
N ASN Q 74 1.00 52.03 8.80
CA ASN Q 74 -0.06 53.02 8.55
C ASN Q 74 -0.55 53.02 7.10
N VAL Q 75 0.18 52.35 6.22
CA VAL Q 75 -0.24 52.19 4.84
C VAL Q 75 -1.03 50.89 4.72
N ALA Q 76 -0.42 49.80 5.20
CA ALA Q 76 -1.12 48.53 5.39
C ALA Q 76 -1.84 48.05 4.14
N LEU Q 77 -1.13 48.04 3.02
CA LEU Q 77 -1.66 47.40 1.82
C LEU Q 77 -0.79 46.20 1.55
N ARG Q 78 -1.19 45.07 2.13
CA ARG Q 78 -0.36 43.88 2.16
C ARG Q 78 -0.20 43.26 0.78
N GLY Q 79 -1.24 43.38 -0.04
CA GLY Q 79 -1.19 42.86 -1.39
C GLY Q 79 -0.15 43.59 -2.24
N LEU Q 80 -0.18 44.93 -2.18
CA LEU Q 80 0.80 45.72 -2.91
CA LEU Q 80 0.79 45.71 -2.92
C LEU Q 80 2.21 45.48 -2.40
N ALA Q 81 2.35 45.40 -1.08
CA ALA Q 81 3.67 45.12 -0.51
C ALA Q 81 4.21 43.81 -1.06
N LYS Q 82 3.40 42.76 -1.01
CA LYS Q 82 3.86 41.45 -1.47
C LYS Q 82 4.20 41.52 -2.96
N PHE Q 83 3.38 42.21 -3.74
CA PHE Q 83 3.63 42.33 -5.17
C PHE Q 83 4.97 43.01 -5.46
N PHE Q 84 5.23 44.15 -4.81
CA PHE Q 84 6.48 44.85 -5.06
C PHE Q 84 7.70 44.10 -4.51
N LYS Q 85 7.50 43.40 -3.40
CA LYS Q 85 8.57 42.56 -2.84
C LYS Q 85 8.95 41.45 -3.82
N GLU Q 86 7.94 40.76 -4.33
CA GLU Q 86 8.21 39.70 -5.31
C GLU Q 86 8.76 40.30 -6.60
N SER Q 87 8.24 41.46 -7.00
CA SER Q 87 8.74 42.12 -8.20
C SER Q 87 10.21 42.52 -8.07
N SER Q 88 10.61 42.99 -6.90
CA SER Q 88 12.01 43.36 -6.67
C SER Q 88 12.91 42.14 -6.86
N GLU Q 89 12.46 40.99 -6.35
CA GLU Q 89 13.26 39.78 -6.46
C GLU Q 89 13.38 39.29 -7.91
N GLU Q 90 12.29 39.37 -8.66
CA GLU Q 90 12.28 39.00 -10.07
CA GLU Q 90 12.32 38.96 -10.06
C GLU Q 90 13.22 39.89 -10.88
N GLU Q 91 13.22 41.17 -10.56
CA GLU Q 91 14.07 42.13 -11.26
C GLU Q 91 15.56 41.84 -11.01
N ARG Q 92 15.90 41.44 -9.79
CA ARG Q 92 17.28 41.06 -9.50
C ARG Q 92 17.67 39.84 -10.32
N GLU Q 93 16.72 38.92 -10.49
CA GLU Q 93 16.97 37.76 -11.33
C GLU Q 93 17.19 38.19 -12.78
N HIS Q 94 16.45 39.21 -13.23
CA HIS Q 94 16.65 39.73 -14.59
C HIS Q 94 18.06 40.29 -14.76
N ALA Q 95 18.54 40.97 -13.74
CA ALA Q 95 19.91 41.48 -13.75
C ALA Q 95 20.89 40.32 -13.77
N GLU Q 96 20.67 39.33 -12.89
CA GLU Q 96 21.64 38.27 -12.76
C GLU Q 96 21.73 37.45 -14.04
N LYS Q 97 20.60 37.25 -14.73
CA LYS Q 97 20.60 36.50 -15.99
C LYS Q 97 21.45 37.21 -17.05
N LEU Q 98 21.44 38.54 -17.05
CA LEU Q 98 22.30 39.31 -17.94
C LEU Q 98 23.78 39.26 -17.52
N MET Q 99 24.04 39.23 -16.21
CA MET Q 99 25.42 39.03 -15.74
C MET Q 99 25.95 37.67 -16.22
N GLU Q 100 25.12 36.64 -16.09
CA GLU Q 100 25.48 35.32 -16.55
C GLU Q 100 25.68 35.33 -18.05
N TYR Q 101 24.79 36.02 -18.78
CA TYR Q 101 24.93 36.08 -20.22
C TYR Q 101 26.25 36.73 -20.62
N GLN Q 102 26.56 37.85 -19.98
CA GLN Q 102 27.82 38.55 -20.21
C GLN Q 102 29.00 37.56 -20.14
N ASN Q 103 29.02 36.74 -19.10
CA ASN Q 103 30.11 35.78 -18.94
C ASN Q 103 30.07 34.64 -19.95
N LYS Q 104 28.88 34.21 -20.36
CA LYS Q 104 28.79 33.19 -21.41
C LYS Q 104 29.44 33.69 -22.70
N ARG Q 105 29.28 34.97 -23.00
CA ARG Q 105 29.86 35.55 -24.22
C ARG Q 105 31.30 36.01 -24.05
N GLY Q 106 31.80 35.98 -22.83
CA GLY Q 106 33.18 36.35 -22.58
C GLY Q 106 33.39 37.83 -22.45
N GLY Q 107 32.30 38.56 -22.19
CA GLY Q 107 32.41 39.95 -21.78
C GLY Q 107 32.69 40.04 -20.28
N LYS Q 108 33.13 41.21 -19.81
CA LYS Q 108 33.39 41.39 -18.39
C LYS Q 108 32.29 42.23 -17.75
N VAL Q 109 31.59 41.64 -16.79
CA VAL Q 109 30.54 42.33 -16.07
C VAL Q 109 31.14 43.50 -15.31
N LYS Q 110 30.51 44.66 -15.42
CA LYS Q 110 30.93 45.81 -14.63
CA LYS Q 110 30.92 45.82 -14.64
C LYS Q 110 29.71 46.41 -13.94
N LEU Q 111 29.54 46.08 -12.68
CA LEU Q 111 28.43 46.63 -11.93
C LEU Q 111 28.68 48.12 -11.73
N GLN Q 112 27.65 48.93 -11.88
N GLN Q 112 27.63 48.91 -11.86
CA GLN Q 112 27.78 50.37 -11.69
CA GLN Q 112 27.75 50.36 -11.73
C GLN Q 112 27.00 50.81 -10.46
C GLN Q 112 26.88 50.84 -10.55
N SER Q 113 27.03 52.10 -10.17
CA SER Q 113 26.35 52.61 -8.99
CA SER Q 113 26.34 52.60 -8.99
C SER Q 113 24.83 52.52 -9.13
N ILE Q 114 24.14 52.45 -7.98
CA ILE Q 114 22.69 52.46 -8.00
C ILE Q 114 22.26 53.67 -7.19
N VAL Q 115 21.49 54.58 -7.78
CA VAL Q 115 21.15 55.80 -7.07
C VAL Q 115 20.03 55.56 -6.06
N MET Q 116 19.92 56.47 -5.11
CA MET Q 116 18.85 56.41 -4.12
CA MET Q 116 18.85 56.41 -4.12
C MET Q 116 17.49 56.54 -4.79
N PRO Q 117 16.58 55.61 -4.50
CA PRO Q 117 15.21 55.72 -5.02
C PRO Q 117 14.38 56.65 -4.14
N LEU Q 118 13.20 57.05 -4.62
CA LEU Q 118 12.23 57.74 -3.76
C LEU Q 118 11.81 56.78 -2.66
N SER Q 119 11.43 57.30 -1.50
CA SER Q 119 11.03 56.47 -0.37
C SER Q 119 9.52 56.51 -0.16
N ASP Q 120 8.90 57.66 -0.45
CA ASP Q 120 7.47 57.84 -0.20
C ASP Q 120 6.64 57.78 -1.48
N PHE Q 121 5.55 57.04 -1.45
CA PHE Q 121 4.69 56.91 -2.62
C PHE Q 121 3.25 57.37 -2.41
N ASP Q 122 3.02 58.26 -1.45
CA ASP Q 122 1.66 58.76 -1.30
CA ASP Q 122 1.70 58.84 -1.23
C ASP Q 122 1.34 59.80 -2.37
N HIS Q 123 0.05 59.97 -2.62
CA HIS Q 123 -0.41 60.91 -3.63
C HIS Q 123 -1.84 61.31 -3.28
N ALA Q 124 -2.04 62.60 -3.04
CA ALA Q 124 -3.31 63.11 -2.56
C ALA Q 124 -4.46 62.79 -3.52
N ASP Q 125 -4.28 63.18 -4.78
CA ASP Q 125 -5.32 63.02 -5.78
C ASP Q 125 -5.56 61.56 -6.15
N LYS Q 126 -4.51 60.87 -6.60
CA LYS Q 126 -4.63 59.53 -7.11
C LYS Q 126 -4.84 58.48 -6.02
N GLY Q 127 -4.30 58.75 -4.83
CA GLY Q 127 -4.18 57.74 -3.79
C GLY Q 127 -2.89 56.95 -3.99
N ASP Q 128 -2.32 56.44 -2.90
CA ASP Q 128 -1.02 55.78 -2.99
C ASP Q 128 -0.98 54.57 -3.92
N ALA Q 129 -2.00 53.73 -3.86
CA ALA Q 129 -2.00 52.50 -4.66
C ALA Q 129 -1.96 52.80 -6.15
N LEU Q 130 -2.85 53.68 -6.60
CA LEU Q 130 -2.89 54.02 -8.02
C LEU Q 130 -1.61 54.71 -8.47
N HIS Q 131 -1.14 55.66 -7.67
CA HIS Q 131 0.10 56.37 -7.99
C HIS Q 131 1.25 55.37 -8.16
N ALA Q 132 1.37 54.45 -7.21
CA ALA Q 132 2.44 53.46 -7.25
C ALA Q 132 2.34 52.57 -8.50
N MET Q 133 1.14 52.15 -8.86
CA MET Q 133 0.99 51.27 -10.01
C MET Q 133 1.24 52.01 -11.30
N GLU Q 134 0.85 53.27 -11.34
CA GLU Q 134 1.15 54.10 -12.50
C GLU Q 134 2.67 54.31 -12.62
N LEU Q 135 3.33 54.48 -11.49
N LEU Q 135 3.33 54.48 -11.49
CA LEU Q 135 4.78 54.62 -11.50
CA LEU Q 135 4.78 54.61 -11.50
C LEU Q 135 5.42 53.31 -11.98
C LEU Q 135 5.43 53.31 -11.97
N ALA Q 136 4.96 52.19 -11.44
CA ALA Q 136 5.50 50.88 -11.83
C ALA Q 136 5.32 50.68 -13.34
N LEU Q 137 4.14 51.01 -13.85
CA LEU Q 137 3.90 50.93 -15.29
C LEU Q 137 4.91 51.75 -16.08
N SER Q 138 5.16 52.99 -15.65
CA SER Q 138 6.09 53.86 -16.35
CA SER Q 138 6.09 53.85 -16.36
C SER Q 138 7.51 53.31 -16.28
N LEU Q 139 7.84 52.66 -15.18
CA LEU Q 139 9.16 52.07 -15.00
CA LEU Q 139 9.16 52.07 -15.00
C LEU Q 139 9.35 50.88 -15.93
N GLU Q 140 8.29 50.08 -16.09
CA GLU Q 140 8.34 48.94 -17.00
C GLU Q 140 8.43 49.39 -18.47
N LYS Q 141 7.75 50.48 -18.81
CA LYS Q 141 7.84 51.02 -20.16
C LYS Q 141 9.22 51.60 -20.43
N LEU Q 142 9.82 52.20 -19.40
CA LEU Q 142 11.17 52.71 -19.50
C LEU Q 142 12.16 51.56 -19.67
N THR Q 143 11.97 50.49 -18.91
CA THR Q 143 12.82 49.32 -19.07
C THR Q 143 12.70 48.76 -20.48
N ASN Q 144 11.47 48.75 -21.01
CA ASN Q 144 11.22 48.34 -22.38
C ASN Q 144 12.01 49.18 -23.38
N GLU Q 145 12.02 50.50 -23.22
CA GLU Q 145 12.84 51.35 -24.08
C GLU Q 145 14.32 50.97 -23.98
N LYS Q 146 14.79 50.72 -22.75
CA LYS Q 146 16.20 50.34 -22.55
C LYS Q 146 16.50 49.01 -23.23
N LEU Q 147 15.58 48.06 -23.10
CA LEU Q 147 15.77 46.76 -23.73
C LEU Q 147 15.80 46.92 -25.25
N LEU Q 148 14.89 47.73 -25.77
CA LEU Q 148 14.88 47.97 -27.21
C LEU Q 148 16.17 48.65 -27.64
N ASN Q 149 16.73 49.51 -26.78
CA ASN Q 149 18.03 50.10 -27.10
C ASN Q 149 19.11 49.02 -27.14
N LEU Q 150 19.15 48.15 -26.13
CA LEU Q 150 20.10 47.04 -26.11
C LEU Q 150 19.94 46.21 -27.37
N HIS Q 151 18.71 45.92 -27.73
CA HIS Q 151 18.45 45.15 -28.94
C HIS Q 151 18.99 45.86 -30.19
N SER Q 152 18.85 47.18 -30.25
CA SER Q 152 19.32 47.97 -31.39
CA SER Q 152 19.32 47.95 -31.41
C SER Q 152 20.85 47.92 -31.53
N VAL Q 153 21.53 47.95 -30.39
CA VAL Q 153 23.00 47.82 -30.41
C VAL Q 153 23.41 46.44 -30.92
N ALA Q 154 22.74 45.40 -30.42
CA ALA Q 154 23.02 44.05 -30.89
C ALA Q 154 22.80 43.93 -32.40
N THR Q 155 21.69 44.48 -32.87
CA THR Q 155 21.34 44.41 -34.29
C THR Q 155 22.33 45.19 -35.14
N LYS Q 156 22.65 46.41 -34.71
CA LYS Q 156 23.65 47.22 -35.40
C LYS Q 156 24.96 46.43 -35.56
N ASN Q 157 25.41 45.84 -34.46
CA ASN Q 157 26.68 45.11 -34.43
C ASN Q 157 26.62 43.70 -34.99
N GLY Q 158 25.46 43.32 -35.51
CA GLY Q 158 25.32 42.01 -36.14
C GLY Q 158 25.46 40.88 -35.15
N ASP Q 159 25.17 41.16 -33.89
CA ASP Q 159 25.25 40.10 -32.90
C ASP Q 159 23.92 39.36 -32.83
N VAL Q 160 23.79 38.36 -33.68
CA VAL Q 160 22.55 37.62 -33.87
C VAL Q 160 22.14 36.90 -32.60
N GLN Q 161 23.12 36.33 -31.89
CA GLN Q 161 22.78 35.58 -30.68
C GLN Q 161 22.37 36.48 -29.53
N LEU Q 162 23.04 37.62 -29.37
CA LEU Q 162 22.61 38.57 -28.34
C LEU Q 162 21.20 39.07 -28.64
N ALA Q 163 20.94 39.42 -29.90
CA ALA Q 163 19.60 39.91 -30.26
C ALA Q 163 18.55 38.84 -29.94
N ASP Q 164 18.85 37.59 -30.26
CA ASP Q 164 17.90 36.51 -29.99
C ASP Q 164 17.69 36.32 -28.48
N PHE Q 165 18.79 36.37 -27.73
CA PHE Q 165 18.71 36.28 -26.28
C PHE Q 165 17.80 37.37 -25.72
N VAL Q 166 17.99 38.61 -26.16
CA VAL Q 166 17.14 39.72 -25.69
C VAL Q 166 15.66 39.49 -26.04
N GLU Q 167 15.39 39.12 -27.28
CA GLU Q 167 14.01 38.86 -27.70
C GLU Q 167 13.38 37.73 -26.88
N THR Q 168 14.11 36.63 -26.73
CA THR Q 168 13.56 35.41 -26.14
C THR Q 168 13.41 35.51 -24.63
N GLU Q 169 14.44 36.04 -23.97
CA GLU Q 169 14.42 36.11 -22.51
C GLU Q 169 13.82 37.38 -21.93
N TYR Q 170 13.81 38.48 -22.70
CA TYR Q 170 13.38 39.78 -22.15
C TYR Q 170 12.19 40.45 -22.80
N LEU Q 171 12.15 40.54 -24.13
CA LEU Q 171 11.14 41.38 -24.78
C LEU Q 171 9.71 40.88 -24.61
N GLY Q 172 9.51 39.57 -24.76
CA GLY Q 172 8.18 39.00 -24.58
C GLY Q 172 7.70 39.14 -23.15
N ALA Q 173 8.57 38.82 -22.19
CA ALA Q 173 8.24 38.96 -20.78
C ALA Q 173 7.89 40.41 -20.47
N GLN Q 174 8.59 41.34 -21.11
CA GLN Q 174 8.39 42.76 -20.82
C GLN Q 174 7.00 43.21 -21.28
N VAL Q 175 6.60 42.75 -22.45
CA VAL Q 175 5.24 43.01 -22.96
C VAL Q 175 4.21 42.48 -21.98
N GLU Q 176 4.46 41.28 -21.48
CA GLU Q 176 3.53 40.69 -20.54
C GLU Q 176 3.46 41.46 -19.21
N ALA Q 177 4.62 41.86 -18.68
CA ALA Q 177 4.63 42.64 -17.45
C ALA Q 177 3.87 43.96 -17.63
N ILE Q 178 4.04 44.56 -18.80
CA ILE Q 178 3.41 45.84 -19.06
C ILE Q 178 1.89 45.68 -19.12
N LYS Q 179 1.41 44.59 -19.71
CA LYS Q 179 -0.04 44.42 -19.77
C LYS Q 179 -0.58 44.13 -18.37
N ARG Q 180 0.18 43.37 -17.60
CA ARG Q 180 -0.25 42.98 -16.26
C ARG Q 180 -0.47 44.22 -15.41
N ILE Q 181 0.50 45.11 -15.42
CA ILE Q 181 0.43 46.32 -14.59
C ILE Q 181 -0.59 47.30 -15.14
N SER Q 182 -0.66 47.42 -16.46
CA SER Q 182 -1.75 48.18 -17.06
C SER Q 182 -3.11 47.73 -16.53
N GLU Q 183 -3.31 46.43 -16.43
CA GLU Q 183 -4.59 45.92 -15.91
C GLU Q 183 -4.81 46.33 -14.47
N TYR Q 184 -3.74 46.32 -13.67
CA TYR Q 184 -3.85 46.75 -12.28
C TYR Q 184 -4.25 48.22 -12.22
N VAL Q 185 -3.64 49.03 -13.08
CA VAL Q 185 -3.97 50.45 -13.10
C VAL Q 185 -5.43 50.63 -13.45
N ALA Q 186 -5.90 49.87 -14.44
CA ALA Q 186 -7.29 49.98 -14.88
C ALA Q 186 -8.26 49.61 -13.75
N GLN Q 187 -7.94 48.52 -13.04
CA GLN Q 187 -8.81 48.06 -11.95
C GLN Q 187 -8.83 49.07 -10.81
N LEU Q 188 -7.67 49.58 -10.45
CA LEU Q 188 -7.59 50.56 -9.36
C LEU Q 188 -8.42 51.79 -9.69
N ARG Q 189 -8.38 52.23 -10.95
CA ARG Q 189 -9.20 53.35 -11.36
C ARG Q 189 -10.68 53.01 -11.28
N ARG Q 190 -11.03 51.78 -11.59
CA ARG Q 190 -12.45 51.40 -11.56
C ARG Q 190 -13.01 51.32 -10.14
N VAL Q 191 -12.24 50.75 -9.21
CA VAL Q 191 -12.77 50.49 -7.86
C VAL Q 191 -12.78 51.74 -6.98
N GLY Q 192 -11.93 52.72 -7.31
CA GLY Q 192 -11.90 53.97 -6.58
C GLY Q 192 -11.18 53.88 -5.23
N LYS Q 193 -10.90 55.02 -4.62
CA LYS Q 193 -10.15 55.05 -3.36
C LYS Q 193 -10.97 54.47 -2.22
N GLY Q 194 -10.31 54.05 -1.15
CA GLY Q 194 -10.98 53.61 0.04
C GLY Q 194 -11.26 52.11 0.01
N HIS Q 195 -12.53 51.75 0.17
CA HIS Q 195 -12.92 50.34 0.22
C HIS Q 195 -12.47 49.60 -1.03
N GLY Q 196 -12.65 50.24 -2.19
CA GLY Q 196 -12.27 49.61 -3.45
C GLY Q 196 -10.80 49.24 -3.51
N VAL Q 197 -9.94 50.21 -3.22
CA VAL Q 197 -8.49 49.98 -3.19
C VAL Q 197 -8.10 48.85 -2.26
N TRP Q 198 -8.69 48.85 -1.06
CA TRP Q 198 -8.40 47.81 -0.08
C TRP Q 198 -8.83 46.45 -0.60
N HIS Q 199 -9.95 46.41 -1.30
CA HIS Q 199 -10.45 45.16 -1.85
C HIS Q 199 -9.55 44.70 -3.00
N PHE Q 200 -9.17 45.62 -3.87
CA PHE Q 200 -8.24 45.26 -4.94
C PHE Q 200 -6.96 44.67 -4.32
N ASP Q 201 -6.48 45.31 -3.27
CA ASP Q 201 -5.30 44.85 -2.58
C ASP Q 201 -5.45 43.42 -2.03
N GLN Q 202 -6.61 43.12 -1.45
CA GLN Q 202 -6.91 41.76 -0.99
C GLN Q 202 -6.84 40.78 -2.16
N MET Q 203 -7.35 41.19 -3.31
CA MET Q 203 -7.33 40.36 -4.52
C MET Q 203 -5.88 40.06 -4.88
N LEU Q 204 -5.08 41.11 -4.94
CA LEU Q 204 -3.69 40.99 -5.33
C LEU Q 204 -2.95 40.13 -4.31
N LEU Q 205 -3.30 40.30 -3.03
CA LEU Q 205 -2.67 39.54 -1.96
C LEU Q 205 -2.87 38.05 -2.15
N HIS Q 206 -4.01 37.66 -2.73
CA HIS Q 206 -4.30 36.25 -2.91
C HIS Q 206 -4.19 35.77 -4.37
N GLU Q 207 -3.74 36.65 -5.25
CA GLU Q 207 -3.63 36.33 -6.68
C GLU Q 207 -2.51 35.32 -6.95
N GLY R 12 56.28 -31.16 -6.73
CA GLY R 12 55.89 -31.10 -8.12
C GLY R 12 55.68 -29.68 -8.62
N VAL R 13 56.77 -28.97 -8.88
CA VAL R 13 56.75 -27.58 -9.33
C VAL R 13 56.83 -27.49 -10.85
N ILE R 14 55.81 -26.90 -11.47
CA ILE R 14 55.76 -26.83 -12.93
C ILE R 14 55.71 -25.39 -13.45
N PHE R 15 55.68 -24.43 -12.53
CA PHE R 15 55.49 -23.03 -12.90
C PHE R 15 56.04 -22.14 -11.81
N GLU R 16 56.91 -21.20 -12.19
CA GLU R 16 57.48 -20.25 -11.24
C GLU R 16 57.28 -18.84 -11.77
N PRO R 17 56.19 -18.20 -11.32
CA PRO R 17 55.76 -16.91 -11.84
C PRO R 17 56.87 -15.87 -11.83
N PHE R 18 57.61 -15.79 -10.72
CA PHE R 18 58.61 -14.73 -10.58
C PHE R 18 59.84 -14.97 -11.44
N GLU R 19 60.08 -16.21 -11.82
CA GLU R 19 61.16 -16.50 -12.76
C GLU R 19 60.71 -16.22 -14.18
N GLU R 20 59.46 -16.59 -14.49
CA GLU R 20 58.95 -16.48 -15.85
C GLU R 20 58.50 -15.08 -16.28
N VAL R 21 58.12 -14.23 -15.32
CA VAL R 21 57.71 -12.87 -15.68
C VAL R 21 58.90 -11.99 -16.04
N LYS R 22 60.09 -12.41 -15.64
CA LYS R 22 61.27 -11.57 -15.82
C LYS R 22 61.37 -11.00 -17.23
N LYS R 23 61.19 -11.87 -18.22
CA LYS R 23 61.24 -11.47 -19.62
C LYS R 23 60.01 -10.65 -20.02
N GLU R 24 58.92 -10.83 -19.27
CA GLU R 24 57.70 -10.08 -19.53
C GLU R 24 57.81 -8.68 -18.92
N LEU R 25 58.60 -8.56 -17.86
CA LEU R 25 58.81 -7.29 -17.18
C LEU R 25 59.66 -6.32 -18.00
N ASP R 26 60.83 -6.77 -18.43
CA ASP R 26 61.73 -5.92 -19.19
C ASP R 26 61.27 -5.72 -20.64
N LEU R 27 60.02 -6.09 -20.89
CA LEU R 27 59.39 -5.82 -22.19
C LEU R 27 58.28 -4.77 -22.04
N VAL R 28 58.07 -4.30 -20.81
CA VAL R 28 57.09 -3.25 -20.55
C VAL R 28 57.62 -1.89 -21.01
N PRO R 29 56.97 -1.29 -22.02
CA PRO R 29 57.39 -0.03 -22.62
C PRO R 29 57.68 1.08 -21.60
N THR R 30 58.59 1.98 -21.98
CA THR R 30 58.94 3.13 -21.16
C THR R 30 58.59 4.43 -21.87
N VAL R 31 58.57 4.39 -23.20
CA VAL R 31 58.27 5.57 -24.00
C VAL R 31 56.74 5.80 -24.04
N PRO R 32 56.31 7.05 -23.82
CA PRO R 32 54.90 7.33 -23.49
C PRO R 32 53.89 7.04 -24.61
N GLN R 33 54.31 7.06 -25.87
CA GLN R 33 53.37 6.84 -26.97
C GLN R 33 53.13 5.37 -27.24
N ALA R 34 53.89 4.50 -26.59
CA ALA R 34 53.79 3.07 -26.81
C ALA R 34 52.68 2.43 -25.96
N SER R 35 51.93 1.51 -26.55
CA SER R 35 50.95 0.74 -25.80
C SER R 35 51.63 -0.18 -24.81
N LEU R 36 51.13 -0.20 -23.57
CA LEU R 36 51.57 -1.16 -22.55
C LEU R 36 50.85 -2.50 -22.70
N ALA R 37 49.66 -2.48 -23.27
CA ALA R 37 48.84 -3.70 -23.34
C ALA R 37 49.20 -4.59 -24.53
N ARG R 38 49.70 -3.98 -25.61
CA ARG R 38 49.84 -4.71 -26.88
C ARG R 38 50.66 -6.00 -26.73
N GLN R 39 50.10 -7.12 -27.20
CA GLN R 39 50.76 -8.41 -27.06
C GLN R 39 50.32 -9.34 -28.18
N LYS R 40 51.28 -9.78 -28.98
CA LYS R 40 50.99 -10.69 -30.08
C LYS R 40 49.89 -10.15 -30.97
N TYR R 41 50.00 -8.86 -31.26
CA TYR R 41 49.04 -8.19 -32.14
C TYR R 41 49.82 -7.46 -33.23
N VAL R 42 49.92 -8.10 -34.39
CA VAL R 42 50.85 -7.63 -35.42
C VAL R 42 50.27 -6.49 -36.25
N ASP R 43 51.15 -5.74 -36.91
CA ASP R 43 50.74 -4.58 -37.72
C ASP R 43 49.64 -4.92 -38.73
N GLU R 44 49.74 -6.09 -39.37
CA GLU R 44 48.72 -6.47 -40.35
C GLU R 44 47.32 -6.58 -39.75
N SER R 45 47.23 -7.13 -38.53
CA SER R 45 45.96 -7.22 -37.83
C SER R 45 45.41 -5.84 -37.46
N GLU R 46 46.28 -5.01 -36.90
CA GLU R 46 45.93 -3.62 -36.57
C GLU R 46 45.41 -2.87 -37.81
N SER R 47 46.08 -3.01 -38.94
CA SER R 47 45.65 -2.33 -40.16
C SER R 47 44.31 -2.85 -40.65
N ALA R 48 44.13 -4.17 -40.60
CA ALA R 48 42.88 -4.78 -41.03
C ALA R 48 41.72 -4.33 -40.16
N VAL R 49 41.95 -4.17 -38.86
CA VAL R 49 40.89 -3.67 -37.99
C VAL R 49 40.56 -2.21 -38.36
N ASN R 50 41.59 -1.40 -38.61
CA ASN R 50 41.34 -0.04 -39.08
C ASN R 50 40.53 0.00 -40.38
N GLU R 51 40.86 -0.90 -41.30
CA GLU R 51 40.11 -0.98 -42.54
CA GLU R 51 40.12 -1.00 -42.55
C GLU R 51 38.64 -1.32 -42.29
N GLN R 52 38.36 -2.28 -41.41
CA GLN R 52 36.98 -2.64 -41.13
C GLN R 52 36.22 -1.52 -40.41
N ILE R 53 36.91 -0.79 -39.55
CA ILE R 53 36.26 0.36 -38.91
C ILE R 53 35.74 1.28 -40.00
N ASN R 54 36.56 1.49 -41.03
CA ASN R 54 36.17 2.39 -42.11
C ASN R 54 35.04 1.82 -42.96
N VAL R 55 35.02 0.50 -43.11
CA VAL R 55 33.93 -0.17 -43.82
C VAL R 55 32.61 0.10 -43.08
N GLU R 56 32.59 -0.18 -41.78
CA GLU R 56 31.36 0.00 -40.98
C GLU R 56 30.91 1.46 -40.95
N TYR R 57 31.85 2.38 -40.82
CA TYR R 57 31.51 3.81 -40.80
C TYR R 57 30.94 4.26 -42.14
N ASN R 58 31.51 3.78 -43.25
CA ASN R 58 30.97 4.08 -44.57
C ASN R 58 29.53 3.58 -44.72
N VAL R 59 29.27 2.36 -44.30
CA VAL R 59 27.92 1.83 -44.37
C VAL R 59 26.94 2.64 -43.52
N SER R 60 27.39 3.09 -42.35
CA SER R 60 26.59 3.97 -41.50
C SER R 60 26.20 5.23 -42.25
N TYR R 61 27.17 5.81 -42.95
CA TYR R 61 26.94 7.06 -43.67
C TYR R 61 25.98 6.82 -44.83
N VAL R 62 26.15 5.70 -45.54
CA VAL R 62 25.25 5.35 -46.62
C VAL R 62 23.81 5.20 -46.12
N TYR R 63 23.62 4.47 -45.01
CA TYR R 63 22.27 4.36 -44.44
C TYR R 63 21.70 5.72 -44.03
N HIS R 64 22.57 6.63 -43.59
CA HIS R 64 22.08 7.95 -43.20
C HIS R 64 21.61 8.69 -44.44
N ALA R 65 22.31 8.52 -45.54
CA ALA R 65 21.88 9.09 -46.82
C ALA R 65 20.52 8.51 -47.23
N MET R 66 20.32 7.23 -47.00
CA MET R 66 19.06 6.61 -47.36
C MET R 66 17.94 7.12 -46.46
N PHE R 67 18.20 7.27 -45.17
CA PHE R 67 17.22 7.88 -44.30
C PHE R 67 16.80 9.24 -44.85
N ALA R 68 17.79 10.05 -45.22
CA ALA R 68 17.54 11.42 -45.69
C ALA R 68 16.66 11.44 -46.94
N TYR R 69 16.81 10.44 -47.80
CA TYR R 69 15.97 10.34 -48.99
C TYR R 69 14.52 9.96 -48.63
N PHE R 70 14.36 8.94 -47.79
CA PHE R 70 13.01 8.47 -47.47
C PHE R 70 12.23 9.39 -46.55
N ASP R 71 12.93 10.30 -45.90
CA ASP R 71 12.37 11.35 -45.04
C ASP R 71 11.86 12.58 -45.83
N ARG R 72 12.12 12.61 -47.15
CA ARG R 72 11.60 13.69 -47.99
C ARG R 72 10.07 13.71 -47.97
N ASP R 73 9.48 14.90 -47.95
CA ASP R 73 8.02 15.03 -47.90
C ASP R 73 7.32 14.35 -49.08
N ASN R 74 7.96 14.32 -50.25
CA ASN R 74 7.33 13.77 -51.43
C ASN R 74 7.60 12.28 -51.59
N VAL R 75 8.46 11.73 -50.74
CA VAL R 75 8.69 10.29 -50.75
C VAL R 75 7.82 9.66 -49.69
N ALA R 76 7.91 10.20 -48.47
CA ALA R 76 6.97 9.91 -47.40
C ALA R 76 6.79 8.42 -47.11
N LEU R 77 7.91 7.69 -47.03
CA LEU R 77 7.86 6.31 -46.54
C LEU R 77 8.49 6.32 -45.16
N ARG R 78 7.65 6.53 -44.15
CA ARG R 78 8.16 6.77 -42.81
C ARG R 78 8.78 5.54 -42.17
N GLY R 79 8.27 4.36 -42.53
CA GLY R 79 8.83 3.13 -41.98
C GLY R 79 10.24 2.89 -42.49
N LEU R 80 10.45 3.11 -43.79
CA LEU R 80 11.78 2.98 -44.38
CA LEU R 80 11.77 3.00 -44.40
C LEU R 80 12.74 4.02 -43.81
N ALA R 81 12.25 5.25 -43.65
CA ALA R 81 13.10 6.31 -43.12
C ALA R 81 13.57 5.91 -41.73
N LYS R 82 12.64 5.46 -40.91
CA LYS R 82 12.95 5.01 -39.55
C LYS R 82 13.93 3.85 -39.55
N PHE R 83 13.71 2.88 -40.40
CA PHE R 83 14.59 1.71 -40.50
C PHE R 83 16.01 2.13 -40.88
N PHE R 84 16.15 2.97 -41.89
CA PHE R 84 17.49 3.41 -42.30
C PHE R 84 18.19 4.30 -41.27
N LYS R 85 17.42 5.13 -40.59
CA LYS R 85 17.95 5.97 -39.52
C LYS R 85 18.49 5.10 -38.39
N GLU R 86 17.73 4.09 -37.99
CA GLU R 86 18.18 3.19 -36.93
C GLU R 86 19.34 2.34 -37.41
N SER R 87 19.32 1.95 -38.68
CA SER R 87 20.41 1.16 -39.24
C SER R 87 21.71 1.95 -39.25
N SER R 88 21.62 3.24 -39.57
CA SER R 88 22.80 4.11 -39.56
C SER R 88 23.43 4.17 -38.17
N GLU R 89 22.58 4.34 -37.15
CA GLU R 89 23.05 4.40 -35.77
C GLU R 89 23.71 3.08 -35.37
N GLU R 90 23.09 1.96 -35.74
CA GLU R 90 23.65 0.66 -35.43
CA GLU R 90 23.65 0.66 -35.42
C GLU R 90 24.99 0.44 -36.09
N GLU R 91 25.12 0.87 -37.35
CA GLU R 91 26.38 0.72 -38.07
C GLU R 91 27.51 1.53 -37.42
N ARG R 92 27.17 2.72 -36.93
CA ARG R 92 28.16 3.52 -36.21
C ARG R 92 28.61 2.80 -34.94
N GLU R 93 27.68 2.14 -34.27
CA GLU R 93 28.02 1.29 -33.13
C GLU R 93 28.95 0.14 -33.53
N HIS R 94 28.70 -0.47 -34.68
CA HIS R 94 29.62 -1.51 -35.16
C HIS R 94 31.02 -0.96 -35.37
N ALA R 95 31.12 0.24 -35.90
CA ALA R 95 32.41 0.89 -36.07
C ALA R 95 33.07 1.16 -34.72
N GLU R 96 32.30 1.67 -33.77
CA GLU R 96 32.84 2.04 -32.47
C GLU R 96 33.32 0.84 -31.67
N LYS R 97 32.60 -0.27 -31.77
CA LYS R 97 33.02 -1.51 -31.09
C LYS R 97 34.39 -1.99 -31.60
N LEU R 98 34.61 -1.84 -32.90
CA LEU R 98 35.92 -2.15 -33.48
C LEU R 98 36.99 -1.15 -33.03
N MET R 99 36.60 0.13 -32.89
CA MET R 99 37.53 1.12 -32.37
C MET R 99 37.94 0.78 -30.94
N GLU R 100 36.96 0.41 -30.11
CA GLU R 100 37.27 0.03 -28.74
C GLU R 100 38.13 -1.24 -28.70
N TYR R 101 37.83 -2.20 -29.58
CA TYR R 101 38.64 -3.40 -29.67
C TYR R 101 40.10 -3.12 -30.01
N GLN R 102 40.31 -2.26 -31.02
CA GLN R 102 41.64 -1.83 -31.38
C GLN R 102 42.41 -1.38 -30.13
N ASN R 103 41.76 -0.54 -29.33
CA ASN R 103 42.42 -0.02 -28.12
C ASN R 103 42.58 -1.09 -27.04
N LYS R 104 41.65 -2.02 -26.96
CA LYS R 104 41.83 -3.13 -26.02
C LYS R 104 43.09 -3.94 -26.36
N ARG R 105 43.37 -4.09 -27.65
CA ARG R 105 44.53 -4.87 -28.09
C ARG R 105 45.82 -4.05 -28.13
N GLY R 106 45.71 -2.73 -27.94
CA GLY R 106 46.89 -1.89 -27.92
C GLY R 106 47.32 -1.47 -29.32
N GLY R 107 46.42 -1.60 -30.27
CA GLY R 107 46.62 -1.05 -31.59
C GLY R 107 46.17 0.41 -31.59
N LYS R 108 46.56 1.15 -32.62
CA LYS R 108 46.17 2.56 -32.69
C LYS R 108 45.12 2.76 -33.76
N VAL R 109 43.99 3.31 -33.35
CA VAL R 109 42.90 3.59 -34.26
C VAL R 109 43.30 4.69 -35.24
N LYS R 110 43.01 4.48 -36.52
CA LYS R 110 43.24 5.53 -37.50
C LYS R 110 41.99 5.63 -38.34
N LEU R 111 41.14 6.60 -38.02
CA LEU R 111 39.96 6.85 -38.84
C LEU R 111 40.37 7.35 -40.20
N GLN R 112 39.73 6.81 -41.25
N GLN R 112 39.76 6.81 -41.26
CA GLN R 112 40.05 7.17 -42.62
CA GLN R 112 40.09 7.24 -42.61
C GLN R 112 38.93 8.01 -43.22
C GLN R 112 38.94 8.05 -43.20
N SER R 113 39.14 8.57 -44.40
CA SER R 113 38.13 9.41 -45.04
C SER R 113 36.87 8.61 -45.36
N ILE R 114 35.75 9.30 -45.44
CA ILE R 114 34.50 8.65 -45.81
C ILE R 114 33.99 9.30 -47.10
N VAL R 115 33.77 8.50 -48.12
CA VAL R 115 33.41 9.04 -49.43
C VAL R 115 31.96 9.47 -49.48
N MET R 116 31.67 10.45 -50.35
CA MET R 116 30.30 10.90 -50.56
CA MET R 116 30.31 10.90 -50.58
C MET R 116 29.41 9.75 -51.02
N PRO R 117 28.24 9.59 -50.37
CA PRO R 117 27.29 8.56 -50.80
C PRO R 117 26.38 9.13 -51.89
N LEU R 118 25.63 8.26 -52.57
CA LEU R 118 24.54 8.73 -53.43
C LEU R 118 23.51 9.43 -52.56
N SER R 119 22.72 10.33 -53.15
CA SER R 119 21.69 11.04 -52.39
C SER R 119 20.29 10.63 -52.81
N ASP R 120 20.13 10.21 -54.07
CA ASP R 120 18.83 9.85 -54.61
CA ASP R 120 18.83 9.85 -54.60
C ASP R 120 18.68 8.34 -54.72
N PHE R 121 17.54 7.82 -54.28
CA PHE R 121 17.31 6.38 -54.33
C PHE R 121 16.03 5.99 -55.07
N ASP R 122 15.65 6.82 -56.05
CA ASP R 122 14.48 6.54 -56.87
CA ASP R 122 14.46 6.51 -56.83
C ASP R 122 14.82 5.46 -57.88
N HIS R 123 13.81 4.75 -58.35
CA HIS R 123 13.99 3.73 -59.37
C HIS R 123 12.66 3.53 -60.02
N ALA R 124 12.54 3.90 -61.30
CA ALA R 124 11.25 3.86 -61.99
C ALA R 124 10.68 2.46 -62.07
N ASP R 125 11.53 1.50 -62.39
CA ASP R 125 11.10 0.13 -62.65
C ASP R 125 10.81 -0.64 -61.37
N LYS R 126 11.79 -0.68 -60.46
CA LYS R 126 11.63 -1.44 -59.22
C LYS R 126 10.77 -0.73 -58.20
N GLY R 127 10.82 0.60 -58.22
CA GLY R 127 10.19 1.39 -57.19
C GLY R 127 11.25 1.70 -56.15
N ASP R 128 11.18 2.87 -55.52
CA ASP R 128 12.21 3.29 -54.58
C ASP R 128 12.42 2.31 -53.42
N ALA R 129 11.33 1.83 -52.84
CA ALA R 129 11.43 0.97 -51.64
C ALA R 129 12.18 -0.32 -51.90
N LEU R 130 11.78 -1.04 -52.95
CA LEU R 130 12.44 -2.29 -53.30
C LEU R 130 13.89 -2.04 -53.70
N HIS R 131 14.12 -0.99 -54.48
CA HIS R 131 15.48 -0.65 -54.89
C HIS R 131 16.38 -0.44 -53.68
N ALA R 132 15.90 0.36 -52.73
CA ALA R 132 16.70 0.64 -51.54
C ALA R 132 16.94 -0.61 -50.69
N MET R 133 15.94 -1.49 -50.58
CA MET R 133 16.14 -2.69 -49.76
C MET R 133 17.11 -3.66 -50.44
N GLU R 134 17.07 -3.71 -51.76
CA GLU R 134 18.02 -4.55 -52.49
C GLU R 134 19.44 -3.99 -52.37
N LEU R 135 19.54 -2.67 -52.40
CA LEU R 135 20.84 -2.04 -52.17
C LEU R 135 21.34 -2.36 -50.76
N ALA R 136 20.48 -2.22 -49.77
CA ALA R 136 20.85 -2.51 -48.39
C ALA R 136 21.31 -3.95 -48.25
N LEU R 137 20.57 -4.87 -48.87
CA LEU R 137 20.96 -6.28 -48.87
C LEU R 137 22.37 -6.43 -49.44
N SER R 138 22.65 -5.77 -50.56
CA SER R 138 23.94 -5.93 -51.21
CA SER R 138 23.95 -5.93 -51.21
C SER R 138 25.07 -5.36 -50.35
N LEU R 139 24.78 -4.26 -49.65
CA LEU R 139 25.75 -3.64 -48.75
C LEU R 139 26.04 -4.55 -47.57
N GLU R 140 25.01 -5.19 -47.03
CA GLU R 140 25.21 -6.13 -45.93
C GLU R 140 26.02 -7.34 -46.40
N LYS R 141 25.75 -7.82 -47.60
CA LYS R 141 26.55 -8.93 -48.14
C LYS R 141 28.01 -8.53 -48.39
N LEU R 142 28.20 -7.31 -48.85
CA LEU R 142 29.56 -6.79 -49.06
C LEU R 142 30.30 -6.69 -47.74
N THR R 143 29.60 -6.22 -46.71
CA THR R 143 30.16 -6.09 -45.36
C THR R 143 30.50 -7.47 -44.79
N ASN R 144 29.65 -8.45 -45.08
CA ASN R 144 29.91 -9.82 -44.67
C ASN R 144 31.21 -10.29 -45.32
N GLU R 145 31.38 -9.99 -46.60
CA GLU R 145 32.61 -10.37 -47.28
C GLU R 145 33.82 -9.71 -46.62
N LYS R 146 33.69 -8.43 -46.28
CA LYS R 146 34.78 -7.70 -45.63
C LYS R 146 35.11 -8.32 -44.28
N LEU R 147 34.06 -8.62 -43.50
CA LEU R 147 34.27 -9.23 -42.19
C LEU R 147 34.99 -10.57 -42.29
N LEU R 148 34.58 -11.38 -43.27
CA LEU R 148 35.22 -12.68 -43.46
C LEU R 148 36.68 -12.50 -43.89
N ASN R 149 36.94 -11.45 -44.66
N ASN R 149 36.94 -11.45 -44.65
CA ASN R 149 38.31 -11.11 -45.04
CA ASN R 149 38.33 -11.14 -45.01
C ASN R 149 39.15 -10.68 -43.82
C ASN R 149 39.13 -10.78 -43.77
N LEU R 150 38.54 -9.95 -42.91
CA LEU R 150 39.21 -9.55 -41.67
C LEU R 150 39.52 -10.79 -40.84
N HIS R 151 38.58 -11.72 -40.82
CA HIS R 151 38.76 -12.98 -40.10
C HIS R 151 39.91 -13.77 -40.72
N SER R 152 39.97 -13.78 -42.06
CA SER R 152 41.05 -14.50 -42.74
C SER R 152 42.41 -13.92 -42.39
N VAL R 153 42.48 -12.59 -42.28
CA VAL R 153 43.72 -11.94 -41.88
C VAL R 153 44.17 -12.42 -40.50
N ALA R 154 43.24 -12.46 -39.55
CA ALA R 154 43.55 -12.95 -38.21
C ALA R 154 44.00 -14.40 -38.23
N THR R 155 43.31 -15.23 -39.00
CA THR R 155 43.64 -16.66 -38.98
C THR R 155 44.98 -16.89 -39.66
N LYS R 156 45.22 -16.17 -40.74
CA LYS R 156 46.50 -16.30 -41.45
C LYS R 156 47.68 -15.86 -40.59
N ASN R 157 47.52 -14.82 -39.79
CA ASN R 157 48.56 -14.35 -38.87
CA ASN R 157 48.65 -14.47 -38.93
C ASN R 157 48.56 -15.07 -37.53
N GLY R 158 47.62 -15.98 -37.35
CA GLY R 158 47.53 -16.74 -36.12
C GLY R 158 47.09 -15.95 -34.90
N ASP R 159 46.29 -14.91 -35.12
CA ASP R 159 45.74 -14.17 -33.99
C ASP R 159 44.44 -14.80 -33.50
N VAL R 160 44.57 -15.65 -32.50
CA VAL R 160 43.45 -16.43 -32.02
C VAL R 160 42.32 -15.56 -31.47
N GLN R 161 42.66 -14.58 -30.65
CA GLN R 161 41.62 -13.78 -29.99
C GLN R 161 40.96 -12.80 -30.96
N LEU R 162 41.70 -12.30 -31.94
CA LEU R 162 41.09 -11.42 -32.94
C LEU R 162 40.08 -12.22 -33.78
N ALA R 163 40.46 -13.43 -34.17
CA ALA R 163 39.53 -14.25 -34.95
C ALA R 163 38.25 -14.50 -34.15
N ASP R 164 38.42 -14.80 -32.86
CA ASP R 164 37.27 -15.05 -32.01
C ASP R 164 36.37 -13.84 -31.86
N PHE R 165 36.99 -12.67 -31.66
CA PHE R 165 36.23 -11.43 -31.54
C PHE R 165 35.37 -11.24 -32.78
N VAL R 166 35.97 -11.39 -33.95
CA VAL R 166 35.25 -11.18 -35.20
C VAL R 166 34.09 -12.15 -35.31
N GLU R 167 34.33 -13.43 -35.07
CA GLU R 167 33.25 -14.42 -35.14
C GLU R 167 32.14 -14.08 -34.17
N THR R 168 32.53 -13.83 -32.92
CA THR R 168 31.55 -13.70 -31.85
C THR R 168 30.74 -12.44 -31.95
N GLU R 169 31.41 -11.32 -32.19
CA GLU R 169 30.75 -10.02 -32.18
C GLU R 169 30.13 -9.63 -33.52
N TYR R 170 30.62 -10.19 -34.63
CA TYR R 170 30.14 -9.75 -35.95
C TYR R 170 29.49 -10.77 -36.85
N LEU R 171 30.06 -11.96 -36.98
CA LEU R 171 29.64 -12.84 -38.06
C LEU R 171 28.22 -13.38 -37.91
N GLY R 172 27.84 -13.78 -36.69
CA GLY R 172 26.50 -14.27 -36.45
C GLY R 172 25.46 -13.18 -36.68
N ALA R 173 25.72 -11.98 -36.15
CA ALA R 173 24.82 -10.86 -36.36
C ALA R 173 24.68 -10.49 -37.83
N GLN R 174 25.77 -10.59 -38.57
CA GLN R 174 25.74 -10.26 -39.99
CA GLN R 174 25.75 -10.26 -39.99
C GLN R 174 24.84 -11.22 -40.73
N VAL R 175 24.89 -12.50 -40.35
CA VAL R 175 24.01 -13.48 -40.98
C VAL R 175 22.55 -13.13 -40.69
N GLU R 176 22.30 -12.69 -39.46
CA GLU R 176 20.94 -12.33 -39.09
C GLU R 176 20.46 -11.08 -39.83
N ALA R 177 21.34 -10.10 -39.96
CA ALA R 177 20.98 -8.87 -40.66
C ALA R 177 20.65 -9.17 -42.11
N ILE R 178 21.44 -10.05 -42.72
CA ILE R 178 21.21 -10.44 -44.11
C ILE R 178 19.87 -11.16 -44.29
N LYS R 179 19.54 -12.10 -43.41
CA LYS R 179 18.23 -12.76 -43.55
C LYS R 179 17.09 -11.77 -43.39
N ARG R 180 17.24 -10.84 -42.43
CA ARG R 180 16.21 -9.86 -42.13
C ARG R 180 15.89 -9.00 -43.33
N ILE R 181 16.93 -8.48 -43.98
CA ILE R 181 16.73 -7.63 -45.14
C ILE R 181 16.26 -8.44 -46.35
N SER R 182 16.73 -9.68 -46.46
CA SER R 182 16.24 -10.54 -47.53
C SER R 182 14.73 -10.70 -47.42
N GLU R 183 14.23 -10.89 -46.19
CA GLU R 183 12.80 -10.99 -45.96
C GLU R 183 12.05 -9.72 -46.39
N TYR R 184 12.65 -8.56 -46.15
CA TYR R 184 12.05 -7.30 -46.60
C TYR R 184 11.93 -7.26 -48.12
N VAL R 185 13.01 -7.64 -48.81
CA VAL R 185 12.98 -7.66 -50.26
C VAL R 185 11.88 -8.60 -50.76
N ALA R 186 11.80 -9.79 -50.18
CA ALA R 186 10.78 -10.75 -50.56
C ALA R 186 9.36 -10.20 -50.39
N GLN R 187 9.13 -9.50 -49.27
CA GLN R 187 7.80 -8.98 -48.97
C GLN R 187 7.45 -7.83 -49.91
N LEU R 188 8.42 -6.95 -50.16
CA LEU R 188 8.20 -5.87 -51.13
C LEU R 188 7.87 -6.40 -52.51
N ARG R 189 8.54 -7.46 -52.93
CA ARG R 189 8.23 -8.07 -54.22
C ARG R 189 6.83 -8.65 -54.18
N ARG R 190 6.45 -9.25 -53.06
CA ARG R 190 5.12 -9.83 -52.98
C ARG R 190 3.99 -8.79 -53.04
N VAL R 191 4.12 -7.69 -52.31
CA VAL R 191 3.01 -6.73 -52.17
C VAL R 191 2.85 -5.83 -53.39
N GLY R 192 3.93 -5.64 -54.15
CA GLY R 192 3.87 -4.83 -55.35
C GLY R 192 3.85 -3.35 -55.08
N LYS R 193 4.08 -2.54 -56.12
CA LYS R 193 4.16 -1.09 -55.97
C LYS R 193 2.80 -0.47 -55.60
N GLY R 194 2.85 0.71 -55.00
CA GLY R 194 1.63 1.46 -54.74
C GLY R 194 1.08 1.18 -53.36
N HIS R 195 -0.17 0.77 -53.29
CA HIS R 195 -0.81 0.46 -52.01
C HIS R 195 0.04 -0.56 -51.23
N GLY R 196 0.54 -1.57 -51.91
CA GLY R 196 1.30 -2.63 -51.26
C GLY R 196 2.54 -2.11 -50.54
N VAL R 197 3.36 -1.35 -51.26
CA VAL R 197 4.57 -0.80 -50.68
C VAL R 197 4.24 0.08 -49.47
N TRP R 198 3.21 0.91 -49.60
CA TRP R 198 2.83 1.80 -48.49
C TRP R 198 2.42 0.99 -47.27
N HIS R 199 1.72 -0.12 -47.48
CA HIS R 199 1.27 -0.98 -46.41
C HIS R 199 2.48 -1.67 -45.75
N PHE R 200 3.39 -2.20 -46.57
CA PHE R 200 4.62 -2.78 -46.05
C PHE R 200 5.37 -1.75 -45.20
N ASP R 201 5.46 -0.53 -45.71
CA ASP R 201 6.11 0.54 -44.96
C ASP R 201 5.43 0.80 -43.60
N GLN R 202 4.10 0.80 -43.57
CA GLN R 202 3.38 0.92 -42.32
C GLN R 202 3.75 -0.22 -41.36
N MET R 203 3.86 -1.42 -41.89
CA MET R 203 4.27 -2.56 -41.08
C MET R 203 5.65 -2.29 -40.48
N LEU R 204 6.58 -1.88 -41.33
CA LEU R 204 7.95 -1.63 -40.90
C LEU R 204 7.99 -0.50 -39.87
N LEU R 205 7.16 0.51 -40.08
CA LEU R 205 7.07 1.65 -39.15
C LEU R 205 6.68 1.19 -37.75
N HIS R 206 5.86 0.14 -37.66
CA HIS R 206 5.39 -0.35 -36.36
C HIS R 206 5.97 -1.71 -35.96
N GLU R 207 6.95 -2.20 -36.71
CA GLU R 207 7.53 -3.52 -36.46
C GLU R 207 8.27 -3.51 -35.13
N PHE S 15 20.24 -42.56 -41.21
CA PHE S 15 20.70 -42.60 -39.82
C PHE S 15 19.85 -43.55 -38.98
N GLU S 16 20.52 -44.52 -38.34
CA GLU S 16 19.84 -45.47 -37.46
C GLU S 16 20.51 -45.48 -36.09
N PRO S 17 19.95 -44.71 -35.15
CA PRO S 17 20.54 -44.53 -33.81
C PRO S 17 20.92 -45.86 -33.14
N PHE S 18 20.05 -46.85 -33.22
CA PHE S 18 20.28 -48.12 -32.52
C PHE S 18 21.35 -49.00 -33.18
N GLU S 19 21.62 -48.75 -34.46
CA GLU S 19 22.70 -49.45 -35.14
C GLU S 19 24.03 -48.76 -34.90
N GLU S 20 24.01 -47.44 -34.86
CA GLU S 20 25.24 -46.67 -34.75
C GLU S 20 25.65 -46.43 -33.31
N VAL S 21 24.73 -46.70 -32.39
CA VAL S 21 24.98 -46.47 -30.98
C VAL S 21 25.66 -47.68 -30.34
N LYS S 22 25.71 -48.77 -31.08
CA LYS S 22 26.25 -50.03 -30.57
C LYS S 22 27.73 -49.96 -30.22
N LYS S 23 28.53 -49.39 -31.11
CA LYS S 23 29.96 -49.24 -30.86
C LYS S 23 30.21 -48.21 -29.75
N GLU S 24 29.14 -47.50 -29.39
CA GLU S 24 29.22 -46.47 -28.36
C GLU S 24 28.86 -47.05 -27.00
N LEU S 25 27.90 -47.98 -27.00
CA LEU S 25 27.44 -48.63 -25.78
C LEU S 25 28.45 -49.67 -25.30
N ASP S 26 29.26 -50.16 -26.23
CA ASP S 26 30.28 -51.15 -25.90
C ASP S 26 31.54 -50.48 -25.35
N LEU S 27 31.65 -49.18 -25.55
CA LEU S 27 32.79 -48.41 -25.06
C LEU S 27 32.52 -47.77 -23.69
N VAL S 28 31.36 -48.06 -23.12
CA VAL S 28 31.04 -47.54 -21.79
C VAL S 28 31.92 -48.20 -20.74
N PRO S 29 32.76 -47.40 -20.06
CA PRO S 29 33.69 -47.87 -19.03
C PRO S 29 33.05 -48.80 -17.99
N THR S 30 33.82 -49.79 -17.56
CA THR S 30 33.33 -50.78 -16.60
C THR S 30 33.89 -50.52 -15.19
N VAL S 31 35.19 -50.25 -15.11
CA VAL S 31 35.85 -50.02 -13.82
C VAL S 31 35.47 -48.66 -13.23
N PRO S 32 35.31 -48.60 -11.90
CA PRO S 32 34.69 -47.45 -11.24
C PRO S 32 35.50 -46.17 -11.35
N GLN S 33 36.81 -46.31 -11.58
CA GLN S 33 37.73 -45.17 -11.56
C GLN S 33 37.82 -44.46 -12.91
N ALA S 34 37.29 -45.06 -13.96
CA ALA S 34 37.32 -44.44 -15.29
C ALA S 34 36.15 -43.47 -15.48
N SER S 35 36.42 -42.33 -16.10
CA SER S 35 35.36 -41.40 -16.51
C SER S 35 34.39 -42.02 -17.51
N LEU S 36 33.09 -41.81 -17.29
CA LEU S 36 32.05 -42.26 -18.21
C LEU S 36 31.82 -41.22 -19.29
N ALA S 37 32.10 -39.96 -18.96
CA ALA S 37 31.85 -38.84 -19.88
C ALA S 37 32.95 -38.63 -20.94
N ARG S 38 34.19 -38.94 -20.58
CA ARG S 38 35.32 -38.58 -21.43
C ARG S 38 35.17 -39.07 -22.87
N GLN S 39 35.34 -38.14 -23.81
CA GLN S 39 35.19 -38.47 -25.22
C GLN S 39 36.03 -37.51 -26.05
N LYS S 40 36.93 -38.05 -26.88
CA LYS S 40 37.79 -37.23 -27.74
C LYS S 40 38.51 -36.15 -26.93
N TYR S 41 39.07 -36.56 -25.80
CA TYR S 41 39.77 -35.66 -24.90
C TYR S 41 41.09 -36.33 -24.54
N VAL S 42 42.18 -35.91 -25.17
CA VAL S 42 43.43 -36.68 -25.06
C VAL S 42 44.24 -36.26 -23.86
N ASP S 43 45.13 -37.16 -23.43
CA ASP S 43 45.96 -36.91 -22.25
C ASP S 43 46.69 -35.58 -22.30
N GLU S 44 47.20 -35.23 -23.48
CA GLU S 44 47.93 -33.98 -23.60
C GLU S 44 47.05 -32.77 -23.29
N SER S 45 45.79 -32.81 -23.71
CA SER S 45 44.85 -31.74 -23.41
C SER S 45 44.53 -31.71 -21.92
N GLU S 46 44.26 -32.88 -21.37
CA GLU S 46 44.02 -33.00 -19.94
C GLU S 46 45.17 -32.39 -19.14
N SER S 47 46.41 -32.71 -19.52
CA SER S 47 47.59 -32.18 -18.83
C SER S 47 47.71 -30.67 -18.97
N ALA S 48 47.40 -30.15 -20.15
CA ALA S 48 47.49 -28.71 -20.39
C ALA S 48 46.45 -27.96 -19.56
N VAL S 49 45.25 -28.52 -19.43
CA VAL S 49 44.25 -27.91 -18.55
C VAL S 49 44.74 -27.92 -17.10
N ASN S 50 45.35 -29.02 -16.66
CA ASN S 50 45.90 -29.06 -15.32
C ASN S 50 47.00 -28.02 -15.15
N GLU S 51 47.81 -27.86 -16.19
CA GLU S 51 48.86 -26.86 -16.10
C GLU S 51 48.28 -25.45 -15.93
N GLN S 52 47.22 -25.14 -16.67
CA GLN S 52 46.64 -23.80 -16.58
C GLN S 52 45.96 -23.59 -15.23
N ILE S 53 45.37 -24.63 -14.67
CA ILE S 53 44.81 -24.52 -13.33
C ILE S 53 45.91 -24.06 -12.38
N ASN S 54 47.09 -24.66 -12.53
CA ASN S 54 48.23 -24.28 -11.69
C ASN S 54 48.72 -22.85 -11.92
N VAL S 55 48.70 -22.41 -13.18
CA VAL S 55 49.04 -21.03 -13.51
C VAL S 55 48.08 -20.05 -12.81
N GLU S 56 46.78 -20.27 -12.96
CA GLU S 56 45.78 -19.39 -12.34
C GLU S 56 45.92 -19.38 -10.82
N TYR S 57 46.13 -20.57 -10.23
CA TYR S 57 46.27 -20.67 -8.79
C TYR S 57 47.52 -19.95 -8.31
N ASN S 58 48.60 -20.03 -9.09
CA ASN S 58 49.81 -19.28 -8.75
C ASN S 58 49.57 -17.77 -8.74
N VAL S 59 48.90 -17.27 -9.77
CA VAL S 59 48.65 -15.84 -9.82
C VAL S 59 47.75 -15.42 -8.68
N SER S 60 46.78 -16.26 -8.33
CA SER S 60 45.94 -15.97 -7.18
C SER S 60 46.81 -15.78 -5.93
N TYR S 61 47.79 -16.66 -5.77
CA TYR S 61 48.64 -16.65 -4.58
C TYR S 61 49.54 -15.43 -4.58
N VAL S 62 50.12 -15.11 -5.75
CA VAL S 62 50.93 -13.90 -5.86
C VAL S 62 50.12 -12.65 -5.52
N TYR S 63 48.91 -12.54 -6.07
CA TYR S 63 48.07 -11.40 -5.75
C TYR S 63 47.74 -11.33 -4.25
N HIS S 64 47.56 -12.49 -3.62
CA HIS S 64 47.30 -12.48 -2.19
C HIS S 64 48.52 -11.96 -1.44
N ALA S 65 49.72 -12.29 -1.93
CA ALA S 65 50.95 -11.76 -1.33
C ALA S 65 51.02 -10.24 -1.48
N MET S 66 50.57 -9.74 -2.63
CA MET S 66 50.62 -8.32 -2.87
C MET S 66 49.60 -7.60 -1.97
N PHE S 67 48.44 -8.21 -1.78
CA PHE S 67 47.47 -7.67 -0.83
C PHE S 67 48.12 -7.55 0.54
N ALA S 68 48.79 -8.61 0.99
CA ALA S 68 49.38 -8.62 2.34
C ALA S 68 50.44 -7.53 2.51
N TYR S 69 51.14 -7.23 1.42
CA TYR S 69 52.12 -6.15 1.45
C TYR S 69 51.44 -4.79 1.60
N PHE S 70 50.47 -4.50 0.74
CA PHE S 70 49.86 -3.17 0.75
C PHE S 70 48.94 -2.92 1.94
N ASP S 71 48.57 -4.00 2.63
CA ASP S 71 47.75 -3.96 3.84
C ASP S 71 48.60 -3.66 5.11
N ARG S 72 49.92 -3.59 4.94
CA ARG S 72 50.81 -3.22 6.05
C ARG S 72 50.51 -1.81 6.52
N ASP S 73 50.58 -1.58 7.82
CA ASP S 73 50.27 -0.27 8.39
C ASP S 73 51.19 0.85 7.89
N ASN S 74 52.45 0.51 7.61
CA ASN S 74 53.42 1.49 7.17
C ASN S 74 53.40 1.75 5.66
N VAL S 75 52.67 0.92 4.92
CA VAL S 75 52.50 1.08 3.47
C VAL S 75 51.20 1.82 3.23
N ALA S 76 50.13 1.30 3.84
CA ALA S 76 48.87 2.01 3.96
C ALA S 76 48.34 2.51 2.63
N LEU S 77 48.34 1.63 1.63
CA LEU S 77 47.64 1.92 0.36
C LEU S 77 46.41 1.03 0.31
N ARG S 78 45.31 1.52 0.87
CA ARG S 78 44.12 0.70 1.05
C ARG S 78 43.45 0.31 -0.26
N GLY S 79 43.54 1.19 -1.25
CA GLY S 79 42.96 0.90 -2.56
C GLY S 79 43.67 -0.27 -3.22
N LEU S 80 44.99 -0.23 -3.20
CA LEU S 80 45.77 -1.29 -3.83
CA LEU S 80 45.79 -1.30 -3.82
C LEU S 80 45.61 -2.60 -3.07
N ALA S 81 45.55 -2.52 -1.74
CA ALA S 81 45.31 -3.71 -0.94
C ALA S 81 44.00 -4.36 -1.36
N LYS S 82 42.94 -3.56 -1.44
CA LYS S 82 41.62 -4.06 -1.82
C LYS S 82 41.63 -4.66 -3.22
N PHE S 83 42.27 -3.96 -4.15
CA PHE S 83 42.36 -4.42 -5.52
C PHE S 83 43.07 -5.77 -5.61
N PHE S 84 44.20 -5.91 -4.91
CA PHE S 84 44.92 -7.17 -4.97
C PHE S 84 44.17 -8.30 -4.26
N LYS S 85 43.48 -7.97 -3.16
CA LYS S 85 42.68 -8.96 -2.44
C LYS S 85 41.54 -9.49 -3.32
N GLU S 86 40.83 -8.57 -3.99
CA GLU S 86 39.76 -8.98 -4.89
C GLU S 86 40.32 -9.70 -6.11
N SER S 87 41.48 -9.25 -6.60
CA SER S 87 42.09 -9.94 -7.74
C SER S 87 42.48 -11.38 -7.39
N SER S 88 42.98 -11.59 -6.19
CA SER S 88 43.35 -12.92 -5.73
C SER S 88 42.12 -13.82 -5.73
N GLU S 89 41.01 -13.29 -5.22
CA GLU S 89 39.78 -14.07 -5.18
C GLU S 89 39.32 -14.46 -6.58
N GLU S 90 39.37 -13.49 -7.49
CA GLU S 90 39.00 -13.72 -8.89
CA GLU S 90 38.99 -13.73 -8.88
C GLU S 90 39.89 -14.76 -9.57
N GLU S 91 41.17 -14.73 -9.27
CA GLU S 91 42.10 -15.67 -9.90
C GLU S 91 41.79 -17.10 -9.43
N ARG S 92 41.40 -17.24 -8.18
CA ARG S 92 41.05 -18.56 -7.67
C ARG S 92 39.82 -19.10 -8.42
N GLU S 93 38.90 -18.20 -8.75
CA GLU S 93 37.72 -18.55 -9.54
C GLU S 93 38.11 -18.99 -10.94
N HIS S 94 39.11 -18.32 -11.52
CA HIS S 94 39.62 -18.74 -12.81
C HIS S 94 40.16 -20.15 -12.73
N ALA S 95 40.91 -20.45 -11.68
CA ALA S 95 41.40 -21.81 -11.49
C ALA S 95 40.24 -22.79 -11.34
N GLU S 96 39.26 -22.42 -10.52
CA GLU S 96 38.17 -23.34 -10.23
C GLU S 96 37.34 -23.64 -11.48
N LYS S 97 37.16 -22.64 -12.33
CA LYS S 97 36.36 -22.83 -13.54
C LYS S 97 37.05 -23.88 -14.42
N LEU S 98 38.38 -23.85 -14.44
CA LEU S 98 39.16 -24.83 -15.20
C LEU S 98 39.08 -26.22 -14.56
N MET S 99 39.09 -26.26 -13.23
CA MET S 99 38.90 -27.53 -12.52
C MET S 99 37.55 -28.14 -12.89
N GLU S 100 36.50 -27.32 -12.86
CA GLU S 100 35.19 -27.78 -13.25
C GLU S 100 35.16 -28.21 -14.72
N TYR S 101 35.80 -27.45 -15.59
CA TYR S 101 35.85 -27.82 -17.01
C TYR S 101 36.51 -29.19 -17.18
N GLN S 102 37.61 -29.39 -16.47
CA GLN S 102 38.33 -30.66 -16.51
C GLN S 102 37.37 -31.82 -16.23
N ASN S 103 36.57 -31.69 -15.18
CA ASN S 103 35.59 -32.73 -14.84
C ASN S 103 34.44 -32.86 -15.83
N LYS S 104 34.05 -31.74 -16.45
CA LYS S 104 33.04 -31.80 -17.50
C LYS S 104 33.51 -32.67 -18.66
N ARG S 105 34.80 -32.58 -18.99
CA ARG S 105 35.35 -33.37 -20.09
C ARG S 105 35.80 -34.76 -19.66
N GLY S 106 35.73 -35.04 -18.36
CA GLY S 106 36.11 -36.36 -17.88
C GLY S 106 37.60 -36.54 -17.74
N GLY S 107 38.34 -35.44 -17.70
CA GLY S 107 39.74 -35.49 -17.35
C GLY S 107 39.84 -35.48 -15.83
N LYS S 108 41.01 -35.83 -15.31
CA LYS S 108 41.18 -35.82 -13.86
C LYS S 108 42.02 -34.62 -13.42
N VAL S 109 41.47 -33.82 -12.52
CA VAL S 109 42.17 -32.66 -11.99
C VAL S 109 43.36 -33.15 -11.17
N LYS S 110 44.51 -32.51 -11.39
CA LYS S 110 45.69 -32.77 -10.60
CA LYS S 110 45.69 -32.76 -10.59
C LYS S 110 46.28 -31.44 -10.14
N LEU S 111 45.98 -31.05 -8.91
CA LEU S 111 46.54 -29.82 -8.36
C LEU S 111 48.03 -30.04 -8.11
N GLN S 112 48.83 -29.04 -8.44
CA GLN S 112 50.28 -29.13 -8.29
C GLN S 112 50.77 -28.17 -7.20
N SER S 113 52.05 -28.25 -6.87
N SER S 113 52.06 -28.24 -6.88
CA SER S 113 52.60 -27.38 -5.85
CA SER S 113 52.62 -27.39 -5.85
C SER S 113 52.52 -25.92 -6.27
C SER S 113 52.60 -25.92 -6.27
N ILE S 114 52.55 -25.03 -5.28
CA ILE S 114 52.57 -23.60 -5.56
C ILE S 114 53.78 -23.04 -4.84
N VAL S 115 54.70 -22.44 -5.58
CA VAL S 115 55.95 -21.97 -4.99
C VAL S 115 55.72 -20.71 -4.17
N MET S 116 56.60 -20.49 -3.20
CA MET S 116 56.57 -19.29 -2.38
C MET S 116 56.66 -18.05 -3.25
N PRO S 117 55.74 -17.08 -3.04
CA PRO S 117 55.86 -15.82 -3.80
C PRO S 117 56.81 -14.88 -3.07
N LEU S 118 57.25 -13.82 -3.72
CA LEU S 118 57.94 -12.74 -3.02
C LEU S 118 56.96 -12.13 -2.01
N SER S 119 57.47 -11.50 -0.95
CA SER S 119 56.60 -10.88 0.05
C SER S 119 56.68 -9.36 0.04
N ASP S 120 57.84 -8.82 -0.33
CA ASP S 120 58.06 -7.38 -0.35
CA ASP S 120 58.06 -7.38 -0.34
C ASP S 120 57.96 -6.82 -1.75
N PHE S 121 57.21 -5.72 -1.90
CA PHE S 121 57.03 -5.09 -3.20
C PHE S 121 57.44 -3.63 -3.25
N ASP S 122 58.39 -3.25 -2.41
CA ASP S 122 58.86 -1.87 -2.48
CA ASP S 122 58.92 -1.89 -2.43
C ASP S 122 59.84 -1.71 -3.63
N HIS S 123 60.00 -0.48 -4.09
CA HIS S 123 60.90 -0.20 -5.19
C HIS S 123 61.32 1.27 -5.10
N ALA S 124 62.61 1.49 -4.94
CA ALA S 124 63.15 2.82 -4.70
C ALA S 124 62.85 3.82 -5.83
N ASP S 125 63.15 3.44 -7.07
CA ASP S 125 62.96 4.33 -8.20
CA ASP S 125 62.96 4.34 -8.20
C ASP S 125 61.50 4.48 -8.57
N LYS S 126 60.82 3.36 -8.77
CA LYS S 126 59.44 3.37 -9.25
C LYS S 126 58.42 3.77 -8.17
N GLY S 127 58.74 3.46 -6.92
CA GLY S 127 57.75 3.54 -5.85
C GLY S 127 56.96 2.23 -5.81
N ASP S 128 56.46 1.85 -4.64
CA ASP S 128 55.80 0.55 -4.49
C ASP S 128 54.59 0.36 -5.41
N ALA S 129 53.71 1.36 -5.46
CA ALA S 129 52.48 1.24 -6.26
C ALA S 129 52.77 0.91 -7.72
N LEU S 130 53.59 1.74 -8.36
CA LEU S 130 53.91 1.55 -9.78
C LEU S 130 54.60 0.22 -10.01
N HIS S 131 55.60 -0.10 -9.19
CA HIS S 131 56.27 -1.39 -9.28
C HIS S 131 55.28 -2.55 -9.20
N ALA S 132 54.37 -2.50 -8.24
CA ALA S 132 53.41 -3.58 -8.07
C ALA S 132 52.48 -3.69 -9.28
N MET S 133 52.05 -2.56 -9.81
CA MET S 133 51.13 -2.59 -10.96
C MET S 133 51.85 -3.07 -12.23
N GLU S 134 53.12 -2.71 -12.37
CA GLU S 134 53.90 -3.20 -13.51
C GLU S 134 54.11 -4.70 -13.41
N LEU S 135 54.33 -5.18 -12.19
N LEU S 135 54.33 -5.19 -12.20
CA LEU S 135 54.45 -6.62 -11.96
CA LEU S 135 54.45 -6.62 -12.00
C LEU S 135 53.14 -7.30 -12.31
C LEU S 135 53.14 -7.31 -12.32
N ALA S 136 52.03 -6.75 -11.83
CA ALA S 136 50.71 -7.30 -12.13
C ALA S 136 50.50 -7.37 -13.63
N LEU S 137 50.83 -6.30 -14.34
CA LEU S 137 50.68 -6.29 -15.80
C LEU S 137 51.48 -7.43 -16.46
N SER S 138 52.72 -7.62 -16.00
CA SER S 138 53.58 -8.64 -16.56
CA SER S 138 53.58 -8.64 -16.57
C SER S 138 53.05 -10.04 -16.25
N LEU S 139 52.45 -10.19 -15.07
CA LEU S 139 51.86 -11.46 -14.68
C LEU S 139 50.63 -11.77 -15.53
N GLU S 140 49.83 -10.75 -15.83
CA GLU S 140 48.67 -10.94 -16.71
C GLU S 140 49.12 -11.26 -18.14
N LYS S 141 50.18 -10.61 -18.62
CA LYS S 141 50.70 -10.94 -19.94
C LYS S 141 51.30 -12.35 -19.98
N LEU S 142 51.98 -12.74 -18.90
CA LEU S 142 52.46 -14.10 -18.75
C LEU S 142 51.31 -15.12 -18.75
N THR S 143 50.22 -14.79 -18.04
CA THR S 143 49.05 -15.67 -18.02
C THR S 143 48.45 -15.82 -19.42
N ASN S 144 48.43 -14.74 -20.17
CA ASN S 144 47.95 -14.75 -21.54
C ASN S 144 48.79 -15.69 -22.42
N GLU S 145 50.12 -15.62 -22.27
CA GLU S 145 51.01 -16.54 -22.97
C GLU S 145 50.66 -18.00 -22.63
N LYS S 146 50.43 -18.27 -21.35
CA LYS S 146 50.10 -19.63 -20.91
C LYS S 146 48.76 -20.06 -21.50
N LEU S 147 47.79 -19.15 -21.51
CA LEU S 147 46.50 -19.43 -22.13
C LEU S 147 46.63 -19.73 -23.63
N LEU S 148 47.46 -18.94 -24.31
CA LEU S 148 47.69 -19.19 -25.73
C LEU S 148 48.38 -20.52 -25.94
N ASN S 149 49.22 -20.93 -24.98
CA ASN S 149 49.82 -22.25 -25.05
C ASN S 149 48.79 -23.36 -24.87
N LEU S 150 47.91 -23.21 -23.88
CA LEU S 150 46.81 -24.19 -23.70
C LEU S 150 46.00 -24.26 -25.00
N HIS S 151 45.73 -23.09 -25.60
CA HIS S 151 45.00 -23.06 -26.84
C HIS S 151 45.75 -23.80 -27.95
N SER S 152 47.07 -23.64 -27.99
CA SER S 152 47.90 -24.31 -28.99
CA SER S 152 47.88 -24.30 -29.00
C SER S 152 47.83 -25.82 -28.84
N VAL S 153 47.79 -26.28 -27.58
CA VAL S 153 47.65 -27.72 -27.34
C VAL S 153 46.30 -28.22 -27.85
N ALA S 154 45.23 -27.47 -27.56
CA ALA S 154 43.91 -27.86 -28.05
C ALA S 154 43.90 -27.99 -29.57
N THR S 155 44.44 -26.96 -30.23
CA THR S 155 44.43 -26.90 -31.69
CA THR S 155 44.38 -26.94 -31.68
C THR S 155 45.32 -27.97 -32.33
N LYS S 156 46.51 -28.16 -31.77
CA LYS S 156 47.37 -29.24 -32.24
C LYS S 156 46.63 -30.58 -32.19
N ASN S 157 45.91 -30.83 -31.10
CA ASN S 157 45.22 -32.11 -30.93
C ASN S 157 43.80 -32.18 -31.51
N GLY S 158 43.38 -31.11 -32.16
CA GLY S 158 42.08 -31.12 -32.82
C GLY S 158 40.90 -31.11 -31.85
N ASP S 159 41.12 -30.60 -30.64
CA ASP S 159 40.03 -30.54 -29.67
C ASP S 159 39.23 -29.26 -29.89
N VAL S 160 38.14 -29.38 -30.63
CA VAL S 160 37.37 -28.23 -31.04
C VAL S 160 36.72 -27.54 -29.85
N GLN S 161 36.10 -28.32 -28.96
CA GLN S 161 35.38 -27.71 -27.84
C GLN S 161 36.31 -27.12 -26.79
N LEU S 162 37.48 -27.71 -26.59
CA LEU S 162 38.43 -27.11 -25.65
C LEU S 162 38.91 -25.74 -26.19
N ALA S 163 39.25 -25.67 -27.47
CA ALA S 163 39.70 -24.40 -28.04
C ALA S 163 38.62 -23.33 -27.91
N ASP S 164 37.38 -23.70 -28.18
CA ASP S 164 36.27 -22.75 -28.00
C ASP S 164 36.11 -22.31 -26.55
N PHE S 165 36.26 -23.23 -25.61
CA PHE S 165 36.11 -22.90 -24.19
C PHE S 165 37.16 -21.89 -23.76
N VAL S 166 38.41 -22.16 -24.15
CA VAL S 166 39.50 -21.26 -23.82
C VAL S 166 39.27 -19.87 -24.39
N GLU S 167 38.85 -19.80 -25.66
CA GLU S 167 38.59 -18.51 -26.31
C GLU S 167 37.47 -17.76 -25.60
N THR S 168 36.36 -18.44 -25.40
CA THR S 168 35.14 -17.80 -24.88
C THR S 168 35.26 -17.39 -23.42
N GLU S 169 35.82 -18.27 -22.59
CA GLU S 169 35.89 -18.01 -21.16
C GLU S 169 37.17 -17.34 -20.68
N TYR S 170 38.27 -17.43 -21.44
CA TYR S 170 39.54 -16.89 -20.97
C TYR S 170 40.22 -15.81 -21.82
N LEU S 171 40.30 -16.02 -23.13
CA LEU S 171 41.14 -15.13 -23.94
C LEU S 171 40.62 -13.70 -23.99
N GLY S 172 39.32 -13.54 -24.20
CA GLY S 172 38.69 -12.22 -24.20
C GLY S 172 38.87 -11.50 -22.86
N ALA S 173 38.55 -12.19 -21.77
CA ALA S 173 38.70 -11.59 -20.45
C ALA S 173 40.15 -11.21 -20.15
N GLN S 174 41.09 -12.01 -20.65
CA GLN S 174 42.50 -11.73 -20.41
C GLN S 174 42.93 -10.46 -21.16
N VAL S 175 42.40 -10.24 -22.35
CA VAL S 175 42.67 -9.02 -23.08
C VAL S 175 42.13 -7.83 -22.29
N GLU S 176 40.94 -8.00 -21.73
CA GLU S 176 40.36 -6.93 -20.90
C GLU S 176 41.16 -6.66 -19.63
N ALA S 177 41.63 -7.72 -18.99
CA ALA S 177 42.40 -7.58 -17.76
C ALA S 177 43.70 -6.84 -18.06
N ILE S 178 44.36 -7.21 -19.14
CA ILE S 178 45.59 -6.54 -19.55
C ILE S 178 45.39 -5.04 -19.82
N LYS S 179 44.30 -4.68 -20.50
CA LYS S 179 44.08 -3.26 -20.76
C LYS S 179 43.82 -2.53 -19.45
N ARG S 180 43.06 -3.15 -18.56
CA ARG S 180 42.69 -2.50 -17.30
C ARG S 180 43.94 -2.17 -16.48
N ILE S 181 44.84 -3.14 -16.37
CA ILE S 181 46.07 -2.96 -15.59
CA ILE S 181 46.05 -2.93 -15.58
C ILE S 181 47.01 -1.98 -16.29
N SER S 182 47.06 -2.08 -17.62
CA SER S 182 47.86 -1.13 -18.40
C SER S 182 47.43 0.30 -18.10
N GLU S 183 46.13 0.52 -18.01
CA GLU S 183 45.60 1.84 -17.68
C GLU S 183 46.04 2.30 -16.30
N TYR S 184 46.06 1.38 -15.34
CA TYR S 184 46.56 1.70 -13.99
C TYR S 184 48.02 2.12 -14.05
N VAL S 185 48.83 1.34 -14.76
CA VAL S 185 50.24 1.69 -14.89
C VAL S 185 50.38 3.10 -15.47
N ALA S 186 49.60 3.38 -16.51
CA ALA S 186 49.67 4.70 -17.15
C ALA S 186 49.32 5.83 -16.18
N GLN S 187 48.24 5.64 -15.42
CA GLN S 187 47.82 6.68 -14.49
C GLN S 187 48.86 6.86 -13.38
N LEU S 188 49.37 5.75 -12.86
CA LEU S 188 50.40 5.82 -11.82
C LEU S 188 51.63 6.60 -12.30
N ARG S 189 52.02 6.38 -13.56
CA ARG S 189 53.13 7.14 -14.15
C ARG S 189 52.82 8.63 -14.28
N ARG S 190 51.56 8.96 -14.59
CA ARG S 190 51.16 10.35 -14.75
C ARG S 190 51.12 11.10 -13.42
N VAL S 191 50.55 10.48 -12.38
CA VAL S 191 50.32 11.21 -11.14
C VAL S 191 51.60 11.39 -10.32
N GLY S 192 52.58 10.51 -10.52
CA GLY S 192 53.85 10.59 -9.81
C GLY S 192 53.78 10.15 -8.35
N LYS S 193 54.95 10.01 -7.73
CA LYS S 193 55.05 9.49 -6.37
C LYS S 193 54.50 10.46 -5.33
N GLY S 194 54.11 9.93 -4.19
CA GLY S 194 53.69 10.76 -3.07
C GLY S 194 52.19 11.04 -3.08
N HIS S 195 51.83 12.31 -3.11
CA HIS S 195 50.43 12.71 -3.10
C HIS S 195 49.65 12.10 -4.26
N GLY S 196 50.25 12.08 -5.45
CA GLY S 196 49.57 11.52 -6.61
C GLY S 196 49.23 10.04 -6.46
N VAL S 197 50.20 9.26 -6.00
CA VAL S 197 49.97 7.84 -5.76
C VAL S 197 48.89 7.61 -4.72
N TRP S 198 48.95 8.37 -3.63
CA TRP S 198 47.93 8.24 -2.59
C TRP S 198 46.54 8.53 -3.18
N HIS S 199 46.46 9.53 -4.06
CA HIS S 199 45.17 9.93 -4.62
C HIS S 199 44.69 8.87 -5.60
N PHE S 200 45.59 8.38 -6.46
CA PHE S 200 45.25 7.27 -7.32
C PHE S 200 44.71 6.12 -6.48
N ASP S 201 45.36 5.85 -5.35
CA ASP S 201 44.95 4.76 -4.48
C ASP S 201 43.53 5.00 -3.95
N GLN S 202 43.22 6.25 -3.59
CA GLN S 202 41.86 6.58 -3.14
C GLN S 202 40.84 6.30 -4.24
N MET S 203 41.19 6.63 -5.47
CA MET S 203 40.34 6.40 -6.63
C MET S 203 40.07 4.90 -6.73
N LEU S 204 41.13 4.11 -6.59
CA LEU S 204 41.01 2.65 -6.77
C LEU S 204 40.21 2.07 -5.62
N LEU S 205 40.40 2.64 -4.43
CA LEU S 205 39.66 2.23 -3.24
C LEU S 205 38.15 2.37 -3.45
N HIS S 206 37.75 3.37 -4.22
CA HIS S 206 36.33 3.66 -4.42
C HIS S 206 35.80 3.32 -5.82
N GLU S 207 36.69 2.82 -6.69
CA GLU S 207 36.31 2.54 -8.08
C GLU S 207 35.22 1.48 -8.18
N ILE T 14 29.32 -35.42 45.23
CA ILE T 14 27.94 -35.28 45.70
C ILE T 14 27.67 -33.85 46.16
N PHE T 15 27.20 -33.03 45.23
CA PHE T 15 26.95 -31.61 45.48
C PHE T 15 25.69 -31.39 46.32
N GLU T 16 25.84 -30.69 47.44
CA GLU T 16 24.70 -30.32 48.28
C GLU T 16 24.61 -28.81 48.45
N PRO T 17 23.77 -28.17 47.63
CA PRO T 17 23.64 -26.71 47.59
C PRO T 17 23.41 -26.10 48.98
N PHE T 18 22.54 -26.73 49.78
CA PHE T 18 22.13 -26.13 51.05
C PHE T 18 23.13 -26.34 52.17
N GLU T 19 24.00 -27.34 52.03
CA GLU T 19 25.08 -27.54 52.98
C GLU T 19 26.24 -26.61 52.66
N GLU T 20 26.57 -26.51 51.37
CA GLU T 20 27.71 -25.74 50.92
C GLU T 20 27.42 -24.24 50.96
N VAL T 21 26.14 -23.89 50.87
CA VAL T 21 25.74 -22.49 50.89
C VAL T 21 25.59 -21.99 52.32
N LYS T 22 25.69 -22.92 53.26
CA LYS T 22 25.58 -22.61 54.68
C LYS T 22 26.60 -21.55 55.07
N LYS T 23 27.80 -21.69 54.52
CA LYS T 23 28.94 -20.87 54.89
C LYS T 23 29.05 -19.62 54.03
N GLU T 24 28.31 -19.61 52.92
CA GLU T 24 28.30 -18.44 52.04
C GLU T 24 27.20 -17.47 52.44
N LEU T 25 26.19 -17.98 53.16
CA LEU T 25 25.10 -17.15 53.69
C LEU T 25 25.54 -16.46 54.98
N ASP T 26 26.66 -16.92 55.54
CA ASP T 26 27.22 -16.32 56.75
C ASP T 26 28.20 -15.20 56.38
N LEU T 27 28.45 -15.05 55.08
CA LEU T 27 29.41 -14.06 54.60
C LEU T 27 28.73 -12.88 53.91
N VAL T 28 27.40 -12.90 53.83
CA VAL T 28 26.66 -11.81 53.21
C VAL T 28 26.74 -10.56 54.09
N PRO T 29 27.40 -9.51 53.59
CA PRO T 29 27.63 -8.27 54.33
C PRO T 29 26.36 -7.72 54.95
N THR T 30 26.48 -7.13 56.14
CA THR T 30 25.33 -6.48 56.80
C THR T 30 25.48 -4.96 56.80
N VAL T 31 26.72 -4.49 56.90
CA VAL T 31 27.03 -3.06 56.86
C VAL T 31 26.65 -2.45 55.51
N PRO T 32 25.84 -1.39 55.53
CA PRO T 32 25.28 -0.77 54.31
C PRO T 32 26.32 -0.29 53.31
N GLN T 33 27.53 0.07 53.78
CA GLN T 33 28.55 0.61 52.89
CA GLN T 33 28.57 0.60 52.91
C GLN T 33 29.33 -0.50 52.16
N ALA T 34 29.16 -1.75 52.60
CA ALA T 34 29.87 -2.86 51.99
C ALA T 34 29.15 -3.40 50.75
N SER T 35 29.92 -3.73 49.73
CA SER T 35 29.38 -4.39 48.54
C SER T 35 28.87 -5.78 48.89
N LEU T 36 27.68 -6.10 48.42
CA LEU T 36 27.12 -7.44 48.55
C LEU T 36 27.65 -8.35 47.45
N ALA T 37 28.02 -7.74 46.32
CA ALA T 37 28.42 -8.51 45.15
C ALA T 37 29.87 -8.99 45.20
N ARG T 38 30.73 -8.20 45.83
CA ARG T 38 32.16 -8.45 45.78
C ARG T 38 32.53 -9.90 46.14
N GLN T 39 33.28 -10.55 45.26
CA GLN T 39 33.72 -11.91 45.50
C GLN T 39 35.03 -12.18 44.78
N LYS T 40 36.05 -12.59 45.53
CA LYS T 40 37.35 -12.91 44.95
C LYS T 40 37.83 -11.78 44.06
N TYR T 41 37.80 -10.57 44.61
CA TYR T 41 38.21 -9.36 43.93
C TYR T 41 39.03 -8.56 44.92
N VAL T 42 40.35 -8.69 44.81
CA VAL T 42 41.24 -8.12 45.83
C VAL T 42 41.53 -6.64 45.62
N ASP T 43 42.03 -5.99 46.66
CA ASP T 43 42.29 -4.55 46.64
C ASP T 43 43.23 -4.16 45.51
N GLU T 44 44.22 -5.02 45.23
CA GLU T 44 45.16 -4.72 44.15
C GLU T 44 44.45 -4.59 42.81
N SER T 45 43.48 -5.46 42.57
CA SER T 45 42.72 -5.45 41.33
C SER T 45 41.82 -4.23 41.25
N GLU T 46 41.11 -3.97 42.33
CA GLU T 46 40.31 -2.76 42.46
C GLU T 46 41.13 -1.51 42.20
N SER T 47 42.32 -1.42 42.80
CA SER T 47 43.19 -0.26 42.59
C SER T 47 43.62 -0.13 41.14
N ALA T 48 43.98 -1.25 40.52
CA ALA T 48 44.46 -1.22 39.13
C ALA T 48 43.35 -0.80 38.19
N VAL T 49 42.12 -1.21 38.50
CA VAL T 49 40.98 -0.80 37.68
C VAL T 49 40.79 0.70 37.81
N ASN T 50 40.87 1.24 39.03
CA ASN T 50 40.82 2.70 39.21
C ASN T 50 41.94 3.43 38.48
N GLU T 51 43.13 2.86 38.50
CA GLU T 51 44.22 3.47 37.74
C GLU T 51 43.88 3.54 36.25
N GLN T 52 43.34 2.44 35.70
CA GLN T 52 43.05 2.42 34.27
C GLN T 52 41.92 3.38 33.91
N ILE T 53 40.95 3.50 34.79
CA ILE T 53 39.90 4.48 34.56
C ILE T 53 40.55 5.84 34.36
N ASN T 54 41.51 6.18 35.21
CA ASN T 54 42.20 7.47 35.10
C ASN T 54 43.03 7.59 33.83
N VAL T 55 43.63 6.49 33.40
CA VAL T 55 44.39 6.49 32.15
C VAL T 55 43.45 6.84 30.99
N GLU T 56 42.35 6.11 30.87
CA GLU T 56 41.40 6.33 29.78
C GLU T 56 40.83 7.74 29.84
N TYR T 57 40.49 8.21 31.04
CA TYR T 57 39.94 9.54 31.17
C TYR T 57 40.95 10.61 30.75
N ASN T 58 42.21 10.39 31.10
CA ASN T 58 43.26 11.33 30.69
C ASN T 58 43.39 11.38 29.16
N VAL T 59 43.34 10.22 28.51
CA VAL T 59 43.47 10.22 27.05
C VAL T 59 42.28 10.94 26.42
N SER T 60 41.12 10.78 27.02
CA SER T 60 39.91 11.48 26.56
C SER T 60 40.16 12.99 26.58
N TYR T 61 40.80 13.44 27.65
CA TYR T 61 41.01 14.88 27.85
C TYR T 61 42.06 15.40 26.85
N VAL T 62 43.11 14.61 26.64
CA VAL T 62 44.12 14.99 25.67
C VAL T 62 43.52 15.10 24.27
N TYR T 63 42.73 14.10 23.87
CA TYR T 63 42.07 14.15 22.57
C TYR T 63 41.17 15.38 22.45
N HIS T 64 40.53 15.76 23.57
CA HIS T 64 39.70 16.94 23.55
C HIS T 64 40.55 18.19 23.32
N ALA T 65 41.73 18.22 23.93
CA ALA T 65 42.66 19.32 23.71
C ALA T 65 43.08 19.36 22.23
N MET T 66 43.26 18.18 21.62
CA MET T 66 43.68 18.14 20.23
C MET T 66 42.57 18.62 19.31
N PHE T 67 41.34 18.23 19.61
CA PHE T 67 40.19 18.76 18.89
C PHE T 67 40.17 20.28 18.97
N ALA T 68 40.40 20.82 20.16
CA ALA T 68 40.29 22.26 20.35
C ALA T 68 41.35 23.00 19.54
N TYR T 69 42.51 22.37 19.33
CA TYR T 69 43.56 22.99 18.54
C TYR T 69 43.21 22.96 17.05
N PHE T 70 42.76 21.82 16.55
CA PHE T 70 42.49 21.67 15.12
C PHE T 70 41.20 22.36 14.67
N ASP T 71 40.37 22.70 15.64
CA ASP T 71 39.14 23.46 15.41
C ASP T 71 39.40 24.99 15.32
N ARG T 72 40.62 25.42 15.61
CA ARG T 72 40.98 26.84 15.44
C ARG T 72 40.81 27.31 13.99
N ASP T 73 40.34 28.54 13.81
CA ASP T 73 40.07 29.06 12.46
C ASP T 73 41.31 29.10 11.57
N ASN T 74 42.48 29.34 12.17
CA ASN T 74 43.72 29.46 11.41
C ASN T 74 44.39 28.12 11.19
N VAL T 75 43.88 27.07 11.82
CA VAL T 75 44.42 25.72 11.58
C VAL T 75 43.53 25.04 10.55
N ALA T 76 42.23 25.02 10.85
CA ALA T 76 41.23 24.69 9.84
C ALA T 76 41.46 23.33 9.19
N LEU T 77 41.78 22.34 10.02
CA LEU T 77 41.80 20.95 9.57
C LEU T 77 40.59 20.27 10.18
N ARG T 78 39.49 20.33 9.45
CA ARG T 78 38.20 19.91 9.96
C ARG T 78 38.11 18.40 10.15
N GLY T 79 38.77 17.64 9.27
CA GLY T 79 38.82 16.19 9.41
C GLY T 79 39.49 15.77 10.70
N LEU T 80 40.63 16.38 11.00
CA LEU T 80 41.34 16.03 12.23
C LEU T 80 40.55 16.46 13.45
N ALA T 81 39.93 17.63 13.36
CA ALA T 81 39.15 18.14 14.48
C ALA T 81 38.04 17.15 14.80
N LYS T 82 37.36 16.69 13.75
CA LYS T 82 36.29 15.71 13.91
C LYS T 82 36.82 14.40 14.48
N PHE T 83 37.93 13.91 13.96
CA PHE T 83 38.51 12.67 14.46
C PHE T 83 38.85 12.77 15.96
N PHE T 84 39.49 13.85 16.36
CA PHE T 84 39.87 13.97 17.77
C PHE T 84 38.68 14.19 18.69
N LYS T 85 37.68 14.92 18.19
CA LYS T 85 36.44 15.11 18.93
C LYS T 85 35.78 13.77 19.21
N GLU T 86 35.69 12.94 18.18
CA GLU T 86 35.06 11.63 18.34
C GLU T 86 35.91 10.68 19.18
N SER T 87 37.23 10.71 19.00
CA SER T 87 38.12 9.91 19.84
C SER T 87 38.00 10.29 21.32
N SER T 88 37.88 11.58 21.60
CA SER T 88 37.69 12.03 22.98
C SER T 88 36.43 11.39 23.56
N GLU T 89 35.33 11.41 22.82
CA GLU T 89 34.09 10.82 23.32
CA GLU T 89 34.08 10.81 23.29
C GLU T 89 34.24 9.31 23.52
N GLU T 90 34.91 8.63 22.60
CA GLU T 90 35.11 7.19 22.70
CA GLU T 90 35.11 7.19 22.69
C GLU T 90 35.97 6.84 23.89
N GLU T 91 36.98 7.67 24.17
CA GLU T 91 37.87 7.42 25.30
C GLU T 91 37.11 7.58 26.61
N ARG T 92 36.17 8.52 26.64
CA ARG T 92 35.39 8.71 27.85
C ARG T 92 34.53 7.47 28.07
N GLU T 93 34.02 6.91 26.98
CA GLU T 93 33.24 5.66 27.06
C GLU T 93 34.11 4.51 27.55
N HIS T 94 35.37 4.46 27.11
CA HIS T 94 36.30 3.44 27.62
C HIS T 94 36.46 3.55 29.14
N ALA T 95 36.56 4.78 29.62
CA ALA T 95 36.65 5.02 31.06
C ALA T 95 35.36 4.56 31.75
N GLU T 96 34.23 4.97 31.20
CA GLU T 96 32.95 4.68 31.84
C GLU T 96 32.69 3.17 31.94
N LYS T 97 33.10 2.43 30.92
CA LYS T 97 32.91 0.97 30.92
C LYS T 97 33.71 0.32 32.04
N LEU T 98 34.87 0.89 32.34
CA LEU T 98 35.68 0.39 33.47
C LEU T 98 35.05 0.81 34.81
N MET T 99 34.47 1.99 34.86
CA MET T 99 33.73 2.39 36.06
C MET T 99 32.57 1.43 36.28
N GLU T 100 31.84 1.10 35.22
CA GLU T 100 30.75 0.15 35.36
C GLU T 100 31.25 -1.22 35.77
N TYR T 101 32.37 -1.64 35.19
CA TYR T 101 32.97 -2.93 35.55
C TYR T 101 33.35 -2.97 37.03
N GLN T 102 33.97 -1.91 37.51
CA GLN T 102 34.36 -1.78 38.91
C GLN T 102 33.13 -2.06 39.80
N ASN T 103 32.01 -1.42 39.49
CA ASN T 103 30.79 -1.66 40.25
C ASN T 103 30.20 -3.06 40.09
N LYS T 104 30.30 -3.61 38.89
CA LYS T 104 29.86 -5.00 38.68
C LYS T 104 30.58 -5.98 39.62
N ARG T 105 31.88 -5.75 39.83
CA ARG T 105 32.67 -6.62 40.71
C ARG T 105 32.61 -6.20 42.18
N GLY T 106 31.93 -5.10 42.47
CA GLY T 106 31.82 -4.66 43.85
C GLY T 106 33.02 -3.92 44.39
N GLY T 107 33.85 -3.39 43.49
CA GLY T 107 34.88 -2.45 43.90
C GLY T 107 34.28 -1.05 43.95
N LYS T 108 35.01 -0.13 44.56
CA LYS T 108 34.55 1.23 44.63
C LYS T 108 35.34 2.10 43.66
N VAL T 109 34.65 2.75 42.74
CA VAL T 109 35.28 3.68 41.83
C VAL T 109 35.84 4.87 42.60
N LYS T 110 37.08 5.25 42.30
CA LYS T 110 37.68 6.46 42.84
C LYS T 110 38.30 7.24 41.69
N LEU T 111 37.58 8.26 41.23
CA LEU T 111 38.08 9.10 40.17
C LEU T 111 39.21 9.94 40.72
N GLN T 112 40.28 10.06 39.94
N GLN T 112 40.30 10.06 39.97
CA GLN T 112 41.48 10.79 40.35
CA GLN T 112 41.43 10.84 40.43
C GLN T 112 41.55 12.12 39.58
C GLN T 112 41.65 12.04 39.50
N SER T 113 42.54 12.93 39.92
CA SER T 113 42.75 14.19 39.21
C SER T 113 43.20 13.94 37.78
N ILE T 114 42.95 14.92 36.91
CA ILE T 114 43.40 14.85 35.53
C ILE T 114 44.30 16.06 35.27
N VAL T 115 45.49 15.82 34.74
CA VAL T 115 46.45 16.91 34.59
C VAL T 115 46.15 17.75 33.35
N MET T 116 46.58 19.01 33.39
CA MET T 116 46.44 19.90 32.25
CA MET T 116 46.43 19.89 32.24
C MET T 116 47.17 19.29 31.05
N PRO T 117 46.50 19.20 29.90
CA PRO T 117 47.16 18.68 28.70
C PRO T 117 47.88 19.80 27.94
N LEU T 118 48.71 19.46 26.96
CA LEU T 118 49.25 20.46 26.05
C LEU T 118 48.09 21.10 25.32
N SER T 119 48.24 22.36 24.92
CA SER T 119 47.18 23.05 24.19
C SER T 119 47.55 23.26 22.72
N ASP T 120 48.84 23.41 22.45
CA ASP T 120 49.27 23.67 21.09
CA ASP T 120 49.34 23.70 21.11
C ASP T 120 49.97 22.47 20.47
N PHE T 121 49.61 22.20 19.22
CA PHE T 121 50.14 21.02 18.54
C PHE T 121 50.84 21.32 17.23
N ASP T 122 51.31 22.55 17.05
N ASP T 122 51.33 22.55 17.09
CA ASP T 122 52.06 22.86 15.84
CA ASP T 122 52.13 22.94 15.93
C ASP T 122 53.48 22.33 15.92
C ASP T 122 53.48 22.24 15.93
N HIS T 123 54.08 22.09 14.75
CA HIS T 123 55.41 21.53 14.66
C HIS T 123 56.01 21.97 13.35
N ALA T 124 57.11 22.71 13.45
CA ALA T 124 57.78 23.30 12.29
C ALA T 124 58.23 22.26 11.27
N ASP T 125 58.92 21.23 11.75
CA ASP T 125 59.47 20.22 10.86
CA ASP T 125 59.46 20.21 10.87
C ASP T 125 58.39 19.30 10.28
N LYS T 126 57.63 18.64 11.15
CA LYS T 126 56.66 17.62 10.73
C LYS T 126 55.35 18.17 10.18
N GLY T 127 54.98 19.36 10.59
CA GLY T 127 53.65 19.89 10.31
C GLY T 127 52.70 19.43 11.40
N ASP T 128 51.67 20.24 11.67
CA ASP T 128 50.78 19.95 12.79
C ASP T 128 50.07 18.59 12.67
N ALA T 129 49.57 18.26 11.48
CA ALA T 129 48.77 17.05 11.34
C ALA T 129 49.59 15.79 11.62
N LEU T 130 50.77 15.72 11.02
CA LEU T 130 51.63 14.57 11.21
C LEU T 130 52.05 14.49 12.69
N HIS T 131 52.46 15.61 13.25
CA HIS T 131 52.87 15.66 14.65
C HIS T 131 51.78 15.16 15.60
N ALA T 132 50.55 15.62 15.39
CA ALA T 132 49.43 15.23 16.25
C ALA T 132 49.11 13.75 16.11
N MET T 133 49.24 13.21 14.90
CA MET T 133 48.94 11.80 14.69
C MET T 133 50.02 10.93 15.32
N GLU T 134 51.26 11.38 15.24
CA GLU T 134 52.36 10.65 15.87
C GLU T 134 52.19 10.67 17.38
N LEU T 135 51.73 11.80 17.91
CA LEU T 135 51.44 11.89 19.34
CA LEU T 135 51.43 11.90 19.34
C LEU T 135 50.30 10.95 19.72
N ALA T 136 49.24 10.94 18.91
CA ALA T 136 48.10 10.07 19.18
C ALA T 136 48.53 8.61 19.20
N LEU T 137 49.38 8.26 18.23
CA LEU T 137 49.90 6.90 18.15
C LEU T 137 50.69 6.53 19.41
N SER T 138 51.56 7.44 19.85
CA SER T 138 52.32 7.23 21.09
C SER T 138 51.40 7.08 22.29
N LEU T 139 50.38 7.91 22.36
CA LEU T 139 49.44 7.87 23.47
C LEU T 139 48.68 6.54 23.50
N GLU T 140 48.30 6.03 22.32
CA GLU T 140 47.62 4.74 22.25
C GLU T 140 48.55 3.59 22.62
N LYS T 141 49.81 3.68 22.22
CA LYS T 141 50.77 2.66 22.60
C LYS T 141 51.01 2.66 24.12
N LEU T 142 51.03 3.85 24.71
N LEU T 142 51.05 3.85 24.71
CA LEU T 142 51.17 3.98 26.15
CA LEU T 142 51.15 3.97 26.15
C LEU T 142 49.96 3.37 26.87
C LEU T 142 49.96 3.30 26.83
N THR T 143 48.77 3.61 26.34
CA THR T 143 47.55 3.04 26.90
C THR T 143 47.58 1.52 26.79
N ASN T 144 48.10 1.03 25.68
CA ASN T 144 48.22 -0.41 25.48
C ASN T 144 49.12 -1.04 26.54
N GLU T 145 50.27 -0.40 26.78
CA GLU T 145 51.17 -0.83 27.84
C GLU T 145 50.45 -0.85 29.20
N LYS T 146 49.67 0.20 29.48
CA LYS T 146 48.91 0.27 30.73
C LYS T 146 47.89 -0.87 30.82
N LEU T 147 47.17 -1.12 29.73
CA LEU T 147 46.21 -2.20 29.70
C LEU T 147 46.85 -3.56 29.93
N LEU T 148 48.01 -3.79 29.31
CA LEU T 148 48.72 -5.05 29.54
C LEU T 148 49.19 -5.16 31.01
N ASN T 149 49.51 -4.01 31.60
N ASN T 149 49.53 -4.02 31.60
CA ASN T 149 49.89 -3.95 33.01
CA ASN T 149 49.88 -4.03 33.01
C ASN T 149 48.72 -4.26 33.95
C ASN T 149 48.67 -4.43 33.85
N LEU T 150 47.52 -3.82 33.56
CA LEU T 150 46.29 -4.13 34.30
C LEU T 150 46.04 -5.62 34.19
N HIS T 151 46.17 -6.15 32.97
CA HIS T 151 45.99 -7.57 32.75
C HIS T 151 46.92 -8.37 33.66
N SER T 152 48.16 -7.90 33.79
CA SER T 152 49.14 -8.59 34.61
C SER T 152 48.79 -8.55 36.09
N VAL T 153 48.28 -7.41 36.57
CA VAL T 153 47.81 -7.34 37.96
C VAL T 153 46.74 -8.41 38.19
N ALA T 154 45.79 -8.49 37.26
CA ALA T 154 44.71 -9.45 37.36
C ALA T 154 45.26 -10.86 37.40
N THR T 155 46.17 -11.18 36.48
CA THR T 155 46.66 -12.55 36.42
C THR T 155 47.50 -12.88 37.65
N LYS T 156 48.33 -11.93 38.09
CA LYS T 156 49.12 -12.15 39.31
C LYS T 156 48.24 -12.41 40.52
N ASN T 157 47.09 -11.75 40.57
CA ASN T 157 46.18 -11.92 41.69
C ASN T 157 45.15 -13.03 41.49
N GLY T 158 45.30 -13.78 40.40
CA GLY T 158 44.42 -14.90 40.10
C GLY T 158 43.00 -14.52 39.70
N ASP T 159 42.80 -13.30 39.24
CA ASP T 159 41.44 -12.86 38.87
C ASP T 159 41.17 -13.17 37.42
N VAL T 160 40.59 -14.32 37.15
CA VAL T 160 40.44 -14.80 35.79
CA VAL T 160 40.44 -14.80 35.79
C VAL T 160 39.42 -13.98 35.00
N GLN T 161 38.36 -13.53 35.67
CA GLN T 161 37.32 -12.78 34.98
C GLN T 161 37.77 -11.37 34.63
N LEU T 162 38.53 -10.72 35.52
CA LEU T 162 39.05 -9.39 35.21
C LEU T 162 40.02 -9.48 34.03
N ALA T 163 40.88 -10.48 34.04
CA ALA T 163 41.84 -10.66 32.96
C ALA T 163 41.10 -10.87 31.64
N ASP T 164 40.07 -11.70 31.65
CA ASP T 164 39.30 -11.96 30.44
C ASP T 164 38.56 -10.70 29.96
N PHE T 165 38.01 -9.94 30.91
CA PHE T 165 37.32 -8.69 30.58
C PHE T 165 38.28 -7.77 29.83
N VAL T 166 39.52 -7.68 30.33
CA VAL T 166 40.48 -6.77 29.72
C VAL T 166 40.84 -7.27 28.32
N GLU T 167 41.06 -8.57 28.19
CA GLU T 167 41.35 -9.17 26.89
C GLU T 167 40.25 -8.92 25.87
N THR T 168 39.01 -9.25 26.24
CA THR T 168 37.92 -9.22 25.28
C THR T 168 37.38 -7.83 25.02
N GLU T 169 37.40 -6.98 26.04
CA GLU T 169 36.80 -5.65 25.90
C GLU T 169 37.78 -4.54 25.53
N TYR T 170 39.07 -4.72 25.84
CA TYR T 170 40.05 -3.65 25.62
C TYR T 170 41.23 -3.97 24.69
N LEU T 171 41.81 -5.15 24.81
CA LEU T 171 43.08 -5.41 24.11
C LEU T 171 42.93 -5.49 22.59
N GLY T 172 41.89 -6.17 22.12
CA GLY T 172 41.64 -6.24 20.69
C GLY T 172 41.38 -4.87 20.10
N ALA T 173 40.52 -4.10 20.73
CA ALA T 173 40.21 -2.74 20.29
C ALA T 173 41.46 -1.88 20.25
N GLN T 174 42.33 -2.04 21.24
CA GLN T 174 43.54 -1.23 21.30
C GLN T 174 44.47 -1.53 20.12
N VAL T 175 44.59 -2.80 19.76
CA VAL T 175 45.36 -3.17 18.56
C VAL T 175 44.76 -2.53 17.30
N GLU T 176 43.44 -2.55 17.18
CA GLU T 176 42.77 -1.89 16.04
C GLU T 176 43.08 -0.40 15.98
N ALA T 177 42.97 0.28 17.13
CA ALA T 177 43.19 1.73 17.16
C ALA T 177 44.61 2.08 16.76
N ILE T 178 45.55 1.25 17.19
CA ILE T 178 46.97 1.48 16.90
C ILE T 178 47.22 1.30 15.40
N LYS T 179 46.67 0.25 14.80
CA LYS T 179 46.86 0.10 13.36
C LYS T 179 46.18 1.24 12.61
N ARG T 180 44.99 1.64 13.05
CA ARG T 180 44.26 2.72 12.40
C ARG T 180 45.09 4.01 12.37
N ILE T 181 45.62 4.39 13.53
CA ILE T 181 46.39 5.63 13.62
C ILE T 181 47.76 5.50 12.91
N SER T 182 48.37 4.33 12.99
CA SER T 182 49.60 4.08 12.24
C SER T 182 49.39 4.33 10.74
N GLU T 183 48.27 3.87 10.21
CA GLU T 183 47.94 4.10 8.80
C GLU T 183 47.80 5.59 8.49
N TYR T 184 47.22 6.34 9.43
CA TYR T 184 47.10 7.79 9.25
C TYR T 184 48.48 8.45 9.18
N VAL T 185 49.37 8.05 10.08
CA VAL T 185 50.73 8.56 10.07
C VAL T 185 51.40 8.24 8.74
N ALA T 186 51.22 7.01 8.28
CA ALA T 186 51.84 6.57 7.04
C ALA T 186 51.36 7.41 5.85
N GLN T 187 50.06 7.65 5.77
CA GLN T 187 49.48 8.41 4.67
C GLN T 187 49.91 9.88 4.72
N LEU T 188 49.94 10.45 5.92
CA LEU T 188 50.39 11.83 6.05
C LEU T 188 51.83 11.99 5.61
N ARG T 189 52.68 11.02 5.93
CA ARG T 189 54.07 11.03 5.47
C ARG T 189 54.14 10.92 3.95
N ARG T 190 53.24 10.15 3.36
CA ARG T 190 53.26 9.96 1.90
C ARG T 190 52.79 11.19 1.13
N VAL T 191 51.72 11.84 1.59
CA VAL T 191 51.14 12.96 0.84
C VAL T 191 51.92 14.25 0.97
N GLY T 192 52.66 14.39 2.07
CA GLY T 192 53.48 15.57 2.31
C GLY T 192 52.67 16.78 2.77
N LYS T 193 53.37 17.81 3.24
CA LYS T 193 52.73 19.01 3.75
C LYS T 193 52.00 19.83 2.68
N GLY T 194 51.03 20.63 3.13
CA GLY T 194 50.32 21.53 2.23
C GLY T 194 49.10 20.91 1.56
N HIS T 195 49.10 20.84 0.25
CA HIS T 195 47.94 20.30 -0.47
C HIS T 195 47.66 18.86 -0.03
N GLY T 196 48.72 18.07 0.12
CA GLY T 196 48.57 16.68 0.53
C GLY T 196 47.87 16.54 1.87
N VAL T 197 48.39 17.23 2.88
CA VAL T 197 47.78 17.20 4.21
C VAL T 197 46.30 17.62 4.17
N TRP T 198 46.00 18.69 3.46
CA TRP T 198 44.63 19.15 3.34
C TRP T 198 43.73 18.08 2.72
N HIS T 199 44.25 17.41 1.71
CA HIS T 199 43.49 16.38 1.02
C HIS T 199 43.30 15.18 1.94
N PHE T 200 44.35 14.78 2.66
CA PHE T 200 44.20 13.70 3.63
C PHE T 200 43.12 14.06 4.65
N ASP T 201 43.17 15.30 5.11
CA ASP T 201 42.18 15.78 6.07
C ASP T 201 40.74 15.72 5.51
N GLN T 202 40.56 16.07 4.25
CA GLN T 202 39.26 15.92 3.59
C GLN T 202 38.82 14.46 3.58
N MET T 203 39.76 13.56 3.32
CA MET T 203 39.46 12.13 3.30
C MET T 203 38.97 11.72 4.67
N LEU T 204 39.71 12.13 5.70
CA LEU T 204 39.37 11.79 7.08
C LEU T 204 38.03 12.40 7.48
N LEU T 205 37.78 13.62 7.01
CA LEU T 205 36.52 14.30 7.28
C LEU T 205 35.33 13.47 6.81
N HIS T 206 35.51 12.77 5.70
CA HIS T 206 34.41 12.00 5.11
C HIS T 206 34.55 10.48 5.26
N GLU T 207 35.59 10.02 5.95
CA GLU T 207 35.86 8.58 6.07
CA GLU T 207 35.86 8.58 6.05
C GLU T 207 34.66 7.81 6.60
N PHE U 15 -3.68 48.67 39.12
CA PHE U 15 -3.70 48.84 37.67
C PHE U 15 -5.12 48.95 37.12
N GLU U 16 -5.46 50.12 36.60
CA GLU U 16 -6.75 50.34 35.96
C GLU U 16 -6.52 50.65 34.49
N PRO U 17 -6.66 49.63 33.62
CA PRO U 17 -6.36 49.74 32.19
C PRO U 17 -7.04 50.93 31.54
N PHE U 18 -8.32 51.14 31.85
CA PHE U 18 -9.10 52.16 31.16
C PHE U 18 -8.74 53.58 31.61
N GLU U 19 -8.08 53.69 32.77
CA GLU U 19 -7.59 54.98 33.22
C GLU U 19 -6.25 55.31 32.57
N GLU U 20 -5.37 54.33 32.58
CA GLU U 20 -4.00 54.53 32.10
C GLU U 20 -3.91 54.53 30.59
N VAL U 21 -4.96 54.01 29.94
CA VAL U 21 -5.03 54.00 28.48
C VAL U 21 -5.36 55.38 27.90
N LYS U 22 -6.03 56.20 28.70
CA LYS U 22 -6.42 57.56 28.27
C LYS U 22 -5.21 58.31 27.70
N LYS U 23 -4.11 58.28 28.42
CA LYS U 23 -2.88 58.94 27.98
CA LYS U 23 -2.85 58.90 27.99
C LYS U 23 -2.41 58.38 26.64
N GLU U 24 -2.70 57.11 26.36
CA GLU U 24 -2.26 56.47 25.13
C GLU U 24 -3.28 56.57 23.99
N LEU U 25 -4.56 56.46 24.33
CA LEU U 25 -5.64 56.61 23.37
C LEU U 25 -5.57 57.94 22.64
N ASP U 26 -5.25 58.99 23.39
CA ASP U 26 -5.20 60.34 22.84
C ASP U 26 -3.82 60.66 22.27
N LEU U 27 -3.10 59.60 21.88
CA LEU U 27 -1.80 59.76 21.22
C LEU U 27 -1.84 59.12 19.84
N VAL U 28 -2.82 58.25 19.61
CA VAL U 28 -2.96 57.58 18.32
C VAL U 28 -3.04 58.63 17.21
N PRO U 29 -2.07 58.60 16.29
CA PRO U 29 -1.99 59.59 15.21
C PRO U 29 -3.29 59.68 14.41
N THR U 30 -3.59 60.86 13.88
CA THR U 30 -4.77 61.07 13.05
C THR U 30 -4.39 61.22 11.58
N VAL U 31 -3.23 61.82 11.33
CA VAL U 31 -2.75 62.05 9.97
C VAL U 31 -2.21 60.74 9.38
N PRO U 32 -2.59 60.45 8.12
CA PRO U 32 -2.36 59.12 7.54
C PRO U 32 -0.88 58.78 7.28
N GLN U 33 0.01 59.78 7.30
CA GLN U 33 1.42 59.54 6.97
C GLN U 33 2.23 59.10 8.19
N ALA U 34 1.66 59.28 9.38
CA ALA U 34 2.38 58.95 10.61
C ALA U 34 2.21 57.47 10.98
N SER U 35 3.27 56.86 11.49
CA SER U 35 3.19 55.47 11.94
C SER U 35 2.24 55.37 13.14
N LEU U 36 1.36 54.36 13.12
CA LEU U 36 0.50 54.07 14.26
C LEU U 36 1.20 53.18 15.30
N ALA U 37 2.17 52.39 14.85
CA ALA U 37 2.86 51.44 15.71
C ALA U 37 4.00 52.06 16.52
N ARG U 38 4.63 53.09 15.97
CA ARG U 38 5.91 53.55 16.53
C ARG U 38 5.78 53.91 18.01
N GLN U 39 6.66 53.32 18.83
CA GLN U 39 6.67 53.57 20.27
C GLN U 39 8.08 53.38 20.83
N LYS U 40 8.58 54.38 21.53
CA LYS U 40 9.94 54.32 22.10
C LYS U 40 10.97 53.94 21.03
N TYR U 41 10.84 54.54 19.86
CA TYR U 41 11.77 54.27 18.76
C TYR U 41 12.25 55.61 18.26
N VAL U 42 13.49 55.96 18.59
CA VAL U 42 13.95 57.32 18.38
CA VAL U 42 13.99 57.32 18.39
C VAL U 42 14.62 57.51 17.01
N ASP U 43 14.70 58.76 16.56
CA ASP U 43 15.28 59.07 15.23
C ASP U 43 16.69 58.52 15.02
N GLU U 44 17.53 58.58 16.05
CA GLU U 44 18.88 58.03 15.93
C GLU U 44 18.88 56.55 15.60
N SER U 45 17.99 55.79 16.25
CA SER U 45 17.84 54.37 16.00
C SER U 45 17.30 54.11 14.60
N GLU U 46 16.23 54.81 14.23
CA GLU U 46 15.68 54.73 12.87
C GLU U 46 16.76 54.96 11.81
N SER U 47 17.54 56.02 11.98
CA SER U 47 18.63 56.34 11.07
CA SER U 47 18.63 56.34 11.06
C SER U 47 19.69 55.24 11.04
N ALA U 48 20.04 54.72 12.22
CA ALA U 48 21.08 53.69 12.31
C ALA U 48 20.64 52.40 11.62
N VAL U 49 19.36 52.07 11.73
CA VAL U 49 18.81 50.92 11.02
C VAL U 49 18.90 51.11 9.50
N ASN U 50 18.57 52.31 9.03
CA ASN U 50 18.70 52.61 7.61
C ASN U 50 20.15 52.52 7.15
N GLU U 51 21.07 52.94 8.00
CA GLU U 51 22.50 52.85 7.67
CA GLU U 51 22.49 52.85 7.65
C GLU U 51 22.91 51.40 7.49
N GLN U 52 22.49 50.55 8.42
CA GLN U 52 22.86 49.13 8.36
C GLN U 52 22.22 48.43 7.15
N ILE U 53 20.97 48.78 6.85
CA ILE U 53 20.35 48.29 5.60
C ILE U 53 21.26 48.56 4.40
N ASN U 54 21.79 49.77 4.35
CA ASN U 54 22.68 50.14 3.25
C ASN U 54 24.01 49.39 3.31
N VAL U 55 24.49 49.12 4.53
CA VAL U 55 25.71 48.33 4.68
C VAL U 55 25.49 46.91 4.11
N GLU U 56 24.42 46.26 4.52
CA GLU U 56 24.13 44.91 4.05
C GLU U 56 23.91 44.89 2.53
N TYR U 57 23.20 45.90 2.02
CA TYR U 57 22.92 45.94 0.58
C TYR U 57 24.22 46.14 -0.20
N ASN U 58 25.12 46.99 0.32
CA ASN U 58 26.42 47.17 -0.30
C ASN U 58 27.22 45.86 -0.34
N VAL U 59 27.20 45.13 0.77
CA VAL U 59 27.96 43.88 0.82
C VAL U 59 27.37 42.87 -0.15
N SER U 60 26.04 42.85 -0.25
CA SER U 60 25.37 42.01 -1.26
C SER U 60 25.89 42.31 -2.67
N TYR U 61 25.96 43.58 -2.99
CA TYR U 61 26.38 44.01 -4.32
C TYR U 61 27.84 43.63 -4.57
N VAL U 62 28.67 43.78 -3.54
CA VAL U 62 30.08 43.42 -3.68
C VAL U 62 30.26 41.93 -3.95
N TYR U 63 29.56 41.09 -3.19
CA TYR U 63 29.60 39.65 -3.46
C TYR U 63 29.07 39.31 -4.85
N HIS U 64 28.10 40.08 -5.33
CA HIS U 64 27.61 39.84 -6.68
C HIS U 64 28.70 40.14 -7.68
N ALA U 65 29.47 41.20 -7.43
CA ALA U 65 30.60 41.51 -8.30
C ALA U 65 31.65 40.40 -8.23
N MET U 66 31.83 39.81 -7.05
CA MET U 66 32.82 38.75 -6.93
CA MET U 66 32.79 38.72 -6.87
C MET U 66 32.34 37.49 -7.65
N PHE U 67 31.05 37.19 -7.56
CA PHE U 67 30.48 36.10 -8.34
C PHE U 67 30.76 36.34 -9.84
N ALA U 68 30.51 37.55 -10.30
CA ALA U 68 30.64 37.85 -11.72
C ALA U 68 32.08 37.67 -12.19
N TYR U 69 33.02 37.91 -11.29
CA TYR U 69 34.43 37.70 -11.61
C TYR U 69 34.76 36.21 -11.70
N PHE U 70 34.36 35.43 -10.70
CA PHE U 70 34.75 34.04 -10.67
C PHE U 70 33.99 33.18 -11.66
N ASP U 71 32.91 33.75 -12.18
CA ASP U 71 32.08 33.10 -13.19
C ASP U 71 32.63 33.30 -14.61
N ARG U 72 33.69 34.09 -14.75
CA ARG U 72 34.33 34.30 -16.05
C ARG U 72 34.92 32.99 -16.57
N ASP U 73 34.89 32.79 -17.88
CA ASP U 73 35.34 31.51 -18.45
C ASP U 73 36.83 31.25 -18.24
N ASN U 74 37.62 32.32 -18.20
CA ASN U 74 39.07 32.18 -18.05
C ASN U 74 39.51 32.12 -16.60
N VAL U 75 38.58 32.40 -15.69
CA VAL U 75 38.86 32.25 -14.26
C VAL U 75 38.41 30.86 -13.84
N ALA U 76 37.16 30.55 -14.12
CA ALA U 76 36.68 29.17 -14.06
C ALA U 76 36.86 28.55 -12.67
N LEU U 77 36.52 29.29 -11.63
CA LEU U 77 36.48 28.75 -10.28
C LEU U 77 35.00 28.68 -9.87
N ARG U 78 34.39 27.54 -10.18
CA ARG U 78 32.94 27.41 -10.07
C ARG U 78 32.44 27.36 -8.64
N GLY U 79 33.26 26.82 -7.74
CA GLY U 79 32.93 26.79 -6.33
C GLY U 79 32.90 28.18 -5.72
N LEU U 80 33.91 28.98 -6.03
CA LEU U 80 33.93 30.36 -5.54
C LEU U 80 32.79 31.18 -6.13
N ALA U 81 32.53 30.99 -7.42
CA ALA U 81 31.44 31.71 -8.06
C ALA U 81 30.13 31.40 -7.34
N LYS U 82 29.89 30.10 -7.11
CA LYS U 82 28.67 29.67 -6.44
C LYS U 82 28.59 30.24 -5.02
N PHE U 83 29.69 30.18 -4.30
CA PHE U 83 29.75 30.72 -2.95
C PHE U 83 29.42 32.22 -2.90
N PHE U 84 30.04 33.01 -3.76
CA PHE U 84 29.73 34.44 -3.77
C PHE U 84 28.32 34.74 -4.27
N LYS U 85 27.83 33.93 -5.21
CA LYS U 85 26.47 34.09 -5.70
C LYS U 85 25.46 33.89 -4.56
N GLU U 86 25.63 32.80 -3.82
CA GLU U 86 24.77 32.53 -2.68
C GLU U 86 24.97 33.57 -1.57
N SER U 87 26.20 33.98 -1.34
CA SER U 87 26.46 34.98 -0.31
C SER U 87 25.78 36.30 -0.66
N SER U 88 25.80 36.67 -1.94
CA SER U 88 25.13 37.89 -2.35
C SER U 88 23.63 37.81 -2.02
N GLU U 89 23.03 36.67 -2.31
CA GLU U 89 21.60 36.50 -2.06
C GLU U 89 21.29 36.57 -0.58
N GLU U 90 22.16 35.97 0.25
CA GLU U 90 21.97 35.97 1.68
CA GLU U 90 21.99 35.97 1.69
C GLU U 90 22.12 37.38 2.26
N GLU U 91 23.06 38.16 1.72
CA GLU U 91 23.26 39.53 2.17
C GLU U 91 22.04 40.38 1.89
N ARG U 92 21.43 40.17 0.73
CA ARG U 92 20.20 40.90 0.41
C ARG U 92 19.09 40.55 1.41
N GLU U 93 19.04 39.28 1.81
CA GLU U 93 18.07 38.88 2.84
C GLU U 93 18.36 39.59 4.18
N HIS U 94 19.64 39.73 4.53
CA HIS U 94 20.02 40.47 5.73
C HIS U 94 19.53 41.90 5.67
N ALA U 95 19.68 42.52 4.51
CA ALA U 95 19.17 43.87 4.32
C ALA U 95 17.65 43.88 4.48
N GLU U 96 16.99 42.95 3.81
CA GLU U 96 15.52 42.93 3.80
C GLU U 96 14.95 42.70 5.19
N LYS U 97 15.62 41.85 5.96
CA LYS U 97 15.14 41.59 7.32
C LYS U 97 15.17 42.89 8.14
N LEU U 98 16.17 43.73 7.92
CA LEU U 98 16.23 45.03 8.60
C LEU U 98 15.19 46.01 8.07
N MET U 99 14.90 45.96 6.76
CA MET U 99 13.83 46.78 6.22
C MET U 99 12.51 46.39 6.87
N GLU U 100 12.25 45.09 6.99
CA GLU U 100 11.04 44.65 7.66
C GLU U 100 11.03 45.09 9.12
N TYR U 101 12.17 44.98 9.79
CA TYR U 101 12.25 45.37 11.20
C TYR U 101 11.90 46.86 11.37
N GLN U 102 12.47 47.69 10.51
CA GLN U 102 12.18 49.13 10.49
C GLN U 102 10.67 49.37 10.45
N ASN U 103 9.98 48.67 9.55
CA ASN U 103 8.53 48.82 9.49
C ASN U 103 7.79 48.24 10.69
N LYS U 104 8.32 47.16 11.28
CA LYS U 104 7.73 46.64 12.51
C LYS U 104 7.75 47.70 13.62
N ARG U 105 8.84 48.45 13.71
CA ARG U 105 8.97 49.47 14.76
C ARG U 105 8.35 50.81 14.38
N GLY U 106 7.91 50.93 13.13
CA GLY U 106 7.25 52.14 12.67
C GLY U 106 8.22 53.24 12.25
N GLY U 107 9.46 52.85 11.97
CA GLY U 107 10.39 53.76 11.33
C GLY U 107 10.14 53.77 9.83
N LYS U 108 10.72 54.74 9.13
CA LYS U 108 10.57 54.80 7.68
C LYS U 108 11.85 54.34 6.98
N VAL U 109 11.74 53.27 6.21
CA VAL U 109 12.87 52.77 5.46
C VAL U 109 13.30 53.82 4.42
N LYS U 110 14.60 54.11 4.38
CA LYS U 110 15.15 54.95 3.33
C LYS U 110 16.33 54.26 2.70
N LEU U 111 16.12 53.72 1.51
CA LEU U 111 17.21 53.08 0.78
C LEU U 111 18.15 54.17 0.29
N GLN U 112 19.46 53.95 0.43
CA GLN U 112 20.46 54.94 0.01
CA GLN U 112 20.42 54.95 -0.01
C GLN U 112 21.23 54.42 -1.19
N SER U 113 22.05 55.28 -1.77
N SER U 113 22.07 55.29 -1.76
CA SER U 113 22.82 54.90 -2.95
CA SER U 113 22.83 54.91 -2.94
C SER U 113 23.77 53.74 -2.66
C SER U 113 23.76 53.73 -2.66
N ILE U 114 24.10 53.00 -3.71
CA ILE U 114 25.06 51.90 -3.59
C ILE U 114 26.18 52.23 -4.55
N VAL U 115 27.41 52.30 -4.03
CA VAL U 115 28.52 52.72 -4.87
C VAL U 115 28.97 51.56 -5.75
N MET U 116 29.58 51.89 -6.88
CA MET U 116 30.12 50.88 -7.78
C MET U 116 31.21 50.08 -7.06
N PRO U 117 31.13 48.74 -7.13
CA PRO U 117 32.17 47.91 -6.51
C PRO U 117 33.33 47.66 -7.47
N LEU U 118 34.43 47.09 -6.98
CA LEU U 118 35.51 46.67 -7.87
C LEU U 118 34.94 45.59 -8.77
N SER U 119 35.52 45.42 -9.95
CA SER U 119 35.06 44.37 -10.86
C SER U 119 36.06 43.23 -10.91
N ASP U 120 37.35 43.57 -10.74
N ASP U 120 37.35 43.55 -10.76
CA ASP U 120 38.43 42.61 -10.90
CA ASP U 120 38.38 42.54 -10.94
C ASP U 120 38.97 42.16 -9.54
C ASP U 120 39.08 42.16 -9.63
N PHE U 121 39.22 40.86 -9.42
CA PHE U 121 39.75 40.34 -8.17
C PHE U 121 41.00 39.48 -8.34
N ASP U 122 41.77 39.75 -9.38
CA ASP U 122 43.03 39.03 -9.52
CA ASP U 122 43.05 39.08 -9.58
C ASP U 122 44.09 39.63 -8.60
N HIS U 123 45.08 38.83 -8.28
CA HIS U 123 46.16 39.29 -7.43
C HIS U 123 47.40 38.49 -7.79
N ALA U 124 48.43 39.17 -8.25
CA ALA U 124 49.63 38.51 -8.73
C ALA U 124 50.23 37.60 -7.68
N ASP U 125 50.48 38.15 -6.50
CA ASP U 125 51.18 37.44 -5.43
CA ASP U 125 51.18 37.44 -5.43
C ASP U 125 50.29 36.41 -4.74
N LYS U 126 49.09 36.84 -4.34
CA LYS U 126 48.22 35.96 -3.57
C LYS U 126 47.49 34.93 -4.41
N GLY U 127 47.21 35.27 -5.65
CA GLY U 127 46.29 34.51 -6.47
C GLY U 127 44.88 34.99 -6.20
N ASP U 128 44.01 34.89 -7.21
CA ASP U 128 42.65 35.44 -7.12
C ASP U 128 41.81 34.86 -5.98
N ALA U 129 41.85 33.54 -5.81
CA ALA U 129 41.01 32.90 -4.81
C ALA U 129 41.34 33.37 -3.39
N LEU U 130 42.62 33.36 -3.04
CA LEU U 130 43.04 33.79 -1.70
C LEU U 130 42.73 35.26 -1.48
N HIS U 131 43.02 36.09 -2.49
CA HIS U 131 42.78 37.52 -2.41
C HIS U 131 41.30 37.82 -2.18
N ALA U 132 40.44 37.16 -2.96
CA ALA U 132 39.01 37.36 -2.83
C ALA U 132 38.49 36.94 -1.46
N MET U 133 39.01 35.83 -0.94
CA MET U 133 38.56 35.35 0.35
CA MET U 133 38.57 35.34 0.36
C MET U 133 39.06 36.25 1.49
N GLU U 134 40.26 36.78 1.36
CA GLU U 134 40.77 37.74 2.35
C GLU U 134 39.94 39.03 2.30
N LEU U 135 39.52 39.43 1.11
N LEU U 135 39.52 39.41 1.11
CA LEU U 135 38.65 40.59 0.95
CA LEU U 135 38.66 40.57 0.93
C LEU U 135 37.30 40.31 1.61
C LEU U 135 37.29 40.32 1.58
N ALA U 136 36.73 39.14 1.31
CA ALA U 136 35.46 38.75 1.93
C ALA U 136 35.58 38.80 3.44
N LEU U 137 36.66 38.24 3.97
CA LEU U 137 36.88 38.28 5.42
C LEU U 137 36.87 39.71 5.95
N SER U 138 37.61 40.60 5.28
CA SER U 138 37.67 42.00 5.72
CA SER U 138 37.67 42.00 5.71
C SER U 138 36.30 42.67 5.64
N LEU U 139 35.50 42.31 4.64
CA LEU U 139 34.16 42.88 4.51
C LEU U 139 33.24 42.41 5.63
N GLU U 140 33.40 41.15 6.04
CA GLU U 140 32.56 40.61 7.10
C GLU U 140 32.97 41.24 8.44
N LYS U 141 34.26 41.49 8.61
CA LYS U 141 34.71 42.15 9.83
C LYS U 141 34.22 43.59 9.87
N LEU U 142 34.27 44.23 8.72
CA LEU U 142 33.72 45.57 8.58
C LEU U 142 32.21 45.57 8.89
N THR U 143 31.49 44.59 8.37
CA THR U 143 30.06 44.52 8.65
C THR U 143 29.81 44.33 10.14
N ASN U 144 30.66 43.54 10.78
CA ASN U 144 30.58 43.32 12.23
C ASN U 144 30.77 44.64 12.98
N GLU U 145 31.74 45.46 12.56
CA GLU U 145 31.92 46.78 13.17
C GLU U 145 30.66 47.62 13.05
N LYS U 146 30.06 47.61 11.86
CA LYS U 146 28.83 48.37 11.63
C LYS U 146 27.66 47.83 12.44
N LEU U 147 27.53 46.51 12.52
CA LEU U 147 26.49 45.93 13.37
C LEU U 147 26.66 46.33 14.84
N LEU U 148 27.91 46.37 15.31
CA LEU U 148 28.17 46.75 16.69
C LEU U 148 27.92 48.25 16.92
N ASN U 149 28.11 49.06 15.87
CA ASN U 149 27.69 50.47 15.91
C ASN U 149 26.18 50.55 16.09
N LEU U 150 25.43 49.82 15.26
CA LEU U 150 23.97 49.81 15.35
C LEU U 150 23.57 49.41 16.77
N HIS U 151 24.25 48.39 17.30
CA HIS U 151 23.95 47.95 18.65
C HIS U 151 24.25 49.03 19.69
N SER U 152 25.37 49.74 19.53
CA SER U 152 25.71 50.87 20.41
C SER U 152 24.67 51.97 20.38
N VAL U 153 24.15 52.28 19.18
CA VAL U 153 23.11 53.30 19.07
C VAL U 153 21.85 52.85 19.81
N ALA U 154 21.47 51.60 19.58
CA ALA U 154 20.32 51.04 20.30
C ALA U 154 20.48 51.12 21.82
N THR U 155 21.59 50.63 22.34
CA THR U 155 21.78 50.61 23.79
C THR U 155 21.86 52.03 24.37
N LYS U 156 22.56 52.91 23.66
CA LYS U 156 22.65 54.30 24.11
C LYS U 156 21.25 54.90 24.22
N ASN U 157 20.38 54.57 23.25
CA ASN U 157 19.03 55.14 23.22
C ASN U 157 18.03 54.35 24.03
N GLY U 158 18.53 53.36 24.76
CA GLY U 158 17.70 52.55 25.64
C GLY U 158 16.73 51.68 24.86
N ASP U 159 17.02 51.44 23.59
CA ASP U 159 16.14 50.58 22.79
C ASP U 159 16.51 49.12 23.03
N VAL U 160 15.95 48.54 24.08
CA VAL U 160 16.31 47.18 24.48
CA VAL U 160 16.31 47.19 24.48
C VAL U 160 15.85 46.13 23.47
N GLN U 161 14.72 46.39 22.82
CA GLN U 161 14.23 45.43 21.83
C GLN U 161 15.06 45.43 20.56
N LEU U 162 15.45 46.61 20.10
CA LEU U 162 16.31 46.69 18.92
C LEU U 162 17.66 46.02 19.23
N ALA U 163 18.20 46.29 20.41
CA ALA U 163 19.46 45.68 20.80
C ALA U 163 19.37 44.14 20.78
N ASP U 164 18.28 43.61 21.30
CA ASP U 164 18.06 42.17 21.36
C ASP U 164 17.90 41.58 19.94
N PHE U 165 17.20 42.31 19.09
CA PHE U 165 17.02 41.92 17.70
C PHE U 165 18.38 41.79 16.98
N VAL U 166 19.22 42.80 17.14
CA VAL U 166 20.53 42.80 16.50
C VAL U 166 21.38 41.64 17.03
N GLU U 167 21.40 41.45 18.35
CA GLU U 167 22.12 40.32 18.95
C GLU U 167 21.63 38.98 18.42
N THR U 168 20.32 38.81 18.45
CA THR U 168 19.68 37.54 18.10
C THR U 168 19.77 37.21 16.61
N GLU U 169 19.46 38.19 15.76
CA GLU U 169 19.37 37.93 14.33
C GLU U 169 20.66 38.18 13.57
N TYR U 170 21.56 39.00 14.14
CA TYR U 170 22.77 39.38 13.40
C TYR U 170 24.12 39.04 14.04
N LEU U 171 24.30 39.34 15.32
CA LEU U 171 25.65 39.26 15.89
C LEU U 171 26.25 37.85 15.97
N GLY U 172 25.44 36.88 16.34
CA GLY U 172 25.91 35.51 16.41
C GLY U 172 26.22 34.99 15.01
N ALA U 173 25.30 35.23 14.08
CA ALA U 173 25.51 34.80 12.70
C ALA U 173 26.76 35.44 12.10
N GLN U 174 27.04 36.68 12.48
CA GLN U 174 28.20 37.38 11.95
C GLN U 174 29.49 36.74 12.45
N VAL U 175 29.50 36.35 13.72
CA VAL U 175 30.64 35.66 14.30
C VAL U 175 30.87 34.36 13.54
N GLU U 176 29.80 33.64 13.26
CA GLU U 176 29.94 32.39 12.52
C GLU U 176 30.41 32.61 11.08
N ALA U 177 29.91 33.65 10.43
CA ALA U 177 30.34 33.95 9.07
C ALA U 177 31.83 34.26 9.00
N ILE U 178 32.31 35.00 10.00
CA ILE U 178 33.72 35.34 10.07
C ILE U 178 34.58 34.11 10.29
N LYS U 179 34.15 33.19 11.14
CA LYS U 179 34.94 31.97 11.33
C LYS U 179 34.96 31.14 10.05
N ARG U 180 33.81 31.02 9.39
CA ARG U 180 33.70 30.25 8.15
C ARG U 180 34.69 30.75 7.11
N ILE U 181 34.68 32.07 6.89
CA ILE U 181 35.56 32.64 5.86
C ILE U 181 37.02 32.57 6.28
N SER U 182 37.29 32.76 7.56
CA SER U 182 38.67 32.60 8.06
C SER U 182 39.21 31.22 7.73
N GLU U 183 38.38 30.21 7.94
CA GLU U 183 38.79 28.84 7.64
C GLU U 183 39.10 28.69 6.15
N TYR U 184 38.32 29.35 5.29
CA TYR U 184 38.59 29.28 3.85
C TYR U 184 39.94 29.89 3.55
N VAL U 185 40.22 31.04 4.15
CA VAL U 185 41.51 31.69 3.97
C VAL U 185 42.64 30.76 4.40
N ALA U 186 42.47 30.14 5.56
CA ALA U 186 43.50 29.26 6.10
C ALA U 186 43.73 28.08 5.15
N GLN U 187 42.65 27.51 4.63
CA GLN U 187 42.78 26.37 3.71
C GLN U 187 43.44 26.78 2.40
N LEU U 188 43.05 27.94 1.86
CA LEU U 188 43.65 28.43 0.62
C LEU U 188 45.14 28.68 0.78
N ARG U 189 45.53 29.21 1.94
CA ARG U 189 46.94 29.36 2.26
C ARG U 189 47.65 28.02 2.31
N ARG U 190 46.98 27.01 2.87
CA ARG U 190 47.61 25.70 3.01
C ARG U 190 47.81 24.99 1.66
N VAL U 191 46.80 25.02 0.80
CA VAL U 191 46.85 24.23 -0.43
C VAL U 191 47.73 24.85 -1.51
N GLY U 192 47.94 26.16 -1.44
CA GLY U 192 48.80 26.83 -2.40
C GLY U 192 48.16 27.03 -3.75
N LYS U 193 48.77 27.86 -4.58
CA LYS U 193 48.19 28.18 -5.88
C LYS U 193 48.22 27.00 -6.85
N GLY U 194 47.35 27.04 -7.84
CA GLY U 194 47.35 26.05 -8.92
C GLY U 194 46.43 24.89 -8.64
N HIS U 195 46.98 23.69 -8.64
CA HIS U 195 46.20 22.50 -8.38
C HIS U 195 45.46 22.61 -7.03
N GLY U 196 46.16 23.05 -5.99
CA GLY U 196 45.56 23.19 -4.67
C GLY U 196 44.31 24.06 -4.66
N VAL U 197 44.43 25.26 -5.22
CA VAL U 197 43.29 26.18 -5.29
C VAL U 197 42.12 25.55 -6.04
N TRP U 198 42.42 24.90 -7.16
CA TRP U 198 41.36 24.30 -7.96
C TRP U 198 40.64 23.22 -7.14
N HIS U 199 41.41 22.47 -6.36
CA HIS U 199 40.85 21.39 -5.55
C HIS U 199 40.00 21.95 -4.41
N PHE U 200 40.51 22.97 -3.73
CA PHE U 200 39.72 23.68 -2.73
C PHE U 200 38.42 24.18 -3.38
N ASP U 201 38.52 24.72 -4.58
CA ASP U 201 37.33 25.21 -5.25
C ASP U 201 36.31 24.08 -5.50
N GLN U 202 36.79 22.90 -5.87
CA GLN U 202 35.91 21.75 -6.04
C GLN U 202 35.21 21.39 -4.72
N MET U 203 35.97 21.43 -3.63
CA MET U 203 35.44 21.14 -2.30
C MET U 203 34.29 22.10 -2.02
N LEU U 204 34.57 23.39 -2.21
CA LEU U 204 33.59 24.44 -2.00
C LEU U 204 32.38 24.26 -2.92
N LEU U 205 32.63 23.89 -4.17
CA LEU U 205 31.54 23.65 -5.13
C LEU U 205 30.56 22.59 -4.62
N HIS U 206 31.07 21.61 -3.89
CA HIS U 206 30.23 20.53 -3.40
C HIS U 206 29.98 20.57 -1.88
N GLU U 207 30.37 21.67 -1.22
CA GLU U 207 30.20 21.79 0.24
C GLU U 207 28.73 21.93 0.61
N PHE V 15 -31.86 -19.92 50.29
CA PHE V 15 -30.43 -19.68 50.42
C PHE V 15 -30.13 -18.27 50.91
N GLU V 16 -29.48 -18.17 52.07
CA GLU V 16 -29.06 -16.87 52.60
C GLU V 16 -27.54 -16.84 52.72
N PRO V 17 -26.88 -16.21 51.75
CA PRO V 17 -25.41 -16.23 51.72
C PRO V 17 -24.76 -15.70 53.00
N PHE V 18 -25.29 -14.63 53.57
CA PHE V 18 -24.65 -14.03 54.75
C PHE V 18 -24.80 -14.87 56.01
N GLU V 19 -25.83 -15.71 56.05
CA GLU V 19 -25.98 -16.66 57.15
C GLU V 19 -25.05 -17.85 56.96
N GLU V 20 -25.09 -18.46 55.78
CA GLU V 20 -24.34 -19.68 55.53
C GLU V 20 -22.84 -19.45 55.39
N VAL V 21 -22.44 -18.21 55.12
CA VAL V 21 -21.03 -17.89 54.94
C VAL V 21 -20.30 -17.81 56.29
N LYS V 22 -21.07 -17.70 57.36
CA LYS V 22 -20.50 -17.57 58.70
C LYS V 22 -19.57 -18.73 59.06
N LYS V 23 -20.08 -19.95 58.94
CA LYS V 23 -19.28 -21.15 59.15
C LYS V 23 -17.95 -21.08 58.39
N GLU V 24 -18.00 -20.56 57.17
CA GLU V 24 -16.83 -20.50 56.31
C GLU V 24 -15.84 -19.41 56.74
N LEU V 25 -16.38 -18.27 57.17
CA LEU V 25 -15.55 -17.18 57.69
C LEU V 25 -14.72 -17.59 58.90
N ASP V 26 -15.32 -18.40 59.76
CA ASP V 26 -14.65 -18.88 60.98
C ASP V 26 -13.42 -19.72 60.65
N LEU V 27 -13.37 -20.24 59.43
CA LEU V 27 -12.28 -21.13 59.01
C LEU V 27 -11.11 -20.42 58.35
N VAL V 28 -11.29 -19.16 57.96
CA VAL V 28 -10.21 -18.42 57.33
C VAL V 28 -9.01 -18.37 58.27
N PRO V 29 -7.90 -19.00 57.87
CA PRO V 29 -6.71 -19.12 58.72
C PRO V 29 -6.16 -17.75 59.14
N THR V 30 -5.49 -17.70 60.29
CA THR V 30 -5.02 -16.45 60.86
C THR V 30 -3.50 -16.30 60.92
N VAL V 31 -2.76 -17.34 60.55
CA VAL V 31 -1.30 -17.26 60.46
C VAL V 31 -0.86 -17.24 59.00
N PRO V 32 0.28 -16.60 58.70
CA PRO V 32 0.73 -16.39 57.31
C PRO V 32 1.17 -17.66 56.59
N GLN V 33 1.49 -18.72 57.34
CA GLN V 33 2.01 -19.95 56.76
C GLN V 33 0.92 -20.90 56.24
N ALA V 34 -0.32 -20.68 56.65
CA ALA V 34 -1.42 -21.56 56.26
C ALA V 34 -2.02 -21.11 54.94
N SER V 35 -2.37 -22.07 54.09
CA SER V 35 -3.06 -21.74 52.86
C SER V 35 -4.45 -21.19 53.16
N LEU V 36 -4.80 -20.08 52.51
CA LEU V 36 -6.15 -19.51 52.58
C LEU V 36 -7.08 -20.21 51.61
N ALA V 37 -6.51 -20.79 50.55
CA ALA V 37 -7.32 -21.37 49.48
C ALA V 37 -7.76 -22.80 49.79
N ARG V 38 -6.93 -23.52 50.55
CA ARG V 38 -7.12 -24.96 50.67
C ARG V 38 -8.54 -25.31 51.14
N GLN V 39 -9.21 -26.18 50.40
CA GLN V 39 -10.57 -26.56 50.75
C GLN V 39 -10.85 -27.98 50.27
N LYS V 40 -11.24 -28.85 51.20
CA LYS V 40 -11.56 -30.24 50.84
C LYS V 40 -10.41 -30.89 50.05
N TYR V 41 -9.19 -30.72 50.54
CA TYR V 41 -8.00 -31.22 49.86
C TYR V 41 -7.15 -31.92 50.91
N VAL V 42 -7.24 -33.23 50.98
CA VAL V 42 -6.65 -33.92 52.15
C VAL V 42 -5.17 -34.22 52.00
N ASP V 43 -4.52 -34.54 53.12
CA ASP V 43 -3.08 -34.80 53.10
C ASP V 43 -2.69 -35.87 52.08
N GLU V 44 -3.46 -36.94 51.97
CA GLU V 44 -3.11 -38.01 51.03
CA GLU V 44 -3.11 -38.01 51.03
C GLU V 44 -3.09 -37.51 49.58
N SER V 45 -4.03 -36.62 49.24
CA SER V 45 -4.10 -36.08 47.89
C SER V 45 -2.91 -35.17 47.63
N GLU V 46 -2.63 -34.28 48.58
CA GLU V 46 -1.47 -33.41 48.50
C GLU V 46 -0.18 -34.22 48.29
N SER V 47 -0.06 -35.30 49.06
CA SER V 47 1.10 -36.18 48.97
CA SER V 47 1.10 -36.17 48.99
C SER V 47 1.21 -36.86 47.63
N ALA V 48 0.09 -37.34 47.11
CA ALA V 48 0.08 -38.05 45.83
C ALA V 48 0.47 -37.11 44.68
N VAL V 49 0.01 -35.87 44.76
CA VAL V 49 0.40 -34.85 43.78
C VAL V 49 1.92 -34.60 43.85
N ASN V 50 2.46 -34.49 45.06
CA ASN V 50 3.91 -34.35 45.21
C ASN V 50 4.68 -35.53 44.64
N GLU V 51 4.18 -36.74 44.85
CA GLU V 51 4.79 -37.92 44.26
C GLU V 51 4.80 -37.87 42.73
N GLN V 52 3.68 -37.48 42.12
CA GLN V 52 3.61 -37.44 40.67
C GLN V 52 4.52 -36.34 40.10
N ILE V 53 4.64 -35.24 40.81
CA ILE V 53 5.61 -34.21 40.42
C ILE V 53 7.01 -34.84 40.29
N ASN V 54 7.38 -35.66 41.27
CA ASN V 54 8.69 -36.30 41.23
C ASN V 54 8.78 -37.31 40.09
N VAL V 55 7.68 -37.98 39.81
CA VAL V 55 7.64 -38.93 38.69
C VAL V 55 7.93 -38.22 37.38
N GLU V 56 7.22 -37.11 37.14
CA GLU V 56 7.41 -36.34 35.91
C GLU V 56 8.82 -35.76 35.81
N TYR V 57 9.33 -35.24 36.92
CA TYR V 57 10.66 -34.64 36.92
C TYR V 57 11.70 -35.69 36.63
N ASN V 58 11.51 -36.88 37.18
CA ASN V 58 12.41 -38.00 36.90
C ASN V 58 12.41 -38.40 35.42
N VAL V 59 11.24 -38.47 34.82
CA VAL V 59 11.21 -38.77 33.39
C VAL V 59 11.89 -37.66 32.58
N SER V 60 11.69 -36.42 33.00
CA SER V 60 12.39 -35.31 32.35
C SER V 60 13.90 -35.54 32.36
N TYR V 61 14.41 -35.97 33.51
CA TYR V 61 15.85 -36.15 33.67
C TYR V 61 16.34 -37.32 32.84
N VAL V 62 15.55 -38.39 32.78
CA VAL V 62 15.93 -39.56 31.99
C VAL V 62 16.00 -39.19 30.52
N TYR V 63 15.01 -38.43 30.03
CA TYR V 63 15.03 -38.03 28.63
C TYR V 63 16.24 -37.12 28.36
N HIS V 64 16.61 -36.33 29.35
CA HIS V 64 17.76 -35.46 29.16
C HIS V 64 19.04 -36.29 29.04
N ALA V 65 19.10 -37.38 29.81
CA ALA V 65 20.21 -38.33 29.69
C ALA V 65 20.21 -38.99 28.31
N MET V 66 19.02 -39.27 27.79
CA MET V 66 18.94 -39.90 26.48
C MET V 66 19.37 -38.90 25.39
N PHE V 67 18.99 -37.64 25.54
CA PHE V 67 19.49 -36.61 24.64
C PHE V 67 21.02 -36.59 24.66
N ALA V 68 21.59 -36.61 25.85
CA ALA V 68 23.04 -36.43 25.99
C ALA V 68 23.78 -37.56 25.29
N TYR V 69 23.19 -38.75 25.33
CA TYR V 69 23.77 -39.92 24.66
C TYR V 69 23.70 -39.80 23.14
N PHE V 70 22.52 -39.49 22.61
CA PHE V 70 22.36 -39.45 21.15
C PHE V 70 23.02 -38.26 20.50
N ASP V 71 23.36 -37.27 21.32
CA ASP V 71 24.09 -36.08 20.88
C ASP V 71 25.61 -36.35 20.77
N ARG V 72 26.06 -37.53 21.19
CA ARG V 72 27.49 -37.85 21.09
C ARG V 72 27.94 -37.89 19.64
N ASP V 73 29.15 -37.42 19.36
CA ASP V 73 29.66 -37.38 17.97
C ASP V 73 29.69 -38.74 17.30
N ASN V 74 29.99 -39.79 18.06
CA ASN V 74 30.12 -41.13 17.49
C ASN V 74 28.79 -41.87 17.40
N VAL V 75 27.76 -41.34 18.05
CA VAL V 75 26.40 -41.86 17.91
C VAL V 75 25.69 -41.15 16.76
N ALA V 76 25.69 -39.82 16.80
CA ALA V 76 25.28 -39.00 15.67
C ALA V 76 23.89 -39.33 15.12
N LEU V 77 22.93 -39.49 16.03
CA LEU V 77 21.54 -39.62 15.65
C LEU V 77 20.85 -38.34 16.07
N ARG V 78 20.89 -37.36 15.18
CA ARG V 78 20.44 -36.01 15.49
C ARG V 78 18.93 -35.91 15.67
N GLY V 79 18.17 -36.71 14.94
CA GLY V 79 16.72 -36.74 15.10
C GLY V 79 16.31 -37.23 16.49
N LEU V 80 16.89 -38.34 16.92
CA LEU V 80 16.60 -38.85 18.26
C LEU V 80 17.06 -37.88 19.34
N ALA V 81 18.24 -37.30 19.16
CA ALA V 81 18.74 -36.35 20.16
C ALA V 81 17.73 -35.24 20.34
N LYS V 82 17.27 -34.70 19.22
CA LYS V 82 16.31 -33.60 19.26
C LYS V 82 14.99 -34.05 19.88
N PHE V 83 14.53 -35.25 19.52
CA PHE V 83 13.31 -35.75 20.12
C PHE V 83 13.41 -35.89 21.64
N PHE V 84 14.50 -36.48 22.13
CA PHE V 84 14.64 -36.65 23.58
C PHE V 84 14.87 -35.31 24.27
N LYS V 85 15.54 -34.39 23.59
CA LYS V 85 15.76 -33.07 24.18
C LYS V 85 14.43 -32.34 24.38
N GLU V 86 13.60 -32.33 23.34
CA GLU V 86 12.29 -31.68 23.43
C GLU V 86 11.38 -32.41 24.41
N SER V 87 11.48 -33.74 24.44
CA SER V 87 10.66 -34.52 25.35
C SER V 87 11.02 -34.19 26.79
N SER V 88 12.31 -33.98 27.05
CA SER V 88 12.76 -33.64 28.40
C SER V 88 12.15 -32.32 28.84
N GLU V 89 12.17 -31.33 27.95
CA GLU V 89 11.56 -30.04 28.26
C GLU V 89 10.06 -30.17 28.53
N GLU V 90 9.37 -30.96 27.71
CA GLU V 90 7.93 -31.18 27.87
CA GLU V 90 7.93 -31.18 27.87
C GLU V 90 7.60 -31.87 29.19
N GLU V 91 8.44 -32.83 29.58
CA GLU V 91 8.27 -33.53 30.85
C GLU V 91 8.43 -32.59 32.04
N ARG V 92 9.39 -31.68 31.94
CA ARG V 92 9.55 -30.67 32.99
C ARG V 92 8.30 -29.81 33.08
N GLU V 93 7.69 -29.50 31.93
CA GLU V 93 6.42 -28.78 31.93
C GLU V 93 5.30 -29.57 32.62
N HIS V 94 5.25 -30.88 32.39
CA HIS V 94 4.28 -31.71 33.09
C HIS V 94 4.47 -31.63 34.60
N ALA V 95 5.71 -31.62 35.05
CA ALA V 95 5.99 -31.48 36.48
C ALA V 95 5.51 -30.12 36.96
N GLU V 96 5.86 -29.07 36.22
CA GLU V 96 5.53 -27.71 36.64
C GLU V 96 4.04 -27.46 36.73
N LYS V 97 3.29 -28.02 35.79
CA LYS V 97 1.83 -27.92 35.81
C LYS V 97 1.23 -28.53 37.08
N LEU V 98 1.81 -29.64 37.56
CA LEU V 98 1.35 -30.23 38.80
C LEU V 98 1.77 -29.41 40.03
N MET V 99 2.94 -28.79 39.94
CA MET V 99 3.38 -27.88 40.99
C MET V 99 2.40 -26.71 41.07
N GLU V 100 2.01 -26.19 39.91
CA GLU V 100 1.06 -25.10 39.90
C GLU V 100 -0.31 -25.55 40.40
N TYR V 101 -0.70 -26.76 40.06
CA TYR V 101 -1.99 -27.27 40.53
C TYR V 101 -1.97 -27.40 42.05
N GLN V 102 -0.88 -27.94 42.58
CA GLN V 102 -0.71 -28.08 44.03
C GLN V 102 -0.98 -26.74 44.72
N ASN V 103 -0.38 -25.67 44.22
CA ASN V 103 -0.60 -24.34 44.79
C ASN V 103 -2.00 -23.79 44.58
N LYS V 104 -2.62 -24.12 43.45
CA LYS V 104 -4.01 -23.72 43.25
C LYS V 104 -4.92 -24.34 44.31
N ARG V 105 -4.66 -25.60 44.64
CA ARG V 105 -5.46 -26.28 45.67
C ARG V 105 -5.00 -25.97 47.09
N GLY V 106 -3.89 -25.24 47.23
CA GLY V 106 -3.42 -24.84 48.54
C GLY V 106 -2.66 -25.92 49.29
N GLY V 107 -2.13 -26.90 48.56
CA GLY V 107 -1.20 -27.86 49.13
C GLY V 107 0.20 -27.27 49.02
N LYS V 108 1.15 -27.86 49.72
CA LYS V 108 2.51 -27.35 49.66
C LYS V 108 3.37 -28.26 48.79
N VAL V 109 3.96 -27.68 47.74
CA VAL V 109 4.87 -28.42 46.88
C VAL V 109 6.11 -28.86 47.66
N LYS V 110 6.45 -30.14 47.55
CA LYS V 110 7.68 -30.65 48.13
C LYS V 110 8.48 -31.42 47.08
N LEU V 111 9.44 -30.75 46.47
CA LEU V 111 10.30 -31.38 45.48
C LEU V 111 11.20 -32.41 46.17
N GLN V 112 11.32 -33.57 45.56
N GLN V 112 11.31 -33.60 45.60
CA GLN V 112 12.04 -34.70 46.13
CA GLN V 112 12.12 -34.62 46.22
C GLN V 112 13.34 -34.92 45.35
C GLN V 112 13.34 -34.92 45.36
N SER V 113 14.22 -35.78 45.85
CA SER V 113 15.45 -36.10 45.14
CA SER V 113 15.45 -36.10 45.13
C SER V 113 15.16 -36.74 43.78
N ILE V 114 16.10 -36.60 42.86
CA ILE V 114 16.03 -37.24 41.57
C ILE V 114 17.27 -38.13 41.46
N VAL V 115 17.07 -39.41 41.17
CA VAL V 115 18.18 -40.35 41.18
C VAL V 115 18.97 -40.26 39.88
N MET V 116 20.23 -40.68 39.95
CA MET V 116 21.07 -40.74 38.76
CA MET V 116 21.07 -40.75 38.77
C MET V 116 20.47 -41.67 37.72
N PRO V 117 20.32 -41.17 36.48
CA PRO V 117 19.82 -42.03 35.39
C PRO V 117 20.94 -42.82 34.74
N LEU V 118 20.62 -43.84 33.95
CA LEU V 118 21.58 -44.47 33.06
C LEU V 118 22.17 -43.41 32.14
N SER V 119 23.41 -43.61 31.69
CA SER V 119 24.00 -42.65 30.77
C SER V 119 24.20 -43.22 29.37
N ASP V 120 24.38 -44.53 29.29
N ASP V 120 24.35 -44.54 29.31
CA ASP V 120 24.65 -45.15 27.99
CA ASP V 120 24.62 -45.24 28.06
C ASP V 120 23.50 -46.03 27.51
C ASP V 120 23.37 -45.94 27.55
N PHE V 121 23.12 -45.87 26.25
CA PHE V 121 21.96 -46.54 25.69
C PHE V 121 22.28 -47.44 24.50
N ASP V 122 23.50 -47.94 24.42
CA ASP V 122 23.80 -48.85 23.34
CA ASP V 122 23.87 -48.88 23.37
C ASP V 122 23.21 -50.22 23.61
N HIS V 123 23.01 -50.99 22.56
CA HIS V 123 22.43 -52.31 22.68
C HIS V 123 22.80 -53.09 21.44
N ALA V 124 23.58 -54.14 21.63
CA ALA V 124 24.16 -54.88 20.50
C ALA V 124 23.11 -55.48 19.59
N ASP V 125 22.19 -56.22 20.19
CA ASP V 125 21.15 -56.91 19.44
CA ASP V 125 21.16 -56.90 19.43
C ASP V 125 20.14 -55.95 18.82
N LYS V 126 19.60 -55.05 19.65
CA LYS V 126 18.53 -54.16 19.20
C LYS V 126 19.05 -52.96 18.40
N GLY V 127 20.25 -52.49 18.75
CA GLY V 127 20.75 -51.23 18.23
C GLY V 127 20.30 -50.11 19.14
N ASP V 128 21.07 -49.04 19.21
CA ASP V 128 20.81 -47.99 20.19
C ASP V 128 19.42 -47.35 20.03
N ALA V 129 19.05 -47.03 18.79
CA ALA V 129 17.80 -46.30 18.55
C ALA V 129 16.57 -47.08 19.00
N LEU V 130 16.51 -48.35 18.64
CA LEU V 130 15.36 -49.17 18.99
C LEU V 130 15.32 -49.40 20.49
N HIS V 131 16.46 -49.73 21.06
CA HIS V 131 16.54 -49.94 22.50
C HIS V 131 16.08 -48.70 23.26
N ALA V 132 16.54 -47.52 22.84
CA ALA V 132 16.13 -46.29 23.50
C ALA V 132 14.64 -46.01 23.37
N MET V 133 14.05 -46.27 22.19
CA MET V 133 12.63 -46.03 22.00
C MET V 133 11.79 -47.00 22.80
N GLU V 134 12.24 -48.25 22.89
CA GLU V 134 11.51 -49.22 23.72
C GLU V 134 11.56 -48.81 25.19
N LEU V 135 12.72 -48.32 25.64
N LEU V 135 12.71 -48.31 25.62
CA LEU V 135 12.85 -47.82 27.01
CA LEU V 135 12.87 -47.81 26.98
C LEU V 135 11.90 -46.64 27.24
C LEU V 135 11.93 -46.63 27.24
N ALA V 136 11.84 -45.72 26.28
CA ALA V 136 10.97 -44.55 26.40
C ALA V 136 9.51 -45.00 26.47
N LEU V 137 9.17 -45.99 25.67
CA LEU V 137 7.82 -46.55 25.71
C LEU V 137 7.51 -47.11 27.09
N SER V 138 8.45 -47.88 27.63
CA SER V 138 8.31 -48.47 28.96
C SER V 138 8.14 -47.40 30.01
N LEU V 139 8.90 -46.33 29.88
CA LEU V 139 8.87 -45.23 30.84
C LEU V 139 7.52 -44.50 30.79
N GLU V 140 7.00 -44.33 29.58
CA GLU V 140 5.71 -43.67 29.43
C GLU V 140 4.56 -44.53 29.98
N LYS V 141 4.63 -45.84 29.76
CA LYS V 141 3.63 -46.75 30.31
C LYS V 141 3.71 -46.77 31.84
N LEU V 142 4.92 -46.72 32.39
CA LEU V 142 5.10 -46.61 33.84
CA LEU V 142 5.09 -46.61 33.84
C LEU V 142 4.47 -45.32 34.37
N THR V 143 4.70 -44.22 33.67
CA THR V 143 4.13 -42.94 34.07
C THR V 143 2.61 -43.02 34.03
N ASN V 144 2.09 -43.70 33.00
CA ASN V 144 0.64 -43.86 32.88
C ASN V 144 0.10 -44.61 34.10
N GLU V 145 0.79 -45.67 34.50
CA GLU V 145 0.42 -46.41 35.72
C GLU V 145 0.41 -45.49 36.94
N LYS V 146 1.46 -44.69 37.08
CA LYS V 146 1.54 -43.73 38.19
C LYS V 146 0.41 -42.70 38.17
N LEU V 147 0.09 -42.21 36.98
CA LEU V 147 -1.01 -41.27 36.83
C LEU V 147 -2.36 -41.87 37.21
N LEU V 148 -2.61 -43.09 36.76
CA LEU V 148 -3.82 -43.81 37.15
C LEU V 148 -3.83 -44.06 38.67
N ASN V 149 -2.66 -44.27 39.25
CA ASN V 149 -2.55 -44.40 40.70
C ASN V 149 -2.87 -43.09 41.42
N LEU V 150 -2.37 -41.97 40.90
CA LEU V 150 -2.74 -40.66 41.43
C LEU V 150 -4.25 -40.50 41.34
N HIS V 151 -4.81 -40.87 40.19
CA HIS V 151 -6.25 -40.74 40.01
C HIS V 151 -6.99 -41.57 41.05
N SER V 152 -6.49 -42.77 41.33
CA SER V 152 -7.10 -43.64 42.33
CA SER V 152 -7.09 -43.65 42.33
C SER V 152 -7.05 -43.05 43.74
N VAL V 153 -5.96 -42.34 44.06
CA VAL V 153 -5.91 -41.65 45.34
C VAL V 153 -7.00 -40.59 45.45
N ALA V 154 -7.17 -39.82 44.38
CA ALA V 154 -8.22 -38.82 44.31
C ALA V 154 -9.61 -39.42 44.54
N THR V 155 -9.94 -40.49 43.81
CA THR V 155 -11.29 -41.04 43.95
C THR V 155 -11.49 -41.72 45.31
N LYS V 156 -10.42 -42.32 45.83
CA LYS V 156 -10.50 -42.98 47.14
C LYS V 156 -10.85 -41.95 48.21
N ASN V 157 -10.31 -40.74 48.05
CA ASN V 157 -10.55 -39.67 49.01
C ASN V 157 -11.70 -38.77 48.65
N GLY V 158 -12.38 -39.10 47.57
CA GLY V 158 -13.54 -38.32 47.15
C GLY V 158 -13.18 -36.93 46.68
N ASP V 159 -12.00 -36.77 46.09
CA ASP V 159 -11.62 -35.44 45.58
C ASP V 159 -12.06 -35.33 44.13
N VAL V 160 -13.21 -34.70 43.92
CA VAL V 160 -13.81 -34.67 42.60
C VAL V 160 -12.96 -33.88 41.60
N GLN V 161 -12.52 -32.69 42.00
CA GLN V 161 -11.79 -31.82 41.07
C GLN V 161 -10.38 -32.33 40.76
N LEU V 162 -9.71 -32.94 41.75
CA LEU V 162 -8.40 -33.51 41.48
C LEU V 162 -8.53 -34.64 40.45
N ALA V 163 -9.52 -35.50 40.62
CA ALA V 163 -9.68 -36.61 39.68
C ALA V 163 -9.92 -36.06 38.28
N ASP V 164 -10.74 -35.02 38.19
CA ASP V 164 -11.05 -34.44 36.90
C ASP V 164 -9.82 -33.78 36.27
N PHE V 165 -9.04 -33.08 37.08
CA PHE V 165 -7.81 -32.45 36.60
C PHE V 165 -6.86 -33.49 35.98
N VAL V 166 -6.72 -34.63 36.66
CA VAL V 166 -5.82 -35.67 36.17
C VAL V 166 -6.36 -36.24 34.86
N GLU V 167 -7.67 -36.50 34.80
CA GLU V 167 -8.28 -37.02 33.58
C GLU V 167 -8.07 -36.09 32.39
N THR V 168 -8.39 -34.81 32.59
CA THR V 168 -8.45 -33.87 31.48
C THR V 168 -7.07 -33.35 31.10
N GLU V 169 -6.19 -33.21 32.07
CA GLU V 169 -4.88 -32.60 31.80
C GLU V 169 -3.75 -33.60 31.56
N TYR V 170 -3.91 -34.83 32.05
CA TYR V 170 -2.82 -35.81 31.97
C TYR V 170 -3.13 -37.10 31.22
N LEU V 171 -4.28 -37.72 31.45
CA LEU V 171 -4.50 -39.07 30.94
C LEU V 171 -4.61 -39.15 29.41
N GLY V 172 -5.29 -38.20 28.79
CA GLY V 172 -5.42 -38.18 27.34
C GLY V 172 -4.09 -37.99 26.63
N ALA V 173 -3.33 -37.00 27.09
CA ALA V 173 -1.99 -36.73 26.57
C ALA V 173 -1.09 -37.94 26.73
N GLN V 174 -1.23 -38.64 27.85
CA GLN V 174 -0.40 -39.82 28.12
C GLN V 174 -0.70 -40.92 27.11
N VAL V 175 -1.98 -41.09 26.79
CA VAL V 175 -2.36 -42.03 25.72
C VAL V 175 -1.73 -41.65 24.37
N GLU V 176 -1.78 -40.35 24.04
CA GLU V 176 -1.17 -39.89 22.78
C GLU V 176 0.33 -40.16 22.74
N ALA V 177 1.01 -39.86 23.85
CA ALA V 177 2.46 -40.03 23.92
C ALA V 177 2.83 -41.50 23.73
N ILE V 178 2.06 -42.38 24.36
CA ILE V 178 2.30 -43.82 24.21
C ILE V 178 2.08 -44.30 22.76
N LYS V 179 1.03 -43.82 22.09
CA LYS V 179 0.85 -44.25 20.70
C LYS V 179 1.99 -43.73 19.83
N ARG V 180 2.36 -42.48 20.05
CA ARG V 180 3.44 -41.85 19.27
C ARG V 180 4.74 -42.66 19.36
N ILE V 181 5.13 -43.03 20.57
CA ILE V 181 6.39 -43.75 20.75
C ILE V 181 6.27 -45.20 20.24
N SER V 182 5.09 -45.81 20.41
CA SER V 182 4.85 -47.14 19.87
C SER V 182 5.07 -47.14 18.35
N GLU V 183 4.58 -46.10 17.68
CA GLU V 183 4.77 -45.99 16.24
C GLU V 183 6.24 -45.90 15.87
N TYR V 184 7.01 -45.17 16.67
CA TYR V 184 8.45 -45.08 16.45
C TYR V 184 9.10 -46.45 16.59
N VAL V 185 8.68 -47.20 17.60
CA VAL V 185 9.24 -48.54 17.82
C VAL V 185 8.93 -49.42 16.61
N ALA V 186 7.69 -49.36 16.14
CA ALA V 186 7.27 -50.15 14.98
C ALA V 186 8.09 -49.81 13.71
N GLN V 187 8.29 -48.52 13.47
CA GLN V 187 9.04 -48.08 12.30
C GLN V 187 10.49 -48.50 12.42
N LEU V 188 11.08 -48.30 13.59
CA LEU V 188 12.47 -48.75 13.79
C LEU V 188 12.65 -50.25 13.57
N ARG V 189 11.69 -51.05 14.03
CA ARG V 189 11.77 -52.49 13.77
C ARG V 189 11.61 -52.78 12.28
N ARG V 190 10.81 -51.99 11.57
CA ARG V 190 10.58 -52.25 10.15
C ARG V 190 11.80 -51.90 9.29
N VAL V 191 12.41 -50.75 9.56
CA VAL V 191 13.53 -50.29 8.72
C VAL V 191 14.85 -51.04 8.97
N GLY V 192 15.02 -51.57 10.18
CA GLY V 192 16.22 -52.33 10.50
C GLY V 192 17.45 -51.47 10.73
N LYS V 193 18.49 -52.06 11.32
CA LYS V 193 19.68 -51.33 11.70
C LYS V 193 20.47 -50.78 10.49
N GLY V 194 21.28 -49.75 10.73
CA GLY V 194 22.15 -49.22 9.71
C GLY V 194 21.50 -48.11 8.91
N HIS V 195 21.44 -48.27 7.60
CA HIS V 195 20.81 -47.29 6.73
C HIS V 195 19.36 -46.98 7.16
N GLY V 196 18.58 -48.01 7.47
CA GLY V 196 17.19 -47.81 7.89
C GLY V 196 17.06 -46.91 9.11
N VAL V 197 17.80 -47.24 10.16
CA VAL V 197 17.78 -46.41 11.38
C VAL V 197 18.20 -44.97 11.10
N TRP V 198 19.27 -44.79 10.33
CA TRP V 198 19.70 -43.44 9.99
C TRP V 198 18.59 -42.66 9.27
N HIS V 199 17.89 -43.34 8.36
CA HIS V 199 16.85 -42.71 7.56
C HIS V 199 15.66 -42.37 8.46
N PHE V 200 15.27 -43.31 9.31
CA PHE V 200 14.22 -43.03 10.29
C PHE V 200 14.59 -41.79 11.11
N ASP V 201 15.83 -41.75 11.57
CA ASP V 201 16.30 -40.61 12.35
C ASP V 201 16.19 -39.29 11.57
N GLN V 202 16.52 -39.31 10.28
CA GLN V 202 16.35 -38.14 9.42
C GLN V 202 14.88 -37.70 9.37
N MET V 203 13.98 -38.67 9.30
CA MET V 203 12.53 -38.41 9.31
C MET V 203 12.15 -37.70 10.61
N LEU V 204 12.60 -38.27 11.73
CA LEU V 204 12.29 -37.74 13.05
C LEU V 204 12.89 -36.33 13.20
N LEU V 205 14.09 -36.15 12.66
CA LEU V 205 14.75 -34.86 12.67
C LEU V 205 13.91 -33.77 12.02
N HIS V 206 13.18 -34.10 10.95
CA HIS V 206 12.39 -33.10 10.25
C HIS V 206 10.87 -33.24 10.47
N GLU V 207 10.48 -34.17 11.34
CA GLU V 207 9.05 -34.42 11.55
CA GLU V 207 9.07 -34.43 11.66
C GLU V 207 8.31 -33.15 11.96
N ILE W 14 -56.65 27.42 11.63
CA ILE W 14 -55.95 27.18 12.89
C ILE W 14 -54.80 28.16 13.11
N PHE W 15 -54.03 28.43 12.06
CA PHE W 15 -52.83 29.25 12.20
C PHE W 15 -52.54 30.06 10.95
N GLU W 16 -52.35 31.36 11.11
CA GLU W 16 -52.07 32.24 10.00
C GLU W 16 -50.83 33.06 10.28
N PRO W 17 -49.67 32.56 9.81
CA PRO W 17 -48.36 33.19 10.05
C PRO W 17 -48.35 34.69 9.80
N PHE W 18 -48.88 35.11 8.65
CA PHE W 18 -48.74 36.52 8.24
C PHE W 18 -49.62 37.50 9.01
N GLU W 19 -50.66 36.99 9.66
CA GLU W 19 -51.45 37.88 10.51
C GLU W 19 -50.99 37.84 11.96
N GLU W 20 -50.45 36.70 12.38
CA GLU W 20 -49.92 36.57 13.73
C GLU W 20 -48.49 37.12 13.83
N VAL W 21 -47.85 37.29 12.68
CA VAL W 21 -46.48 37.80 12.65
C VAL W 21 -46.45 39.32 12.71
N LYS W 22 -47.56 39.94 12.31
CA LYS W 22 -47.65 41.40 12.31
C LYS W 22 -47.32 41.98 13.69
N LYS W 23 -47.78 41.29 14.73
CA LYS W 23 -47.51 41.71 16.10
C LYS W 23 -46.01 41.69 16.40
N GLU W 24 -45.31 40.72 15.84
CA GLU W 24 -43.88 40.55 16.11
C GLU W 24 -43.01 41.41 15.19
N LEU W 25 -43.48 41.61 13.95
CA LEU W 25 -42.70 42.35 12.96
C LEU W 25 -42.56 43.82 13.35
N ASP W 26 -43.62 44.38 13.94
CA ASP W 26 -43.63 45.78 14.32
C ASP W 26 -42.85 46.02 15.61
N LEU W 27 -42.37 44.95 16.24
CA LEU W 27 -41.61 45.05 17.48
C LEU W 27 -40.10 45.02 17.26
N VAL W 28 -39.67 44.58 16.08
CA VAL W 28 -38.25 44.50 15.77
C VAL W 28 -37.55 45.83 16.05
N PRO W 29 -36.54 45.82 16.94
CA PRO W 29 -35.79 47.02 17.32
C PRO W 29 -35.28 47.83 16.12
N THR W 30 -35.09 49.13 16.35
CA THR W 30 -34.57 50.06 15.36
C THR W 30 -33.28 50.71 15.87
N VAL W 31 -33.30 51.14 17.14
CA VAL W 31 -32.13 51.69 17.80
C VAL W 31 -30.98 50.67 17.86
N PRO W 32 -29.81 51.05 17.32
CA PRO W 32 -28.69 50.14 17.06
C PRO W 32 -28.16 49.38 18.28
N GLN W 33 -28.32 49.93 19.49
CA GLN W 33 -27.78 49.29 20.69
C GLN W 33 -28.69 48.20 21.28
N ALA W 34 -29.89 48.06 20.73
CA ALA W 34 -30.85 47.08 21.24
C ALA W 34 -30.69 45.71 20.58
N SER W 35 -30.78 44.66 21.39
CA SER W 35 -30.76 43.29 20.87
C SER W 35 -31.98 43.07 19.99
N LEU W 36 -31.75 42.48 18.82
CA LEU W 36 -32.86 42.07 17.94
C LEU W 36 -33.40 40.72 18.39
N ALA W 37 -32.56 39.95 19.07
CA ALA W 37 -32.92 38.58 19.46
C ALA W 37 -33.70 38.46 20.77
N ARG W 38 -33.50 39.42 21.67
CA ARG W 38 -34.04 39.26 23.01
C ARG W 38 -35.55 39.01 23.01
N GLN W 39 -35.97 37.94 23.66
CA GLN W 39 -37.39 37.58 23.74
C GLN W 39 -37.69 36.86 25.06
N LYS W 40 -38.64 37.38 25.82
CA LYS W 40 -39.03 36.77 27.10
C LYS W 40 -37.82 36.49 28.00
N TYR W 41 -36.97 37.50 28.12
CA TYR W 41 -35.75 37.40 28.89
C TYR W 41 -35.70 38.66 29.75
N VAL W 42 -36.08 38.54 31.01
CA VAL W 42 -36.24 39.72 31.86
C VAL W 42 -34.92 40.16 32.50
N ASP W 43 -34.89 41.42 32.94
CA ASP W 43 -33.69 41.99 33.54
C ASP W 43 -33.15 41.15 34.67
N GLU W 44 -34.04 40.57 35.49
CA GLU W 44 -33.60 39.78 36.63
C GLU W 44 -32.83 38.54 36.17
N SER W 45 -33.25 37.96 35.05
CA SER W 45 -32.54 36.79 34.54
C SER W 45 -31.18 37.22 34.00
N GLU W 46 -31.18 38.31 33.25
CA GLU W 46 -29.96 38.85 32.66
C GLU W 46 -28.94 39.14 33.76
N SER W 47 -29.40 39.76 34.85
CA SER W 47 -28.52 40.08 35.97
C SER W 47 -27.98 38.83 36.62
N ALA W 48 -28.86 37.85 36.85
CA ALA W 48 -28.44 36.62 37.50
C ALA W 48 -27.38 35.89 36.68
N VAL W 49 -27.52 35.95 35.35
CA VAL W 49 -26.53 35.32 34.47
C VAL W 49 -25.20 36.04 34.59
N ASN W 50 -25.23 37.37 34.60
CA ASN W 50 -24.00 38.12 34.82
C ASN W 50 -23.35 37.78 36.16
N GLU W 51 -24.15 37.58 37.20
CA GLU W 51 -23.60 37.22 38.50
CA GLU W 51 -23.60 37.22 38.50
C GLU W 51 -22.90 35.86 38.45
N GLN W 52 -23.54 34.89 37.80
CA GLN W 52 -22.91 33.57 37.72
C GLN W 52 -21.65 33.59 36.86
N ILE W 53 -21.61 34.44 35.85
CA ILE W 53 -20.38 34.60 35.08
C ILE W 53 -19.24 34.95 36.03
N ASN W 54 -19.53 35.89 36.93
CA ASN W 54 -18.52 36.37 37.89
C ASN W 54 -18.13 35.31 38.92
N VAL W 55 -19.08 34.48 39.31
CA VAL W 55 -18.80 33.35 40.18
C VAL W 55 -17.81 32.41 39.50
N GLU W 56 -18.10 32.02 38.26
CA GLU W 56 -17.24 31.07 37.57
C GLU W 56 -15.86 31.67 37.35
N TYR W 57 -15.81 32.94 36.95
CA TYR W 57 -14.54 33.61 36.70
C TYR W 57 -13.72 33.70 37.99
N ASN W 58 -14.40 33.98 39.10
CA ASN W 58 -13.70 34.04 40.39
C ASN W 58 -13.09 32.70 40.73
N VAL W 59 -13.85 31.62 40.50
CA VAL W 59 -13.34 30.30 40.82
C VAL W 59 -12.17 29.95 39.91
N SER W 60 -12.26 30.33 38.64
CA SER W 60 -11.13 30.14 37.74
C SER W 60 -9.87 30.78 38.35
N TYR W 61 -10.02 32.00 38.86
CA TYR W 61 -8.87 32.74 39.38
C TYR W 61 -8.33 32.07 40.62
N VAL W 62 -9.22 31.56 41.47
CA VAL W 62 -8.79 30.86 42.66
C VAL W 62 -7.98 29.60 42.31
N TYR W 63 -8.45 28.82 41.35
CA TYR W 63 -7.71 27.63 40.95
C TYR W 63 -6.35 28.00 40.36
N HIS W 64 -6.29 29.15 39.70
CA HIS W 64 -5.03 29.59 39.12
C HIS W 64 -4.04 29.92 40.24
N ALA W 65 -4.54 30.54 41.31
CA ALA W 65 -3.71 30.82 42.48
C ALA W 65 -3.24 29.52 43.11
N MET W 66 -4.11 28.53 43.14
CA MET W 66 -3.73 27.24 43.70
C MET W 66 -2.67 26.56 42.84
N PHE W 67 -2.81 26.64 41.53
CA PHE W 67 -1.76 26.16 40.65
C PHE W 67 -0.42 26.82 40.98
N ALA W 68 -0.44 28.15 41.11
CA ALA W 68 0.80 28.91 41.32
C ALA W 68 1.49 28.50 42.62
N TYR W 69 0.70 28.08 43.59
CA TYR W 69 1.25 27.63 44.87
C TYR W 69 1.89 26.25 44.72
N PHE W 70 1.17 25.31 44.13
CA PHE W 70 1.69 23.96 43.98
C PHE W 70 2.81 23.82 42.94
N ASP W 71 2.98 24.84 42.12
CA ASP W 71 4.06 24.88 41.12
C ASP W 71 5.37 25.41 41.72
N ARG W 72 5.33 25.86 42.98
CA ARG W 72 6.55 26.31 43.66
C ARG W 72 7.57 25.18 43.79
N ASP W 73 8.85 25.52 43.67
CA ASP W 73 9.91 24.50 43.72
C ASP W 73 9.95 23.75 45.06
N ASN W 74 9.60 24.44 46.14
CA ASN W 74 9.67 23.82 47.47
C ASN W 74 8.40 23.09 47.85
N VAL W 75 7.34 23.25 47.05
CA VAL W 75 6.11 22.49 47.25
C VAL W 75 6.15 21.25 46.36
N ALA W 76 6.34 21.47 45.06
CA ALA W 76 6.71 20.38 44.17
C ALA W 76 5.72 19.23 44.19
N LEU W 77 4.44 19.55 44.12
CA LEU W 77 3.41 18.56 43.89
C LEU W 77 2.90 18.77 42.47
N ARG W 78 3.53 18.11 41.51
CA ARG W 78 3.27 18.37 40.10
C ARG W 78 1.88 17.92 39.66
N GLY W 79 1.37 16.87 40.28
CA GLY W 79 0.03 16.39 39.98
C GLY W 79 -1.02 17.41 40.37
N LEU W 80 -0.90 17.96 41.58
CA LEU W 80 -1.86 18.95 42.04
C LEU W 80 -1.74 20.23 41.20
N ALA W 81 -0.52 20.64 40.91
CA ALA W 81 -0.33 21.83 40.09
C ALA W 81 -1.06 21.66 38.76
N LYS W 82 -0.88 20.52 38.14
CA LYS W 82 -1.48 20.26 36.84
C LYS W 82 -3.00 20.30 36.97
N PHE W 83 -3.52 19.65 38.00
CA PHE W 83 -4.95 19.58 38.24
C PHE W 83 -5.57 20.96 38.39
N PHE W 84 -4.94 21.81 39.18
CA PHE W 84 -5.50 23.14 39.39
C PHE W 84 -5.35 24.03 38.17
N LYS W 85 -4.28 23.82 37.42
CA LYS W 85 -4.07 24.57 36.20
C LYS W 85 -5.19 24.23 35.21
N GLU W 86 -5.51 22.95 35.12
CA GLU W 86 -6.55 22.51 34.19
C GLU W 86 -7.93 22.94 34.67
N SER W 87 -8.15 22.86 35.98
CA SER W 87 -9.40 23.29 36.58
C SER W 87 -9.62 24.77 36.33
N SER W 88 -8.56 25.56 36.39
CA SER W 88 -8.67 27.00 36.14
C SER W 88 -9.13 27.25 34.72
N GLU W 89 -8.53 26.55 33.76
CA GLU W 89 -8.91 26.70 32.37
C GLU W 89 -10.37 26.28 32.13
N GLU W 90 -10.78 25.21 32.80
CA GLU W 90 -12.14 24.71 32.66
CA GLU W 90 -12.15 24.70 32.67
C GLU W 90 -13.16 25.67 33.27
N GLU W 91 -12.79 26.27 34.40
CA GLU W 91 -13.66 27.26 35.02
C GLU W 91 -13.86 28.48 34.13
N ARG W 92 -12.78 28.90 33.47
CA ARG W 92 -12.89 30.03 32.56
C ARG W 92 -13.83 29.67 31.42
N GLU W 93 -13.82 28.41 30.97
CA GLU W 93 -14.73 27.97 29.92
C GLU W 93 -16.18 28.01 30.43
N HIS W 94 -16.36 27.62 31.69
CA HIS W 94 -17.69 27.68 32.30
C HIS W 94 -18.22 29.11 32.27
N ALA W 95 -17.35 30.06 32.57
CA ALA W 95 -17.70 31.47 32.49
C ALA W 95 -18.03 31.90 31.06
N GLU W 96 -17.17 31.52 30.11
CA GLU W 96 -17.36 31.91 28.72
C GLU W 96 -18.64 31.34 28.12
N LYS W 97 -19.01 30.13 28.53
CA LYS W 97 -20.24 29.52 28.03
C LYS W 97 -21.44 30.36 28.47
N LEU W 98 -21.38 30.87 29.69
CA LEU W 98 -22.44 31.74 30.20
C LEU W 98 -22.45 33.10 29.49
N MET W 99 -21.28 33.62 29.18
CA MET W 99 -21.18 34.86 28.41
C MET W 99 -21.82 34.66 27.04
N GLU W 100 -21.50 33.54 26.40
CA GLU W 100 -22.09 33.26 25.10
C GLU W 100 -23.60 33.08 25.21
N TYR W 101 -24.05 32.41 26.27
CA TYR W 101 -25.48 32.23 26.50
C TYR W 101 -26.19 33.58 26.65
N GLN W 102 -25.59 34.45 27.44
CA GLN W 102 -26.12 35.80 27.63
C GLN W 102 -26.37 36.43 26.27
N ASN W 103 -25.38 36.38 25.39
CA ASN W 103 -25.52 36.95 24.06
C ASN W 103 -26.55 36.23 23.19
N LYS W 104 -26.67 34.91 23.37
CA LYS W 104 -27.67 34.19 22.59
C LYS W 104 -29.08 34.65 22.94
N ARG W 105 -29.29 34.99 24.22
CA ARG W 105 -30.60 35.44 24.67
C ARG W 105 -30.81 36.94 24.48
N GLY W 106 -29.80 37.66 23.99
CA GLY W 106 -29.94 39.09 23.77
C GLY W 106 -29.77 39.92 25.04
N GLY W 107 -29.23 39.32 26.09
CA GLY W 107 -28.81 40.08 27.26
C GLY W 107 -27.45 40.69 27.01
N LYS W 108 -27.05 41.64 27.84
CA LYS W 108 -25.75 42.26 27.68
C LYS W 108 -24.80 41.78 28.77
N VAL W 109 -23.68 41.18 28.36
CA VAL W 109 -22.70 40.72 29.33
C VAL W 109 -22.11 41.92 30.05
N LYS W 110 -21.97 41.82 31.37
CA LYS W 110 -21.27 42.82 32.16
C LYS W 110 -20.29 42.13 33.09
N LEU W 111 -19.02 42.11 32.70
CA LEU W 111 -17.99 41.51 33.52
C LEU W 111 -17.77 42.40 34.73
N GLN W 112 -17.62 41.76 35.89
N GLN W 112 -17.64 41.79 35.91
CA GLN W 112 -17.46 42.46 37.18
CA GLN W 112 -17.42 42.60 37.11
C GLN W 112 -16.06 42.24 37.74
C GLN W 112 -16.00 42.38 37.63
N SER W 113 -15.67 43.07 38.72
CA SER W 113 -14.36 42.94 39.33
CA SER W 113 -14.36 42.94 39.34
C SER W 113 -14.14 41.53 39.85
N ILE W 114 -12.88 41.11 39.91
CA ILE W 114 -12.52 39.82 40.48
C ILE W 114 -11.56 40.09 41.64
N VAL W 115 -11.88 39.55 42.81
CA VAL W 115 -11.14 39.90 44.02
C VAL W 115 -9.84 39.11 44.15
N MET W 116 -8.87 39.71 44.83
CA MET W 116 -7.60 39.04 45.05
CA MET W 116 -7.59 39.05 45.07
C MET W 116 -7.83 37.73 45.80
N PRO W 117 -7.28 36.62 45.28
CA PRO W 117 -7.42 35.35 45.99
C PRO W 117 -6.30 35.17 47.01
N LEU W 118 -6.39 34.17 47.88
CA LEU W 118 -5.26 33.81 48.72
C LEU W 118 -4.11 33.34 47.83
N SER W 119 -2.89 33.44 48.33
CA SER W 119 -1.72 32.97 47.59
C SER W 119 -1.10 31.70 48.18
N ASP W 120 -1.15 31.56 49.51
CA ASP W 120 -0.51 30.42 50.18
C ASP W 120 -1.55 29.39 50.58
N PHE W 121 -1.23 28.11 50.37
CA PHE W 121 -2.17 27.04 50.69
C PHE W 121 -1.55 25.98 51.59
N ASP W 122 -0.58 26.41 52.39
CA ASP W 122 0.03 25.55 53.39
CA ASP W 122 -0.01 25.47 53.34
C ASP W 122 -0.96 25.24 54.49
N HIS W 123 -0.85 24.07 55.10
CA HIS W 123 -1.67 23.74 56.25
C HIS W 123 -0.90 22.72 57.09
N ALA W 124 -0.40 23.18 58.23
CA ALA W 124 0.47 22.34 59.05
C ALA W 124 -0.23 21.06 59.45
N ASP W 125 -1.51 21.17 59.82
CA ASP W 125 -2.24 20.04 60.36
C ASP W 125 -2.71 19.04 59.29
N LYS W 126 -3.40 19.53 58.28
CA LYS W 126 -3.99 18.66 57.27
C LYS W 126 -2.94 18.24 56.25
N GLY W 127 -1.97 19.12 56.04
CA GLY W 127 -1.05 18.98 54.92
C GLY W 127 -1.58 19.82 53.76
N ASP W 128 -0.69 20.41 52.97
CA ASP W 128 -1.12 21.28 51.87
C ASP W 128 -2.05 20.59 50.87
N ALA W 129 -1.73 19.35 50.50
CA ALA W 129 -2.53 18.65 49.49
C ALA W 129 -3.98 18.48 49.96
N LEU W 130 -4.16 17.93 51.15
CA LEU W 130 -5.51 17.71 51.68
C LEU W 130 -6.27 19.01 51.89
N HIS W 131 -5.61 19.99 52.49
CA HIS W 131 -6.23 21.30 52.66
C HIS W 131 -6.73 21.85 51.32
N ALA W 132 -5.91 21.75 50.28
CA ALA W 132 -6.27 22.32 48.98
C ALA W 132 -7.46 21.60 48.37
N MET W 133 -7.49 20.28 48.49
CA MET W 133 -8.61 19.52 47.93
C MET W 133 -9.89 19.78 48.71
N GLU W 134 -9.79 19.94 50.03
CA GLU W 134 -10.97 20.26 50.81
C GLU W 134 -11.49 21.64 50.44
N LEU W 135 -10.58 22.59 50.22
CA LEU W 135 -10.96 23.91 49.75
CA LEU W 135 -10.97 23.91 49.76
C LEU W 135 -11.64 23.83 48.39
N ALA W 136 -11.04 23.07 47.48
CA ALA W 136 -11.62 22.91 46.14
C ALA W 136 -13.03 22.31 46.22
N LEU W 137 -13.20 21.29 47.07
CA LEU W 137 -14.50 20.66 47.27
C LEU W 137 -15.54 21.70 47.74
N SER W 138 -15.15 22.50 48.71
CA SER W 138 -16.03 23.52 49.26
C SER W 138 -16.38 24.57 48.22
N LEU W 139 -15.39 24.96 47.42
N LEU W 139 -15.38 24.94 47.41
CA LEU W 139 -15.61 25.91 46.33
CA LEU W 139 -15.59 25.90 46.33
C LEU W 139 -16.61 25.37 45.31
C LEU W 139 -16.60 25.37 45.30
N GLU W 140 -16.53 24.07 45.03
CA GLU W 140 -17.43 23.45 44.06
C GLU W 140 -18.86 23.32 44.63
N LYS W 141 -18.96 23.01 45.91
CA LYS W 141 -20.26 23.01 46.56
C LYS W 141 -20.86 24.41 46.61
N LEU W 142 -20.03 25.42 46.85
CA LEU W 142 -20.50 26.80 46.81
C LEU W 142 -20.98 27.16 45.40
N THR W 143 -20.22 26.76 44.39
CA THR W 143 -20.62 27.01 43.00
C THR W 143 -21.96 26.32 42.69
N ASN W 144 -22.13 25.11 43.22
CA ASN W 144 -23.39 24.38 43.08
C ASN W 144 -24.55 25.18 43.67
N GLU W 145 -24.38 25.67 44.89
CA GLU W 145 -25.43 26.49 45.49
CA GLU W 145 -25.40 26.51 45.51
C GLU W 145 -25.76 27.70 44.62
N LYS W 146 -24.72 28.33 44.07
CA LYS W 146 -24.91 29.51 43.23
C LYS W 146 -25.67 29.16 41.94
N LEU W 147 -25.32 28.02 41.34
CA LEU W 147 -26.03 27.56 40.14
C LEU W 147 -27.49 27.24 40.44
N LEU W 148 -27.73 26.58 41.56
CA LEU W 148 -29.09 26.27 41.97
C LEU W 148 -29.89 27.56 42.21
N ASN W 149 -29.21 28.58 42.74
N ASN W 149 -29.22 28.58 42.74
CA ASN W 149 -29.82 29.89 42.91
CA ASN W 149 -29.87 29.88 42.91
C ASN W 149 -30.17 30.55 41.59
C ASN W 149 -30.21 30.51 41.56
N LEU W 150 -29.29 30.41 40.61
CA LEU W 150 -29.55 30.92 39.26
C LEU W 150 -30.75 30.18 38.69
N HIS W 151 -30.79 28.88 38.91
CA HIS W 151 -31.90 28.08 38.41
C HIS W 151 -33.20 28.55 39.06
N SER W 152 -33.12 28.92 40.35
N SER W 152 -33.12 28.92 40.35
CA SER W 152 -34.28 29.40 41.09
CA SER W 152 -34.29 29.39 41.08
C SER W 152 -34.79 30.73 40.57
C SER W 152 -34.79 30.70 40.49
N VAL W 153 -33.88 31.61 40.19
CA VAL W 153 -34.25 32.90 39.60
C VAL W 153 -34.99 32.66 38.30
N ALA W 154 -34.48 31.72 37.50
CA ALA W 154 -35.09 31.39 36.23
C ALA W 154 -36.49 30.83 36.42
N THR W 155 -36.65 29.88 37.32
CA THR W 155 -37.98 29.26 37.50
CA THR W 155 -37.96 29.25 37.55
C THR W 155 -38.97 30.26 38.10
N LYS W 156 -38.51 31.08 39.03
N LYS W 156 -38.52 31.10 39.02
CA LYS W 156 -39.36 32.13 39.61
CA LYS W 156 -39.37 32.12 39.61
C LYS W 156 -39.87 33.07 38.53
C LYS W 156 -39.87 33.09 38.55
N ASN W 157 -39.01 33.40 37.58
CA ASN W 157 -39.35 34.32 36.51
C ASN W 157 -40.02 33.67 35.31
N GLY W 158 -40.21 32.36 35.40
CA GLY W 158 -40.85 31.62 34.32
C GLY W 158 -40.00 31.58 33.06
N ASP W 159 -38.68 31.62 33.20
CA ASP W 159 -37.81 31.46 32.03
C ASP W 159 -37.47 30.00 31.82
N VAL W 160 -38.25 29.36 30.97
CA VAL W 160 -38.15 27.93 30.70
C VAL W 160 -36.79 27.56 30.10
N GLN W 161 -36.36 28.30 29.08
CA GLN W 161 -35.12 27.93 28.41
C GLN W 161 -33.88 28.21 29.27
N LEU W 162 -33.88 29.30 30.02
CA LEU W 162 -32.75 29.58 30.91
C LEU W 162 -32.62 28.47 31.96
N ALA W 163 -33.74 28.06 32.53
CA ALA W 163 -33.69 26.99 33.50
C ALA W 163 -33.13 25.72 32.88
N ASP W 164 -33.56 25.41 31.65
CA ASP W 164 -33.11 24.19 31.00
C ASP W 164 -31.62 24.28 30.66
N PHE W 165 -31.18 25.47 30.26
CA PHE W 165 -29.76 25.66 29.95
C PHE W 165 -28.92 25.40 31.20
N VAL W 166 -29.31 25.98 32.32
CA VAL W 166 -28.58 25.72 33.59
C VAL W 166 -28.56 24.25 34.00
N GLU W 167 -29.71 23.58 33.94
CA GLU W 167 -29.72 22.16 34.30
C GLU W 167 -28.84 21.33 33.37
N THR W 168 -28.98 21.57 32.08
CA THR W 168 -28.34 20.73 31.07
C THR W 168 -26.85 20.93 31.02
N GLU W 169 -26.41 22.18 31.05
CA GLU W 169 -25.01 22.51 30.85
C GLU W 169 -24.19 22.54 32.13
N TYR W 170 -24.83 22.76 33.28
CA TYR W 170 -24.10 22.96 34.53
C TYR W 170 -24.40 22.00 35.70
N LEU W 171 -25.66 21.68 35.95
CA LEU W 171 -25.97 20.96 37.19
C LEU W 171 -25.42 19.52 37.24
N GLY W 172 -25.58 18.78 36.15
CA GLY W 172 -25.06 17.42 36.11
C GLY W 172 -23.55 17.40 36.25
N ALA W 173 -22.87 18.27 35.51
CA ALA W 173 -21.42 18.34 35.56
C ALA W 173 -20.95 18.76 36.95
N GLN W 174 -21.71 19.64 37.60
CA GLN W 174 -21.35 20.08 38.94
C GLN W 174 -21.39 18.91 39.94
N VAL W 175 -22.41 18.07 39.84
CA VAL W 175 -22.48 16.85 40.65
C VAL W 175 -21.28 15.94 40.38
N GLU W 176 -20.92 15.77 39.11
CA GLU W 176 -19.76 14.95 38.76
C GLU W 176 -18.47 15.51 39.36
N ALA W 177 -18.30 16.82 39.30
CA ALA W 177 -17.08 17.46 39.79
C ALA W 177 -16.98 17.32 41.30
N ILE W 178 -18.12 17.47 41.98
CA ILE W 178 -18.14 17.31 43.43
C ILE W 178 -17.77 15.88 43.84
N LYS W 179 -18.28 14.88 43.14
CA LYS W 179 -17.94 13.51 43.51
C LYS W 179 -16.45 13.27 43.26
N ARG W 180 -15.96 13.79 42.14
CA ARG W 180 -14.56 13.58 41.76
C ARG W 180 -13.63 14.15 42.83
N ILE W 181 -13.89 15.36 43.27
CA ILE W 181 -13.01 15.99 44.25
C ILE W 181 -13.21 15.32 45.61
N SER W 182 -14.42 14.91 45.92
CA SER W 182 -14.66 14.17 47.17
C SER W 182 -13.77 12.93 47.21
N GLU W 183 -13.68 12.22 46.09
CA GLU W 183 -12.83 11.03 46.02
C GLU W 183 -11.36 11.38 46.27
N TYR W 184 -10.91 12.52 45.77
CA TYR W 184 -9.53 12.94 46.01
C TYR W 184 -9.30 13.18 47.49
N VAL W 185 -10.23 13.89 48.13
CA VAL W 185 -10.16 14.13 49.57
C VAL W 185 -10.07 12.80 50.32
N ALA W 186 -10.95 11.85 49.97
CA ALA W 186 -10.95 10.56 50.64
C ALA W 186 -9.62 9.84 50.49
N GLN W 187 -9.08 9.82 49.27
CA GLN W 187 -7.81 9.15 49.02
C GLN W 187 -6.67 9.81 49.78
N LEU W 188 -6.64 11.14 49.79
CA LEU W 188 -5.60 11.85 50.53
C LEU W 188 -5.66 11.53 52.02
N ARG W 189 -6.87 11.42 52.56
CA ARG W 189 -7.01 11.05 53.95
C ARG W 189 -6.50 9.64 54.18
N ARG W 190 -6.78 8.74 53.24
CA ARG W 190 -6.34 7.36 53.38
C ARG W 190 -4.81 7.20 53.29
N VAL W 191 -4.18 7.87 52.35
CA VAL W 191 -2.75 7.64 52.12
C VAL W 191 -1.87 8.33 53.17
N GLY W 192 -2.36 9.42 53.75
CA GLY W 192 -1.62 10.10 54.81
C GLY W 192 -0.49 10.99 54.31
N LYS W 193 0.00 11.86 55.17
CA LYS W 193 1.05 12.81 54.78
C LYS W 193 2.36 12.12 54.40
N GLY W 194 3.17 12.82 53.60
CA GLY W 194 4.50 12.34 53.25
C GLY W 194 4.54 11.51 51.97
N HIS W 195 5.06 10.30 52.09
CA HIS W 195 5.15 9.39 50.95
C HIS W 195 3.77 9.18 50.31
N GLY W 196 2.74 9.04 51.15
CA GLY W 196 1.40 8.77 50.65
C GLY W 196 0.88 9.90 49.77
N VAL W 197 1.01 11.13 50.25
CA VAL W 197 0.56 12.27 49.49
C VAL W 197 1.33 12.40 48.18
N TRP W 198 2.64 12.16 48.24
CA TRP W 198 3.47 12.26 47.05
C TRP W 198 3.02 11.23 46.01
N HIS W 199 2.66 10.04 46.48
CA HIS W 199 2.23 8.95 45.62
C HIS W 199 0.87 9.28 44.99
N PHE W 200 -0.04 9.79 45.82
CA PHE W 200 -1.33 10.22 45.31
C PHE W 200 -1.10 11.26 44.22
N ASP W 201 -0.21 12.19 44.48
CA ASP W 201 0.08 13.24 43.51
C ASP W 201 0.62 12.67 42.19
N GLN W 202 1.45 11.63 42.28
CA GLN W 202 1.95 10.96 41.08
C GLN W 202 0.79 10.34 40.32
N MET W 203 -0.12 9.72 41.05
CA MET W 203 -1.34 9.17 40.45
C MET W 203 -2.09 10.27 39.70
N LEU W 204 -2.34 11.40 40.37
CA LEU W 204 -3.10 12.49 39.77
C LEU W 204 -2.36 13.08 38.57
N LEU W 205 -1.03 13.11 38.66
CA LEU W 205 -0.19 13.62 37.57
C LEU W 205 -0.45 12.82 36.29
N HIS W 206 -0.70 11.53 36.45
CA HIS W 206 -0.86 10.62 35.30
C HIS W 206 -2.30 10.14 35.08
N GLU W 207 -3.26 10.75 35.77
CA GLU W 207 -4.65 10.30 35.71
C GLU W 207 -5.37 10.97 34.55
N ILE X 14 -49.70 -9.33 -39.04
CA ILE X 14 -48.68 -9.99 -39.84
C ILE X 14 -47.68 -8.97 -40.38
N PHE X 15 -46.45 -9.43 -40.62
CA PHE X 15 -45.36 -8.56 -41.08
C PHE X 15 -44.35 -9.44 -41.79
N GLU X 16 -44.04 -9.09 -43.04
CA GLU X 16 -43.09 -9.86 -43.84
C GLU X 16 -41.94 -8.98 -44.29
N PRO X 17 -40.89 -8.91 -43.46
CA PRO X 17 -39.78 -7.98 -43.70
C PRO X 17 -39.24 -8.07 -45.13
N PHE X 18 -39.13 -9.27 -45.68
CA PHE X 18 -38.51 -9.42 -47.00
C PHE X 18 -39.43 -8.96 -48.13
N GLU X 19 -40.74 -9.00 -47.89
CA GLU X 19 -41.69 -8.48 -48.87
C GLU X 19 -41.74 -6.96 -48.80
N GLU X 20 -41.84 -6.44 -47.59
CA GLU X 20 -42.00 -5.00 -47.39
C GLU X 20 -40.71 -4.23 -47.62
N VAL X 21 -39.57 -4.92 -47.53
CA VAL X 21 -38.27 -4.32 -47.73
C VAL X 21 -37.95 -4.16 -49.20
N LYS X 22 -38.68 -4.87 -50.05
CA LYS X 22 -38.43 -4.86 -51.50
C LYS X 22 -38.42 -3.45 -52.06
N LYS X 23 -39.44 -2.67 -51.71
CA LYS X 23 -39.56 -1.30 -52.19
C LYS X 23 -38.39 -0.46 -51.69
N GLU X 24 -37.96 -0.74 -50.45
CA GLU X 24 -36.90 0.02 -49.80
C GLU X 24 -35.53 -0.25 -50.44
N LEU X 25 -35.30 -1.49 -50.86
CA LEU X 25 -34.08 -1.86 -51.56
C LEU X 25 -33.95 -1.14 -52.90
N ASP X 26 -35.04 -1.10 -53.65
CA ASP X 26 -35.05 -0.47 -54.97
C ASP X 26 -34.77 1.02 -54.87
N LEU X 27 -34.89 1.56 -53.66
CA LEU X 27 -34.72 2.98 -53.43
C LEU X 27 -33.28 3.37 -53.08
N VAL X 28 -32.45 2.39 -52.73
CA VAL X 28 -31.09 2.68 -52.28
C VAL X 28 -30.30 3.40 -53.37
N PRO X 29 -29.84 4.64 -53.08
CA PRO X 29 -29.14 5.47 -54.06
C PRO X 29 -27.92 4.78 -54.67
N THR X 30 -27.65 5.06 -55.94
CA THR X 30 -26.49 4.49 -56.63
C THR X 30 -25.43 5.54 -56.91
N VAL X 31 -25.84 6.77 -57.21
CA VAL X 31 -24.89 7.86 -57.45
C VAL X 31 -24.16 8.23 -56.15
N PRO X 32 -22.84 8.48 -56.26
CA PRO X 32 -21.99 8.58 -55.07
C PRO X 32 -22.25 9.83 -54.24
N GLN X 33 -22.80 10.88 -54.85
CA GLN X 33 -22.98 12.14 -54.14
C GLN X 33 -24.26 12.16 -53.30
N ALA X 34 -25.09 11.14 -53.46
CA ALA X 34 -26.36 11.11 -52.76
C ALA X 34 -26.23 10.43 -51.41
N SER X 35 -26.99 10.91 -50.44
CA SER X 35 -27.00 10.33 -49.11
C SER X 35 -27.71 8.98 -49.16
N LEU X 36 -27.08 7.98 -48.56
CA LEU X 36 -27.72 6.67 -48.36
C LEU X 36 -28.69 6.69 -47.18
N ALA X 37 -28.41 7.56 -46.21
CA ALA X 37 -29.18 7.59 -44.96
C ALA X 37 -30.49 8.37 -45.06
N ARG X 38 -30.50 9.42 -45.87
CA ARG X 38 -31.60 10.38 -45.85
C ARG X 38 -32.97 9.71 -46.02
N GLN X 39 -33.89 10.00 -45.10
CA GLN X 39 -35.22 9.40 -45.11
C GLN X 39 -36.22 10.34 -44.45
N LYS X 40 -37.27 10.71 -45.19
CA LYS X 40 -38.31 11.58 -44.65
C LYS X 40 -37.71 12.86 -44.06
N TYR X 41 -36.79 13.46 -44.80
CA TYR X 41 -36.10 14.66 -44.36
C TYR X 41 -36.14 15.63 -45.53
N VAL X 42 -37.06 16.58 -45.48
CA VAL X 42 -37.35 17.38 -46.68
C VAL X 42 -36.41 18.57 -46.80
N ASP X 43 -36.32 19.13 -48.00
CA ASP X 43 -35.44 20.26 -48.26
C ASP X 43 -35.65 21.42 -47.28
N GLU X 44 -36.90 21.72 -46.95
CA GLU X 44 -37.14 22.82 -46.03
C GLU X 44 -36.50 22.59 -44.67
N SER X 45 -36.54 21.36 -44.20
CA SER X 45 -35.90 21.03 -42.92
C SER X 45 -34.38 21.15 -42.99
N GLU X 46 -33.81 20.54 -44.04
CA GLU X 46 -32.38 20.63 -44.28
C GLU X 46 -31.94 22.10 -44.31
N SER X 47 -32.69 22.93 -45.04
CA SER X 47 -32.37 24.35 -45.14
CA SER X 47 -32.36 24.34 -45.13
C SER X 47 -32.42 25.05 -43.78
N ALA X 48 -33.44 24.74 -42.99
CA ALA X 48 -33.64 25.38 -41.70
C ALA X 48 -32.52 24.99 -40.74
N VAL X 49 -32.08 23.74 -40.83
CA VAL X 49 -30.95 23.28 -40.01
C VAL X 49 -29.69 24.06 -40.38
N ASN X 50 -29.44 24.22 -41.68
CA ASN X 50 -28.31 25.03 -42.13
C ASN X 50 -28.42 26.47 -41.65
N GLU X 51 -29.63 27.03 -41.72
CA GLU X 51 -29.83 28.36 -41.17
C GLU X 51 -29.43 28.44 -39.68
N GLN X 52 -29.89 27.48 -38.88
CA GLN X 52 -29.58 27.50 -37.45
C GLN X 52 -28.08 27.31 -37.18
N ILE X 53 -27.42 26.50 -37.98
CA ILE X 53 -25.96 26.38 -37.87
C ILE X 53 -25.34 27.78 -37.94
N ASN X 54 -25.80 28.58 -38.90
CA ASN X 54 -25.26 29.92 -39.11
C ASN X 54 -25.63 30.86 -37.96
N VAL X 55 -26.82 30.70 -37.38
CA VAL X 55 -27.20 31.48 -36.21
C VAL X 55 -26.23 31.20 -35.06
N GLU X 56 -25.98 29.93 -34.78
CA GLU X 56 -25.11 29.57 -33.65
C GLU X 56 -23.68 30.04 -33.92
N TYR X 57 -23.20 29.84 -35.14
CA TYR X 57 -21.85 30.26 -35.49
C TYR X 57 -21.69 31.78 -35.37
N ASN X 58 -22.71 32.53 -35.78
CA ASN X 58 -22.68 33.99 -35.61
C ASN X 58 -22.60 34.37 -34.13
N VAL X 59 -23.36 33.68 -33.29
CA VAL X 59 -23.34 34.02 -31.87
C VAL X 59 -21.97 33.72 -31.27
N SER X 60 -21.38 32.60 -31.66
CA SER X 60 -20.01 32.29 -31.27
C SER X 60 -19.06 33.43 -31.62
N TYR X 61 -19.16 33.92 -32.85
CA TYR X 61 -18.31 35.01 -33.32
C TYR X 61 -18.54 36.30 -32.51
N VAL X 62 -19.80 36.66 -32.27
CA VAL X 62 -20.11 37.83 -31.44
C VAL X 62 -19.49 37.69 -30.07
N TYR X 63 -19.65 36.53 -29.43
CA TYR X 63 -19.06 36.33 -28.10
C TYR X 63 -17.55 36.42 -28.13
N HIS X 64 -16.93 36.00 -29.22
CA HIS X 64 -15.48 36.11 -29.31
C HIS X 64 -15.08 37.58 -29.37
N ALA X 65 -15.89 38.38 -30.05
CA ALA X 65 -15.65 39.82 -30.14
C ALA X 65 -15.80 40.46 -28.76
N MET X 66 -16.74 39.98 -27.95
CA MET X 66 -16.93 40.50 -26.60
CA MET X 66 -16.90 40.54 -26.63
C MET X 66 -15.75 40.11 -25.71
N PHE X 67 -15.29 38.88 -25.82
CA PHE X 67 -14.07 38.48 -25.12
C PHE X 67 -12.92 39.43 -25.47
N ALA X 68 -12.76 39.71 -26.75
CA ALA X 68 -11.62 40.49 -27.24
C ALA X 68 -11.65 41.91 -26.67
N TYR X 69 -12.86 42.44 -26.47
CA TYR X 69 -13.03 43.75 -25.85
C TYR X 69 -12.72 43.74 -24.36
N PHE X 70 -13.26 42.78 -23.63
CA PHE X 70 -13.05 42.75 -22.18
C PHE X 70 -11.65 42.33 -21.75
N ASP X 71 -10.91 41.76 -22.71
CA ASP X 71 -9.52 41.33 -22.53
C ASP X 71 -8.55 42.50 -22.74
N ARG X 72 -9.07 43.68 -23.10
CA ARG X 72 -8.22 44.85 -23.30
C ARG X 72 -7.61 45.31 -21.98
N ASP X 73 -6.38 45.80 -22.00
CA ASP X 73 -5.69 46.17 -20.75
C ASP X 73 -6.40 47.29 -19.99
N ASN X 74 -7.03 48.20 -20.73
CA ASN X 74 -7.72 49.34 -20.13
C ASN X 74 -9.15 49.03 -19.72
N VAL X 75 -9.65 47.87 -20.12
CA VAL X 75 -11.00 47.44 -19.71
C VAL X 75 -10.85 46.54 -18.49
N ALA X 76 -10.06 45.48 -18.65
CA ALA X 76 -9.56 44.69 -17.53
C ALA X 76 -10.67 44.12 -16.66
N LEU X 77 -11.68 43.55 -17.29
CA LEU X 77 -12.68 42.78 -16.57
C LEU X 77 -12.45 41.33 -16.93
N ARG X 78 -11.59 40.66 -16.16
CA ARG X 78 -11.13 39.33 -16.49
C ARG X 78 -12.24 38.28 -16.39
N GLY X 79 -13.18 38.50 -15.49
CA GLY X 79 -14.27 37.56 -15.30
C GLY X 79 -15.19 37.56 -16.52
N LEU X 80 -15.51 38.75 -17.01
CA LEU X 80 -16.34 38.85 -18.21
C LEU X 80 -15.60 38.33 -19.42
N ALA X 81 -14.30 38.61 -19.51
CA ALA X 81 -13.54 38.14 -20.66
C ALA X 81 -13.59 36.62 -20.69
N LYS X 82 -13.34 35.99 -19.55
CA LYS X 82 -13.38 34.53 -19.43
C LYS X 82 -14.75 33.98 -19.80
N PHE X 83 -15.79 34.62 -19.27
CA PHE X 83 -17.16 34.20 -19.57
C PHE X 83 -17.46 34.23 -21.07
N PHE X 84 -17.11 35.32 -21.75
CA PHE X 84 -17.41 35.40 -23.17
C PHE X 84 -16.51 34.49 -24.00
N LYS X 85 -15.28 34.26 -23.54
CA LYS X 85 -14.39 33.36 -24.27
C LYS X 85 -14.95 31.94 -24.23
N GLU X 86 -15.42 31.55 -23.05
CA GLU X 86 -15.97 30.22 -22.87
C GLU X 86 -17.31 30.09 -23.59
N SER X 87 -18.12 31.16 -23.54
CA SER X 87 -19.38 31.16 -24.28
C SER X 87 -19.17 31.03 -25.78
N SER X 88 -18.14 31.68 -26.30
CA SER X 88 -17.83 31.60 -27.72
C SER X 88 -17.55 30.15 -28.11
N GLU X 89 -16.80 29.46 -27.26
CA GLU X 89 -16.44 28.08 -27.56
C GLU X 89 -17.67 27.17 -27.48
N GLU X 90 -18.50 27.38 -26.47
N GLU X 90 -18.51 27.40 -26.47
CA GLU X 90 -19.73 26.60 -26.34
CA GLU X 90 -19.73 26.63 -26.31
C GLU X 90 -20.62 26.80 -27.57
C GLU X 90 -20.70 26.83 -27.49
N GLU X 91 -20.73 28.04 -28.03
CA GLU X 91 -21.60 28.35 -29.16
C GLU X 91 -21.13 27.63 -30.41
N ARG X 92 -19.82 27.56 -30.59
CA ARG X 92 -19.28 26.85 -31.73
C ARG X 92 -19.66 25.37 -31.63
N GLU X 93 -19.68 24.85 -30.40
CA GLU X 93 -20.09 23.47 -30.18
C GLU X 93 -21.57 23.29 -30.52
N HIS X 94 -22.38 24.29 -30.20
CA HIS X 94 -23.78 24.26 -30.59
C HIS X 94 -23.93 24.18 -32.11
N ALA X 95 -23.16 25.00 -32.82
CA ALA X 95 -23.15 24.91 -34.27
C ALA X 95 -22.71 23.54 -34.77
N GLU X 96 -21.65 23.01 -34.17
CA GLU X 96 -21.10 21.74 -34.64
C GLU X 96 -22.06 20.56 -34.44
N LYS X 97 -22.81 20.60 -33.34
CA LYS X 97 -23.77 19.54 -33.07
C LYS X 97 -24.88 19.53 -34.12
N LEU X 98 -25.24 20.72 -34.60
CA LEU X 98 -26.21 20.81 -35.70
C LEU X 98 -25.61 20.37 -37.02
N MET X 99 -24.33 20.66 -37.23
CA MET X 99 -23.63 20.15 -38.40
C MET X 99 -23.62 18.61 -38.39
N GLU X 100 -23.29 18.04 -37.24
CA GLU X 100 -23.32 16.57 -37.14
C GLU X 100 -24.71 15.99 -37.32
N TYR X 101 -25.72 16.69 -36.79
CA TYR X 101 -27.10 16.24 -36.95
C TYR X 101 -27.52 16.23 -38.41
N GLN X 102 -27.21 17.31 -39.12
CA GLN X 102 -27.47 17.40 -40.56
C GLN X 102 -26.94 16.15 -41.24
N ASN X 103 -25.70 15.78 -40.96
CA ASN X 103 -25.12 14.60 -41.58
C ASN X 103 -25.77 13.29 -41.13
N LYS X 104 -26.21 13.23 -39.87
CA LYS X 104 -26.94 12.05 -39.39
C LYS X 104 -28.22 11.83 -40.20
N ARG X 105 -28.94 12.90 -40.52
CA ARG X 105 -30.16 12.80 -41.32
C ARG X 105 -29.91 12.78 -42.82
N GLY X 106 -28.65 12.90 -43.22
CA GLY X 106 -28.32 12.84 -44.64
C GLY X 106 -28.62 14.13 -45.40
N GLY X 107 -28.76 15.24 -44.68
CA GLY X 107 -28.77 16.54 -45.33
C GLY X 107 -27.35 16.96 -45.64
N LYS X 108 -27.18 17.99 -46.45
CA LYS X 108 -25.84 18.48 -46.74
C LYS X 108 -25.63 19.82 -46.04
N VAL X 109 -24.62 19.85 -45.18
CA VAL X 109 -24.22 21.05 -44.48
C VAL X 109 -23.75 22.10 -45.47
N LYS X 110 -24.22 23.33 -45.31
CA LYS X 110 -23.76 24.42 -46.13
C LYS X 110 -23.46 25.60 -45.23
N LEU X 111 -22.19 25.75 -44.86
CA LEU X 111 -21.77 26.89 -44.04
C LEU X 111 -21.94 28.17 -44.84
N GLN X 112 -22.43 29.19 -44.16
N GLN X 112 -22.45 29.20 -44.18
CA GLN X 112 -22.72 30.47 -44.79
CA GLN X 112 -22.69 30.47 -44.85
C GLN X 112 -21.75 31.54 -44.29
C GLN X 112 -21.84 31.57 -44.23
N SER X 113 -21.81 32.73 -44.87
CA SER X 113 -20.93 33.81 -44.43
C SER X 113 -21.27 34.24 -43.00
N ILE X 114 -20.28 34.77 -42.30
CA ILE X 114 -20.49 35.33 -40.96
C ILE X 114 -20.18 36.82 -41.02
N VAL X 115 -21.09 37.65 -40.52
CA VAL X 115 -20.93 39.09 -40.64
C VAL X 115 -19.98 39.65 -39.59
N MET X 116 -19.38 40.79 -39.91
CA MET X 116 -18.52 41.47 -38.97
CA MET X 116 -18.51 41.47 -38.97
C MET X 116 -19.30 41.88 -37.72
N PRO X 117 -18.84 41.46 -36.53
CA PRO X 117 -19.54 41.87 -35.32
C PRO X 117 -19.07 43.25 -34.89
N LEU X 118 -19.77 43.83 -33.92
CA LEU X 118 -19.29 45.05 -33.26
C LEU X 118 -17.99 44.71 -32.55
N SER X 119 -17.14 45.71 -32.37
CA SER X 119 -15.88 45.50 -31.69
CA SER X 119 -15.86 45.52 -31.70
C SER X 119 -15.85 46.16 -30.32
N ASP X 120 -16.55 47.28 -30.19
CA ASP X 120 -16.56 48.03 -28.93
C ASP X 120 -17.85 47.85 -28.16
N PHE X 121 -17.74 47.66 -26.85
CA PHE X 121 -18.91 47.42 -26.02
C PHE X 121 -19.06 48.37 -24.83
N ASP X 122 -18.40 49.54 -24.89
N ASP X 122 -18.41 49.54 -24.95
CA ASP X 122 -18.55 50.51 -23.82
CA ASP X 122 -18.56 50.60 -23.99
C ASP X 122 -19.85 51.28 -23.99
C ASP X 122 -19.99 51.13 -23.99
N HIS X 123 -20.42 51.69 -22.86
CA HIS X 123 -21.71 52.35 -22.83
C HIS X 123 -21.67 53.33 -21.67
N ALA X 124 -21.78 54.62 -21.99
CA ALA X 124 -21.65 55.68 -21.00
C ALA X 124 -22.65 55.53 -19.86
N ASP X 125 -23.91 55.34 -20.22
CA ASP X 125 -24.98 55.24 -19.23
CA ASP X 125 -24.98 55.25 -19.21
C ASP X 125 -24.91 53.96 -18.41
N LYS X 126 -24.93 52.82 -19.09
CA LYS X 126 -25.02 51.53 -18.41
C LYS X 126 -23.72 51.03 -17.79
N GLY X 127 -22.60 51.42 -18.37
CA GLY X 127 -21.32 50.82 -18.02
C GLY X 127 -21.12 49.65 -18.96
N ASP X 128 -19.87 49.33 -19.29
CA ASP X 128 -19.60 48.30 -20.28
C ASP X 128 -20.12 46.92 -19.87
N ALA X 129 -19.88 46.52 -18.63
CA ALA X 129 -20.28 45.21 -18.12
C ALA X 129 -21.79 44.98 -18.28
N LEU X 130 -22.59 45.93 -17.81
CA LEU X 130 -24.04 45.78 -17.87
C LEU X 130 -24.54 45.82 -19.32
N HIS X 131 -24.01 46.75 -20.09
CA HIS X 131 -24.37 46.83 -21.50
C HIS X 131 -24.09 45.50 -22.23
N ALA X 132 -22.93 44.92 -21.98
CA ALA X 132 -22.55 43.67 -22.65
C ALA X 132 -23.47 42.52 -22.25
N MET X 133 -23.81 42.44 -20.97
CA MET X 133 -24.65 41.36 -20.46
CA MET X 133 -24.64 41.36 -20.48
C MET X 133 -26.08 41.51 -20.97
N GLU X 134 -26.55 42.75 -21.11
CA GLU X 134 -27.88 42.97 -21.69
C GLU X 134 -27.89 42.60 -23.16
N LEU X 135 -26.79 42.87 -23.86
CA LEU X 135 -26.66 42.50 -25.26
CA LEU X 135 -26.67 42.49 -25.26
C LEU X 135 -26.64 40.97 -25.38
N ALA X 136 -25.90 40.31 -24.48
CA ALA X 136 -25.84 38.85 -24.48
C ALA X 136 -27.22 38.23 -24.23
N LEU X 137 -27.95 38.80 -23.29
CA LEU X 137 -29.32 38.36 -23.01
C LEU X 137 -30.18 38.46 -24.26
N SER X 138 -30.07 39.58 -24.97
CA SER X 138 -30.87 39.81 -26.18
C SER X 138 -30.49 38.83 -27.28
N LEU X 139 -29.20 38.54 -27.39
CA LEU X 139 -28.71 37.55 -28.34
C LEU X 139 -29.29 36.16 -28.05
N GLU X 140 -29.33 35.81 -26.77
CA GLU X 140 -29.83 34.50 -26.37
C GLU X 140 -31.34 34.40 -26.59
N LYS X 141 -32.06 35.47 -26.32
CA LYS X 141 -33.50 35.50 -26.64
C LYS X 141 -33.74 35.39 -28.14
N LEU X 142 -32.92 36.07 -28.93
CA LEU X 142 -33.02 35.96 -30.39
C LEU X 142 -32.72 34.52 -30.85
N THR X 143 -31.69 33.91 -30.28
CA THR X 143 -31.37 32.54 -30.62
C THR X 143 -32.54 31.61 -30.27
N ASN X 144 -33.21 31.91 -29.15
CA ASN X 144 -34.37 31.13 -28.74
C ASN X 144 -35.48 31.24 -29.77
N GLU X 145 -35.77 32.47 -30.22
CA GLU X 145 -36.74 32.67 -31.28
CA GLU X 145 -36.74 32.67 -31.29
C GLU X 145 -36.38 31.84 -32.52
N LYS X 146 -35.10 31.86 -32.89
CA LYS X 146 -34.64 31.12 -34.06
C LYS X 146 -34.77 29.61 -33.89
N LEU X 147 -34.41 29.09 -32.71
CA LEU X 147 -34.58 27.67 -32.44
C LEU X 147 -36.04 27.28 -32.48
N LEU X 148 -36.91 28.13 -31.95
CA LEU X 148 -38.34 27.83 -31.96
C LEU X 148 -38.87 27.90 -33.39
N ASN X 149 -38.30 28.76 -34.21
CA ASN X 149 -38.64 28.81 -35.63
CA ASN X 149 -38.66 28.79 -35.62
C ASN X 149 -38.23 27.51 -36.33
N LEU X 150 -37.02 27.04 -36.02
CA LEU X 150 -36.54 25.76 -36.56
C LEU X 150 -37.50 24.65 -36.14
N HIS X 151 -37.91 24.66 -34.88
CA HIS X 151 -38.84 23.65 -34.37
C HIS X 151 -40.14 23.68 -35.16
N SER X 152 -40.61 24.89 -35.47
CA SER X 152 -41.83 25.06 -36.26
CA SER X 152 -41.83 25.03 -36.24
C SER X 152 -41.67 24.49 -37.66
N VAL X 153 -40.50 24.68 -38.26
CA VAL X 153 -40.28 24.11 -39.58
C VAL X 153 -40.44 22.60 -39.51
N ALA X 154 -39.89 22.00 -38.45
CA ALA X 154 -40.01 20.57 -38.26
C ALA X 154 -41.46 20.13 -38.08
N THR X 155 -42.20 20.78 -37.19
CA THR X 155 -43.60 20.39 -36.99
C THR X 155 -44.46 20.65 -38.22
N LYS X 156 -44.18 21.74 -38.92
CA LYS X 156 -44.91 22.08 -40.14
C LYS X 156 -44.74 20.98 -41.19
N ASN X 157 -43.54 20.41 -41.22
CA ASN X 157 -43.22 19.38 -42.19
C ASN X 157 -43.43 17.97 -41.69
N GLY X 158 -43.90 17.86 -40.45
CA GLY X 158 -44.16 16.56 -39.86
C GLY X 158 -42.90 15.77 -39.57
N ASP X 159 -41.78 16.45 -39.37
CA ASP X 159 -40.53 15.74 -39.06
C ASP X 159 -40.40 15.54 -37.57
N VAL X 160 -40.83 14.37 -37.11
CA VAL X 160 -40.93 14.07 -35.70
C VAL X 160 -39.55 14.07 -35.02
N GLN X 161 -38.57 13.45 -35.64
CA GLN X 161 -37.28 13.30 -34.97
C GLN X 161 -36.49 14.62 -34.94
N LEU X 162 -36.64 15.44 -35.99
CA LEU X 162 -36.03 16.76 -35.99
C LEU X 162 -36.60 17.59 -34.84
N ALA X 163 -37.93 17.59 -34.70
CA ALA X 163 -38.56 18.32 -33.62
C ALA X 163 -38.02 17.88 -32.27
N ASP X 164 -37.89 16.57 -32.10
CA ASP X 164 -37.41 16.02 -30.85
C ASP X 164 -35.95 16.41 -30.59
N PHE X 165 -35.11 16.33 -31.63
CA PHE X 165 -33.72 16.74 -31.50
C PHE X 165 -33.61 18.19 -31.02
N VAL X 166 -34.34 19.08 -31.68
CA VAL X 166 -34.30 20.49 -31.29
C VAL X 166 -34.77 20.70 -29.85
N GLU X 167 -35.88 20.09 -29.48
CA GLU X 167 -36.37 20.18 -28.11
CA GLU X 167 -36.37 20.18 -28.11
C GLU X 167 -35.34 19.66 -27.11
N THR X 168 -34.86 18.44 -27.33
CA THR X 168 -33.98 17.78 -26.37
C THR X 168 -32.62 18.43 -26.25
N GLU X 169 -32.02 18.76 -27.40
CA GLU X 169 -30.64 19.22 -27.41
C GLU X 169 -30.50 20.73 -27.23
N TYR X 170 -31.54 21.49 -27.56
CA TYR X 170 -31.42 22.94 -27.58
C TYR X 170 -32.39 23.74 -26.71
N LEU X 171 -33.66 23.38 -26.70
CA LEU X 171 -34.64 24.28 -26.09
C LEU X 171 -34.53 24.41 -24.58
N GLY X 172 -34.31 23.30 -23.88
CA GLY X 172 -34.16 23.36 -22.44
C GLY X 172 -32.89 24.10 -22.04
N ALA X 173 -31.81 23.81 -22.74
CA ALA X 173 -30.55 24.48 -22.47
C ALA X 173 -30.66 25.98 -22.73
N GLN X 174 -31.43 26.34 -23.75
CA GLN X 174 -31.60 27.75 -24.10
C GLN X 174 -32.34 28.52 -22.99
N VAL X 175 -33.39 27.92 -22.46
CA VAL X 175 -34.09 28.46 -21.28
C VAL X 175 -33.12 28.65 -20.10
N GLU X 176 -32.27 27.66 -19.86
CA GLU X 176 -31.28 27.75 -18.79
CA GLU X 176 -31.30 27.78 -18.78
C GLU X 176 -30.31 28.91 -19.02
N ALA X 177 -29.79 29.01 -20.25
CA ALA X 177 -28.85 30.08 -20.57
C ALA X 177 -29.49 31.44 -20.37
N ILE X 178 -30.77 31.56 -20.74
CA ILE X 178 -31.45 32.85 -20.63
C ILE X 178 -31.61 33.24 -19.16
N LYS X 179 -31.97 32.28 -18.30
CA LYS X 179 -32.09 32.60 -16.89
C LYS X 179 -30.74 32.99 -16.29
N ARG X 180 -29.69 32.26 -16.68
CA ARG X 180 -28.35 32.53 -16.15
C ARG X 180 -27.93 33.97 -16.46
N ILE X 181 -28.10 34.38 -17.72
CA ILE X 181 -27.68 35.72 -18.11
C ILE X 181 -28.58 36.82 -17.53
N SER X 182 -29.88 36.55 -17.42
CA SER X 182 -30.80 37.45 -16.74
C SER X 182 -30.33 37.72 -15.31
N GLU X 183 -29.90 36.67 -14.63
CA GLU X 183 -29.37 36.80 -13.27
C GLU X 183 -28.12 37.69 -13.25
N TYR X 184 -27.25 37.53 -14.24
CA TYR X 184 -26.09 38.40 -14.33
C TYR X 184 -26.51 39.86 -14.49
N VAL X 185 -27.49 40.09 -15.36
CA VAL X 185 -28.02 41.43 -15.57
C VAL X 185 -28.55 42.03 -14.27
N ALA X 186 -29.34 41.26 -13.54
CA ALA X 186 -29.91 41.72 -12.28
C ALA X 186 -28.84 42.05 -11.25
N GLN X 187 -27.81 41.22 -11.16
CA GLN X 187 -26.74 41.47 -10.21
C GLN X 187 -25.96 42.74 -10.57
N LEU X 188 -25.65 42.89 -11.86
CA LEU X 188 -24.95 44.08 -12.29
C LEU X 188 -25.74 45.35 -11.96
N ARG X 189 -27.06 45.31 -12.15
CA ARG X 189 -27.89 46.47 -11.81
C ARG X 189 -27.87 46.71 -10.30
N ARG X 190 -27.84 45.63 -9.53
CA ARG X 190 -27.84 45.79 -8.07
C ARG X 190 -26.53 46.37 -7.54
N VAL X 191 -25.39 45.88 -8.03
CA VAL X 191 -24.11 46.28 -7.47
C VAL X 191 -23.65 47.66 -7.93
N GLY X 192 -24.12 48.09 -9.10
CA GLY X 192 -23.78 49.42 -9.59
C GLY X 192 -22.38 49.53 -10.17
N LYS X 193 -22.13 50.59 -10.92
CA LYS X 193 -20.85 50.81 -11.58
C LYS X 193 -19.69 50.97 -10.60
N GLY X 194 -18.48 50.70 -11.06
CA GLY X 194 -17.29 50.92 -10.27
C GLY X 194 -16.89 49.69 -9.47
N HIS X 195 -16.74 49.89 -8.16
CA HIS X 195 -16.35 48.83 -7.25
C HIS X 195 -17.30 47.63 -7.38
N GLY X 196 -18.60 47.89 -7.49
CA GLY X 196 -19.59 46.84 -7.61
C GLY X 196 -19.35 45.94 -8.82
N VAL X 197 -19.22 46.57 -9.98
CA VAL X 197 -18.97 45.83 -11.21
C VAL X 197 -17.69 45.00 -11.13
N TRP X 198 -16.64 45.58 -10.58
CA TRP X 198 -15.37 44.88 -10.46
C TRP X 198 -15.52 43.65 -9.57
N HIS X 199 -16.29 43.79 -8.51
CA HIS X 199 -16.51 42.71 -7.56
C HIS X 199 -17.36 41.61 -8.23
N PHE X 200 -18.39 42.02 -8.94
CA PHE X 200 -19.20 41.06 -9.69
C PHE X 200 -18.32 40.32 -10.70
N ASP X 201 -17.44 41.05 -11.36
CA ASP X 201 -16.50 40.44 -12.29
C ASP X 201 -15.60 39.43 -11.58
N GLN X 202 -15.14 39.76 -10.37
CA GLN X 202 -14.34 38.82 -9.60
C GLN X 202 -15.16 37.56 -9.30
N MET X 203 -16.43 37.74 -9.00
CA MET X 203 -17.30 36.61 -8.70
C MET X 203 -17.39 35.72 -9.94
N LEU X 204 -17.62 36.34 -11.09
CA LEU X 204 -17.74 35.62 -12.36
C LEU X 204 -16.44 34.91 -12.71
N LEU X 205 -15.32 35.57 -12.46
CA LEU X 205 -14.01 35.02 -12.75
C LEU X 205 -13.76 33.69 -12.02
N HIS X 206 -14.33 33.56 -10.83
CA HIS X 206 -14.13 32.35 -10.02
C HIS X 206 -15.37 31.45 -9.94
N GLU X 207 -16.43 31.81 -10.65
CA GLU X 207 -17.70 31.07 -10.56
C GLU X 207 -17.53 29.65 -11.09
#